data_6JPA
#
_entry.id   6JPA
#
_cell.length_a   1.00
_cell.length_b   1.00
_cell.length_c   1.00
_cell.angle_alpha   90.00
_cell.angle_beta   90.00
_cell.angle_gamma   90.00
#
_symmetry.space_group_name_H-M   'P 1'
#
loop_
_entity.id
_entity.type
_entity.pdbx_description
1 polymer 'Voltage-dependent L-type calcium channel subunit alpha-1S'
2 polymer 'Voltage-dependent calcium channel gamma-1 subunit'
3 polymer 'Voltage-dependent L-type calcium channel subunit beta-1'
4 polymer 'Voltage-dependent L-type calcium channel subunit beta-1'
5 polymer 'Voltage-dependent calcium channel subunit alpha-2/delta-1'
6 branched 2-acetamido-2-deoxy-beta-D-glucopyranose-(1-3)-2-acetamido-2-deoxy-beta-D-glucopyranose
7 branched beta-D-mannopyranose-(1-4)-2-acetamido-2-deoxy-beta-D-glucopyranose-(1-4)-2-acetamido-2-deoxy-beta-D-glucopyranose
8 branched 2-acetamido-2-deoxy-beta-D-glucopyranose-(1-3)-2-acetamido-2-deoxy-beta-D-glucopyranose-(1-4)-2-acetamido-2-deoxy-beta-D-glucopyranose
9 non-polymer 2-acetamido-2-deoxy-beta-D-glucopyranose
10 non-polymer 'CALCIUM ION'
11 non-polymer 1,2-Distearoyl-sn-glycerophosphoethanolamine
12 non-polymer 1,2-DIACYL-SN-GLYCERO-3-PHOSPHOCHOLINE
13 non-polymer (3beta,14beta,17beta,25R)-3-[4-methoxy-3-(methoxymethyl)butoxy]spirost-5-en
14 non-polymer (2S)-2-(3,4-dimethoxyphenyl)-5-{[2-(3,4-dimethoxyphenyl)ethyl](methyl)amino}-2-(propan-2-yl)pentanenitrile
15 non-polymer ETHANOLAMINE
#
loop_
_entity_poly.entity_id
_entity_poly.type
_entity_poly.pdbx_seq_one_letter_code
_entity_poly.pdbx_strand_id
1 'polypeptide(L)'
;MEPSSPQDEGLRKKQPKKPLPEVLPRPPRALFCLTLQNPLRKACISIVEWKPFETIILLTIFANCVALAVYLPMPEDDNN
SLNLGLEKLEYFFLTVFSIEAAMKIIAYGFLFHQDAYLRSGWNVLDFIIVFLGVFTAILEQVNVIQSNTAPMSSKGAGLD
VKALRAFRVLRPLRLVSGVPSLQVVLNSIFKAMLPLFHIALLVLFMVIIYAIIGLELFKGKMHKTCYYIGTDIVATVENE
KPSPCARTGSGRPCTINGSECRGGWPGPNHGITHFDNFGFSMLTVYQCITMEGWTDVLYWVNDAIGNEWPWIYFVTLILL
GSFFILNLVLGVLSGEFTKEREKAKSRGTFQKLREKQQLEEDLRGYMSWITQGEVMDVEDLREGKLSLEEGGSDTESLYE
IEGLNKIIQFIRHWRQWNRVFRWKCHDLVKSRVFYWLVILIVALNTLSIASEHHNQPLWLTHLQDIANRVLLSLFTIEML
LKMYGLGLRQYFMSIFNRFDCFVVCSGILELLLVESGAMTPLGISVLRCIRLLRLFKITKYWTSLSNLVASLLNSIRSIA
SLLLLLFLFIIIFALLGMQLFGGRYDFEDTEVRRSNFDNFPQALISVFQVLTGEDWNSVMYNGIMAYGGPSYPGVLVCIY
FIILFVCGNYILLNVFLAIAVDNLAEAESLTSAQKAKAEERKRRKMSRGLPDKTEEEKSVMAKKLEQKPKGEGIPTTAKL
KVDEFESNVNEVKDPYPSADFPGDDEEDEPEIPVSPRPRPLAELQLKEKAVPIPEASSFFIFSPTNKVRVLCHRIVNATW
FTNFILLFILLSSAALAAEDPIRAESVRNQILGYFDIAFTSVFTVEIVLKMTTYGAFLHKGSFCRNYFNILDLLVVAVSL
ISMGLESSTISVVKILRVLRVLRPLRAINRAKGLKHVVQCVFVAIRTIGNIVLVTTLLQFMFACIGVQLFKGKFFSCNDL
SKMTEEECRGYYYVYKDGDPTQMELRPRQWIHNDFHFDNVLSAMMSLFTVSTFEGWPQLLYRAIDSNEEDMGPVYNNRVE
MAIFFIIYIILIAFFMMNIFVGFVIVTFQEQGETEYKNCELDKNQRQCVQYALKARPLRCYIPKNPYQYQVWYVVTSSYF
EYLMFALIMLNTICLGMQHYHQSEEMNHISDILNVAFTIIFTLEMILKLLAFKARGYFGDPWNVFDFLIVIGSIIDVILS
EIDTFLASSGGLYCLGGGCGNVDPDESARISSAFFRLFRVMRLIKLLSRAEGVRTLLWTFIKSFQALPYVALLIVMLFFI
YAVIGMQMFGKIALVDGTQINRNNNFQTFPQAVLLLFRCATGEAWQEILLACSYGKLCDPESDYAPGEEYTCGTNFAYYY
FISFYMLCAFLIINLFVAVIMDNFDYLTRDWSILGPHHLDEFKAIWAEYDPEAKGRIKHLDVVTLLRRIQPPLGFGKFCP
HRVACKRLVGMNMPLNSDGTVTFNATLFALVRTALKIKTEGNFEQANEELRAIIKKIWKRTSMKLL
;
A
2 'polypeptide(L)'
;MSPTEAPKVRVTLFCILVGIVLAMTAVVSDHWAVLSPHMENHNTTCEAAHFGLWRICTKRIALGEDRSCGPITLPGEKNC
SYFRHFNPGESSEIFEFTTQKEYSISAAAISVFSLGFLIMGTICALMAFRKKRDYLLRPASMFYVFAGLCLFVSLEVMRQ
SVKRMIDSEDTVWIEYYYSWSFACACAAFVLLFLGGISLLLFSLPRMPQNPWESCMDAEPEH
;
E
3 'polypeptide(L)'
;QGPHMALRKEAERQALAQLEKAKTKPVAFAVRTNVGYNPSPGDEVPVEGVAITFEPKDFLHIKEKYNNDWWIGRLVKEGC
EVGFIPSPVKLDSLRLLQEQKLRQSRLSSSKSGDNSSSSLGDVVTGTRRPTPPASGNEMTNLAFELEPLDLEEDEAELGE
QSGSAKTSVSSVTTPPPHGTRIPFFKKTEHVPPYDVVPSMRPIILVGPSLKGYEVTDMMQKALFDFLKHLFDGRISITRV
TADISLAKRSVLNNPSKHIIIERSNTRSSLAEVQSEIERIFELARTLQLVALDADTINHPAQLSKTSLAPIIVYIKITSP
KVLQRLIKSRGKSQSKHLNVQIAASEKLAQCPPEMFDIILDENQLEDACEHLAEYLEAYWKATHPPSSTPPNPLLNRTMA
TAALAASPAPVSNLQVQVLTSLRRNLSFWGGLETSQRGGGAVPQQQEHAM
;
B
4 'polypeptide(L)'
;MVQKTSMSRGPYPPSQEIPMEVFDPSPQGKYSKRKGRFKRSDGSTSSDTTSNSFVRQGSAESYTSRPSDSDVSLEEDREA
LRKEAERQALAQLEKAKTKPVAFAVRTNVGYNPSPGDEVPVEGVAITFEPKDFLHIKEKYNNDWWIGRLVKEGCEVGFIP
SPVKLDSLRLLQEQKLRQSRLSSSKSGDNSSSSLGDVVTGTRRPTPPASGNEMTNLAFELEPLDLEEDEAELGEQSGSAK
TSVSSVTTPPPHGTRIPFFKKTEHVPPYDVVPSMRPIILVGPSLKGYEVTDMMQKALFDFLKHLFDGRISITRVTADISL
AKRSVLNNPSKHIIIERSNTRSSLAEVQSEIERIFELARTLQLVALDADTINHPAQLSKTSLAPIIVYIKITSPKVLQRL
IKSRGKSQSKHLNVQIAASEKLAQCPPEMFDIILDENQLEDACEHLAEYLEAYWKATHPPSSTPPNPLLNRTMATAALAA
SPAPVSNLQVQVLTSLRRNLSFWGGLETSQRGGGAVPQQQEHAM
;
C
5 'polypeptide(L)'
;FPSAVTIKSWVDKMQEDLVTLAKTASGVHQLVDIYEKYQDLYTVEPNNARQLVEIAARDIEKLLSNRSKALVRLALEAEK
VQAAHQWREDFASNEVVYYNAKDDLDPEKNDSEPGSQRIKPVFIDDANFRRQVSYQHAAVHIPTDIYEGSTIVLNELNWT
SALDDVFKKNREEDPSLLWQVFGSATGLARYYPASPWVDNSRTPNKIDLYDVRRRPWYIQGAASPKDMLILVDVSGSVSG
LTLKLIRTSVSEMLETLSDDDFVNVASFNSNAQDVSCFQHLVQANVRNKKVLKDAVNNITAKGITDYKKGFSFAFEQLLN
YNVSRANCNKIIMLFTDGGEERAQEIFAKYNKDKKVRVFTFSVGQHNYDRGPIQWMACENKGYYYEIPSIGAIRINTQEY
LDVLGRPMVLAGDKAKQVQWTNVYLDALELGLVITGTLPVFNITGQFENKTNLKNQLILGVMGVDVSLEDIKRLTPRFTL
CPNGYYFAIDPNGYVLLHPNLQPKPIGVGIPTINLRKRRPNVQNPKSQEPVTLDFLDAELENDIKVEIRNKMIDGESGEK
TFRTLVKSQDERYIDKGNRTYTWTPVNGTDYSLALVLPTYSFYYIKAKIEETITQARYSETLKPDNFEESGYTFLAPRDY
CSDLKPSDNNTEFLLNFNEFIDRKTPNNPSCNTDLINRVLLDAGFTNELVQNYWSKQKNIKGVKARFVVTDGGITRVYPK
EAGENWQENPETYEDSFYKRSLDNDNYVFTAPYFNKSGPGAYESGIMVSKAVEIYIQGKLLKPAVVGIKIDVNSWIENFT
KTSIRDPCAGPVCDCKRNSDVMDCVILDDGGFLLMANHDDYTNQIGRFFGEIDPSLMRHLVNISVYAFNKSYDYQSVCEP
GAAPKQGAGHRSAYVPSIADILQIGWWATAAAWSILQQFLLSLTFPRLLEAADMEDDDFTASMSKQSCITEQTQYFFDND
SKSFSGVLDCGNCSRIFHVEKLMNTNLIFIMVESKGTCPCDTRLLIQAEQTSDGPDPCDMVKQPRYRKGPDVCFDNNVLE
DYTDCG
;
F
#
# COMPACT_ATOMS: atom_id res chain seq x y z
N PHE A 32 47.42 28.04 -20.77
CA PHE A 32 48.01 26.72 -20.65
C PHE A 32 49.36 26.77 -19.95
N CYS A 33 50.35 27.31 -20.65
CA CYS A 33 51.70 27.44 -20.09
C CYS A 33 51.72 28.39 -18.90
N LEU A 34 52.51 28.04 -17.89
CA LEU A 34 52.63 28.86 -16.70
C LEU A 34 53.21 30.23 -17.02
N THR A 35 54.19 30.26 -17.90
CA THR A 35 54.84 31.51 -18.31
C THR A 35 55.86 31.98 -17.28
N LEU A 36 56.12 31.12 -16.30
CA LEU A 36 57.08 31.44 -15.24
C LEU A 36 57.07 30.38 -14.15
N GLN A 37 57.19 29.11 -14.56
CA GLN A 37 57.20 28.01 -13.62
C GLN A 37 58.61 27.48 -13.39
N ASN A 38 58.72 26.18 -13.15
CA ASN A 38 60.01 25.55 -12.90
C ASN A 38 60.34 25.02 -14.29
N PRO A 39 61.59 24.54 -14.58
CA PRO A 39 61.87 24.09 -15.95
C PRO A 39 61.18 22.80 -16.33
N LEU A 40 61.53 22.27 -17.50
CA LEU A 40 60.82 21.15 -18.08
C LEU A 40 61.63 19.89 -17.76
N ARG A 41 62.16 19.81 -16.54
CA ARG A 41 62.81 18.60 -16.09
C ARG A 41 61.87 17.42 -16.01
N LYS A 42 60.57 17.66 -15.77
CA LYS A 42 59.58 16.61 -15.73
C LYS A 42 58.28 17.09 -16.36
N ALA A 43 58.23 18.38 -16.72
CA ALA A 43 57.01 19.07 -17.12
C ALA A 43 56.69 18.87 -18.57
N CYS A 44 57.12 17.75 -19.13
CA CYS A 44 56.47 17.09 -20.25
C CYS A 44 55.24 16.31 -19.84
N ILE A 45 54.68 16.59 -18.65
CA ILE A 45 53.38 16.03 -18.26
C ILE A 45 52.30 16.62 -19.13
N SER A 46 52.51 17.83 -19.64
CA SER A 46 51.58 18.42 -20.58
C SER A 46 51.64 17.73 -21.95
N ILE A 47 52.70 16.95 -22.20
CA ILE A 47 52.76 16.14 -23.42
C ILE A 47 51.92 14.89 -23.24
N VAL A 48 51.89 14.37 -22.00
CA VAL A 48 51.28 13.06 -21.69
C VAL A 48 49.80 13.05 -22.03
N GLU A 49 49.16 14.19 -21.92
CA GLU A 49 47.74 14.28 -21.70
C GLU A 49 46.93 14.40 -23.00
N TRP A 50 47.39 13.78 -24.08
CA TRP A 50 46.85 14.11 -25.39
C TRP A 50 45.44 13.59 -25.75
N LYS A 51 45.33 12.44 -26.39
CA LYS A 51 44.03 11.87 -26.78
C LYS A 51 43.50 10.78 -25.85
N PRO A 52 44.25 9.73 -25.50
CA PRO A 52 43.59 8.63 -24.79
C PRO A 52 43.59 8.77 -23.29
N PHE A 53 44.46 9.62 -22.73
CA PHE A 53 44.43 9.82 -21.27
C PHE A 53 43.14 10.49 -20.85
N GLU A 54 42.53 11.23 -21.74
CA GLU A 54 41.21 11.77 -21.50
C GLU A 54 40.15 10.67 -21.58
N THR A 55 40.49 9.57 -22.26
CA THR A 55 39.52 8.49 -22.42
C THR A 55 39.80 7.34 -21.47
N ILE A 56 41.07 7.14 -21.16
CA ILE A 56 41.41 6.07 -20.24
C ILE A 56 40.76 6.44 -18.92
N ILE A 57 41.00 7.68 -18.49
CA ILE A 57 40.43 8.17 -17.24
C ILE A 57 38.90 8.15 -17.28
N LEU A 58 38.33 8.38 -18.45
CA LEU A 58 36.88 8.39 -18.59
C LEU A 58 36.32 6.98 -18.37
N LEU A 59 36.96 5.99 -18.98
CA LEU A 59 36.50 4.62 -18.84
C LEU A 59 36.79 4.15 -17.42
N THR A 60 37.75 4.79 -16.77
CA THR A 60 38.09 4.43 -15.41
C THR A 60 36.97 4.92 -14.51
N ILE A 61 36.50 6.14 -14.79
CA ILE A 61 35.41 6.70 -14.02
C ILE A 61 34.11 6.02 -14.40
N PHE A 62 34.14 5.19 -15.43
CA PHE A 62 32.94 4.46 -15.84
C PHE A 62 32.90 3.08 -15.18
N ALA A 63 34.06 2.43 -15.12
CA ALA A 63 34.19 1.12 -14.51
C ALA A 63 33.92 1.18 -13.02
N ASN A 64 34.28 2.31 -12.40
CA ASN A 64 34.05 2.48 -10.98
C ASN A 64 32.56 2.57 -10.74
N CYS A 65 31.86 3.11 -11.73
CA CYS A 65 30.41 3.23 -11.65
C CYS A 65 29.85 1.84 -11.73
N VAL A 66 30.34 1.07 -12.69
CA VAL A 66 29.88 -0.31 -12.86
C VAL A 66 30.22 -1.15 -11.63
N ALA A 67 31.13 -0.64 -10.80
CA ALA A 67 31.54 -1.34 -9.59
C ALA A 67 30.72 -0.97 -8.36
N LEU A 68 30.28 0.29 -8.27
CA LEU A 68 29.50 0.72 -7.11
C LEU A 68 28.12 0.09 -7.11
N ALA A 69 27.75 -0.35 -8.31
CA ALA A 69 26.45 -0.94 -8.64
C ALA A 69 26.33 -2.45 -8.56
N VAL A 70 27.42 -3.17 -8.68
CA VAL A 70 27.37 -4.62 -8.59
C VAL A 70 27.41 -5.03 -7.12
N TYR A 71 27.70 -4.06 -6.25
CA TYR A 71 27.78 -4.26 -4.82
C TYR A 71 26.43 -4.68 -4.28
N LEU A 72 26.42 -5.51 -3.25
CA LEU A 72 25.19 -5.98 -2.65
C LEU A 72 25.16 -5.65 -1.17
N PRO A 73 24.26 -4.74 -0.78
CA PRO A 73 24.14 -4.34 0.61
C PRO A 73 23.48 -5.42 1.45
N MET A 74 24.19 -5.94 2.44
CA MET A 74 23.67 -6.98 3.30
C MET A 74 23.38 -6.39 4.67
N PRO A 75 22.27 -6.91 5.31
CA PRO A 75 22.00 -6.30 6.63
C PRO A 75 23.01 -6.56 7.72
N GLU A 76 22.59 -6.25 8.95
CA GLU A 76 23.38 -6.41 10.16
C GLU A 76 24.85 -6.79 10.04
N ASP A 77 25.55 -6.21 9.07
CA ASP A 77 26.99 -6.45 8.91
C ASP A 77 27.45 -7.72 8.21
N ASP A 78 26.55 -8.45 7.57
CA ASP A 78 26.97 -9.66 6.88
C ASP A 78 27.82 -9.22 5.71
N ASN A 79 28.09 -10.12 4.76
CA ASN A 79 28.90 -9.75 3.62
C ASN A 79 29.26 -10.94 2.74
N ASN A 80 29.02 -10.85 1.43
CA ASN A 80 29.39 -11.94 0.55
C ASN A 80 30.84 -11.75 0.14
N SER A 81 31.48 -12.82 -0.30
CA SER A 81 32.88 -12.79 -0.65
C SER A 81 33.14 -11.87 -1.83
N LEU A 82 32.11 -11.48 -2.57
CA LEU A 82 32.31 -10.63 -3.76
C LEU A 82 32.46 -9.17 -3.41
N ASN A 83 31.81 -8.75 -2.34
CA ASN A 83 31.90 -7.39 -1.90
C ASN A 83 33.33 -7.12 -1.48
N LEU A 84 33.98 -8.14 -0.96
CA LEU A 84 35.37 -8.05 -0.52
C LEU A 84 36.25 -7.82 -1.73
N GLY A 85 35.95 -8.55 -2.80
CA GLY A 85 36.69 -8.42 -4.03
C GLY A 85 36.55 -6.99 -4.50
N LEU A 86 35.34 -6.46 -4.42
CA LEU A 86 35.09 -5.08 -4.85
C LEU A 86 35.88 -4.05 -4.02
N GLU A 87 35.95 -4.23 -2.70
CA GLU A 87 36.71 -3.30 -1.85
C GLU A 87 38.19 -3.33 -2.24
N LYS A 88 38.64 -4.54 -2.59
CA LYS A 88 40.03 -4.70 -3.00
C LYS A 88 40.22 -3.90 -4.29
N LEU A 89 39.31 -4.01 -5.25
CA LEU A 89 39.44 -3.24 -6.49
C LEU A 89 39.34 -1.70 -6.28
N GLU A 90 38.66 -1.33 -5.19
CA GLU A 90 38.47 0.07 -4.84
C GLU A 90 39.79 0.79 -4.68
N TYR A 91 40.77 0.13 -4.09
CA TYR A 91 42.07 0.74 -3.89
C TYR A 91 42.70 1.11 -5.23
N PHE A 92 42.56 0.22 -6.21
CA PHE A 92 43.10 0.49 -7.53
C PHE A 92 42.41 1.74 -8.04
N PHE A 93 41.08 1.72 -8.03
CA PHE A 93 40.35 2.88 -8.53
C PHE A 93 40.86 4.16 -7.88
N LEU A 94 41.06 4.12 -6.57
CA LEU A 94 41.54 5.26 -5.81
C LEU A 94 42.90 5.75 -6.30
N THR A 95 43.89 4.86 -6.30
CA THR A 95 45.22 5.24 -6.76
C THR A 95 45.20 5.80 -8.17
N VAL A 96 44.22 5.40 -8.99
CA VAL A 96 44.17 5.95 -10.35
C VAL A 96 43.62 7.39 -10.37
N PHE A 97 42.74 7.71 -9.44
CA PHE A 97 42.18 9.05 -9.36
C PHE A 97 43.07 9.96 -8.52
N SER A 98 43.99 9.38 -7.74
CA SER A 98 44.82 10.18 -6.85
C SER A 98 46.14 10.57 -7.47
N ILE A 99 46.61 9.84 -8.47
CA ILE A 99 47.88 10.26 -9.08
C ILE A 99 47.63 11.37 -10.09
N GLU A 100 46.54 11.27 -10.86
CA GLU A 100 46.17 12.31 -11.81
C GLU A 100 45.85 13.63 -11.09
N ALA A 101 45.37 13.55 -9.86
CA ALA A 101 45.17 14.76 -9.07
C ALA A 101 46.48 15.32 -8.55
N ALA A 102 47.57 14.58 -8.70
CA ALA A 102 48.89 15.16 -8.51
C ALA A 102 49.53 15.53 -9.84
N MET A 103 49.17 14.83 -10.92
CA MET A 103 49.77 15.12 -12.22
C MET A 103 49.10 16.30 -12.90
N LYS A 104 48.15 16.93 -12.22
CA LYS A 104 47.62 18.20 -12.72
C LYS A 104 48.08 19.36 -11.84
N ILE A 105 48.58 19.07 -10.65
CA ILE A 105 49.23 20.14 -9.89
C ILE A 105 50.73 20.14 -10.14
N ILE A 106 51.15 19.47 -11.21
CA ILE A 106 52.55 19.48 -11.59
C ILE A 106 52.52 20.38 -12.80
N ALA A 107 51.66 20.04 -13.75
CA ALA A 107 51.50 20.85 -14.93
C ALA A 107 50.84 22.13 -14.43
N TYR A 108 50.45 23.02 -15.34
CA TYR A 108 49.84 24.26 -14.94
C TYR A 108 50.89 25.14 -14.27
N GLY A 109 51.03 25.01 -12.96
CA GLY A 109 52.02 25.80 -12.24
C GLY A 109 51.98 25.73 -10.73
N PHE A 110 53.04 26.26 -10.13
CA PHE A 110 53.24 26.33 -8.69
C PHE A 110 51.94 26.36 -7.89
N LEU A 111 52.07 26.18 -6.58
CA LEU A 111 50.90 26.16 -5.71
C LEU A 111 49.74 26.89 -6.37
N PHE A 112 49.96 28.17 -6.67
CA PHE A 112 48.90 28.99 -7.27
C PHE A 112 48.56 28.71 -8.73
N HIS A 113 49.47 28.09 -9.48
CA HIS A 113 49.18 27.72 -10.88
C HIS A 113 48.32 26.44 -10.85
N GLN A 114 48.53 25.65 -9.78
CA GLN A 114 47.71 24.47 -9.52
C GLN A 114 46.35 25.00 -9.09
N ASP A 115 46.39 26.16 -8.44
CA ASP A 115 45.21 26.88 -8.02
C ASP A 115 44.49 27.19 -9.33
N ALA A 116 45.27 27.46 -10.38
CA ALA A 116 44.74 27.74 -11.70
C ALA A 116 43.96 26.49 -12.08
N TYR A 117 44.48 25.32 -11.72
CA TYR A 117 43.78 24.08 -12.03
C TYR A 117 42.46 24.15 -11.25
N LEU A 118 42.58 24.64 -10.03
CA LEU A 118 41.48 24.84 -9.10
C LEU A 118 40.66 26.04 -9.54
N ARG A 119 41.20 26.80 -10.49
CA ARG A 119 40.52 27.98 -10.97
C ARG A 119 39.20 27.48 -11.54
N SER A 120 39.27 26.36 -12.23
CA SER A 120 38.07 25.76 -12.78
C SER A 120 37.24 25.19 -11.63
N GLY A 121 35.93 25.36 -11.73
CA GLY A 121 35.01 24.86 -10.72
C GLY A 121 34.99 23.34 -10.63
N TRP A 122 35.06 22.70 -11.80
CA TRP A 122 35.02 21.24 -11.90
C TRP A 122 36.14 20.52 -11.19
N ASN A 123 37.35 21.06 -11.30
CA ASN A 123 38.50 20.44 -10.67
C ASN A 123 38.29 20.40 -9.17
N VAL A 124 37.65 21.45 -8.65
CA VAL A 124 37.39 21.53 -7.23
C VAL A 124 36.62 20.29 -6.81
N LEU A 125 35.66 19.88 -7.64
CA LEU A 125 34.89 18.69 -7.35
C LEU A 125 35.75 17.45 -7.48
N ASP A 126 36.58 17.38 -8.51
CA ASP A 126 37.44 16.21 -8.71
C ASP A 126 38.33 16.05 -7.49
N PHE A 127 39.00 17.12 -7.11
CA PHE A 127 39.86 17.11 -5.96
C PHE A 127 39.06 16.70 -4.74
N ILE A 128 37.90 17.31 -4.55
CA ILE A 128 37.07 16.96 -3.40
C ILE A 128 36.88 15.45 -3.35
N ILE A 129 36.43 14.86 -4.45
CA ILE A 129 36.24 13.41 -4.51
C ILE A 129 37.46 12.65 -3.99
N VAL A 130 38.43 12.43 -4.87
CA VAL A 130 39.66 11.70 -4.52
C VAL A 130 40.19 11.97 -3.11
N PHE A 131 40.22 13.24 -2.73
CA PHE A 131 40.69 13.59 -1.40
C PHE A 131 39.83 12.86 -0.37
N LEU A 132 38.53 13.11 -0.43
CA LEU A 132 37.58 12.48 0.48
C LEU A 132 37.82 10.99 0.53
N GLY A 133 38.00 10.39 -0.64
CA GLY A 133 38.24 8.96 -0.75
C GLY A 133 39.37 8.44 0.11
N VAL A 134 40.61 8.72 -0.30
CA VAL A 134 41.77 8.27 0.45
C VAL A 134 41.60 8.58 1.92
N PHE A 135 40.93 9.68 2.21
CA PHE A 135 40.68 10.07 3.59
C PHE A 135 39.96 8.93 4.26
N THR A 136 38.81 8.55 3.72
CA THR A 136 38.01 7.47 4.28
C THR A 136 38.83 6.18 4.36
N ALA A 137 39.58 5.89 3.31
CA ALA A 137 40.39 4.68 3.27
C ALA A 137 41.33 4.60 4.47
N ILE A 138 42.22 5.58 4.60
CA ILE A 138 43.18 5.61 5.70
C ILE A 138 42.45 5.48 7.04
N LEU A 139 41.39 6.26 7.21
CA LEU A 139 40.62 6.23 8.45
C LEU A 139 40.19 4.79 8.72
N GLU A 140 39.50 4.21 7.76
CA GLU A 140 39.02 2.84 7.88
C GLU A 140 40.14 1.93 8.37
N GLN A 141 41.25 1.94 7.63
CA GLN A 141 42.40 1.13 7.99
C GLN A 141 42.78 1.30 9.45
N VAL A 142 43.15 2.53 9.83
CA VAL A 142 43.54 2.80 11.20
C VAL A 142 42.54 2.19 12.18
N ASN A 143 41.26 2.52 12.02
CA ASN A 143 40.25 1.97 12.91
C ASN A 143 40.40 0.46 13.00
N VAL A 144 40.12 -0.25 11.91
CA VAL A 144 40.23 -1.70 11.89
C VAL A 144 41.55 -2.16 12.51
N VAL A 161 32.52 5.00 10.33
CA VAL A 161 33.16 5.13 9.03
C VAL A 161 32.17 4.65 7.97
N LYS A 162 31.34 3.68 8.34
CA LYS A 162 30.36 3.13 7.40
C LYS A 162 29.59 4.19 6.62
N ALA A 163 29.84 5.46 6.93
CA ALA A 163 29.16 6.56 6.26
C ALA A 163 30.02 7.17 5.17
N LEU A 164 31.27 7.47 5.49
CA LEU A 164 32.18 8.07 4.52
C LEU A 164 32.14 7.30 3.19
N ARG A 165 31.61 6.10 3.23
CA ARG A 165 31.51 5.25 2.05
C ARG A 165 30.36 5.67 1.17
N ALA A 166 29.55 6.60 1.66
CA ALA A 166 28.40 7.09 0.91
C ALA A 166 28.81 8.21 -0.01
N PHE A 167 30.04 8.67 0.13
CA PHE A 167 30.56 9.76 -0.69
C PHE A 167 31.16 9.27 -2.00
N ARG A 168 31.26 7.96 -2.15
CA ARG A 168 31.80 7.38 -3.36
C ARG A 168 30.79 7.55 -4.47
N VAL A 169 29.51 7.54 -4.10
CA VAL A 169 28.44 7.69 -5.06
C VAL A 169 28.45 9.08 -5.66
N LEU A 170 29.60 9.74 -5.57
CA LEU A 170 29.78 11.08 -6.11
C LEU A 170 30.62 10.96 -7.35
N ARG A 171 31.51 9.97 -7.37
CA ARG A 171 32.38 9.75 -8.51
C ARG A 171 31.66 9.81 -9.85
N PRO A 172 30.39 9.25 -9.90
CA PRO A 172 29.74 9.33 -11.23
C PRO A 172 29.67 10.77 -11.75
N LEU A 173 29.50 11.73 -10.85
CA LEU A 173 29.42 13.13 -11.23
C LEU A 173 30.60 13.46 -12.12
N ARG A 174 31.77 12.96 -11.73
CA ARG A 174 32.99 13.18 -12.49
C ARG A 174 32.71 12.89 -13.96
N LEU A 175 31.73 12.05 -14.23
CA LEU A 175 31.39 11.72 -15.60
C LEU A 175 30.79 12.91 -16.32
N VAL A 176 30.65 14.02 -15.60
CA VAL A 176 30.10 15.25 -16.17
C VAL A 176 31.21 16.17 -16.67
N SER A 177 32.30 16.24 -15.91
CA SER A 177 33.42 17.07 -16.28
C SER A 177 33.97 16.60 -17.63
N GLY A 178 33.97 15.29 -17.82
CA GLY A 178 34.45 14.71 -19.05
C GLY A 178 33.65 15.21 -20.24
N VAL A 179 32.51 14.58 -20.49
CA VAL A 179 31.66 14.97 -21.60
C VAL A 179 31.44 16.48 -21.59
N PRO A 180 32.24 17.22 -22.44
CA PRO A 180 32.01 18.67 -22.39
C PRO A 180 30.64 19.07 -22.92
N SER A 181 29.79 18.12 -23.26
CA SER A 181 28.44 18.49 -23.72
C SER A 181 27.52 18.62 -22.50
N LEU A 182 27.58 17.60 -21.65
CA LEU A 182 26.78 17.56 -20.44
C LEU A 182 27.02 18.86 -19.67
N GLN A 183 28.20 19.44 -19.79
CA GLN A 183 28.47 20.70 -19.09
C GLN A 183 27.48 21.79 -19.49
N VAL A 184 27.32 21.99 -20.79
CA VAL A 184 26.42 23.03 -21.31
C VAL A 184 24.97 22.88 -20.86
N VAL A 185 24.47 21.64 -20.85
CA VAL A 185 23.10 21.38 -20.43
C VAL A 185 22.94 21.74 -18.95
N LEU A 186 23.92 21.34 -18.15
CA LEU A 186 23.90 21.64 -16.72
C LEU A 186 23.91 23.15 -16.54
N ASN A 187 24.38 23.87 -17.54
CA ASN A 187 24.46 25.33 -17.48
C ASN A 187 23.13 25.99 -17.78
N SER A 188 22.43 25.48 -18.81
CA SER A 188 21.14 26.05 -19.17
C SER A 188 20.09 25.68 -18.14
N ILE A 189 20.37 24.68 -17.32
CA ILE A 189 19.46 24.24 -16.29
C ILE A 189 19.53 25.19 -15.10
N PHE A 190 20.70 25.77 -14.88
CA PHE A 190 20.90 26.69 -13.76
C PHE A 190 20.49 28.13 -14.06
N LYS A 191 20.35 28.45 -15.34
CA LYS A 191 20.01 29.78 -15.77
C LYS A 191 18.49 29.93 -15.83
N ALA A 192 17.81 28.85 -16.14
CA ALA A 192 16.37 28.85 -16.22
C ALA A 192 15.83 28.92 -14.80
N MET A 193 16.61 28.39 -13.88
CA MET A 193 16.25 28.34 -12.47
C MET A 193 16.50 29.65 -11.74
N LEU A 194 17.09 30.62 -12.42
CA LEU A 194 17.39 31.90 -11.79
C LEU A 194 16.15 32.75 -11.56
N PRO A 195 15.23 32.76 -12.50
CA PRO A 195 14.00 33.55 -12.38
C PRO A 195 12.90 32.87 -11.56
N LEU A 196 13.22 31.79 -10.88
CA LEU A 196 12.23 31.08 -10.07
C LEU A 196 12.35 31.50 -8.62
N PHE A 197 13.25 32.44 -8.36
CA PHE A 197 13.49 32.93 -7.00
C PHE A 197 12.24 33.50 -6.35
N HIS A 198 11.47 34.29 -7.08
CA HIS A 198 10.27 34.89 -6.54
C HIS A 198 9.18 33.87 -6.22
N ILE A 199 9.20 32.75 -6.91
CA ILE A 199 8.21 31.72 -6.70
C ILE A 199 8.64 30.86 -5.53
N ALA A 200 9.95 30.70 -5.39
CA ALA A 200 10.51 29.92 -4.29
C ALA A 200 10.07 30.56 -3.00
N LEU A 201 10.31 31.86 -2.87
CA LEU A 201 9.92 32.59 -1.67
C LEU A 201 8.46 32.31 -1.34
N LEU A 202 7.61 32.51 -2.32
CA LEU A 202 6.17 32.30 -2.16
C LEU A 202 5.83 30.90 -1.64
N VAL A 203 6.34 29.87 -2.31
CA VAL A 203 6.06 28.50 -1.90
C VAL A 203 6.58 28.21 -0.51
N LEU A 204 7.74 28.74 -0.19
CA LEU A 204 8.34 28.54 1.12
C LEU A 204 7.46 29.14 2.19
N PHE A 205 6.95 30.34 1.94
CA PHE A 205 6.12 31.02 2.92
C PHE A 205 4.72 30.43 3.01
N MET A 206 4.28 29.78 1.94
CA MET A 206 2.97 29.15 1.95
C MET A 206 3.02 27.95 2.88
N VAL A 207 4.04 27.11 2.70
CA VAL A 207 4.20 25.93 3.54
C VAL A 207 4.31 26.34 5.00
N ILE A 208 5.13 27.35 5.29
CA ILE A 208 5.30 27.81 6.65
C ILE A 208 3.99 28.26 7.30
N ILE A 209 3.24 29.10 6.61
CA ILE A 209 1.96 29.59 7.11
C ILE A 209 1.01 28.44 7.40
N TYR A 210 0.83 27.58 6.42
CA TYR A 210 -0.06 26.43 6.57
C TYR A 210 0.44 25.52 7.66
N ALA A 211 1.74 25.37 7.75
CA ALA A 211 2.34 24.52 8.77
C ALA A 211 1.94 25.02 10.15
N ILE A 212 2.08 26.32 10.37
CA ILE A 212 1.70 26.89 11.67
C ILE A 212 0.21 26.79 11.94
N ILE A 213 -0.61 27.06 10.93
CA ILE A 213 -2.05 26.97 11.12
C ILE A 213 -2.38 25.54 11.47
N GLY A 214 -1.73 24.62 10.78
CA GLY A 214 -1.93 23.22 11.01
C GLY A 214 -1.63 22.94 12.45
N LEU A 215 -0.43 23.35 12.87
CA LEU A 215 0.06 23.20 14.24
C LEU A 215 -1.07 23.44 15.20
N GLU A 216 -1.36 24.70 15.47
CA GLU A 216 -2.43 25.07 16.37
C GLU A 216 -3.69 24.25 16.12
N LEU A 217 -4.26 24.41 14.94
CA LEU A 217 -5.50 23.73 14.61
C LEU A 217 -5.63 22.29 15.09
N PHE A 218 -4.65 21.45 14.78
CA PHE A 218 -4.73 20.04 15.17
C PHE A 218 -3.55 19.49 15.96
N LYS A 219 -2.83 20.34 16.66
CA LYS A 219 -1.69 19.88 17.43
C LYS A 219 -2.08 19.00 18.60
N GLY A 220 -1.63 17.75 18.57
CA GLY A 220 -1.91 16.79 19.61
C GLY A 220 -3.31 16.21 19.63
N LYS A 221 -4.06 16.36 18.54
CA LYS A 221 -5.41 15.83 18.48
C LYS A 221 -5.51 14.43 17.89
N MET A 222 -4.38 13.82 17.55
CA MET A 222 -4.41 12.48 16.97
C MET A 222 -3.64 11.43 17.77
N HIS A 223 -4.00 11.27 19.04
CA HIS A 223 -3.31 10.30 19.87
C HIS A 223 -4.19 9.22 20.48
N LYS A 224 -5.44 9.16 20.06
CA LYS A 224 -6.36 8.16 20.59
C LYS A 224 -6.83 7.20 19.53
N THR A 225 -6.70 5.90 19.76
CA THR A 225 -7.22 4.94 18.79
C THR A 225 -8.06 3.86 19.47
N CYS A 226 -8.88 3.16 18.69
CA CYS A 226 -9.69 2.08 19.25
C CYS A 226 -8.79 0.94 19.70
N TYR A 227 -9.10 0.35 20.84
CA TYR A 227 -8.31 -0.74 21.37
C TYR A 227 -9.22 -1.84 21.86
N TYR A 228 -8.74 -3.09 21.81
CA TYR A 228 -9.55 -4.18 22.35
C TYR A 228 -9.52 -3.89 23.83
N ILE A 229 -10.64 -4.07 24.52
CA ILE A 229 -10.66 -3.77 25.94
C ILE A 229 -9.68 -4.61 26.76
N GLY A 230 -8.93 -3.93 27.62
CA GLY A 230 -7.95 -4.54 28.50
C GLY A 230 -6.57 -4.78 27.91
N THR A 231 -6.52 -5.07 26.61
CA THR A 231 -5.26 -5.33 25.94
C THR A 231 -4.62 -4.08 25.36
N ASP A 232 -3.38 -4.21 24.91
CA ASP A 232 -2.65 -3.11 24.29
C ASP A 232 -2.53 -3.29 22.78
N ILE A 233 -3.54 -3.94 22.19
CA ILE A 233 -3.57 -4.18 20.76
C ILE A 233 -4.58 -3.28 20.05
N VAL A 234 -4.21 -2.78 18.89
CA VAL A 234 -5.07 -1.91 18.10
C VAL A 234 -6.13 -2.73 17.37
N ALA A 235 -7.38 -2.27 17.44
CA ALA A 235 -8.48 -2.96 16.77
C ALA A 235 -8.80 -2.32 15.43
N THR A 236 -8.69 -3.10 14.37
CA THR A 236 -8.98 -2.59 13.04
C THR A 236 -9.49 -3.68 12.12
N VAL A 237 -10.31 -3.31 11.16
CA VAL A 237 -10.85 -4.25 10.19
C VAL A 237 -9.72 -4.83 9.35
N GLU A 238 -10.06 -5.33 8.17
CA GLU A 238 -9.06 -5.92 7.28
C GLU A 238 -8.16 -4.91 6.57
N ASN A 239 -8.64 -4.37 5.47
CA ASN A 239 -7.86 -3.40 4.69
C ASN A 239 -7.99 -1.98 5.21
N GLU A 240 -8.05 -1.85 6.53
CA GLU A 240 -8.18 -0.55 7.17
C GLU A 240 -6.88 -0.15 7.85
N LYS A 241 -6.60 1.15 7.88
CA LYS A 241 -5.40 1.66 8.54
C LYS A 241 -5.78 2.17 9.91
N PRO A 242 -4.98 1.93 10.93
CA PRO A 242 -5.34 2.46 12.26
C PRO A 242 -5.57 3.96 12.22
N SER A 243 -6.71 4.43 12.71
CA SER A 243 -6.99 5.86 12.65
C SER A 243 -7.40 6.46 13.98
N PRO A 244 -7.27 7.84 14.06
CA PRO A 244 -7.68 8.41 15.35
C PRO A 244 -9.13 8.05 15.64
N CYS A 245 -9.54 8.24 16.89
CA CYS A 245 -10.90 7.96 17.29
C CYS A 245 -11.25 8.98 18.35
N ALA A 246 -12.48 8.97 18.82
CA ALA A 246 -12.87 9.92 19.85
C ALA A 246 -13.95 9.37 20.75
N ARG A 247 -13.87 9.71 22.04
CA ARG A 247 -14.84 9.27 23.01
C ARG A 247 -15.73 10.47 23.29
N THR A 248 -16.92 10.46 22.72
CA THR A 248 -17.84 11.58 22.91
C THR A 248 -17.27 12.76 22.14
N GLY A 249 -18.05 13.31 21.22
CA GLY A 249 -17.61 14.45 20.45
C GLY A 249 -18.02 14.32 19.00
N SER A 250 -17.43 15.15 18.15
CA SER A 250 -17.75 15.11 16.72
C SER A 250 -17.00 14.01 16.00
N GLY A 251 -15.88 13.58 16.58
CA GLY A 251 -15.06 12.54 15.97
C GLY A 251 -15.84 11.26 15.73
N ARG A 252 -15.15 10.20 15.33
CA ARG A 252 -15.81 8.93 15.07
C ARG A 252 -15.66 8.02 16.28
N PRO A 253 -16.68 7.22 16.56
CA PRO A 253 -16.60 6.34 17.73
C PRO A 253 -16.16 4.91 17.39
N CYS A 254 -15.91 4.11 18.42
CA CYS A 254 -15.51 2.73 18.21
C CYS A 254 -16.67 1.93 17.67
N THR A 255 -16.40 1.06 16.71
CA THR A 255 -17.46 0.25 16.12
C THR A 255 -17.16 -1.24 16.23
N ILE A 256 -15.90 -1.57 16.40
CA ILE A 256 -15.50 -2.96 16.51
C ILE A 256 -15.99 -3.52 17.83
N ASN A 257 -16.46 -4.76 17.82
CA ASN A 257 -16.97 -5.38 19.03
C ASN A 257 -15.88 -5.57 20.08
N GLY A 258 -16.24 -5.31 21.33
CA GLY A 258 -15.29 -5.42 22.43
C GLY A 258 -14.09 -4.49 22.29
N SER A 259 -14.34 -3.31 21.74
CA SER A 259 -13.30 -2.30 21.54
C SER A 259 -13.61 -1.01 22.27
N GLU A 260 -12.60 -0.41 22.87
CA GLU A 260 -12.78 0.84 23.62
C GLU A 260 -11.77 1.91 23.19
N CYS A 261 -12.09 3.17 23.45
CA CYS A 261 -11.22 4.28 23.06
C CYS A 261 -10.18 4.62 24.13
N ARG A 262 -8.92 4.37 23.81
CA ARG A 262 -7.80 4.65 24.71
C ARG A 262 -7.11 5.94 24.27
N GLY A 263 -5.87 6.18 24.67
CA GLY A 263 -5.23 7.41 24.25
C GLY A 263 -3.72 7.55 24.37
N GLY A 264 -2.99 6.46 24.30
CA GLY A 264 -1.54 6.51 24.38
C GLY A 264 -0.98 6.05 23.05
N TRP A 265 -1.62 6.51 21.97
CA TRP A 265 -1.26 6.15 20.61
C TRP A 265 -0.21 7.07 19.98
N PRO A 266 0.84 6.44 19.33
CA PRO A 266 1.83 7.36 18.74
C PRO A 266 1.36 8.23 17.56
N GLY A 267 0.43 7.78 16.74
CA GLY A 267 -0.03 8.59 15.62
C GLY A 267 -0.50 7.79 14.41
N PRO A 268 -1.03 8.45 13.41
CA PRO A 268 -1.54 7.80 12.19
C PRO A 268 -0.59 7.00 11.30
N ASN A 269 0.67 7.40 11.12
CA ASN A 269 1.58 6.64 10.25
C ASN A 269 2.81 6.12 11.00
N HIS A 270 2.58 5.48 12.14
CA HIS A 270 3.64 4.97 12.99
C HIS A 270 4.18 6.16 13.78
N GLY A 271 3.34 7.17 13.94
CA GLY A 271 3.68 8.38 14.65
C GLY A 271 4.48 9.33 13.80
N ILE A 272 4.33 9.21 12.48
CA ILE A 272 5.06 10.08 11.56
C ILE A 272 4.24 11.24 11.03
N THR A 273 2.97 11.00 10.72
CA THR A 273 2.14 12.08 10.17
C THR A 273 1.22 12.72 11.21
N HIS A 274 1.57 13.94 11.62
CA HIS A 274 0.78 14.67 12.61
C HIS A 274 1.24 16.12 12.68
N PHE A 275 0.66 16.88 13.60
CA PHE A 275 0.99 18.28 13.73
C PHE A 275 1.42 18.62 15.15
N ASP A 276 2.26 17.77 15.74
CA ASP A 276 2.72 17.98 17.11
C ASP A 276 3.75 19.09 17.27
N ASN A 277 4.66 19.23 16.32
CA ASN A 277 5.65 20.29 16.39
C ASN A 277 5.79 20.91 15.00
N PHE A 278 6.57 21.98 14.89
CA PHE A 278 6.77 22.63 13.61
C PHE A 278 7.40 21.75 12.54
N GLY A 279 8.25 20.80 12.94
CA GLY A 279 8.91 19.93 11.98
C GLY A 279 8.00 18.93 11.33
N PHE A 280 7.25 18.21 12.16
CA PHE A 280 6.32 17.20 11.67
C PHE A 280 5.20 17.88 10.91
N SER A 281 4.77 19.03 11.43
CA SER A 281 3.72 19.80 10.81
C SER A 281 4.14 20.18 9.41
N MET A 282 5.36 20.66 9.29
CA MET A 282 5.91 21.07 8.01
C MET A 282 5.99 19.89 7.08
N LEU A 283 6.49 18.75 7.53
CA LEU A 283 6.62 17.57 6.69
C LEU A 283 5.29 17.11 6.12
N THR A 284 4.29 17.00 6.97
CA THR A 284 2.98 16.55 6.54
C THR A 284 2.40 17.51 5.52
N VAL A 285 2.58 18.79 5.75
CA VAL A 285 2.08 19.82 4.84
C VAL A 285 2.69 19.70 3.44
N TYR A 286 4.00 19.47 3.36
CA TYR A 286 4.68 19.32 2.08
C TYR A 286 4.15 18.06 1.38
N GLN A 287 4.01 17.02 2.17
CA GLN A 287 3.50 15.77 1.66
C GLN A 287 2.13 16.01 1.01
N CYS A 288 1.28 16.80 1.66
CA CYS A 288 -0.04 17.08 1.11
C CYS A 288 0.10 17.89 -0.16
N ILE A 289 0.91 18.94 -0.12
CA ILE A 289 1.13 19.79 -1.28
C ILE A 289 1.56 19.00 -2.54
N THR A 290 2.28 17.91 -2.37
CA THR A 290 2.71 17.12 -3.53
C THR A 290 1.52 16.36 -4.08
N MET A 291 0.44 16.30 -3.30
CA MET A 291 -0.78 15.64 -3.70
C MET A 291 -0.78 14.13 -3.58
N GLU A 292 0.14 13.58 -2.82
CA GLU A 292 0.20 12.14 -2.67
C GLU A 292 -0.14 11.75 -1.25
N GLY A 293 -1.33 11.21 -1.04
CA GLY A 293 -1.77 10.79 0.27
C GLY A 293 -2.35 11.93 1.07
N TRP A 294 -2.82 13.00 0.43
CA TRP A 294 -3.41 14.12 1.15
C TRP A 294 -4.77 13.81 1.80
N THR A 295 -5.58 12.99 1.13
CA THR A 295 -6.89 12.62 1.65
C THR A 295 -6.76 11.77 2.90
N ASP A 296 -5.66 11.05 3.00
CA ASP A 296 -5.39 10.22 4.15
C ASP A 296 -5.39 11.12 5.35
N VAL A 297 -4.58 12.16 5.27
CA VAL A 297 -4.44 13.15 6.31
C VAL A 297 -5.76 13.83 6.57
N LEU A 298 -6.51 14.13 5.52
CA LEU A 298 -7.80 14.78 5.69
C LEU A 298 -8.80 13.93 6.48
N TYR A 299 -8.74 12.61 6.29
CA TYR A 299 -9.65 11.69 6.93
C TYR A 299 -9.30 11.45 8.38
N TRP A 300 -8.03 11.47 8.71
CA TRP A 300 -7.59 11.24 10.08
C TRP A 300 -8.01 12.41 10.96
N VAL A 301 -7.91 13.60 10.41
CA VAL A 301 -8.27 14.82 11.12
C VAL A 301 -9.77 14.87 11.34
N ASN A 302 -10.53 14.24 10.45
CA ASN A 302 -11.97 14.19 10.57
C ASN A 302 -12.24 13.24 11.71
N ASP A 303 -11.81 12.00 11.51
CA ASP A 303 -11.96 10.93 12.48
C ASP A 303 -11.66 11.34 13.89
N ALA A 304 -10.96 12.46 14.07
CA ALA A 304 -10.60 12.91 15.41
C ALA A 304 -11.28 14.20 15.87
N ILE A 305 -11.50 15.12 14.95
CA ILE A 305 -12.09 16.41 15.27
C ILE A 305 -13.53 16.56 14.76
N GLY A 306 -13.92 15.75 13.80
CA GLY A 306 -15.24 15.85 13.22
C GLY A 306 -15.03 16.33 11.80
N ASN A 307 -15.86 15.88 10.87
CA ASN A 307 -15.68 16.27 9.47
C ASN A 307 -16.29 17.60 9.07
N GLU A 308 -17.01 18.24 9.97
CA GLU A 308 -17.62 19.53 9.66
C GLU A 308 -16.68 20.69 9.23
N TRP A 309 -15.43 20.71 9.69
CA TRP A 309 -14.54 21.83 9.35
C TRP A 309 -13.17 21.54 8.72
N PRO A 310 -12.47 20.45 9.20
CA PRO A 310 -11.12 20.26 8.60
C PRO A 310 -11.03 20.22 7.08
N TRP A 311 -12.14 20.07 6.36
CA TRP A 311 -12.10 20.06 4.90
C TRP A 311 -11.64 21.38 4.31
N ILE A 312 -12.02 22.49 4.93
CA ILE A 312 -11.62 23.80 4.44
C ILE A 312 -10.11 23.84 4.30
N TYR A 313 -9.40 23.66 5.40
CA TYR A 313 -7.94 23.66 5.40
C TYR A 313 -7.37 22.91 4.21
N PHE A 314 -7.58 21.60 4.16
CA PHE A 314 -7.06 20.76 3.08
C PHE A 314 -7.41 21.12 1.63
N VAL A 315 -8.67 21.35 1.34
CA VAL A 315 -9.06 21.71 -0.01
C VAL A 315 -8.33 22.98 -0.38
N THR A 316 -8.41 23.97 0.49
CA THR A 316 -7.73 25.24 0.23
C THR A 316 -6.27 24.99 -0.08
N LEU A 317 -5.60 24.17 0.71
CA LEU A 317 -4.19 23.88 0.48
C LEU A 317 -3.96 23.32 -0.91
N ILE A 318 -4.56 22.16 -1.19
CA ILE A 318 -4.39 21.49 -2.46
C ILE A 318 -4.62 22.46 -3.60
N LEU A 319 -5.74 23.19 -3.51
CA LEU A 319 -6.17 24.13 -4.52
C LEU A 319 -5.14 25.19 -4.66
N LEU A 320 -5.08 26.05 -3.64
CA LEU A 320 -4.15 27.16 -3.55
C LEU A 320 -2.76 26.68 -3.84
N GLY A 321 -1.99 26.38 -2.78
CA GLY A 321 -0.62 25.89 -2.88
C GLY A 321 -0.37 25.12 -4.14
N SER A 322 -0.62 23.82 -4.10
CA SER A 322 -0.48 22.91 -5.23
C SER A 322 -0.76 23.49 -6.62
N PHE A 323 -2.02 23.50 -7.03
CA PHE A 323 -2.43 24.01 -8.35
C PHE A 323 -1.98 25.42 -8.75
N PHE A 324 -2.24 26.39 -7.90
CA PHE A 324 -1.86 27.77 -8.17
C PHE A 324 -0.36 27.91 -8.37
N ILE A 325 0.40 27.34 -7.44
CA ILE A 325 1.85 27.37 -7.51
C ILE A 325 2.30 26.71 -8.80
N LEU A 326 1.70 25.57 -9.12
CA LEU A 326 2.05 24.86 -10.34
C LEU A 326 1.90 25.79 -11.52
N ASN A 327 0.74 26.43 -11.62
CA ASN A 327 0.49 27.38 -12.69
C ASN A 327 1.60 28.43 -12.77
N LEU A 328 1.87 29.10 -11.66
CA LEU A 328 2.91 30.13 -11.64
C LEU A 328 4.27 29.62 -12.12
N VAL A 329 4.68 28.43 -11.69
CA VAL A 329 5.96 27.87 -12.09
C VAL A 329 5.98 27.50 -13.57
N LEU A 330 4.90 26.91 -14.04
CA LEU A 330 4.79 26.50 -15.44
C LEU A 330 4.85 27.74 -16.31
N GLY A 331 4.29 28.83 -15.80
CA GLY A 331 4.26 30.09 -16.51
C GLY A 331 5.59 30.79 -16.64
N VAL A 332 6.27 31.01 -15.51
CA VAL A 332 7.55 31.68 -15.52
C VAL A 332 8.56 30.91 -16.38
N LEU A 333 8.56 29.58 -16.24
CA LEU A 333 9.45 28.73 -17.00
C LEU A 333 9.14 28.86 -18.48
N SER A 334 7.87 28.81 -18.82
CA SER A 334 7.46 28.93 -20.21
C SER A 334 7.98 30.23 -20.77
N GLY A 335 7.85 31.31 -20.01
CA GLY A 335 8.32 32.60 -20.43
C GLY A 335 9.81 32.53 -20.72
N GLU A 336 10.57 32.12 -19.72
CA GLU A 336 12.01 31.99 -19.85
C GLU A 336 12.44 31.20 -21.09
N PHE A 337 11.73 30.10 -21.36
CA PHE A 337 12.05 29.28 -22.51
C PHE A 337 11.81 30.00 -23.82
N THR A 338 10.72 30.76 -23.87
CA THR A 338 10.39 31.50 -25.08
C THR A 338 11.46 32.52 -25.40
N LYS A 339 11.93 33.24 -24.39
CA LYS A 339 12.94 34.25 -24.61
C LYS A 339 14.24 33.60 -25.11
N GLU A 340 14.58 32.47 -24.53
CA GLU A 340 15.78 31.75 -24.93
C GLU A 340 15.66 31.29 -26.38
N ARG A 341 14.50 30.78 -26.76
CA ARG A 341 14.29 30.33 -28.13
C ARG A 341 14.41 31.51 -29.06
N GLU A 342 13.86 32.63 -28.62
CA GLU A 342 13.89 33.85 -29.40
C GLU A 342 15.34 34.22 -29.57
N LYS A 343 16.14 33.99 -28.53
CA LYS A 343 17.55 34.35 -28.69
C LYS A 343 18.20 33.52 -29.78
N ALA A 344 17.72 32.29 -29.96
CA ALA A 344 18.30 31.42 -30.98
C ALA A 344 17.81 31.79 -32.37
N LYS A 345 16.47 31.84 -32.55
CA LYS A 345 15.86 31.99 -33.87
C LYS A 345 16.20 33.32 -34.53
N SER A 346 16.27 34.40 -33.74
CA SER A 346 16.70 35.66 -34.32
C SER A 346 18.20 35.72 -34.55
N ARG A 347 18.98 34.86 -33.90
CA ARG A 347 20.42 34.91 -34.15
C ARG A 347 20.78 34.19 -35.44
N GLY A 348 20.65 32.87 -35.49
CA GLY A 348 20.85 32.20 -36.76
C GLY A 348 20.21 30.85 -36.94
N THR A 349 19.41 30.40 -35.96
CA THR A 349 19.06 28.99 -35.94
C THR A 349 17.86 28.63 -36.80
N PHE A 350 17.20 29.60 -37.42
CA PHE A 350 16.09 29.25 -38.30
C PHE A 350 16.60 28.68 -39.61
N GLN A 351 17.70 29.20 -40.13
CA GLN A 351 18.15 28.77 -41.44
C GLN A 351 18.92 27.46 -41.37
N LYS A 352 19.24 26.99 -40.17
CA LYS A 352 19.90 25.69 -40.06
C LYS A 352 18.89 24.55 -40.28
N LEU A 353 17.64 24.78 -39.88
CA LEU A 353 16.65 23.71 -40.00
C LEU A 353 15.77 23.88 -41.23
N ARG A 354 15.81 25.05 -41.88
CA ARG A 354 15.02 25.22 -43.09
C ARG A 354 15.77 24.74 -44.32
N GLU A 355 17.06 25.11 -44.43
CA GLU A 355 17.90 24.69 -45.55
C GLU A 355 18.02 23.18 -45.62
N LYS A 356 18.39 22.55 -44.50
CA LYS A 356 18.67 21.12 -44.51
C LYS A 356 17.41 20.28 -44.63
N GLN A 357 16.25 20.87 -44.33
CA GLN A 357 14.99 20.20 -44.64
C GLN A 357 14.61 20.42 -46.10
N GLN A 358 15.01 21.56 -46.66
CA GLN A 358 14.83 21.80 -48.09
C GLN A 358 15.92 21.11 -48.91
N LEU A 359 17.15 21.06 -48.40
CA LEU A 359 18.23 20.39 -49.13
C LEU A 359 18.10 18.87 -49.07
N GLU A 360 17.28 18.36 -48.15
CA GLU A 360 16.98 16.93 -48.17
C GLU A 360 15.83 16.64 -49.14
N GLU A 361 14.78 17.47 -49.15
CA GLU A 361 13.66 17.23 -50.04
C GLU A 361 14.01 17.58 -51.48
N ASP A 362 15.07 18.36 -51.69
CA ASP A 362 15.59 18.58 -53.03
C ASP A 362 16.57 17.47 -53.40
N LEU A 363 17.14 16.79 -52.39
CA LEU A 363 18.01 15.66 -52.65
C LEU A 363 17.22 14.46 -53.14
N ARG A 364 16.10 14.15 -52.45
CA ARG A 364 15.27 13.03 -52.83
C ARG A 364 14.60 13.28 -54.19
N GLY A 365 14.34 14.55 -54.52
CA GLY A 365 13.84 14.87 -55.85
C GLY A 365 14.93 14.71 -56.91
N TYR A 366 16.17 15.08 -56.56
CA TYR A 366 17.31 14.81 -57.44
C TYR A 366 17.55 13.32 -57.60
N MET A 367 17.38 12.55 -56.52
CA MET A 367 17.65 11.12 -56.59
C MET A 367 16.46 10.35 -57.16
N SER A 368 15.29 10.98 -57.23
CA SER A 368 14.18 10.37 -57.95
C SER A 368 14.31 10.57 -59.44
N TRP A 369 14.99 11.64 -59.85
CA TRP A 369 15.26 11.86 -61.27
C TRP A 369 16.34 10.91 -61.77
N ILE A 370 17.15 10.39 -60.84
CA ILE A 370 18.14 9.38 -61.21
C ILE A 370 17.51 7.98 -61.25
N THR A 371 16.75 7.63 -60.20
CA THR A 371 16.38 6.23 -59.98
C THR A 371 15.29 5.78 -60.95
N GLN A 372 14.61 6.71 -61.61
CA GLN A 372 13.72 6.36 -62.72
C GLN A 372 14.48 6.34 -64.03
N GLY A 373 15.58 7.11 -64.10
CA GLY A 373 16.38 7.13 -65.31
C GLY A 373 17.26 5.89 -65.44
N GLU A 374 17.52 5.22 -64.32
CA GLU A 374 18.30 3.99 -64.36
C GLU A 374 17.37 2.80 -64.66
N VAL A 375 16.16 2.81 -64.10
CA VAL A 375 15.21 1.73 -64.34
C VAL A 375 14.53 1.90 -65.71
N MET A 376 14.11 3.12 -66.03
CA MET A 376 13.58 3.43 -67.36
C MET A 376 14.18 4.73 -67.91
N ASN A 418 11.01 -10.62 -68.26
CA ASN A 418 11.32 -9.91 -69.49
C ASN A 418 10.03 -9.78 -70.27
N ARG A 419 9.05 -10.57 -69.84
CA ARG A 419 7.85 -10.90 -70.61
C ARG A 419 6.69 -9.95 -70.27
N VAL A 420 5.52 -10.26 -70.82
CA VAL A 420 4.37 -9.35 -70.81
C VAL A 420 3.70 -9.27 -69.45
N PHE A 421 3.63 -10.39 -68.73
CA PHE A 421 2.96 -10.41 -67.43
C PHE A 421 3.79 -9.71 -66.36
N ARG A 422 5.08 -9.46 -66.65
CA ARG A 422 5.89 -8.69 -65.72
C ARG A 422 5.69 -7.18 -65.92
N TRP A 423 5.01 -6.77 -66.98
CA TRP A 423 4.62 -5.36 -67.08
C TRP A 423 3.19 -5.14 -66.59
N LYS A 424 2.36 -6.18 -66.65
CA LYS A 424 0.99 -6.04 -66.15
C LYS A 424 0.98 -5.97 -64.63
N CYS A 425 2.04 -6.45 -63.99
CA CYS A 425 2.18 -6.26 -62.54
C CYS A 425 2.81 -4.91 -62.23
N HIS A 426 3.30 -4.20 -63.25
CA HIS A 426 3.74 -2.81 -63.04
C HIS A 426 2.54 -1.86 -63.06
N ASP A 427 1.52 -2.19 -63.84
CA ASP A 427 0.33 -1.35 -63.89
C ASP A 427 -0.43 -1.42 -62.57
N LEU A 428 -0.58 -2.64 -62.05
CA LEU A 428 -1.31 -2.87 -60.81
C LEU A 428 -0.73 -2.36 -59.48
N VAL A 429 0.59 -2.45 -59.30
CA VAL A 429 1.18 -2.04 -58.03
C VAL A 429 0.84 -0.64 -57.54
N LYS A 430 0.80 0.33 -58.45
CA LYS A 430 0.50 1.70 -58.06
C LYS A 430 -0.96 2.09 -58.23
N SER A 431 -1.83 1.15 -58.60
CA SER A 431 -3.21 1.50 -58.84
C SER A 431 -3.90 1.91 -57.55
N ARG A 432 -5.23 2.00 -57.64
CA ARG A 432 -6.04 2.19 -56.44
C ARG A 432 -6.80 0.92 -56.06
N VAL A 433 -6.74 -0.11 -56.90
CA VAL A 433 -7.25 -1.41 -56.48
C VAL A 433 -6.38 -1.97 -55.36
N PHE A 434 -5.07 -1.93 -55.54
CA PHE A 434 -4.18 -2.67 -54.65
C PHE A 434 -4.00 -1.97 -53.32
N TYR A 435 -4.32 -0.68 -53.29
CA TYR A 435 -4.20 0.09 -52.06
C TYR A 435 -5.32 -0.27 -51.11
N TRP A 436 -6.49 -0.58 -51.66
CA TRP A 436 -7.66 -0.95 -50.87
C TRP A 436 -7.72 -2.43 -50.55
N LEU A 437 -6.69 -3.16 -50.95
CA LEU A 437 -6.65 -4.60 -50.69
C LEU A 437 -5.28 -5.04 -50.15
N VAL A 438 -4.44 -4.09 -49.74
CA VAL A 438 -3.47 -4.38 -48.69
C VAL A 438 -4.11 -4.13 -47.33
N ILE A 439 -5.05 -3.19 -47.26
CA ILE A 439 -5.77 -2.89 -46.02
C ILE A 439 -6.79 -3.98 -45.71
N LEU A 440 -6.99 -4.91 -46.63
CA LEU A 440 -7.91 -5.99 -46.36
C LEU A 440 -7.24 -7.09 -45.57
N ILE A 441 -6.01 -7.47 -45.93
CA ILE A 441 -5.39 -8.61 -45.26
C ILE A 441 -4.59 -8.16 -44.05
N VAL A 442 -4.29 -6.86 -43.96
CA VAL A 442 -3.74 -6.34 -42.72
C VAL A 442 -4.83 -6.26 -41.65
N ALA A 443 -6.08 -6.05 -42.08
CA ALA A 443 -7.16 -5.99 -41.11
C ALA A 443 -7.59 -7.39 -40.65
N LEU A 444 -7.09 -8.43 -41.31
CA LEU A 444 -7.38 -9.78 -40.82
C LEU A 444 -6.36 -10.20 -39.79
N ASN A 445 -5.20 -9.56 -39.79
CA ASN A 445 -4.17 -9.94 -38.85
C ASN A 445 -4.20 -9.04 -37.63
N THR A 446 -4.98 -7.99 -37.68
CA THR A 446 -5.10 -7.12 -36.52
C THR A 446 -6.22 -7.70 -35.69
N LEU A 447 -7.23 -8.20 -36.37
CA LEU A 447 -8.38 -8.82 -35.70
C LEU A 447 -8.02 -10.09 -34.95
N SER A 448 -7.04 -10.84 -35.47
CA SER A 448 -6.62 -12.09 -34.83
C SER A 448 -5.87 -11.86 -33.51
N ILE A 449 -4.95 -10.90 -33.56
CA ILE A 449 -4.17 -10.53 -32.40
C ILE A 449 -5.11 -10.05 -31.31
N ALA A 450 -6.05 -9.18 -31.68
CA ALA A 450 -7.02 -8.65 -30.74
C ALA A 450 -7.85 -9.80 -30.17
N SER A 451 -8.18 -10.73 -31.06
CA SER A 451 -8.98 -11.91 -30.73
C SER A 451 -8.35 -12.75 -29.63
N GLU A 452 -7.03 -12.84 -29.62
CA GLU A 452 -6.33 -13.63 -28.60
C GLU A 452 -6.65 -13.31 -27.12
N HIS A 453 -7.42 -14.17 -26.45
CA HIS A 453 -7.76 -13.99 -25.04
C HIS A 453 -7.54 -15.27 -24.26
N HIS A 454 -7.65 -15.20 -22.94
CA HIS A 454 -7.45 -16.37 -22.10
C HIS A 454 -8.67 -17.29 -22.10
N ASN A 455 -8.43 -18.57 -22.34
CA ASN A 455 -9.52 -19.55 -22.37
C ASN A 455 -10.45 -19.37 -23.56
N GLN A 456 -9.87 -19.14 -24.73
CA GLN A 456 -10.66 -18.94 -25.94
C GLN A 456 -11.12 -20.26 -26.54
N PRO A 457 -12.28 -20.18 -27.31
CA PRO A 457 -12.71 -21.47 -27.88
C PRO A 457 -11.63 -22.20 -28.66
N LEU A 458 -11.93 -23.42 -29.07
CA LEU A 458 -10.98 -24.22 -29.84
C LEU A 458 -11.04 -23.85 -31.31
N TRP A 459 -12.22 -23.41 -31.74
CA TRP A 459 -12.41 -23.00 -33.13
C TRP A 459 -11.78 -21.64 -33.36
N LEU A 460 -11.54 -20.90 -32.28
CA LEU A 460 -10.92 -19.59 -32.39
C LEU A 460 -9.43 -19.76 -32.58
N THR A 461 -8.81 -20.58 -31.73
CA THR A 461 -7.38 -20.83 -31.85
C THR A 461 -7.14 -21.35 -33.24
N HIS A 462 -7.93 -22.35 -33.61
CA HIS A 462 -7.83 -22.97 -34.92
C HIS A 462 -7.92 -21.90 -35.99
N LEU A 463 -8.99 -21.11 -35.96
CA LEU A 463 -9.20 -20.05 -36.94
C LEU A 463 -8.07 -19.01 -37.03
N GLN A 464 -7.47 -18.67 -35.91
CA GLN A 464 -6.38 -17.69 -35.91
C GLN A 464 -5.15 -18.24 -36.62
N ASP A 465 -4.72 -19.42 -36.20
CA ASP A 465 -3.58 -20.08 -36.80
C ASP A 465 -3.92 -20.34 -38.27
N ILE A 466 -5.15 -20.73 -38.52
CA ILE A 466 -5.59 -21.00 -39.88
C ILE A 466 -5.35 -19.78 -40.74
N ALA A 467 -5.82 -18.62 -40.28
CA ALA A 467 -5.65 -17.37 -41.01
C ALA A 467 -4.18 -16.98 -41.18
N ASN A 468 -3.38 -17.17 -40.14
CA ASN A 468 -1.96 -16.83 -40.24
C ASN A 468 -1.28 -17.70 -41.29
N ARG A 469 -1.73 -18.95 -41.39
CA ARG A 469 -1.23 -19.92 -42.37
C ARG A 469 -1.65 -19.50 -43.78
N VAL A 470 -2.93 -19.11 -43.90
CA VAL A 470 -3.53 -18.58 -45.11
C VAL A 470 -3.00 -17.17 -45.38
N LEU A 471 -2.03 -16.76 -44.57
CA LEU A 471 -1.41 -15.47 -44.69
C LEU A 471 0.11 -15.62 -44.76
N LEU A 472 0.71 -16.59 -44.06
CA LEU A 472 2.17 -16.62 -44.24
C LEU A 472 2.52 -16.91 -45.68
N SER A 473 1.81 -17.83 -46.31
CA SER A 473 2.10 -18.15 -47.70
C SER A 473 1.55 -17.07 -48.62
N LEU A 474 0.47 -16.40 -48.23
CA LEU A 474 0.03 -15.23 -48.99
C LEU A 474 1.05 -14.11 -48.89
N PHE A 475 1.65 -13.92 -47.71
CA PHE A 475 2.78 -13.01 -47.59
C PHE A 475 4.02 -13.53 -48.29
N THR A 476 4.13 -14.85 -48.47
CA THR A 476 5.27 -15.40 -49.22
C THR A 476 5.18 -15.02 -50.69
N ILE A 477 3.97 -15.07 -51.25
CA ILE A 477 3.81 -14.95 -52.70
C ILE A 477 3.94 -13.51 -53.17
N GLU A 478 3.27 -12.58 -52.49
CA GLU A 478 3.36 -11.20 -52.93
C GLU A 478 4.82 -10.76 -52.88
N MET A 479 5.53 -11.15 -51.83
CA MET A 479 6.94 -10.82 -51.73
C MET A 479 7.67 -11.53 -52.86
N LEU A 480 7.27 -12.78 -53.11
CA LEU A 480 7.87 -13.61 -54.15
C LEU A 480 7.62 -13.02 -55.54
N LEU A 481 6.41 -12.52 -55.74
CA LEU A 481 6.01 -11.89 -56.99
C LEU A 481 6.54 -10.48 -57.10
N LYS A 482 6.78 -9.81 -55.97
CA LYS A 482 7.26 -8.43 -56.02
C LYS A 482 8.75 -8.39 -56.35
N MET A 483 9.55 -9.20 -55.66
CA MET A 483 10.99 -9.13 -55.87
C MET A 483 11.37 -9.72 -57.22
N TYR A 484 10.51 -10.55 -57.81
CA TYR A 484 10.80 -11.18 -59.09
C TYR A 484 10.03 -10.52 -60.23
N GLY A 485 9.15 -9.56 -59.90
CA GLY A 485 8.29 -9.00 -60.91
C GLY A 485 8.75 -7.64 -61.39
N LEU A 486 9.41 -6.88 -60.53
CA LEU A 486 9.88 -5.53 -60.90
C LEU A 486 11.39 -5.36 -60.67
N GLY A 487 12.11 -6.46 -60.46
CA GLY A 487 13.54 -6.36 -60.24
C GLY A 487 14.03 -6.71 -58.84
N LEU A 488 15.15 -7.40 -58.77
CA LEU A 488 15.70 -7.82 -57.49
C LEU A 488 16.45 -6.68 -56.80
N ARG A 489 16.96 -5.73 -57.58
CA ARG A 489 17.77 -4.66 -56.99
C ARG A 489 16.92 -3.59 -56.31
N GLN A 490 15.93 -3.04 -57.02
CA GLN A 490 15.18 -1.90 -56.52
C GLN A 490 14.06 -2.33 -55.57
N TYR A 491 13.86 -3.64 -55.39
CA TYR A 491 13.18 -4.12 -54.18
C TYR A 491 13.98 -3.75 -52.95
N PHE A 492 15.30 -3.82 -53.04
CA PHE A 492 16.17 -3.45 -51.93
C PHE A 492 16.00 -1.97 -51.56
N MET A 493 15.69 -1.14 -52.54
CA MET A 493 15.53 0.29 -52.33
C MET A 493 14.44 0.73 -51.35
N SER A 494 13.28 0.08 -51.39
CA SER A 494 12.18 0.47 -50.51
C SER A 494 12.42 0.28 -49.01
N ILE A 495 12.12 1.33 -48.24
CA ILE A 495 12.27 1.24 -46.80
C ILE A 495 11.26 0.19 -46.35
N PHE A 496 10.05 0.28 -46.92
CA PHE A 496 8.96 -0.63 -46.62
C PHE A 496 9.25 -2.05 -47.11
N ASN A 497 9.89 -2.12 -48.27
CA ASN A 497 10.24 -3.40 -48.87
C ASN A 497 11.19 -4.20 -48.00
N ARG A 498 12.12 -3.52 -47.35
CA ARG A 498 13.10 -4.19 -46.51
C ARG A 498 12.41 -4.99 -45.41
N PHE A 499 11.29 -4.46 -44.91
CA PHE A 499 10.59 -5.11 -43.81
C PHE A 499 9.78 -6.30 -44.29
N ASP A 500 9.26 -6.23 -45.51
CA ASP A 500 8.51 -7.32 -46.12
C ASP A 500 9.40 -8.55 -46.31
N CYS A 501 10.69 -8.32 -46.50
CA CYS A 501 11.67 -9.39 -46.40
C CYS A 501 11.70 -9.99 -45.00
N PHE A 502 11.57 -9.16 -43.97
CA PHE A 502 11.81 -9.63 -42.61
C PHE A 502 10.62 -10.43 -42.09
N VAL A 503 9.42 -10.15 -42.60
CA VAL A 503 8.20 -10.80 -42.12
C VAL A 503 8.23 -12.28 -42.43
N VAL A 504 8.33 -12.62 -43.72
CA VAL A 504 8.13 -14.00 -44.15
C VAL A 504 9.30 -14.87 -43.72
N CYS A 505 10.49 -14.29 -43.65
CA CYS A 505 11.65 -15.03 -43.18
C CYS A 505 11.49 -15.41 -41.71
N SER A 506 11.13 -14.45 -40.85
CA SER A 506 10.88 -14.80 -39.47
C SER A 506 9.45 -15.28 -39.27
N GLY A 507 8.64 -15.21 -40.32
CA GLY A 507 7.27 -15.65 -40.26
C GLY A 507 7.25 -17.16 -40.48
N ILE A 508 8.17 -17.62 -41.31
CA ILE A 508 8.31 -19.03 -41.61
C ILE A 508 9.41 -19.66 -40.73
N LEU A 509 10.16 -18.79 -40.05
CA LEU A 509 11.22 -19.24 -39.16
C LEU A 509 10.64 -19.85 -37.89
N GLU A 510 9.47 -19.34 -37.49
CA GLU A 510 8.78 -19.84 -36.31
C GLU A 510 7.94 -21.07 -36.67
N LEU A 511 7.73 -21.29 -37.97
CA LEU A 511 6.96 -22.44 -38.46
C LEU A 511 7.65 -23.74 -38.08
N LEU A 512 8.97 -23.75 -38.18
CA LEU A 512 9.76 -24.93 -37.83
C LEU A 512 10.31 -24.82 -36.41
N LEU A 513 10.38 -23.60 -35.90
CA LEU A 513 10.88 -23.36 -34.56
C LEU A 513 9.97 -24.00 -33.51
N VAL A 514 8.75 -23.49 -33.41
CA VAL A 514 7.77 -24.02 -32.46
C VAL A 514 7.59 -25.51 -32.68
N GLU A 515 8.05 -25.98 -33.84
CA GLU A 515 7.95 -27.40 -34.19
C GLU A 515 9.17 -28.19 -33.75
N SER A 516 10.30 -27.49 -33.60
CA SER A 516 11.53 -28.13 -33.17
C SER A 516 11.32 -28.86 -31.84
N GLY A 517 10.89 -28.13 -30.82
CA GLY A 517 10.65 -28.71 -29.52
C GLY A 517 11.23 -27.92 -28.36
N ALA A 518 12.01 -26.90 -28.67
CA ALA A 518 12.63 -26.06 -27.64
C ALA A 518 11.65 -25.01 -27.13
N MET A 519 11.87 -23.76 -27.57
CA MET A 519 11.02 -22.64 -27.20
C MET A 519 10.79 -22.46 -25.69
N THR A 520 9.83 -23.17 -25.13
CA THR A 520 9.51 -23.03 -23.72
C THR A 520 8.17 -22.30 -23.59
N PRO A 521 7.67 -22.11 -22.36
CA PRO A 521 6.39 -21.44 -22.12
C PRO A 521 6.48 -19.92 -21.99
N LEU A 522 7.24 -19.26 -22.86
CA LEU A 522 7.34 -17.80 -22.85
C LEU A 522 7.88 -17.23 -24.16
N GLY A 523 8.61 -18.06 -24.91
CA GLY A 523 9.17 -17.63 -26.17
C GLY A 523 8.16 -17.83 -27.28
N ILE A 524 7.49 -18.97 -27.24
CA ILE A 524 6.48 -19.31 -28.23
C ILE A 524 5.44 -18.19 -28.28
N SER A 525 5.49 -17.30 -27.29
CA SER A 525 4.56 -16.18 -27.21
C SER A 525 5.14 -14.94 -27.88
N VAL A 526 6.23 -14.43 -27.32
CA VAL A 526 6.90 -13.25 -27.86
C VAL A 526 7.02 -13.32 -29.37
N LEU A 527 6.94 -14.54 -29.88
CA LEU A 527 7.02 -14.78 -31.32
C LEU A 527 5.68 -14.44 -31.94
N ARG A 528 4.63 -14.96 -31.31
CA ARG A 528 3.26 -14.75 -31.77
C ARG A 528 2.86 -13.29 -31.98
N CYS A 529 3.21 -12.43 -31.02
CA CYS A 529 2.84 -11.02 -31.12
C CYS A 529 3.41 -10.33 -32.36
N ILE A 530 4.64 -10.65 -32.71
CA ILE A 530 5.30 -10.04 -33.87
C ILE A 530 4.38 -9.88 -35.07
N ARG A 531 3.46 -10.83 -35.25
CA ARG A 531 2.52 -10.76 -36.36
C ARG A 531 1.87 -9.38 -36.37
N LEU A 532 1.88 -8.74 -35.21
CA LEU A 532 1.36 -7.39 -35.04
C LEU A 532 2.12 -6.36 -35.88
N LEU A 533 3.40 -6.62 -36.12
CA LEU A 533 4.26 -5.71 -36.86
C LEU A 533 3.79 -5.47 -38.30
N ARG A 534 2.98 -6.38 -38.83
CA ARG A 534 2.49 -6.26 -40.20
C ARG A 534 1.66 -5.00 -40.43
N LEU A 535 1.06 -4.45 -39.39
CA LEU A 535 0.26 -3.25 -39.55
C LEU A 535 1.12 -2.13 -40.09
N PHE A 536 2.42 -2.18 -39.78
CA PHE A 536 3.34 -1.16 -40.24
C PHE A 536 3.42 -1.10 -41.76
N LYS A 537 3.07 -2.21 -42.41
CA LYS A 537 3.09 -2.29 -43.87
C LYS A 537 2.12 -1.23 -44.40
N ILE A 538 1.01 -1.05 -43.71
CA ILE A 538 -0.01 -0.07 -44.08
C ILE A 538 0.53 1.35 -43.99
N THR A 539 1.58 1.52 -43.19
CA THR A 539 2.16 2.84 -43.03
C THR A 539 2.58 3.30 -44.41
N LYS A 540 3.09 2.37 -45.21
CA LYS A 540 3.50 2.73 -46.56
C LYS A 540 2.44 3.59 -47.25
N TYR A 541 1.16 3.23 -47.07
CA TYR A 541 0.08 4.00 -47.66
C TYR A 541 -0.31 5.17 -46.77
N TRP A 542 0.20 5.15 -45.54
CA TRP A 542 -0.06 6.21 -44.58
C TRP A 542 1.04 7.27 -44.67
N THR A 543 0.85 8.23 -45.58
CA THR A 543 1.83 9.29 -45.78
C THR A 543 2.05 10.13 -44.52
N SER A 544 0.96 10.51 -43.86
CA SER A 544 1.02 11.32 -42.66
C SER A 544 1.97 10.74 -41.61
N LEU A 545 1.78 9.46 -41.31
CA LEU A 545 2.61 8.77 -40.32
C LEU A 545 4.10 8.90 -40.62
N SER A 546 4.47 8.69 -41.88
CA SER A 546 5.86 8.76 -42.30
C SER A 546 6.52 10.07 -41.89
N ASN A 547 5.87 11.20 -42.15
CA ASN A 547 6.43 12.50 -41.81
C ASN A 547 6.39 12.86 -40.32
N LEU A 548 5.19 12.83 -39.75
CA LEU A 548 5.01 13.15 -38.34
C LEU A 548 6.05 12.41 -37.52
N VAL A 549 6.46 11.24 -38.01
CA VAL A 549 7.45 10.43 -37.35
C VAL A 549 8.79 11.15 -37.31
N ALA A 550 9.18 11.75 -38.43
CA ALA A 550 10.44 12.48 -38.51
C ALA A 550 10.33 13.70 -37.60
N SER A 551 9.14 14.27 -37.55
CA SER A 551 8.94 15.43 -36.71
C SER A 551 9.20 15.06 -35.25
N LEU A 552 8.68 13.90 -34.86
CA LEU A 552 8.84 13.41 -33.49
C LEU A 552 10.27 13.00 -33.19
N LEU A 553 10.97 12.56 -34.23
CA LEU A 553 12.35 12.13 -34.10
C LEU A 553 13.26 13.34 -34.01
N ASN A 554 12.79 14.51 -34.36
CA ASN A 554 13.67 15.67 -34.25
C ASN A 554 13.72 16.21 -32.83
N SER A 555 12.57 16.25 -32.18
CA SER A 555 12.50 16.73 -30.81
C SER A 555 13.26 15.80 -29.87
N ILE A 556 13.13 14.49 -30.10
CA ILE A 556 13.82 13.53 -29.25
C ILE A 556 15.31 13.53 -29.54
N ARG A 557 15.72 14.23 -30.60
CA ARG A 557 17.13 14.31 -30.95
C ARG A 557 17.82 15.49 -30.29
N SER A 558 17.07 16.56 -30.07
CA SER A 558 17.60 17.77 -29.45
C SER A 558 17.78 17.60 -27.95
N ILE A 559 16.75 17.10 -27.28
CA ILE A 559 16.79 16.89 -25.84
C ILE A 559 17.64 15.69 -25.45
N ALA A 560 18.40 15.17 -26.41
CA ALA A 560 19.26 14.01 -26.16
C ALA A 560 20.22 14.24 -25.00
N SER A 561 20.83 15.42 -24.97
CA SER A 561 21.78 15.75 -23.91
C SER A 561 21.07 16.00 -22.59
N LEU A 562 19.82 16.42 -22.61
CA LEU A 562 19.10 16.61 -21.35
C LEU A 562 18.74 15.24 -20.77
N LEU A 563 18.30 14.35 -21.65
CA LEU A 563 17.91 12.99 -21.27
C LEU A 563 19.03 12.22 -20.62
N LEU A 564 20.25 12.39 -21.10
CA LEU A 564 21.38 11.68 -20.51
C LEU A 564 21.55 12.11 -19.07
N LEU A 565 21.39 13.41 -18.84
CA LEU A 565 21.53 13.96 -17.51
C LEU A 565 20.47 13.37 -16.58
N LEU A 566 19.27 13.17 -17.08
CA LEU A 566 18.21 12.60 -16.25
C LEU A 566 18.62 11.21 -15.77
N PHE A 567 19.14 10.40 -16.68
CA PHE A 567 19.59 9.05 -16.35
C PHE A 567 20.74 9.09 -15.34
N LEU A 568 21.65 10.04 -15.55
CA LEU A 568 22.78 10.18 -14.65
C LEU A 568 22.30 10.53 -13.25
N PHE A 569 21.24 11.33 -13.17
CA PHE A 569 20.66 11.72 -11.90
C PHE A 569 20.04 10.50 -11.21
N ILE A 570 19.29 9.73 -11.99
CA ILE A 570 18.64 8.52 -11.50
C ILE A 570 19.62 7.48 -10.96
N ILE A 571 20.67 7.18 -11.71
CA ILE A 571 21.67 6.22 -11.30
C ILE A 571 22.31 6.64 -9.96
N ILE A 572 22.70 7.90 -9.86
CA ILE A 572 23.31 8.40 -8.64
C ILE A 572 22.42 8.23 -7.42
N PHE A 573 21.15 8.58 -7.56
CA PHE A 573 20.22 8.45 -6.46
C PHE A 573 19.94 7.00 -6.15
N ALA A 574 19.93 6.16 -7.17
CA ALA A 574 19.73 4.74 -6.97
C ALA A 574 20.85 4.22 -6.09
N LEU A 575 22.07 4.68 -6.37
CA LEU A 575 23.24 4.27 -5.60
C LEU A 575 23.20 4.79 -4.17
N LEU A 576 22.77 6.03 -4.00
CA LEU A 576 22.68 6.62 -2.68
C LEU A 576 21.65 5.85 -1.87
N GLY A 577 20.65 5.34 -2.57
CA GLY A 577 19.59 4.57 -1.96
C GLY A 577 20.20 3.28 -1.46
N MET A 578 20.86 2.57 -2.37
CA MET A 578 21.52 1.34 -2.02
C MET A 578 22.37 1.54 -0.79
N GLN A 579 22.89 2.75 -0.62
CA GLN A 579 23.73 3.06 0.54
C GLN A 579 23.09 3.42 1.88
N LEU A 580 21.99 4.16 1.85
CA LEU A 580 21.30 4.52 3.04
C LEU A 580 20.26 3.47 3.42
N PHE A 581 19.64 2.84 2.43
CA PHE A 581 18.59 1.86 2.72
C PHE A 581 18.79 0.40 2.34
N GLY A 582 19.92 0.07 1.73
CA GLY A 582 20.18 -1.30 1.32
C GLY A 582 20.41 -2.22 2.49
N GLY A 583 19.63 -3.29 2.55
CA GLY A 583 19.74 -4.27 3.61
C GLY A 583 19.25 -3.81 4.97
N ARG A 584 18.31 -2.87 4.99
CA ARG A 584 17.78 -2.37 6.26
C ARG A 584 16.28 -2.58 6.41
N TYR A 585 15.59 -2.85 5.32
CA TYR A 585 14.15 -3.08 5.41
C TYR A 585 13.92 -4.45 6.05
N ASP A 586 14.71 -4.73 7.08
CA ASP A 586 14.65 -6.01 7.76
C ASP A 586 13.90 -5.93 9.07
N PHE A 587 12.63 -5.57 8.99
CA PHE A 587 11.78 -5.48 10.16
C PHE A 587 11.21 -6.87 10.42
N GLU A 588 10.98 -7.19 11.69
CA GLU A 588 10.45 -8.50 12.06
C GLU A 588 8.93 -8.61 11.93
N ASP A 589 8.40 -8.25 10.77
CA ASP A 589 6.98 -8.33 10.50
C ASP A 589 6.82 -9.22 9.29
N THR A 590 5.59 -9.61 8.98
CA THR A 590 5.34 -10.46 7.83
C THR A 590 4.82 -9.63 6.66
N GLU A 591 4.87 -8.31 6.83
CA GLU A 591 4.42 -7.39 5.80
C GLU A 591 5.51 -7.24 4.74
N VAL A 592 5.12 -7.37 3.48
CA VAL A 592 6.08 -7.29 2.38
C VAL A 592 6.22 -5.89 1.78
N ARG A 593 7.46 -5.43 1.70
CA ARG A 593 7.79 -4.13 1.14
C ARG A 593 8.54 -4.33 -0.15
N ARG A 594 7.81 -4.35 -1.26
CA ARG A 594 8.35 -4.59 -2.58
C ARG A 594 9.25 -3.50 -3.12
N SER A 595 9.11 -2.28 -2.62
CA SER A 595 9.91 -1.16 -3.10
C SER A 595 11.08 -0.83 -2.18
N ASN A 596 12.20 -1.49 -2.39
CA ASN A 596 13.38 -1.24 -1.57
C ASN A 596 14.59 -0.89 -2.41
N PHE A 597 15.77 -1.06 -1.82
CA PHE A 597 17.02 -0.77 -2.50
C PHE A 597 18.00 -1.89 -2.25
N ASP A 598 17.52 -3.12 -2.28
CA ASP A 598 18.35 -4.30 -2.02
C ASP A 598 19.43 -4.57 -3.05
N ASN A 599 19.15 -4.28 -4.32
CA ASN A 599 20.12 -4.45 -5.39
C ASN A 599 19.96 -3.28 -6.34
N PHE A 600 20.73 -3.26 -7.42
CA PHE A 600 20.65 -2.17 -8.36
C PHE A 600 19.33 -2.09 -9.13
N PRO A 601 18.90 -3.26 -9.76
CA PRO A 601 17.63 -3.13 -10.48
C PRO A 601 16.45 -2.65 -9.64
N GLN A 602 16.30 -3.22 -8.46
CA GLN A 602 15.22 -2.84 -7.56
C GLN A 602 15.32 -1.38 -7.16
N ALA A 603 16.53 -0.94 -6.82
CA ALA A 603 16.76 0.43 -6.42
C ALA A 603 16.41 1.38 -7.56
N LEU A 604 16.65 0.96 -8.80
CA LEU A 604 16.34 1.78 -9.97
C LEU A 604 14.84 2.00 -10.08
N ILE A 605 14.09 0.92 -9.91
CA ILE A 605 12.65 0.93 -9.97
C ILE A 605 12.07 1.83 -8.88
N SER A 606 12.58 1.70 -7.67
CA SER A 606 12.10 2.51 -6.55
C SER A 606 12.32 4.00 -6.80
N VAL A 607 13.47 4.35 -7.37
CA VAL A 607 13.77 5.74 -7.67
C VAL A 607 12.80 6.23 -8.73
N PHE A 608 12.56 5.42 -9.76
CA PHE A 608 11.63 5.80 -10.81
C PHE A 608 10.24 6.03 -10.23
N GLN A 609 9.90 5.22 -9.24
CA GLN A 609 8.62 5.28 -8.57
C GLN A 609 8.48 6.56 -7.77
N VAL A 610 9.50 6.91 -7.02
CA VAL A 610 9.45 8.14 -6.24
C VAL A 610 9.40 9.30 -7.21
N LEU A 611 9.96 9.11 -8.40
CA LEU A 611 9.97 10.15 -9.42
C LEU A 611 8.59 10.39 -10.02
N THR A 612 7.80 9.35 -10.22
CA THR A 612 6.46 9.55 -10.77
C THR A 612 5.55 10.09 -9.67
N GLY A 613 6.00 9.96 -8.44
CA GLY A 613 5.27 10.43 -7.28
C GLY A 613 4.18 9.49 -6.84
N GLU A 614 4.15 8.29 -7.40
CA GLU A 614 3.13 7.31 -7.04
C GLU A 614 3.49 6.54 -5.79
N ASP A 615 2.87 6.83 -4.66
CA ASP A 615 3.18 6.10 -3.41
C ASP A 615 4.54 6.45 -2.75
N TRP A 616 5.08 7.59 -3.11
CA TRP A 616 6.38 8.03 -2.62
C TRP A 616 6.38 8.21 -1.10
N ASN A 617 5.28 8.68 -0.54
CA ASN A 617 5.22 8.86 0.91
C ASN A 617 5.34 7.51 1.63
N SER A 618 4.72 6.47 1.07
CA SER A 618 4.81 5.13 1.64
C SER A 618 6.25 4.68 1.56
N VAL A 619 6.91 4.95 0.46
CA VAL A 619 8.32 4.56 0.35
C VAL A 619 9.15 5.27 1.43
N MET A 620 8.88 6.54 1.67
CA MET A 620 9.61 7.32 2.66
C MET A 620 9.46 6.80 4.09
N TYR A 621 8.29 6.29 4.40
CA TYR A 621 7.94 5.81 5.74
C TYR A 621 8.82 4.62 6.07
N ASN A 622 9.03 3.76 5.08
CA ASN A 622 9.88 2.59 5.28
C ASN A 622 11.28 3.05 5.64
N GLY A 623 11.78 4.02 4.87
CA GLY A 623 13.10 4.56 5.10
C GLY A 623 13.26 5.15 6.48
N ILE A 624 12.22 5.81 6.96
CA ILE A 624 12.25 6.42 8.28
C ILE A 624 12.26 5.35 9.35
N MET A 625 11.46 4.32 9.17
CA MET A 625 11.41 3.22 10.11
C MET A 625 12.72 2.45 10.09
N ALA A 626 13.50 2.59 9.03
CA ALA A 626 14.74 1.84 8.95
C ALA A 626 15.82 2.48 9.82
N TYR A 627 15.49 3.62 10.40
CA TYR A 627 16.43 4.34 11.25
C TYR A 627 15.88 4.56 12.64
N GLY A 628 15.03 3.66 13.09
CA GLY A 628 14.46 3.77 14.42
C GLY A 628 13.05 4.29 14.53
N GLY A 629 12.69 5.23 13.67
CA GLY A 629 11.36 5.80 13.71
C GLY A 629 11.40 7.31 13.64
N PRO A 630 10.20 7.94 13.96
CA PRO A 630 10.25 9.40 13.86
C PRO A 630 10.98 10.15 14.98
N SER A 631 12.29 9.95 15.09
CA SER A 631 13.07 10.63 16.12
C SER A 631 14.12 11.52 15.46
N TYR A 632 14.72 12.40 16.25
CA TYR A 632 15.73 13.34 15.76
C TYR A 632 16.50 12.92 14.51
N PRO A 633 17.58 12.08 14.73
CA PRO A 633 18.32 11.72 13.49
C PRO A 633 17.56 10.78 12.58
N GLY A 634 16.83 9.85 13.15
CA GLY A 634 16.07 8.90 12.35
C GLY A 634 15.22 9.56 11.29
N VAL A 635 14.63 10.71 11.58
CA VAL A 635 13.78 11.40 10.61
C VAL A 635 14.56 12.15 9.54
N LEU A 636 15.72 12.69 9.91
CA LEU A 636 16.53 13.44 8.96
C LEU A 636 16.74 12.69 7.67
N VAL A 637 16.42 11.41 7.55
CA VAL A 637 16.56 10.73 6.23
C VAL A 637 15.51 11.19 5.14
N CYS A 638 14.40 11.68 5.68
CA CYS A 638 13.32 12.17 4.85
C CYS A 638 13.82 13.29 3.94
N ILE A 639 14.94 13.90 4.28
CA ILE A 639 15.47 14.99 3.46
C ILE A 639 15.99 14.40 2.14
N TYR A 640 16.37 13.14 2.15
CA TYR A 640 16.79 12.47 0.92
C TYR A 640 15.65 12.42 -0.11
N PHE A 641 14.49 11.94 0.31
CA PHE A 641 13.32 11.83 -0.57
C PHE A 641 12.84 13.20 -1.05
N ILE A 642 12.79 14.17 -0.16
CA ILE A 642 12.36 15.50 -0.55
C ILE A 642 13.22 15.93 -1.72
N ILE A 643 14.53 16.03 -1.52
CA ILE A 643 15.46 16.41 -2.58
C ILE A 643 15.24 15.64 -3.88
N LEU A 644 15.21 14.31 -3.80
CA LEU A 644 15.00 13.47 -4.96
C LEU A 644 13.80 14.01 -5.73
N PHE A 645 12.60 13.78 -5.21
CA PHE A 645 11.36 14.25 -5.84
C PHE A 645 11.51 15.63 -6.46
N VAL A 646 11.64 16.66 -5.63
CA VAL A 646 11.78 18.02 -6.11
C VAL A 646 12.75 18.19 -7.28
N CYS A 647 14.03 17.88 -7.12
CA CYS A 647 14.98 18.07 -8.22
C CYS A 647 14.73 17.26 -9.51
N GLY A 648 14.48 15.97 -9.36
CA GLY A 648 14.23 15.12 -10.50
C GLY A 648 13.08 15.66 -11.31
N ASN A 649 12.07 16.16 -10.60
CA ASN A 649 10.91 16.72 -11.23
C ASN A 649 11.19 18.05 -11.89
N TYR A 650 12.23 18.74 -11.44
CA TYR A 650 12.63 19.98 -12.07
C TYR A 650 13.30 19.64 -13.40
N ILE A 651 14.07 18.56 -13.42
CA ILE A 651 14.69 18.14 -14.66
C ILE A 651 13.60 17.70 -15.64
N LEU A 652 12.58 17.03 -15.12
CA LEU A 652 11.50 16.58 -15.98
C LEU A 652 10.84 17.79 -16.61
N LEU A 653 10.67 18.84 -15.82
CA LEU A 653 10.08 20.06 -16.29
C LEU A 653 10.88 20.55 -17.48
N ASN A 654 12.17 20.73 -17.30
CA ASN A 654 13.02 21.20 -18.38
C ASN A 654 12.80 20.36 -19.63
N VAL A 655 12.97 19.05 -19.53
CA VAL A 655 12.76 18.19 -20.68
C VAL A 655 11.45 18.49 -21.39
N PHE A 656 10.33 18.37 -20.69
CA PHE A 656 9.00 18.61 -21.28
C PHE A 656 8.79 20.00 -21.87
N LEU A 657 9.28 21.01 -21.15
CA LEU A 657 9.19 22.39 -21.59
C LEU A 657 10.05 22.61 -22.81
N ALA A 658 11.25 22.06 -22.80
CA ALA A 658 12.13 22.22 -23.94
C ALA A 658 11.55 21.52 -25.16
N ILE A 659 11.03 20.32 -24.95
CA ILE A 659 10.48 19.58 -26.05
C ILE A 659 9.32 20.36 -26.61
N ALA A 660 8.43 20.84 -25.76
CA ALA A 660 7.28 21.57 -26.25
C ALA A 660 7.71 22.82 -26.99
N VAL A 661 8.58 23.61 -26.37
CA VAL A 661 8.96 24.87 -26.97
C VAL A 661 9.64 24.69 -28.30
N ASP A 662 10.58 23.77 -28.38
CA ASP A 662 11.25 23.54 -29.66
C ASP A 662 10.22 22.99 -30.62
N ASN A 663 9.44 22.02 -30.16
CA ASN A 663 8.43 21.38 -30.99
C ASN A 663 7.36 22.32 -31.48
N LEU A 664 6.83 23.13 -30.57
CA LEU A 664 5.79 24.07 -30.96
C LEU A 664 6.39 25.04 -31.94
N ALA A 665 7.61 25.47 -31.67
CA ALA A 665 8.23 26.43 -32.55
C ALA A 665 8.39 25.86 -33.94
N GLU A 666 8.84 24.62 -34.04
CA GLU A 666 9.04 24.02 -35.35
C GLU A 666 7.70 23.91 -36.06
N ALA A 667 6.67 23.51 -35.32
CA ALA A 667 5.37 23.35 -35.94
C ALA A 667 4.87 24.67 -36.50
N GLU A 668 5.03 25.76 -35.75
CA GLU A 668 4.57 27.04 -36.27
C GLU A 668 5.40 27.45 -37.46
N SER A 669 6.71 27.27 -37.30
CA SER A 669 7.72 27.60 -38.28
C SER A 669 7.75 26.82 -39.58
N LEU A 670 7.49 25.51 -39.53
CA LEU A 670 7.59 24.75 -40.76
C LEU A 670 6.22 24.48 -41.36
N THR A 671 5.18 24.39 -40.53
CA THR A 671 3.82 24.29 -41.07
C THR A 671 3.45 25.57 -41.79
N SER A 672 3.86 26.72 -41.25
CA SER A 672 3.71 27.98 -41.96
C SER A 672 4.63 28.05 -43.15
N ALA A 673 5.82 27.44 -43.05
CA ALA A 673 6.75 27.41 -44.17
C ALA A 673 6.25 26.51 -45.28
N GLN A 674 5.62 25.37 -44.93
CA GLN A 674 4.99 24.54 -45.95
C GLN A 674 3.69 25.17 -46.42
N LYS A 675 3.15 26.13 -45.68
CA LYS A 675 2.00 26.88 -46.15
C LYS A 675 2.40 27.97 -47.14
N ALA A 676 3.51 28.67 -46.88
CA ALA A 676 4.06 29.57 -47.89
C ALA A 676 4.63 28.79 -49.07
N LYS A 677 4.99 27.52 -48.83
CA LYS A 677 5.31 26.59 -49.92
C LYS A 677 4.04 26.15 -50.65
N ALA A 678 2.89 26.18 -49.95
CA ALA A 678 1.69 25.55 -50.48
C ALA A 678 1.08 26.34 -51.62
N GLU A 679 0.50 27.51 -51.29
CA GLU A 679 -0.39 28.15 -52.25
C GLU A 679 0.40 28.97 -53.26
N GLU A 680 1.71 29.09 -53.08
CA GLU A 680 2.55 29.66 -54.12
C GLU A 680 2.73 28.70 -55.29
N ARG A 681 2.56 27.40 -55.03
CA ARG A 681 2.52 26.44 -56.14
C ARG A 681 1.18 26.45 -56.86
N LYS A 682 0.08 26.58 -56.10
CA LYS A 682 -1.24 26.47 -56.72
C LYS A 682 -1.64 27.75 -57.45
N ARG A 683 -0.95 28.86 -57.18
CA ARG A 683 -1.12 30.05 -58.01
C ARG A 683 -0.42 29.90 -59.36
N ARG A 684 0.43 28.89 -59.54
CA ARG A 684 1.21 28.77 -60.76
C ARG A 684 0.40 28.12 -61.89
N LYS A 685 -0.32 27.03 -61.59
CA LYS A 685 -1.14 26.42 -62.64
C LYS A 685 -2.38 27.26 -62.92
N MET A 686 -2.82 28.05 -61.94
CA MET A 686 -3.86 29.04 -62.16
C MET A 686 -3.36 30.21 -62.99
N SER A 687 -2.08 30.55 -62.88
CA SER A 687 -1.50 31.62 -63.70
C SER A 687 -0.36 31.11 -64.57
N VAL A 788 -51.61 38.16 -28.73
CA VAL A 788 -51.15 38.97 -29.85
C VAL A 788 -49.61 38.95 -29.83
N ARG A 789 -49.01 38.86 -31.03
CA ARG A 789 -47.64 38.38 -31.20
C ARG A 789 -46.59 39.33 -30.63
N VAL A 790 -46.98 40.56 -30.29
CA VAL A 790 -46.00 41.60 -30.02
C VAL A 790 -45.67 41.70 -28.53
N LEU A 791 -46.68 41.60 -27.65
CA LEU A 791 -46.40 41.84 -26.23
C LEU A 791 -45.82 40.59 -25.56
N CYS A 792 -46.04 39.42 -26.13
CA CYS A 792 -45.38 38.23 -25.60
C CYS A 792 -43.92 38.18 -26.04
N HIS A 793 -43.60 38.81 -27.17
CA HIS A 793 -42.21 39.12 -27.50
C HIS A 793 -41.68 40.21 -26.58
N ARG A 794 -42.53 41.13 -26.15
CA ARG A 794 -42.07 42.17 -25.26
C ARG A 794 -41.63 41.58 -23.94
N ILE A 795 -42.45 40.69 -23.37
CA ILE A 795 -42.12 40.04 -22.11
C ILE A 795 -40.94 39.08 -22.25
N VAL A 796 -40.97 38.26 -23.31
CA VAL A 796 -39.90 37.31 -23.54
C VAL A 796 -38.63 38.08 -23.83
N ASN A 797 -38.78 39.10 -24.66
CA ASN A 797 -37.67 39.96 -25.03
C ASN A 797 -37.15 40.77 -23.84
N ALA A 798 -38.07 41.22 -23.00
CA ALA A 798 -37.69 42.03 -21.85
C ALA A 798 -36.60 41.38 -21.00
N THR A 799 -35.68 42.22 -20.54
CA THR A 799 -34.55 41.81 -19.72
C THR A 799 -34.89 41.19 -18.36
N TRP A 800 -35.91 41.71 -17.69
CA TRP A 800 -36.27 41.21 -16.37
C TRP A 800 -36.66 39.73 -16.39
N PHE A 801 -37.38 39.32 -17.43
CA PHE A 801 -37.78 37.93 -17.57
C PHE A 801 -36.61 37.00 -17.34
N THR A 802 -35.43 37.39 -17.81
CA THR A 802 -34.28 36.51 -17.71
C THR A 802 -33.83 36.36 -16.26
N ASN A 803 -33.78 37.46 -15.52
CA ASN A 803 -33.33 37.38 -14.14
C ASN A 803 -34.42 36.79 -13.25
N PHE A 804 -35.61 36.59 -13.80
CA PHE A 804 -36.64 35.84 -13.12
C PHE A 804 -36.56 34.36 -13.46
N ILE A 805 -35.96 34.03 -14.60
CA ILE A 805 -35.83 32.62 -14.97
C ILE A 805 -34.51 32.04 -14.48
N LEU A 806 -33.42 32.79 -14.59
CA LEU A 806 -32.14 32.23 -14.18
C LEU A 806 -31.99 32.16 -12.67
N LEU A 807 -33.02 32.54 -11.91
CA LEU A 807 -33.09 32.10 -10.53
C LEU A 807 -34.25 31.13 -10.33
N PHE A 808 -34.76 30.54 -11.40
CA PHE A 808 -35.48 29.28 -11.23
C PHE A 808 -34.62 28.10 -11.67
N ILE A 809 -33.58 28.34 -12.45
CA ILE A 809 -32.57 27.33 -12.63
C ILE A 809 -31.70 27.23 -11.39
N LEU A 810 -31.54 28.34 -10.67
CA LEU A 810 -30.81 28.31 -9.40
C LEU A 810 -31.61 27.62 -8.30
N LEU A 811 -32.92 27.50 -8.45
CA LEU A 811 -33.67 26.76 -7.45
C LEU A 811 -33.86 25.31 -7.86
N SER A 812 -33.95 25.05 -9.15
CA SER A 812 -34.21 23.68 -9.57
C SER A 812 -32.95 22.85 -9.53
N SER A 813 -31.80 23.50 -9.57
CA SER A 813 -30.54 22.80 -9.44
C SER A 813 -30.16 22.62 -7.99
N ALA A 814 -30.82 23.34 -7.09
CA ALA A 814 -30.65 23.02 -5.68
C ALA A 814 -31.60 21.91 -5.26
N ALA A 815 -32.65 21.69 -6.03
CA ALA A 815 -33.58 20.62 -5.72
C ALA A 815 -33.09 19.27 -6.24
N LEU A 816 -32.27 19.26 -7.27
CA LEU A 816 -31.64 18.01 -7.68
C LEU A 816 -30.57 17.60 -6.69
N ALA A 817 -29.97 18.56 -6.02
CA ALA A 817 -28.82 18.24 -5.19
C ALA A 817 -29.24 18.02 -3.75
N ALA A 818 -30.50 18.21 -3.43
CA ALA A 818 -30.93 18.04 -2.06
C ALA A 818 -31.63 16.72 -1.87
N GLU A 819 -31.63 15.91 -2.90
CA GLU A 819 -32.38 14.68 -2.89
C GLU A 819 -31.65 13.66 -2.03
N ASP A 820 -32.38 12.76 -1.45
CA ASP A 820 -31.85 11.74 -0.57
C ASP A 820 -31.75 10.45 -1.35
N PRO A 821 -30.58 9.82 -1.43
CA PRO A 821 -30.45 8.66 -2.30
C PRO A 821 -31.03 7.37 -1.74
N ILE A 822 -30.85 7.10 -0.45
CA ILE A 822 -31.12 5.77 0.07
C ILE A 822 -32.59 5.59 0.39
N ARG A 823 -33.24 6.58 0.96
CA ARG A 823 -34.61 6.44 1.46
C ARG A 823 -35.54 7.19 0.53
N ALA A 824 -36.37 6.48 -0.22
CA ALA A 824 -37.29 7.18 -1.10
C ALA A 824 -38.59 7.52 -0.39
N GLU A 825 -38.77 7.00 0.82
CA GLU A 825 -39.96 7.20 1.62
C GLU A 825 -39.79 8.31 2.63
N SER A 826 -38.77 9.15 2.47
CA SER A 826 -38.54 10.21 3.43
C SER A 826 -39.54 11.32 3.22
N VAL A 827 -39.76 12.09 4.28
CA VAL A 827 -40.53 13.32 4.14
C VAL A 827 -39.74 14.35 3.34
N ARG A 828 -38.41 14.27 3.40
CA ARG A 828 -37.59 15.18 2.59
C ARG A 828 -37.76 14.87 1.12
N ASN A 829 -37.73 13.60 0.76
CA ASN A 829 -37.79 13.23 -0.64
C ASN A 829 -39.20 13.43 -1.19
N GLN A 830 -40.21 13.43 -0.32
CA GLN A 830 -41.57 13.78 -0.75
C GLN A 830 -41.71 15.27 -0.96
N ILE A 831 -41.18 16.07 -0.03
CA ILE A 831 -41.46 17.50 -0.02
C ILE A 831 -40.53 18.23 -0.99
N LEU A 832 -39.51 17.53 -1.48
CA LEU A 832 -38.74 18.03 -2.62
C LEU A 832 -39.43 17.66 -3.93
N GLY A 833 -40.31 16.67 -3.88
CA GLY A 833 -41.02 16.27 -5.08
C GLY A 833 -42.13 17.25 -5.45
N TYR A 834 -42.58 18.05 -4.47
CA TYR A 834 -43.54 19.09 -4.80
C TYR A 834 -42.83 20.29 -5.41
N PHE A 835 -41.57 20.49 -5.03
CA PHE A 835 -40.74 21.50 -5.68
C PHE A 835 -40.37 21.08 -7.08
N ASP A 836 -40.45 19.77 -7.38
CA ASP A 836 -40.35 19.34 -8.76
C ASP A 836 -41.55 19.84 -9.56
N ILE A 837 -42.74 19.73 -8.99
CA ILE A 837 -43.92 20.00 -9.81
C ILE A 837 -44.19 21.49 -9.85
N ALA A 838 -43.50 22.25 -9.00
CA ALA A 838 -43.60 23.71 -9.08
C ALA A 838 -42.89 24.24 -10.32
N PHE A 839 -41.62 23.91 -10.49
CA PHE A 839 -40.82 24.63 -11.47
C PHE A 839 -41.07 24.11 -12.88
N THR A 840 -41.26 22.81 -13.05
CA THR A 840 -41.41 22.30 -14.42
C THR A 840 -42.82 22.54 -14.96
N SER A 841 -43.66 23.26 -14.21
CA SER A 841 -44.76 24.01 -14.82
C SER A 841 -44.28 25.31 -15.43
N VAL A 842 -43.28 25.95 -14.81
CA VAL A 842 -42.90 27.31 -15.20
C VAL A 842 -42.01 27.27 -16.43
N PHE A 843 -41.17 26.25 -16.56
CA PHE A 843 -40.36 26.15 -17.76
C PHE A 843 -41.21 25.70 -18.94
N THR A 844 -42.32 25.01 -18.67
CA THR A 844 -43.34 24.78 -19.70
C THR A 844 -43.90 26.10 -20.21
N VAL A 845 -44.26 26.99 -19.28
CA VAL A 845 -44.77 28.32 -19.59
C VAL A 845 -43.75 29.10 -20.44
N GLU A 846 -42.48 28.93 -20.12
CA GLU A 846 -41.40 29.47 -20.93
C GLU A 846 -41.36 28.82 -22.32
N ILE A 847 -41.68 27.52 -22.42
CA ILE A 847 -41.63 26.81 -23.71
C ILE A 847 -42.76 27.22 -24.64
N VAL A 848 -44.01 27.22 -24.18
CA VAL A 848 -45.14 27.46 -25.07
C VAL A 848 -45.17 28.92 -25.52
N LEU A 849 -44.78 29.83 -24.62
CA LEU A 849 -44.69 31.24 -24.96
C LEU A 849 -43.62 31.50 -26.00
N LYS A 850 -42.57 30.68 -25.99
CA LYS A 850 -41.49 30.79 -26.96
C LYS A 850 -41.90 30.36 -28.36
N MET A 851 -42.80 29.40 -28.48
CA MET A 851 -43.37 29.04 -29.78
C MET A 851 -44.65 29.80 -30.10
N THR A 852 -44.97 30.85 -29.33
CA THR A 852 -45.91 31.85 -29.80
C THR A 852 -45.24 32.87 -30.70
N THR A 853 -44.05 33.35 -30.37
CA THR A 853 -43.38 34.23 -31.33
C THR A 853 -42.70 33.45 -32.44
N TYR A 854 -41.67 32.70 -32.11
CA TYR A 854 -40.87 32.04 -33.14
C TYR A 854 -41.60 30.81 -33.66
N GLY A 855 -41.14 30.28 -34.78
CA GLY A 855 -41.78 29.14 -35.42
C GLY A 855 -41.46 27.81 -34.77
N TYR A 867 -29.84 24.83 -32.66
CA TYR A 867 -29.98 23.46 -32.18
C TYR A 867 -30.30 23.44 -30.70
N PHE A 868 -29.96 24.53 -30.01
CA PHE A 868 -29.95 24.53 -28.54
C PHE A 868 -31.35 24.55 -27.94
N ASN A 869 -32.39 24.63 -28.77
CA ASN A 869 -33.77 24.66 -28.30
C ASN A 869 -34.46 23.33 -28.42
N ILE A 870 -33.77 22.32 -28.97
CA ILE A 870 -34.25 20.95 -28.82
C ILE A 870 -33.87 20.42 -27.44
N LEU A 871 -32.95 21.11 -26.76
CA LEU A 871 -32.64 20.81 -25.37
C LEU A 871 -33.64 21.46 -24.43
N ASP A 872 -34.26 22.56 -24.84
CA ASP A 872 -35.24 23.18 -23.96
C ASP A 872 -36.55 22.43 -24.01
N LEU A 873 -36.83 21.73 -25.11
CA LEU A 873 -38.01 20.91 -25.18
C LEU A 873 -37.87 19.66 -24.33
N LEU A 874 -36.65 19.12 -24.23
CA LEU A 874 -36.51 17.76 -23.73
C LEU A 874 -36.63 17.72 -22.22
N VAL A 875 -35.99 18.67 -21.52
CA VAL A 875 -35.95 18.77 -20.07
C VAL A 875 -37.35 18.82 -19.47
N VAL A 876 -38.21 19.63 -20.09
CA VAL A 876 -39.56 19.87 -19.58
C VAL A 876 -40.42 18.62 -19.70
N ALA A 877 -40.27 17.86 -20.80
CA ALA A 877 -41.04 16.64 -20.97
C ALA A 877 -40.64 15.57 -19.97
N VAL A 878 -39.34 15.48 -19.66
CA VAL A 878 -38.77 14.47 -18.78
C VAL A 878 -39.36 14.50 -17.36
N SER A 879 -39.59 15.71 -16.80
CA SER A 879 -40.15 15.81 -15.46
C SER A 879 -41.60 15.35 -15.41
N LEU A 880 -42.42 15.85 -16.35
CA LEU A 880 -43.83 15.49 -16.41
C LEU A 880 -44.02 14.00 -16.68
N ILE A 881 -43.14 13.41 -17.51
CA ILE A 881 -43.09 11.96 -17.62
C ILE A 881 -42.67 11.31 -16.31
N SER A 882 -41.65 11.84 -15.63
CA SER A 882 -41.15 11.18 -14.43
C SER A 882 -42.02 11.41 -13.20
N MET A 883 -43.08 12.21 -13.31
CA MET A 883 -44.01 12.40 -12.20
C MET A 883 -45.26 11.54 -12.40
N VAL A 892 -38.56 2.90 -18.82
CA VAL A 892 -37.74 2.83 -17.61
C VAL A 892 -37.63 4.19 -16.94
N VAL A 893 -38.30 4.34 -15.81
CA VAL A 893 -38.28 5.59 -15.06
C VAL A 893 -36.88 5.92 -14.54
N LYS A 894 -36.17 4.90 -14.08
CA LYS A 894 -34.84 5.06 -13.51
C LYS A 894 -33.86 5.75 -14.44
N ILE A 895 -33.85 5.34 -15.70
CA ILE A 895 -32.94 5.90 -16.69
C ILE A 895 -33.23 7.38 -16.93
N LEU A 896 -34.50 7.73 -16.92
CA LEU A 896 -34.94 9.11 -17.16
C LEU A 896 -34.42 10.07 -16.08
N ARG A 897 -34.40 9.59 -14.85
CA ARG A 897 -34.06 10.46 -13.73
C ARG A 897 -32.65 11.03 -13.87
N VAL A 898 -31.71 10.22 -14.34
CA VAL A 898 -30.36 10.71 -14.57
C VAL A 898 -30.44 11.80 -15.63
N LEU A 899 -31.29 11.59 -16.63
CA LEU A 899 -31.46 12.55 -17.71
C LEU A 899 -32.30 13.75 -17.25
N ARG A 900 -32.35 13.96 -15.94
CA ARG A 900 -33.11 15.06 -15.37
C ARG A 900 -32.20 16.10 -14.74
N VAL A 901 -30.91 15.78 -14.72
CA VAL A 901 -29.85 16.63 -14.21
C VAL A 901 -29.27 17.48 -15.35
N LEU A 902 -29.82 17.31 -16.53
CA LEU A 902 -29.38 18.02 -17.73
C LEU A 902 -29.82 19.47 -17.72
N ARG A 903 -30.63 19.82 -16.73
CA ARG A 903 -31.16 21.18 -16.60
C ARG A 903 -30.06 22.23 -16.49
N PRO A 904 -29.00 21.95 -15.74
CA PRO A 904 -27.91 22.93 -15.63
C PRO A 904 -27.16 23.11 -16.94
N LEU A 905 -27.59 22.38 -17.96
CA LEU A 905 -26.98 22.47 -19.28
C LEU A 905 -27.83 23.33 -20.21
N ARG A 906 -28.98 23.77 -19.72
CA ARG A 906 -29.87 24.63 -20.48
C ARG A 906 -29.59 26.10 -20.17
N ALA A 907 -28.59 26.32 -19.33
CA ALA A 907 -28.17 27.66 -18.95
C ALA A 907 -26.95 28.06 -19.75
N ILE A 908 -26.60 27.26 -20.75
CA ILE A 908 -25.44 27.54 -21.59
C ILE A 908 -25.82 28.42 -22.78
N ASN A 909 -27.13 28.58 -22.98
CA ASN A 909 -27.63 29.40 -24.08
C ASN A 909 -28.06 30.78 -23.59
N ARG A 910 -28.69 30.81 -22.42
CA ARG A 910 -29.15 32.07 -21.84
C ARG A 910 -28.01 33.07 -21.70
N ALA A 911 -26.88 32.60 -21.17
CA ALA A 911 -25.68 33.42 -21.09
C ALA A 911 -24.83 33.26 -22.35
N LYS A 912 -24.42 34.40 -22.93
CA LYS A 912 -23.61 34.39 -24.13
C LYS A 912 -22.18 33.96 -23.83
N GLY A 913 -21.73 34.19 -22.61
CA GLY A 913 -20.39 33.84 -22.20
C GLY A 913 -20.16 32.34 -22.21
N LEU A 914 -21.15 31.59 -21.73
CA LEU A 914 -21.06 30.14 -21.69
C LEU A 914 -21.13 29.53 -23.08
N LYS A 915 -22.04 30.04 -23.91
CA LYS A 915 -22.20 29.54 -25.26
C LYS A 915 -20.88 29.54 -26.02
N HIS A 916 -20.09 30.61 -25.89
CA HIS A 916 -18.94 30.80 -26.77
C HIS A 916 -17.76 29.94 -26.37
N VAL A 917 -17.72 29.46 -25.14
CA VAL A 917 -16.55 28.74 -24.60
C VAL A 917 -16.66 27.24 -24.82
N VAL A 918 -17.88 26.69 -24.79
CA VAL A 918 -18.10 25.31 -25.22
C VAL A 918 -17.84 25.18 -26.71
N GLN A 919 -17.95 26.29 -27.44
CA GLN A 919 -17.63 26.24 -28.87
C GLN A 919 -16.09 26.12 -29.03
N CYS A 920 -15.36 26.87 -28.23
CA CYS A 920 -13.88 26.88 -28.26
C CYS A 920 -13.30 25.55 -27.82
N VAL A 921 -13.92 24.93 -26.81
CA VAL A 921 -13.46 23.63 -26.31
C VAL A 921 -13.68 22.56 -27.37
N PHE A 922 -14.79 22.67 -28.10
CA PHE A 922 -15.12 21.70 -29.15
C PHE A 922 -14.22 21.88 -30.36
N VAL A 923 -13.60 23.05 -30.46
CA VAL A 923 -12.70 23.35 -31.58
C VAL A 923 -11.28 22.90 -31.29
N ALA A 924 -11.01 22.59 -30.03
CA ALA A 924 -9.68 22.14 -29.61
C ALA A 924 -9.47 20.66 -29.93
N ILE A 925 -10.57 19.94 -30.12
CA ILE A 925 -10.51 18.52 -30.43
C ILE A 925 -10.70 18.27 -31.92
N ARG A 926 -9.99 19.04 -32.74
CA ARG A 926 -10.08 18.91 -34.19
C ARG A 926 -8.70 19.05 -34.84
N THR A 927 -7.75 19.59 -34.08
CA THR A 927 -6.40 19.78 -34.59
C THR A 927 -5.45 18.72 -34.05
N ILE A 928 -6.00 17.64 -33.50
CA ILE A 928 -5.18 16.55 -33.02
C ILE A 928 -5.59 15.32 -33.81
N GLY A 929 -4.89 15.05 -34.92
CA GLY A 929 -5.21 13.90 -35.75
C GLY A 929 -4.08 12.90 -35.94
N ASN A 930 -2.99 13.37 -36.52
CA ASN A 930 -1.81 12.52 -36.77
C ASN A 930 -1.13 12.03 -35.49
N ILE A 931 -1.07 12.90 -34.49
CA ILE A 931 -0.45 12.59 -33.21
C ILE A 931 -1.28 11.64 -32.36
N VAL A 932 -2.58 11.88 -32.31
CA VAL A 932 -3.49 11.02 -31.55
C VAL A 932 -3.49 9.64 -32.18
N LEU A 933 -3.42 9.62 -33.50
CA LEU A 933 -3.43 8.40 -34.27
C LEU A 933 -2.21 7.59 -33.90
N VAL A 934 -1.06 8.25 -33.81
CA VAL A 934 0.16 7.55 -33.44
C VAL A 934 0.05 7.03 -32.02
N THR A 935 -0.52 7.85 -31.15
CA THR A 935 -0.74 7.51 -29.75
C THR A 935 -1.73 6.39 -29.47
N THR A 936 -2.81 6.30 -30.24
CA THR A 936 -3.80 5.28 -30.00
C THR A 936 -3.33 3.97 -30.61
N LEU A 937 -2.36 4.09 -31.52
CA LEU A 937 -1.79 2.93 -32.16
C LEU A 937 -0.84 2.36 -31.14
N LEU A 938 -0.15 3.23 -30.41
CA LEU A 938 0.77 2.82 -29.37
C LEU A 938 0.04 2.09 -28.26
N GLN A 939 -1.01 2.71 -27.74
CA GLN A 939 -1.78 2.11 -26.67
C GLN A 939 -2.21 0.70 -27.05
N PHE A 940 -2.82 0.56 -28.23
CA PHE A 940 -3.29 -0.73 -28.71
C PHE A 940 -2.18 -1.78 -28.83
N MET A 941 -1.05 -1.38 -29.40
CA MET A 941 0.08 -2.25 -29.59
C MET A 941 0.60 -2.77 -28.26
N PHE A 942 0.76 -1.87 -27.31
CA PHE A 942 1.24 -2.24 -25.99
C PHE A 942 0.22 -3.14 -25.30
N ALA A 943 -1.05 -2.91 -25.57
CA ALA A 943 -2.08 -3.74 -24.97
C ALA A 943 -1.88 -5.16 -25.43
N CYS A 944 -1.58 -5.33 -26.72
CA CYS A 944 -1.35 -6.64 -27.30
C CYS A 944 -0.10 -7.28 -26.72
N ILE A 945 0.95 -6.50 -26.55
CA ILE A 945 2.17 -7.07 -25.98
C ILE A 945 1.88 -7.56 -24.56
N GLY A 946 1.05 -6.80 -23.86
CA GLY A 946 0.68 -7.14 -22.50
C GLY A 946 -0.13 -8.40 -22.45
N VAL A 947 -1.03 -8.58 -23.40
CA VAL A 947 -1.85 -9.78 -23.45
C VAL A 947 -0.98 -10.98 -23.77
N GLN A 948 0.08 -10.77 -24.53
CA GLN A 948 0.98 -11.86 -24.89
C GLN A 948 1.92 -12.21 -23.76
N LEU A 949 2.13 -11.28 -22.84
CA LEU A 949 3.04 -11.50 -21.72
C LEU A 949 2.35 -11.92 -20.44
N PHE A 950 1.17 -11.36 -20.17
CA PHE A 950 0.47 -11.64 -18.93
C PHE A 950 -0.92 -12.27 -19.04
N LYS A 951 -1.17 -12.97 -20.14
CA LYS A 951 -2.46 -13.61 -20.36
C LYS A 951 -2.65 -14.79 -19.42
N GLY A 952 -3.65 -14.72 -18.56
CA GLY A 952 -3.94 -15.80 -17.62
C GLY A 952 -2.92 -15.97 -16.52
N LYS A 953 -2.16 -14.92 -16.22
CA LYS A 953 -1.14 -14.97 -15.18
C LYS A 953 -1.40 -14.04 -14.00
N PHE A 954 -2.60 -13.50 -13.90
CA PHE A 954 -2.88 -12.59 -12.80
C PHE A 954 -3.83 -13.18 -11.77
N PHE A 955 -3.70 -14.49 -11.57
CA PHE A 955 -4.47 -15.29 -10.59
C PHE A 955 -3.60 -15.71 -9.40
N SER A 956 -4.18 -15.74 -8.21
CA SER A 956 -3.45 -16.14 -7.00
C SER A 956 -4.37 -16.65 -5.88
N CYS A 957 -3.79 -17.34 -4.90
CA CYS A 957 -4.53 -17.87 -3.77
C CYS A 957 -4.49 -16.98 -2.53
N ASN A 958 -5.41 -17.19 -1.60
CA ASN A 958 -5.47 -16.40 -0.37
C ASN A 958 -4.20 -16.55 0.45
N ASP A 959 -3.72 -17.77 0.59
CA ASP A 959 -2.49 -18.01 1.30
C ASP A 959 -1.61 -18.36 0.13
N LEU A 960 -0.46 -17.69 0.04
CA LEU A 960 0.38 -17.89 -1.09
C LEU A 960 1.19 -19.15 -0.96
N SER A 961 0.48 -20.26 -0.78
CA SER A 961 1.10 -21.55 -0.68
C SER A 961 0.61 -22.43 -1.81
N LYS A 962 -0.63 -22.20 -2.21
CA LYS A 962 -1.26 -22.94 -3.29
C LYS A 962 -1.02 -22.25 -4.62
N MET A 963 -0.57 -23.01 -5.60
CA MET A 963 -0.29 -22.44 -6.91
C MET A 963 -1.32 -22.77 -7.96
N THR A 964 -2.27 -23.63 -7.64
CA THR A 964 -3.28 -24.00 -8.60
C THR A 964 -4.67 -23.76 -8.04
N GLU A 965 -5.68 -23.79 -8.90
CA GLU A 965 -7.05 -23.57 -8.48
C GLU A 965 -7.56 -24.78 -7.72
N GLU A 966 -7.02 -25.95 -8.09
CA GLU A 966 -7.33 -27.21 -7.44
C GLU A 966 -6.83 -27.16 -6.01
N GLU A 967 -5.65 -26.58 -5.83
CA GLU A 967 -4.99 -26.44 -4.52
C GLU A 967 -5.70 -25.50 -3.54
N CYS A 968 -6.21 -24.38 -4.03
CA CYS A 968 -6.85 -23.41 -3.15
C CYS A 968 -8.29 -23.76 -2.83
N ARG A 969 -8.44 -24.83 -2.05
CA ARG A 969 -9.73 -25.29 -1.61
C ARG A 969 -9.59 -25.58 -0.14
N GLY A 970 -10.68 -25.41 0.61
CA GLY A 970 -10.62 -25.68 2.02
C GLY A 970 -10.39 -24.43 2.83
N TYR A 971 -9.74 -24.57 3.98
CA TYR A 971 -9.47 -23.42 4.84
C TYR A 971 -8.02 -23.36 5.20
N TYR A 972 -7.56 -22.18 5.61
CA TYR A 972 -6.17 -22.01 6.01
C TYR A 972 -6.10 -21.01 7.18
N TYR A 973 -4.98 -20.99 7.90
CA TYR A 973 -4.82 -20.09 9.02
C TYR A 973 -4.15 -18.78 8.64
N VAL A 974 -4.58 -17.71 9.31
CA VAL A 974 -4.02 -16.39 9.11
C VAL A 974 -3.46 -16.01 10.47
N TYR A 975 -2.39 -15.24 10.50
CA TYR A 975 -1.80 -14.84 11.78
C TYR A 975 -1.76 -13.34 11.96
N LYS A 976 -2.45 -12.87 13.00
CA LYS A 976 -2.51 -11.44 13.29
C LYS A 976 -1.17 -10.95 13.77
N ASP A 977 -0.59 -9.99 13.07
CA ASP A 977 0.71 -9.44 13.43
C ASP A 977 1.75 -10.55 13.49
N GLY A 978 1.64 -11.51 12.57
CA GLY A 978 2.59 -12.61 12.51
C GLY A 978 2.91 -13.19 13.88
N ASP A 979 1.89 -13.66 14.58
CA ASP A 979 2.07 -14.25 15.89
C ASP A 979 1.70 -15.73 15.80
N PRO A 980 2.76 -16.61 15.70
CA PRO A 980 2.36 -18.03 15.60
C PRO A 980 1.34 -18.51 16.63
N THR A 981 0.96 -17.67 17.57
CA THR A 981 0.00 -18.08 18.59
C THR A 981 -1.37 -17.48 18.42
N GLN A 982 -1.46 -16.41 17.62
CA GLN A 982 -2.74 -15.75 17.39
C GLN A 982 -3.18 -15.91 15.96
N MET A 983 -4.01 -16.91 15.70
CA MET A 983 -4.49 -17.17 14.36
C MET A 983 -6.00 -17.38 14.28
N GLU A 984 -6.56 -17.01 13.14
CA GLU A 984 -7.98 -17.18 12.87
C GLU A 984 -8.08 -18.05 11.64
N LEU A 985 -9.23 -18.66 11.42
CA LEU A 985 -9.42 -19.53 10.26
C LEU A 985 -10.08 -18.76 9.12
N ARG A 986 -9.71 -19.07 7.90
CA ARG A 986 -10.27 -18.39 6.73
C ARG A 986 -10.43 -19.35 5.57
N PRO A 987 -11.52 -19.11 4.74
CA PRO A 987 -11.63 -20.05 3.62
C PRO A 987 -10.65 -19.69 2.50
N ARG A 988 -10.22 -20.68 1.74
CA ARG A 988 -9.29 -20.46 0.63
C ARG A 988 -10.06 -20.12 -0.62
N GLN A 989 -9.59 -19.13 -1.38
CA GLN A 989 -10.23 -18.74 -2.63
C GLN A 989 -9.28 -18.31 -3.75
N TRP A 990 -9.58 -18.76 -4.97
CA TRP A 990 -8.80 -18.44 -6.16
C TRP A 990 -9.28 -17.09 -6.66
N ILE A 991 -8.49 -16.04 -6.45
CA ILE A 991 -8.89 -14.69 -6.85
C ILE A 991 -8.22 -14.16 -8.11
N HIS A 992 -8.93 -13.28 -8.82
CA HIS A 992 -8.44 -12.66 -10.03
C HIS A 992 -8.18 -11.19 -9.80
N ASN A 993 -7.09 -10.67 -10.34
CA ASN A 993 -6.78 -9.25 -10.16
C ASN A 993 -7.80 -8.41 -10.91
N ASP A 994 -8.20 -7.30 -10.31
CA ASP A 994 -9.20 -6.41 -10.90
C ASP A 994 -8.78 -5.82 -12.24
N PHE A 995 -7.49 -5.56 -12.37
CA PHE A 995 -6.94 -5.03 -13.60
C PHE A 995 -5.96 -6.06 -14.12
N HIS A 996 -6.28 -6.66 -15.26
CA HIS A 996 -5.46 -7.69 -15.85
C HIS A 996 -5.27 -7.49 -17.33
N PHE A 997 -4.66 -8.48 -17.97
CA PHE A 997 -4.39 -8.46 -19.40
C PHE A 997 -4.91 -9.74 -20.03
N ASP A 998 -6.15 -10.12 -19.75
CA ASP A 998 -6.72 -11.34 -20.31
C ASP A 998 -7.09 -11.17 -21.78
N ASN A 999 -7.77 -10.08 -22.11
CA ASN A 999 -8.13 -9.79 -23.48
C ASN A 999 -7.58 -8.42 -23.79
N VAL A 1000 -7.90 -7.87 -24.96
CA VAL A 1000 -7.38 -6.56 -25.34
C VAL A 1000 -8.16 -5.39 -24.73
N LEU A 1001 -9.33 -5.66 -24.18
CA LEU A 1001 -10.13 -4.60 -23.58
C LEU A 1001 -9.76 -4.49 -22.11
N SER A 1002 -9.14 -5.54 -21.59
CA SER A 1002 -8.68 -5.56 -20.21
C SER A 1002 -7.30 -4.93 -20.18
N ALA A 1003 -6.33 -5.54 -20.84
CA ALA A 1003 -5.02 -4.93 -20.86
C ALA A 1003 -5.07 -3.45 -21.06
N MET A 1004 -6.03 -2.95 -21.83
CA MET A 1004 -6.15 -1.52 -22.11
C MET A 1004 -6.63 -0.66 -20.94
N MET A 1005 -7.57 -1.16 -20.16
CA MET A 1005 -8.07 -0.43 -19.01
C MET A 1005 -6.90 -0.34 -18.04
N SER A 1006 -6.13 -1.42 -17.99
CA SER A 1006 -4.95 -1.50 -17.15
C SER A 1006 -3.95 -0.43 -17.51
N LEU A 1007 -3.70 -0.27 -18.79
CA LEU A 1007 -2.74 0.71 -19.27
C LEU A 1007 -3.15 2.16 -19.03
N PHE A 1008 -4.44 2.43 -18.99
CA PHE A 1008 -4.94 3.78 -18.74
C PHE A 1008 -4.65 4.17 -17.29
N THR A 1009 -4.86 3.20 -16.40
CA THR A 1009 -4.61 3.40 -14.99
C THR A 1009 -3.10 3.48 -14.77
N VAL A 1010 -2.32 2.72 -15.53
CA VAL A 1010 -0.88 2.76 -15.37
C VAL A 1010 -0.36 4.08 -15.94
N SER A 1011 -1.18 4.69 -16.77
CA SER A 1011 -0.87 5.96 -17.41
C SER A 1011 -1.29 7.16 -16.55
N THR A 1012 -2.15 6.95 -15.57
CA THR A 1012 -2.54 8.04 -14.69
C THR A 1012 -1.65 7.98 -13.44
N PHE A 1013 -0.72 7.02 -13.45
CA PHE A 1013 0.22 6.78 -12.38
C PHE A 1013 -0.47 6.27 -11.12
N GLU A 1014 -1.75 5.98 -11.21
CA GLU A 1014 -2.49 5.51 -10.05
C GLU A 1014 -2.44 4.01 -9.88
N GLY A 1015 -1.72 3.56 -8.86
CA GLY A 1015 -1.58 2.15 -8.56
C GLY A 1015 -0.77 1.36 -9.56
N TRP A 1016 0.14 2.01 -10.27
CA TRP A 1016 0.94 1.31 -11.26
C TRP A 1016 1.99 0.40 -10.63
N PRO A 1017 2.49 0.73 -9.44
CA PRO A 1017 3.48 -0.16 -8.82
C PRO A 1017 2.88 -1.53 -8.45
N GLN A 1018 1.60 -1.57 -8.11
CA GLN A 1018 0.93 -2.82 -7.77
C GLN A 1018 0.94 -3.75 -8.97
N LEU A 1019 0.52 -3.21 -10.10
CA LEU A 1019 0.48 -3.93 -11.36
C LEU A 1019 1.87 -4.40 -11.71
N LEU A 1020 2.83 -3.50 -11.56
CA LEU A 1020 4.20 -3.82 -11.85
C LEU A 1020 4.65 -5.05 -11.08
N TYR A 1021 4.40 -5.06 -9.76
CA TYR A 1021 4.81 -6.21 -8.97
C TYR A 1021 4.07 -7.49 -9.30
N ARG A 1022 2.78 -7.39 -9.61
CA ARG A 1022 2.02 -8.57 -9.97
C ARG A 1022 2.63 -9.17 -11.24
N ALA A 1023 3.04 -8.30 -12.16
CA ALA A 1023 3.66 -8.70 -13.41
C ALA A 1023 5.02 -9.33 -13.18
N ILE A 1024 5.80 -8.75 -12.29
CA ILE A 1024 7.13 -9.27 -11.99
C ILE A 1024 6.98 -10.65 -11.34
N ASP A 1025 5.85 -10.87 -10.68
CA ASP A 1025 5.62 -12.14 -10.02
C ASP A 1025 5.00 -13.21 -10.90
N SER A 1026 4.52 -12.84 -12.08
CA SER A 1026 3.81 -13.75 -12.97
C SER A 1026 4.57 -15.04 -13.18
N ASN A 1027 3.86 -16.17 -13.17
CA ASN A 1027 4.60 -17.42 -13.28
C ASN A 1027 4.40 -18.16 -14.59
N GLU A 1028 3.30 -18.89 -14.65
CA GLU A 1028 2.93 -19.68 -15.81
C GLU A 1028 1.44 -19.49 -15.88
N GLU A 1029 0.84 -19.76 -17.03
CA GLU A 1029 -0.59 -19.60 -17.14
C GLU A 1029 -1.25 -20.52 -16.12
N ASP A 1030 -2.22 -19.99 -15.40
CA ASP A 1030 -2.94 -20.76 -14.40
C ASP A 1030 -2.15 -21.09 -13.13
N MET A 1031 -1.08 -20.36 -12.87
CA MET A 1031 -0.27 -20.63 -11.69
C MET A 1031 -0.02 -19.35 -10.90
N GLY A 1032 -0.14 -19.43 -9.58
CA GLY A 1032 0.04 -18.28 -8.72
C GLY A 1032 1.41 -17.69 -8.88
N PRO A 1033 1.64 -16.58 -8.19
CA PRO A 1033 2.91 -15.86 -8.27
C PRO A 1033 4.08 -16.56 -7.62
N VAL A 1034 5.26 -16.18 -8.07
CA VAL A 1034 6.52 -16.67 -7.56
C VAL A 1034 7.30 -15.42 -7.29
N TYR A 1035 7.48 -15.11 -6.02
CA TYR A 1035 8.19 -13.91 -5.60
C TYR A 1035 9.42 -13.59 -6.45
N ASN A 1036 9.40 -12.42 -7.08
CA ASN A 1036 10.51 -11.94 -7.89
C ASN A 1036 10.82 -12.83 -9.09
N ASN A 1037 9.83 -13.56 -9.57
CA ASN A 1037 10.02 -14.43 -10.71
C ASN A 1037 10.82 -13.76 -11.82
N ARG A 1038 10.17 -12.91 -12.61
CA ARG A 1038 10.86 -12.23 -13.71
C ARG A 1038 10.90 -10.72 -13.56
N VAL A 1039 12.00 -10.22 -13.05
CA VAL A 1039 12.18 -8.79 -12.83
C VAL A 1039 12.35 -7.97 -14.11
N GLU A 1040 12.49 -8.65 -15.25
CA GLU A 1040 12.70 -7.96 -16.50
C GLU A 1040 11.38 -7.44 -17.06
N MET A 1041 10.27 -7.63 -16.36
CA MET A 1041 8.98 -7.11 -16.85
C MET A 1041 8.89 -5.60 -16.56
N ALA A 1042 9.68 -5.20 -15.58
CA ALA A 1042 9.75 -3.82 -15.20
C ALA A 1042 10.12 -3.03 -16.43
N ILE A 1043 10.90 -3.64 -17.32
CA ILE A 1043 11.32 -2.97 -18.55
C ILE A 1043 10.08 -2.55 -19.35
N PHE A 1044 9.17 -3.49 -19.58
CA PHE A 1044 7.95 -3.21 -20.29
C PHE A 1044 7.27 -2.03 -19.63
N PHE A 1045 7.03 -2.16 -18.34
CA PHE A 1045 6.34 -1.07 -17.64
C PHE A 1045 7.00 0.32 -17.75
N ILE A 1046 8.31 0.38 -17.63
CA ILE A 1046 9.01 1.66 -17.71
C ILE A 1046 9.01 2.27 -19.10
N ILE A 1047 9.22 1.44 -20.11
CA ILE A 1047 9.22 1.91 -21.49
C ILE A 1047 7.86 2.50 -21.83
N TYR A 1048 6.79 1.78 -21.50
CA TYR A 1048 5.46 2.29 -21.79
C TYR A 1048 5.28 3.67 -21.18
N ILE A 1049 5.50 3.77 -19.88
CA ILE A 1049 5.37 5.04 -19.19
C ILE A 1049 6.12 6.12 -19.94
N ILE A 1050 7.38 5.91 -20.26
CA ILE A 1050 8.16 6.92 -20.99
C ILE A 1050 7.54 7.33 -22.34
N LEU A 1051 7.35 6.38 -23.23
CA LEU A 1051 6.78 6.66 -24.54
C LEU A 1051 5.48 7.44 -24.42
N ILE A 1052 4.61 6.99 -23.53
CA ILE A 1052 3.33 7.66 -23.31
C ILE A 1052 3.59 9.10 -22.89
N ALA A 1053 4.48 9.32 -21.93
CA ALA A 1053 4.77 10.68 -21.50
C ALA A 1053 5.10 11.53 -22.71
N PHE A 1054 6.04 11.08 -23.52
CA PHE A 1054 6.43 11.82 -24.73
C PHE A 1054 5.24 12.18 -25.63
N PHE A 1055 4.55 11.16 -26.11
CA PHE A 1055 3.39 11.37 -26.98
C PHE A 1055 2.31 12.20 -26.30
N MET A 1056 2.11 12.02 -25.01
CA MET A 1056 1.10 12.81 -24.31
C MET A 1056 1.41 14.28 -24.44
N MET A 1057 2.65 14.64 -24.18
CA MET A 1057 3.12 16.02 -24.27
C MET A 1057 2.87 16.64 -25.63
N ASN A 1058 3.20 15.91 -26.69
CA ASN A 1058 3.00 16.41 -28.03
C ASN A 1058 1.53 16.75 -28.28
N ILE A 1059 0.63 15.84 -27.92
CA ILE A 1059 -0.79 16.07 -28.11
C ILE A 1059 -1.22 17.32 -27.34
N PHE A 1060 -0.76 17.44 -26.11
CA PHE A 1060 -1.12 18.58 -25.28
C PHE A 1060 -0.63 19.90 -25.90
N VAL A 1061 0.59 19.88 -26.43
CA VAL A 1061 1.18 21.05 -27.07
C VAL A 1061 0.42 21.44 -28.35
N GLY A 1062 0.01 20.46 -29.13
CA GLY A 1062 -0.72 20.72 -30.35
C GLY A 1062 -2.03 21.42 -30.07
N PHE A 1063 -2.70 20.99 -29.01
CA PHE A 1063 -3.95 21.58 -28.60
C PHE A 1063 -3.70 23.04 -28.24
N VAL A 1064 -2.55 23.27 -27.60
CA VAL A 1064 -2.14 24.62 -27.24
C VAL A 1064 -1.93 25.47 -28.49
N ILE A 1065 -1.32 24.90 -29.52
CA ILE A 1065 -1.08 25.65 -30.75
C ILE A 1065 -2.39 26.05 -31.41
N VAL A 1066 -3.38 25.15 -31.37
CA VAL A 1066 -4.68 25.44 -31.95
C VAL A 1066 -5.32 26.61 -31.22
N THR A 1067 -5.18 26.61 -29.90
CA THR A 1067 -5.72 27.68 -29.07
C THR A 1067 -5.03 29.01 -29.40
N PHE A 1068 -3.72 28.92 -29.62
CA PHE A 1068 -2.92 30.08 -29.95
C PHE A 1068 -3.44 30.66 -31.26
N GLN A 1069 -3.74 29.78 -32.22
CA GLN A 1069 -4.28 30.22 -33.49
C GLN A 1069 -5.65 30.85 -33.22
N GLU A 1070 -6.40 30.29 -32.29
CA GLU A 1070 -7.70 30.87 -31.97
C GLU A 1070 -7.45 32.30 -31.49
N GLN A 1071 -6.35 32.50 -30.78
CA GLN A 1071 -5.97 33.79 -30.25
C GLN A 1071 -5.00 34.55 -31.18
N GLY A 1072 -3.86 34.97 -30.65
CA GLY A 1072 -2.86 35.75 -31.35
C GLY A 1072 -2.22 35.14 -32.58
N GLU A 1073 -2.08 33.82 -32.61
CA GLU A 1073 -1.44 33.15 -33.75
C GLU A 1073 -2.19 33.41 -35.05
N THR A 1074 -3.51 33.40 -34.97
CA THR A 1074 -4.35 33.69 -36.13
C THR A 1074 -4.24 35.15 -36.53
N GLU A 1075 -4.18 36.02 -35.52
CA GLU A 1075 -4.11 37.47 -35.68
C GLU A 1075 -2.79 38.05 -36.18
N TYR A 1076 -2.88 39.26 -36.75
CA TYR A 1076 -1.73 39.98 -37.29
C TYR A 1076 -1.83 41.48 -36.94
N LYS A 1077 -0.71 42.18 -36.89
CA LYS A 1077 -0.73 43.61 -36.56
C LYS A 1077 0.33 44.44 -37.29
N ASN A 1078 0.57 44.26 -38.58
CA ASN A 1078 1.71 44.90 -39.23
C ASN A 1078 1.56 46.41 -39.44
N CYS A 1079 1.53 47.16 -38.35
CA CYS A 1079 1.59 48.61 -38.38
C CYS A 1079 2.98 49.08 -37.98
N GLU A 1080 3.15 50.40 -37.89
CA GLU A 1080 4.49 50.97 -37.72
C GLU A 1080 5.04 50.76 -36.31
N LEU A 1081 4.20 50.33 -35.39
CA LEU A 1081 4.56 50.16 -33.99
C LEU A 1081 4.44 48.69 -33.59
N ASP A 1082 5.47 48.17 -32.94
CA ASP A 1082 5.53 46.74 -32.67
C ASP A 1082 4.96 46.42 -31.28
N LYS A 1083 5.30 45.22 -30.78
CA LYS A 1083 4.81 44.70 -29.51
C LYS A 1083 5.11 45.62 -28.34
N ASN A 1084 6.39 45.94 -28.12
CA ASN A 1084 6.84 46.80 -27.03
C ASN A 1084 6.29 48.23 -27.10
N GLN A 1085 5.73 48.65 -28.24
CA GLN A 1085 5.10 49.96 -28.34
C GLN A 1085 3.67 49.98 -27.87
N ARG A 1086 2.92 48.91 -28.15
CA ARG A 1086 1.54 48.85 -27.72
C ARG A 1086 1.45 48.75 -26.20
N GLN A 1087 2.41 48.10 -25.57
CA GLN A 1087 2.33 47.92 -24.13
C GLN A 1087 3.03 49.02 -23.37
N CYS A 1088 3.41 50.10 -24.06
CA CYS A 1088 4.06 51.22 -23.41
C CYS A 1088 3.43 52.55 -23.81
N VAL A 1089 2.94 52.67 -25.05
CA VAL A 1089 2.28 53.90 -25.47
C VAL A 1089 0.83 53.94 -25.02
N GLN A 1090 0.11 52.82 -25.19
CA GLN A 1090 -1.26 52.73 -24.68
C GLN A 1090 -1.31 52.91 -23.17
N TYR A 1091 -0.26 52.47 -22.47
CA TYR A 1091 -0.12 52.78 -21.05
C TYR A 1091 0.12 54.27 -20.83
N ALA A 1092 0.84 54.91 -21.75
CA ALA A 1092 1.10 56.33 -21.62
C ALA A 1092 -0.13 57.17 -21.94
N LEU A 1093 -1.02 56.68 -22.77
CA LEU A 1093 -2.30 57.34 -22.95
C LEU A 1093 -3.20 57.21 -21.73
N LYS A 1094 -3.27 56.02 -21.13
CA LYS A 1094 -4.29 55.73 -20.15
C LYS A 1094 -3.80 55.83 -18.71
N ALA A 1095 -2.58 56.31 -18.50
CA ALA A 1095 -2.02 56.46 -17.16
C ALA A 1095 -2.91 57.24 -16.19
N ARG A 1096 -2.29 57.88 -15.20
CA ARG A 1096 -3.02 58.66 -14.19
C ARG A 1096 -2.11 59.07 -13.02
N PRO A 1097 -2.59 60.10 -12.20
CA PRO A 1097 -1.69 60.46 -11.09
C PRO A 1097 -1.78 59.48 -9.91
N LEU A 1098 -1.62 59.98 -8.69
CA LEU A 1098 -1.69 59.14 -7.48
C LEU A 1098 -2.22 59.91 -6.28
N ARG A 1099 -1.83 59.44 -5.10
CA ARG A 1099 -2.20 60.04 -3.83
C ARG A 1099 -1.21 59.68 -2.73
N CYS A 1100 -0.28 60.59 -2.44
CA CYS A 1100 0.70 60.41 -1.37
C CYS A 1100 0.28 60.97 -0.02
N TYR A 1101 -0.51 62.07 0.01
CA TYR A 1101 -1.03 62.71 1.22
C TYR A 1101 0.09 63.18 2.14
N ILE A 1102 0.99 64.02 1.63
CA ILE A 1102 1.88 64.72 2.58
C ILE A 1102 1.08 65.78 3.30
N PRO A 1103 0.90 65.69 4.61
CA PRO A 1103 0.01 66.63 5.26
C PRO A 1103 0.77 67.86 5.72
N LYS A 1104 0.07 68.75 6.41
CA LYS A 1104 0.67 69.98 6.91
C LYS A 1104 0.86 70.04 8.43
N ASN A 1105 1.95 70.69 8.83
CA ASN A 1105 2.38 70.93 10.23
C ASN A 1105 3.49 70.02 10.77
N PRO A 1106 4.32 70.58 11.64
CA PRO A 1106 5.44 69.84 12.24
C PRO A 1106 5.08 68.64 13.15
N TYR A 1107 4.06 68.80 13.98
CA TYR A 1107 3.65 67.75 14.91
C TYR A 1107 3.10 66.50 14.23
N GLN A 1108 2.31 66.70 13.19
CA GLN A 1108 1.73 65.59 12.45
C GLN A 1108 2.73 65.18 11.39
N TYR A 1109 3.34 66.16 10.74
CA TYR A 1109 4.34 65.86 9.72
C TYR A 1109 5.54 65.08 10.27
N GLN A 1110 6.02 65.45 11.45
CA GLN A 1110 7.15 64.72 12.07
C GLN A 1110 6.77 63.28 12.42
N VAL A 1111 5.54 63.11 12.91
CA VAL A 1111 5.07 61.79 13.26
C VAL A 1111 5.03 60.97 11.98
N TRP A 1112 4.58 61.62 10.91
CA TRP A 1112 4.45 61.01 9.61
C TRP A 1112 5.82 60.53 9.16
N TYR A 1113 6.82 61.34 9.43
CA TYR A 1113 8.19 61.01 9.10
C TYR A 1113 8.78 59.79 9.83
N VAL A 1114 8.52 59.62 11.14
CA VAL A 1114 9.14 58.44 11.82
C VAL A 1114 8.70 57.08 11.24
N VAL A 1115 7.39 56.98 11.09
CA VAL A 1115 6.54 55.94 10.52
C VAL A 1115 6.82 55.65 9.04
N THR A 1116 7.31 56.65 8.33
CA THR A 1116 7.60 56.49 6.90
C THR A 1116 9.09 56.27 6.64
N SER A 1117 9.85 56.42 7.72
CA SER A 1117 11.31 56.26 7.79
C SER A 1117 11.66 54.78 7.64
N SER A 1118 12.91 54.48 7.33
CA SER A 1118 13.30 53.10 7.06
C SER A 1118 13.54 52.38 8.37
N TYR A 1119 13.89 53.14 9.42
CA TYR A 1119 14.09 52.52 10.72
C TYR A 1119 12.80 51.80 11.07
N PHE A 1120 11.69 52.28 10.55
CA PHE A 1120 10.40 51.67 10.86
C PHE A 1120 10.15 50.40 10.05
N GLU A 1121 10.34 50.48 8.73
CA GLU A 1121 10.13 49.31 7.89
C GLU A 1121 10.88 48.12 8.47
N TYR A 1122 12.20 48.24 8.54
CA TYR A 1122 13.06 47.18 9.05
C TYR A 1122 12.66 46.67 10.42
N LEU A 1123 12.41 47.58 11.34
CA LEU A 1123 12.02 47.21 12.69
C LEU A 1123 10.79 46.33 12.65
N MET A 1124 9.71 46.84 12.08
CA MET A 1124 8.47 46.09 11.98
C MET A 1124 8.71 44.73 11.36
N PHE A 1125 9.50 44.69 10.30
CA PHE A 1125 9.82 43.44 9.63
C PHE A 1125 10.46 42.47 10.62
N ALA A 1126 11.47 42.94 11.33
CA ALA A 1126 12.17 42.12 12.30
C ALA A 1126 11.22 41.57 13.35
N LEU A 1127 10.30 42.42 13.83
CA LEU A 1127 9.33 42.02 14.84
C LEU A 1127 8.36 40.96 14.34
N ILE A 1128 7.92 41.09 13.09
CA ILE A 1128 7.01 40.11 12.52
C ILE A 1128 7.77 38.80 12.36
N MET A 1129 9.07 38.86 12.10
CA MET A 1129 9.86 37.65 11.96
C MET A 1129 9.99 36.93 13.31
N LEU A 1130 10.13 37.72 14.37
CA LEU A 1130 10.26 37.18 15.72
C LEU A 1130 8.95 36.54 16.15
N ASN A 1131 7.85 37.19 15.81
CA ASN A 1131 6.53 36.67 16.16
C ASN A 1131 6.33 35.34 15.46
N THR A 1132 6.83 35.26 14.24
CA THR A 1132 6.73 34.04 13.47
C THR A 1132 7.51 32.95 14.17
N ILE A 1133 8.76 33.23 14.51
CA ILE A 1133 9.59 32.25 15.19
C ILE A 1133 8.98 31.79 16.51
N CYS A 1134 8.27 32.68 17.20
CA CYS A 1134 7.65 32.34 18.46
C CYS A 1134 6.37 31.54 18.31
N LEU A 1135 5.83 31.50 17.10
CA LEU A 1135 4.62 30.76 16.81
C LEU A 1135 4.97 29.33 16.46
N GLY A 1136 5.98 29.15 15.63
CA GLY A 1136 6.41 27.83 15.22
C GLY A 1136 7.21 27.17 16.32
N MET A 1137 7.03 27.64 17.54
CA MET A 1137 7.75 27.12 18.69
C MET A 1137 6.82 26.28 19.53
N GLN A 1138 5.52 26.49 19.41
CA GLN A 1138 4.57 25.69 20.18
C GLN A 1138 4.62 24.22 19.78
N HIS A 1139 4.43 23.34 20.75
CA HIS A 1139 4.42 21.91 20.47
C HIS A 1139 3.45 21.21 21.42
N TYR A 1140 3.35 19.90 21.30
CA TYR A 1140 2.46 19.13 22.15
C TYR A 1140 3.19 18.60 23.36
N HIS A 1141 2.68 18.94 24.53
CA HIS A 1141 3.26 18.51 25.80
C HIS A 1141 4.42 19.38 26.23
N GLN A 1142 4.16 20.68 26.31
CA GLN A 1142 5.17 21.64 26.74
C GLN A 1142 5.05 21.78 28.26
N SER A 1143 5.56 22.89 28.79
CA SER A 1143 5.48 23.10 30.24
C SER A 1143 4.47 24.19 30.58
N GLU A 1144 4.21 24.33 31.89
CA GLU A 1144 3.25 25.34 32.34
C GLU A 1144 3.89 26.72 32.41
N GLU A 1145 5.22 26.78 32.51
CA GLU A 1145 5.88 28.07 32.35
C GLU A 1145 5.95 28.46 30.88
N MET A 1146 5.96 27.47 29.98
CA MET A 1146 5.84 27.73 28.55
C MET A 1146 4.39 28.12 28.22
N ASN A 1147 3.46 27.69 29.06
CA ASN A 1147 2.04 27.88 28.80
C ASN A 1147 1.59 29.32 29.07
N HIS A 1148 2.24 30.02 29.99
CA HIS A 1148 1.75 31.33 30.35
C HIS A 1148 2.52 32.44 29.66
N ILE A 1149 3.79 32.20 29.33
CA ILE A 1149 4.54 33.21 28.59
C ILE A 1149 4.11 33.27 27.14
N SER A 1150 3.44 32.24 26.63
CA SER A 1150 2.77 32.35 25.35
C SER A 1150 1.55 33.24 25.44
N ASP A 1151 0.98 33.42 26.61
CA ASP A 1151 -0.08 34.41 26.74
C ASP A 1151 0.48 35.73 27.21
N ILE A 1152 1.64 35.73 27.84
CA ILE A 1152 2.33 36.98 28.06
C ILE A 1152 2.79 37.57 26.73
N LEU A 1153 3.30 36.74 25.82
CA LEU A 1153 3.84 37.26 24.58
C LEU A 1153 2.75 37.66 23.60
N ASN A 1154 1.68 36.87 23.49
CA ASN A 1154 0.67 37.18 22.49
C ASN A 1154 -0.15 38.39 22.88
N VAL A 1155 -0.12 38.77 24.15
CA VAL A 1155 -0.72 40.04 24.56
C VAL A 1155 0.28 41.17 24.41
N ALA A 1156 1.57 40.84 24.44
CA ALA A 1156 2.60 41.85 24.28
C ALA A 1156 2.86 42.18 22.82
N PHE A 1157 2.55 41.24 21.92
CA PHE A 1157 2.80 41.50 20.51
C PHE A 1157 1.64 42.33 20.04
N THR A 1158 0.47 42.02 20.57
CA THR A 1158 -0.73 42.77 20.24
C THR A 1158 -0.44 44.20 20.64
N ILE A 1159 0.09 44.38 21.83
CA ILE A 1159 0.42 45.71 22.32
C ILE A 1159 1.29 46.44 21.31
N ILE A 1160 2.43 45.87 20.97
CA ILE A 1160 3.34 46.48 20.02
C ILE A 1160 2.68 46.87 18.70
N PHE A 1161 1.88 45.95 18.15
CA PHE A 1161 1.20 46.19 16.88
C PHE A 1161 0.10 47.23 17.00
N THR A 1162 -0.60 47.25 18.13
CA THR A 1162 -1.65 48.24 18.34
C THR A 1162 -1.00 49.60 18.61
N LEU A 1163 0.30 49.57 18.90
CA LEU A 1163 1.05 50.78 19.18
C LEU A 1163 1.65 51.32 17.90
N GLU A 1164 1.71 50.49 16.86
CA GLU A 1164 2.23 50.97 15.58
C GLU A 1164 1.06 51.59 14.82
N MET A 1165 -0.07 50.90 14.88
CA MET A 1165 -1.27 51.38 14.21
C MET A 1165 -1.60 52.78 14.71
N ILE A 1166 -1.46 52.98 16.01
CA ILE A 1166 -1.75 54.29 16.59
C ILE A 1166 -0.90 55.36 15.90
N LEU A 1167 0.40 55.14 15.81
CA LEU A 1167 1.28 56.10 15.16
C LEU A 1167 0.82 56.36 13.73
N LYS A 1168 0.58 55.28 12.99
CA LYS A 1168 0.14 55.41 11.61
C LYS A 1168 -1.13 56.24 11.46
N LEU A 1169 -2.07 56.05 12.39
CA LEU A 1169 -3.34 56.76 12.39
C LEU A 1169 -3.12 58.23 12.69
N LEU A 1170 -2.30 58.50 13.70
CA LEU A 1170 -2.00 59.87 14.08
C LEU A 1170 -1.29 60.57 12.92
N ALA A 1171 -0.65 59.80 12.06
CA ALA A 1171 0.11 60.39 10.96
C ALA A 1171 -0.60 60.33 9.62
N PHE A 1172 -1.91 60.15 9.65
CA PHE A 1172 -2.69 60.08 8.42
C PHE A 1172 -4.13 60.46 8.71
N LYS A 1173 -4.32 61.26 9.75
CA LYS A 1173 -5.62 61.74 10.16
C LYS A 1173 -6.74 60.72 9.94
N ALA A 1174 -6.37 59.47 9.72
CA ALA A 1174 -7.36 58.40 9.51
C ALA A 1174 -7.94 58.44 8.11
N ARG A 1175 -7.61 59.48 7.34
CA ARG A 1175 -8.11 59.60 5.98
C ARG A 1175 -7.18 58.87 5.03
N GLY A 1176 -5.88 59.03 5.25
CA GLY A 1176 -4.89 58.39 4.40
C GLY A 1176 -4.43 57.05 4.95
N TYR A 1177 -4.80 56.76 6.19
CA TYR A 1177 -4.42 55.50 6.79
C TYR A 1177 -5.30 54.41 6.19
N PHE A 1178 -6.61 54.64 6.21
CA PHE A 1178 -7.56 53.70 5.67
C PHE A 1178 -7.66 53.80 4.15
N GLY A 1179 -6.71 54.51 3.56
CA GLY A 1179 -6.69 54.69 2.12
C GLY A 1179 -5.88 53.61 1.44
N ASP A 1180 -4.83 53.15 2.13
CA ASP A 1180 -3.95 52.11 1.62
C ASP A 1180 -4.56 50.73 1.87
N PRO A 1181 -4.76 49.96 0.73
CA PRO A 1181 -5.39 48.65 1.00
C PRO A 1181 -4.68 47.78 2.02
N TRP A 1182 -3.41 48.03 2.32
CA TRP A 1182 -2.70 47.20 3.30
C TRP A 1182 -2.99 47.63 4.73
N ASN A 1183 -3.30 48.90 4.92
CA ASN A 1183 -3.59 49.43 6.25
C ASN A 1183 -4.90 48.86 6.76
N VAL A 1184 -5.83 48.58 5.85
CA VAL A 1184 -7.11 48.00 6.23
C VAL A 1184 -6.84 46.60 6.76
N PHE A 1185 -5.96 45.88 6.07
CA PHE A 1185 -5.61 44.52 6.49
C PHE A 1185 -4.94 44.57 7.86
N ASP A 1186 -4.12 45.58 8.07
CA ASP A 1186 -3.42 45.77 9.33
C ASP A 1186 -4.47 45.94 10.42
N PHE A 1187 -5.40 46.86 10.19
CA PHE A 1187 -6.46 47.12 11.15
C PHE A 1187 -7.16 45.82 11.49
N LEU A 1188 -7.61 45.11 10.47
CA LEU A 1188 -8.28 43.84 10.68
C LEU A 1188 -7.48 42.95 11.61
N ILE A 1189 -6.24 42.65 11.23
CA ILE A 1189 -5.40 41.81 12.07
C ILE A 1189 -5.40 42.32 13.51
N VAL A 1190 -4.96 43.55 13.74
CA VAL A 1190 -4.93 44.10 15.10
C VAL A 1190 -6.17 43.80 15.94
N ILE A 1191 -7.31 44.33 15.53
CA ILE A 1191 -8.56 44.13 16.26
C ILE A 1191 -8.80 42.67 16.66
N GLY A 1192 -8.67 41.77 15.69
CA GLY A 1192 -8.88 40.35 15.93
C GLY A 1192 -7.90 39.80 16.94
N SER A 1193 -6.64 40.20 16.81
CA SER A 1193 -5.62 39.74 17.73
C SER A 1193 -5.96 40.16 19.14
N ILE A 1194 -6.46 41.39 19.32
CA ILE A 1194 -6.82 41.86 20.65
C ILE A 1194 -7.98 41.06 21.21
N ILE A 1195 -9.04 40.92 20.40
CA ILE A 1195 -10.19 40.14 20.84
C ILE A 1195 -9.71 38.79 21.31
N ASP A 1196 -8.76 38.20 20.58
CA ASP A 1196 -8.22 36.89 20.95
C ASP A 1196 -7.71 36.92 22.39
N VAL A 1197 -6.90 37.92 22.71
CA VAL A 1197 -6.35 38.05 24.05
C VAL A 1197 -7.46 38.21 25.10
N ILE A 1198 -8.39 39.12 24.84
CA ILE A 1198 -9.48 39.36 25.78
C ILE A 1198 -10.30 38.10 26.00
N LEU A 1199 -10.39 37.27 24.97
CA LEU A 1199 -11.13 36.03 25.03
C LEU A 1199 -10.37 35.11 25.95
N SER A 1200 -9.12 34.82 25.60
CA SER A 1200 -8.28 33.96 26.42
C SER A 1200 -8.36 34.44 27.87
N GLU A 1201 -8.73 35.70 28.04
CA GLU A 1201 -8.87 36.28 29.36
C GLU A 1201 -10.23 36.00 29.98
N ILE A 1202 -11.32 36.42 29.34
CA ILE A 1202 -12.62 36.18 29.98
C ILE A 1202 -12.89 34.69 30.17
N ASP A 1203 -12.13 33.82 29.48
CA ASP A 1203 -12.13 32.39 29.73
C ASP A 1203 -11.67 32.03 31.12
N THR A 1204 -10.48 32.48 31.51
CA THR A 1204 -9.94 32.19 32.83
C THR A 1204 -10.44 33.14 33.90
N PHE A 1205 -11.08 34.24 33.50
CA PHE A 1205 -11.63 35.19 34.48
C PHE A 1205 -12.81 34.56 35.23
N LEU A 1206 -13.51 33.63 34.58
CA LEU A 1206 -14.69 33.01 35.14
C LEU A 1206 -14.65 31.50 34.94
N SER A 1232 -12.44 29.06 21.33
CA SER A 1232 -12.61 29.72 20.05
C SER A 1232 -11.34 29.69 19.24
N ALA A 1233 -11.04 28.52 18.66
CA ALA A 1233 -9.83 28.29 17.89
C ALA A 1233 -9.90 28.93 16.53
N PHE A 1234 -10.52 30.10 16.46
CA PHE A 1234 -10.63 30.83 15.22
C PHE A 1234 -9.92 32.16 15.41
N PHE A 1235 -9.84 32.60 16.66
CA PHE A 1235 -9.19 33.87 16.98
C PHE A 1235 -7.68 33.77 17.11
N ARG A 1236 -7.20 32.56 17.38
CA ARG A 1236 -5.77 32.35 17.52
C ARG A 1236 -5.15 32.24 16.13
N LEU A 1237 -5.96 32.48 15.11
CA LEU A 1237 -5.52 32.42 13.73
C LEU A 1237 -5.24 33.82 13.20
N PHE A 1238 -5.45 34.82 14.06
CA PHE A 1238 -5.22 36.20 13.70
C PHE A 1238 -3.77 36.57 13.94
N ARG A 1239 -3.11 35.74 14.75
CA ARG A 1239 -1.70 35.93 15.04
C ARG A 1239 -0.87 35.57 13.82
N VAL A 1240 -1.24 34.45 13.21
CA VAL A 1240 -0.57 33.91 12.03
C VAL A 1240 -0.72 34.75 10.77
N MET A 1241 -1.87 35.38 10.63
CA MET A 1241 -2.19 36.18 9.46
C MET A 1241 -1.32 37.43 9.39
N ARG A 1242 -0.58 37.73 10.45
CA ARG A 1242 0.27 38.89 10.43
C ARG A 1242 1.32 38.72 9.36
N LEU A 1243 1.76 37.47 9.18
CA LEU A 1243 2.82 37.16 8.21
C LEU A 1243 2.51 37.69 6.83
N ILE A 1244 1.24 37.82 6.50
CA ILE A 1244 0.85 38.30 5.19
C ILE A 1244 1.37 39.72 4.97
N LYS A 1245 1.64 40.45 6.04
CA LYS A 1245 2.14 41.81 5.90
C LYS A 1245 3.45 41.79 5.13
N LEU A 1246 4.29 40.80 5.43
CA LEU A 1246 5.55 40.62 4.75
C LEU A 1246 5.39 40.80 3.25
N LEU A 1247 4.21 40.47 2.76
CA LEU A 1247 3.90 40.58 1.34
C LEU A 1247 3.73 42.04 0.95
N SER A 1248 3.82 42.91 1.94
CA SER A 1248 3.66 44.35 1.72
C SER A 1248 4.95 44.98 1.25
N ARG A 1249 6.08 44.34 1.55
CA ARG A 1249 7.37 44.85 1.15
C ARG A 1249 7.88 44.12 -0.08
N ALA A 1250 7.80 42.79 -0.08
CA ALA A 1250 8.23 42.00 -1.22
C ALA A 1250 7.53 42.55 -2.44
N GLU A 1251 8.29 43.16 -3.34
CA GLU A 1251 7.71 43.75 -4.54
C GLU A 1251 7.68 42.86 -5.78
N GLY A 1252 8.41 41.77 -5.75
CA GLY A 1252 8.46 40.84 -6.85
C GLY A 1252 7.37 39.81 -6.64
N VAL A 1253 7.22 39.41 -5.38
CA VAL A 1253 6.20 38.44 -5.02
C VAL A 1253 4.85 39.10 -5.18
N ARG A 1254 4.69 40.27 -4.58
CA ARG A 1254 3.44 41.01 -4.67
C ARG A 1254 3.07 41.20 -6.13
N THR A 1255 4.01 41.69 -6.92
CA THR A 1255 3.78 41.93 -8.33
C THR A 1255 3.37 40.67 -9.09
N LEU A 1256 4.13 39.61 -8.93
CA LEU A 1256 3.83 38.35 -9.60
C LEU A 1256 2.44 37.89 -9.18
N LEU A 1257 2.19 37.95 -7.88
CA LEU A 1257 0.91 37.58 -7.32
C LEU A 1257 -0.21 38.32 -8.03
N TRP A 1258 -0.16 39.64 -7.98
CA TRP A 1258 -1.20 40.44 -8.64
C TRP A 1258 -1.37 40.03 -10.09
N THR A 1259 -0.27 39.98 -10.83
CA THR A 1259 -0.31 39.59 -12.24
C THR A 1259 -1.22 38.40 -12.50
N PHE A 1260 -1.01 37.31 -11.77
CA PHE A 1260 -1.82 36.11 -11.96
C PHE A 1260 -3.22 36.24 -11.35
N ILE A 1261 -3.30 36.79 -10.16
CA ILE A 1261 -4.59 36.97 -9.50
C ILE A 1261 -5.47 37.90 -10.32
N LYS A 1262 -4.89 38.52 -11.33
CA LYS A 1262 -5.61 39.44 -12.18
C LYS A 1262 -6.10 38.76 -13.45
N SER A 1263 -5.49 37.64 -13.79
CA SER A 1263 -5.87 36.88 -14.97
C SER A 1263 -7.01 35.94 -14.62
N PHE A 1264 -6.94 35.33 -13.44
CA PHE A 1264 -7.97 34.41 -12.99
C PHE A 1264 -9.31 35.15 -12.91
N GLN A 1265 -9.28 36.44 -13.19
CA GLN A 1265 -10.48 37.25 -13.16
C GLN A 1265 -10.90 37.68 -14.56
N ALA A 1266 -9.98 37.53 -15.50
CA ALA A 1266 -10.25 37.90 -16.88
C ALA A 1266 -10.85 36.72 -17.62
N LEU A 1267 -10.73 35.54 -17.03
CA LEU A 1267 -11.27 34.31 -17.60
C LEU A 1267 -12.14 33.64 -16.55
N PRO A 1268 -13.37 34.25 -16.31
CA PRO A 1268 -14.18 33.57 -15.29
C PRO A 1268 -15.14 32.54 -15.86
N TYR A 1269 -15.19 32.39 -17.18
CA TYR A 1269 -16.08 31.40 -17.77
C TYR A 1269 -15.51 29.97 -17.82
N VAL A 1270 -14.22 29.84 -18.08
CA VAL A 1270 -13.59 28.51 -18.13
C VAL A 1270 -13.73 27.84 -16.76
N ALA A 1271 -13.61 28.66 -15.73
CA ALA A 1271 -13.74 28.19 -14.37
C ALA A 1271 -15.18 27.75 -14.18
N LEU A 1272 -16.09 28.41 -14.87
CA LEU A 1272 -17.50 28.07 -14.76
C LEU A 1272 -17.75 26.71 -15.38
N LEU A 1273 -17.02 26.39 -16.44
CA LEU A 1273 -17.15 25.11 -17.09
C LEU A 1273 -16.77 24.00 -16.11
N ILE A 1274 -15.69 24.20 -15.38
CA ILE A 1274 -15.22 23.23 -14.39
C ILE A 1274 -16.25 23.02 -13.29
N VAL A 1275 -16.78 24.13 -12.78
CA VAL A 1275 -17.78 24.10 -11.74
C VAL A 1275 -18.99 23.31 -12.21
N MET A 1276 -19.46 23.62 -13.42
CA MET A 1276 -20.61 22.94 -14.00
C MET A 1276 -20.33 21.45 -14.18
N LEU A 1277 -19.07 21.13 -14.42
CA LEU A 1277 -18.64 19.75 -14.59
C LEU A 1277 -18.91 18.98 -13.30
N PHE A 1278 -18.31 19.45 -12.22
CA PHE A 1278 -18.46 18.84 -10.91
C PHE A 1278 -19.92 18.74 -10.46
N PHE A 1279 -20.73 19.71 -10.84
CA PHE A 1279 -22.13 19.72 -10.46
C PHE A 1279 -22.91 18.57 -11.10
N ILE A 1280 -22.90 18.53 -12.42
CA ILE A 1280 -23.59 17.50 -13.17
C ILE A 1280 -23.15 16.13 -12.68
N TYR A 1281 -21.83 15.92 -12.65
CA TYR A 1281 -21.29 14.63 -12.21
C TYR A 1281 -21.71 14.28 -10.80
N ALA A 1282 -21.63 15.21 -9.87
CA ALA A 1282 -22.02 14.94 -8.50
C ALA A 1282 -23.46 14.45 -8.47
N VAL A 1283 -24.33 15.16 -9.18
CA VAL A 1283 -25.73 14.78 -9.21
C VAL A 1283 -25.93 13.39 -9.80
N ILE A 1284 -25.34 13.14 -10.95
CA ILE A 1284 -25.44 11.83 -11.59
C ILE A 1284 -24.83 10.79 -10.68
N GLY A 1285 -23.68 11.13 -10.10
CA GLY A 1285 -23.00 10.24 -9.19
C GLY A 1285 -23.86 9.79 -8.05
N MET A 1286 -24.46 10.74 -7.35
CA MET A 1286 -25.34 10.39 -6.24
C MET A 1286 -26.36 9.35 -6.70
N GLN A 1287 -27.19 9.75 -7.65
CA GLN A 1287 -28.21 8.88 -8.21
C GLN A 1287 -27.68 7.46 -8.47
N MET A 1288 -26.65 7.35 -9.29
CA MET A 1288 -26.05 6.05 -9.64
C MET A 1288 -25.44 5.24 -8.51
N PHE A 1289 -24.67 5.87 -7.63
CA PHE A 1289 -24.07 5.12 -6.52
C PHE A 1289 -24.34 5.66 -5.12
N GLY A 1290 -25.50 6.24 -4.89
CA GLY A 1290 -25.81 6.79 -3.58
C GLY A 1290 -26.36 5.82 -2.55
N LYS A 1291 -26.46 4.53 -2.90
CA LYS A 1291 -27.04 3.58 -1.97
C LYS A 1291 -26.05 2.57 -1.42
N ILE A 1292 -24.88 2.50 -2.03
CA ILE A 1292 -23.87 1.56 -1.56
C ILE A 1292 -23.61 1.83 -0.09
N ALA A 1293 -23.54 0.77 0.71
CA ALA A 1293 -23.30 0.91 2.13
C ALA A 1293 -21.91 1.39 2.45
N LEU A 1294 -21.77 2.16 3.53
CA LEU A 1294 -20.49 2.69 3.94
C LEU A 1294 -19.82 1.71 4.88
N VAL A 1295 -19.13 0.72 4.31
CA VAL A 1295 -18.42 -0.27 5.11
C VAL A 1295 -16.92 0.02 5.18
N ASP A 1296 -16.34 -0.15 6.35
CA ASP A 1296 -14.90 0.10 6.55
C ASP A 1296 -14.07 -0.92 5.79
N GLY A 1297 -12.85 -0.53 5.42
CA GLY A 1297 -11.96 -1.40 4.70
C GLY A 1297 -12.22 -1.31 3.21
N THR A 1298 -13.27 -0.58 2.84
CA THR A 1298 -13.63 -0.41 1.44
C THR A 1298 -13.34 1.02 1.03
N GLN A 1299 -13.62 1.36 -0.23
CA GLN A 1299 -13.36 2.71 -0.72
C GLN A 1299 -14.56 3.63 -0.54
N ILE A 1300 -15.73 3.04 -0.31
CA ILE A 1300 -16.94 3.81 -0.07
C ILE A 1300 -17.16 3.68 1.42
N ASN A 1301 -16.94 4.75 2.14
CA ASN A 1301 -17.10 4.74 3.59
C ASN A 1301 -17.61 6.06 4.12
N ARG A 1302 -17.35 6.33 5.39
CA ARG A 1302 -17.79 7.56 6.03
C ARG A 1302 -17.05 8.81 5.58
N ASN A 1303 -15.91 8.64 4.94
CA ASN A 1303 -15.11 9.77 4.47
C ASN A 1303 -15.23 9.97 2.98
N ASN A 1304 -15.48 8.87 2.26
CA ASN A 1304 -15.63 8.89 0.81
C ASN A 1304 -16.96 8.23 0.42
N ASN A 1305 -17.89 9.01 -0.12
CA ASN A 1305 -19.19 8.48 -0.55
C ASN A 1305 -20.02 9.45 -1.39
N PHE A 1306 -21.15 8.98 -1.89
CA PHE A 1306 -22.04 9.79 -2.72
C PHE A 1306 -23.35 10.02 -1.99
N GLN A 1307 -23.35 9.81 -0.69
CA GLN A 1307 -24.56 9.96 0.12
C GLN A 1307 -25.18 11.35 0.14
N THR A 1308 -24.36 12.39 0.23
CA THR A 1308 -24.88 13.74 0.25
C THR A 1308 -24.24 14.54 -0.86
N PHE A 1309 -24.82 15.65 -1.31
CA PHE A 1309 -24.15 16.44 -2.37
C PHE A 1309 -22.71 16.89 -2.05
N PRO A 1310 -22.48 17.52 -0.90
CA PRO A 1310 -21.12 17.96 -0.56
C PRO A 1310 -20.09 16.84 -0.62
N GLN A 1311 -20.49 15.66 -0.16
CA GLN A 1311 -19.63 14.50 -0.14
C GLN A 1311 -19.28 14.02 -1.54
N ALA A 1312 -20.26 14.05 -2.44
CA ALA A 1312 -20.03 13.62 -3.82
C ALA A 1312 -19.01 14.53 -4.48
N VAL A 1313 -19.12 15.82 -4.21
CA VAL A 1313 -18.20 16.80 -4.77
C VAL A 1313 -16.81 16.58 -4.20
N LEU A 1314 -16.69 16.26 -2.92
CA LEU A 1314 -15.36 16.01 -2.36
C LEU A 1314 -14.71 14.82 -3.05
N LEU A 1315 -15.49 13.77 -3.30
CA LEU A 1315 -15.02 12.57 -3.94
C LEU A 1315 -14.44 12.86 -5.32
N LEU A 1316 -15.14 13.68 -6.08
CA LEU A 1316 -14.72 14.06 -7.42
C LEU A 1316 -13.44 14.88 -7.43
N PHE A 1317 -13.24 15.71 -6.40
CA PHE A 1317 -12.03 16.52 -6.29
C PHE A 1317 -10.89 15.56 -6.00
N ARG A 1318 -11.18 14.60 -5.14
CA ARG A 1318 -10.22 13.57 -4.79
C ARG A 1318 -9.79 12.86 -6.07
N CYS A 1319 -10.73 12.63 -6.98
CA CYS A 1319 -10.45 11.96 -8.25
C CYS A 1319 -9.66 12.83 -9.21
N ALA A 1320 -9.99 14.12 -9.28
CA ALA A 1320 -9.31 15.04 -10.16
C ALA A 1320 -7.85 15.16 -9.76
N THR A 1321 -7.59 14.98 -8.49
CA THR A 1321 -6.26 15.07 -7.93
C THR A 1321 -5.53 13.73 -8.10
N GLY A 1322 -6.26 12.74 -8.62
CA GLY A 1322 -5.75 11.41 -8.84
C GLY A 1322 -5.46 10.49 -7.65
N GLU A 1323 -6.22 10.62 -6.57
CA GLU A 1323 -6.01 9.80 -5.38
C GLU A 1323 -6.70 8.44 -5.36
N ALA A 1324 -6.09 7.42 -5.95
CA ALA A 1324 -6.65 6.06 -5.97
C ALA A 1324 -8.06 5.98 -6.51
N TRP A 1325 -8.34 6.68 -7.59
CA TRP A 1325 -9.66 6.71 -8.22
C TRP A 1325 -10.13 5.35 -8.74
N GLN A 1326 -9.19 4.57 -9.25
CA GLN A 1326 -9.44 3.24 -9.84
C GLN A 1326 -9.99 2.26 -8.80
N GLU A 1327 -9.59 2.48 -7.56
CA GLU A 1327 -10.05 1.67 -6.45
C GLU A 1327 -11.46 2.11 -6.13
N ILE A 1328 -11.76 3.39 -6.32
CA ILE A 1328 -13.12 3.86 -6.07
C ILE A 1328 -14.02 3.25 -7.14
N LEU A 1329 -13.58 3.40 -8.39
CA LEU A 1329 -14.30 2.86 -9.53
C LEU A 1329 -14.72 1.42 -9.24
N LEU A 1330 -13.81 0.63 -8.69
CA LEU A 1330 -14.11 -0.75 -8.37
C LEU A 1330 -15.04 -0.82 -7.18
N ALA A 1331 -14.94 0.14 -6.27
CA ALA A 1331 -15.83 0.15 -5.12
C ALA A 1331 -17.27 0.47 -5.53
N CYS A 1332 -17.43 1.11 -6.69
CA CYS A 1332 -18.74 1.51 -7.19
C CYS A 1332 -19.30 0.58 -8.25
N SER A 1333 -18.87 -0.68 -8.25
CA SER A 1333 -19.36 -1.64 -9.23
C SER A 1333 -20.55 -2.43 -8.69
N TYR A 1334 -21.19 -3.21 -9.57
CA TYR A 1334 -22.38 -3.99 -9.25
C TYR A 1334 -22.65 -4.54 -7.82
N GLY A 1335 -22.24 -5.77 -7.59
CA GLY A 1335 -22.47 -6.48 -6.34
C GLY A 1335 -22.08 -5.81 -5.04
N LYS A 1336 -22.66 -4.65 -4.76
CA LYS A 1336 -22.33 -3.96 -3.53
C LYS A 1336 -23.46 -3.98 -2.51
N LEU A 1337 -23.10 -4.10 -1.25
CA LEU A 1337 -24.06 -4.15 -0.16
C LEU A 1337 -24.82 -2.83 -0.02
N CYS A 1338 -26.14 -2.93 -0.07
CA CYS A 1338 -27.06 -1.79 0.02
C CYS A 1338 -27.15 -1.20 1.41
N ASP A 1339 -27.45 0.09 1.46
CA ASP A 1339 -27.63 0.76 2.73
C ASP A 1339 -28.86 0.14 3.34
N PRO A 1340 -28.86 0.01 4.72
CA PRO A 1340 -30.08 -0.60 5.28
C PRO A 1340 -31.33 0.22 4.95
N GLU A 1341 -31.18 1.54 4.90
CA GLU A 1341 -32.29 2.43 4.63
C GLU A 1341 -32.96 2.16 3.28
N SER A 1342 -32.18 1.84 2.25
CA SER A 1342 -32.74 1.55 0.92
C SER A 1342 -33.57 0.25 0.92
N ASP A 1343 -34.69 0.27 0.23
CA ASP A 1343 -35.61 -0.89 0.14
C ASP A 1343 -35.21 -2.01 -0.82
N TYR A 1344 -35.62 -3.24 -0.52
CA TYR A 1344 -35.31 -4.35 -1.42
C TYR A 1344 -35.87 -5.68 -0.94
N ALA A 1345 -36.41 -6.46 -1.88
CA ALA A 1345 -36.98 -7.76 -1.58
C ALA A 1345 -36.08 -8.54 -0.63
N PRO A 1346 -36.68 -9.04 0.51
CA PRO A 1346 -35.76 -9.76 1.41
C PRO A 1346 -34.94 -10.84 0.71
N GLY A 1347 -33.74 -10.45 0.30
CA GLY A 1347 -32.83 -11.35 -0.39
C GLY A 1347 -32.18 -10.69 -1.59
N GLU A 1348 -32.09 -9.37 -1.54
CA GLU A 1348 -31.48 -8.59 -2.62
C GLU A 1348 -30.64 -7.44 -2.08
N GLU A 1349 -29.83 -7.73 -1.08
CA GLU A 1349 -28.99 -6.70 -0.48
C GLU A 1349 -27.76 -6.41 -1.33
N TYR A 1350 -27.32 -7.42 -2.09
CA TYR A 1350 -26.12 -7.36 -2.93
C TYR A 1350 -26.31 -6.94 -4.38
N THR A 1351 -27.48 -6.44 -4.72
CA THR A 1351 -27.76 -6.03 -6.09
C THR A 1351 -27.37 -4.57 -6.38
N CYS A 1352 -26.84 -3.88 -5.39
CA CYS A 1352 -26.49 -2.50 -5.61
C CYS A 1352 -25.05 -2.18 -6.02
N GLY A 1353 -24.90 -1.88 -7.30
CA GLY A 1353 -23.63 -1.43 -7.88
C GLY A 1353 -23.96 -1.20 -9.35
N THR A 1354 -23.12 -0.52 -10.12
CA THR A 1354 -23.48 -0.41 -11.52
C THR A 1354 -22.22 -0.53 -12.34
N ASN A 1355 -22.23 -1.35 -13.38
CA ASN A 1355 -21.03 -1.45 -14.20
C ASN A 1355 -20.92 -0.22 -15.09
N PHE A 1356 -21.79 0.74 -14.85
CA PHE A 1356 -21.77 2.00 -15.59
C PHE A 1356 -20.66 2.88 -15.01
N ALA A 1357 -20.15 2.48 -13.85
CA ALA A 1357 -19.09 3.17 -13.15
C ALA A 1357 -17.82 3.26 -13.99
N TYR A 1358 -17.75 2.46 -15.05
CA TYR A 1358 -16.58 2.48 -15.91
C TYR A 1358 -16.63 3.65 -16.86
N TYR A 1359 -17.81 3.96 -17.38
CA TYR A 1359 -17.97 5.08 -18.29
C TYR A 1359 -17.95 6.38 -17.52
N TYR A 1360 -18.60 6.36 -16.36
CA TYR A 1360 -18.67 7.50 -15.49
C TYR A 1360 -17.30 8.01 -15.05
N PHE A 1361 -16.49 7.12 -14.50
CA PHE A 1361 -15.17 7.49 -14.02
C PHE A 1361 -14.15 7.84 -15.10
N ILE A 1362 -13.99 7.00 -16.10
CA ILE A 1362 -13.03 7.30 -17.16
C ILE A 1362 -13.39 8.61 -17.81
N SER A 1363 -14.66 8.75 -18.19
CA SER A 1363 -15.13 9.96 -18.80
C SER A 1363 -14.87 11.17 -17.89
N PHE A 1364 -15.22 11.11 -16.62
CA PHE A 1364 -14.96 12.25 -15.75
C PHE A 1364 -13.49 12.62 -15.72
N TYR A 1365 -12.64 11.61 -15.62
CA TYR A 1365 -11.21 11.86 -15.58
C TYR A 1365 -10.76 12.65 -16.81
N MET A 1366 -11.02 12.11 -17.99
CA MET A 1366 -10.63 12.75 -19.24
C MET A 1366 -11.17 14.16 -19.43
N LEU A 1367 -12.47 14.33 -19.30
CA LEU A 1367 -13.07 15.65 -19.45
C LEU A 1367 -12.43 16.61 -18.46
N CYS A 1368 -12.25 16.14 -17.24
CA CYS A 1368 -11.65 16.96 -16.21
C CYS A 1368 -10.27 17.41 -16.61
N ALA A 1369 -9.44 16.47 -17.00
CA ALA A 1369 -8.08 16.78 -17.42
C ALA A 1369 -8.12 17.78 -18.54
N PHE A 1370 -9.01 17.60 -19.51
CA PHE A 1370 -9.12 18.51 -20.64
C PHE A 1370 -9.39 19.93 -20.19
N LEU A 1371 -10.43 20.11 -19.39
CA LEU A 1371 -10.80 21.43 -18.89
C LEU A 1371 -9.67 22.08 -18.10
N ILE A 1372 -8.95 21.31 -17.32
CA ILE A 1372 -7.85 21.85 -16.52
C ILE A 1372 -6.70 22.39 -17.36
N ILE A 1373 -6.30 21.68 -18.40
CA ILE A 1373 -5.20 22.13 -19.27
C ILE A 1373 -5.64 23.35 -20.06
N ASN A 1374 -6.93 23.52 -20.18
CA ASN A 1374 -7.52 24.62 -20.92
C ASN A 1374 -7.55 25.89 -20.08
N LEU A 1375 -7.49 25.72 -18.76
CA LEU A 1375 -7.51 26.85 -17.84
C LEU A 1375 -6.10 27.36 -17.60
N PHE A 1376 -5.13 26.46 -17.62
CA PHE A 1376 -3.74 26.87 -17.40
C PHE A 1376 -3.26 27.64 -18.62
N VAL A 1377 -3.56 27.11 -19.79
CA VAL A 1377 -3.16 27.76 -21.02
C VAL A 1377 -3.75 29.15 -21.05
N ALA A 1378 -5.06 29.25 -20.88
CA ALA A 1378 -5.75 30.54 -20.86
C ALA A 1378 -4.99 31.55 -20.03
N VAL A 1379 -4.90 31.32 -18.73
CA VAL A 1379 -4.20 32.23 -17.82
C VAL A 1379 -2.79 32.58 -18.30
N ILE A 1380 -1.98 31.55 -18.55
CA ILE A 1380 -0.61 31.79 -18.99
C ILE A 1380 -0.55 32.75 -20.17
N MET A 1381 -1.33 32.47 -21.20
CA MET A 1381 -1.33 33.31 -22.40
C MET A 1381 -1.70 34.75 -22.06
N ASP A 1382 -2.86 34.94 -21.47
CA ASP A 1382 -3.33 36.27 -21.09
C ASP A 1382 -2.30 37.01 -20.22
N ASN A 1383 -1.22 36.32 -19.88
CA ASN A 1383 -0.18 36.89 -19.03
C ASN A 1383 1.20 36.87 -19.68
N PHE A 1384 1.27 36.42 -20.92
CA PHE A 1384 2.56 36.32 -21.61
C PHE A 1384 3.33 37.63 -21.77
N ASP A 1385 2.63 38.74 -21.57
CA ASP A 1385 3.24 40.06 -21.68
C ASP A 1385 4.29 40.24 -20.59
N TYR A 1386 3.92 39.88 -19.37
CA TYR A 1386 4.80 39.99 -18.21
C TYR A 1386 5.77 38.80 -18.15
N LEU A 1387 5.31 37.65 -18.60
CA LEU A 1387 6.13 36.44 -18.59
C LEU A 1387 7.34 36.57 -19.50
N THR A 1388 7.11 36.71 -20.80
CA THR A 1388 8.18 36.85 -21.78
C THR A 1388 8.55 38.31 -21.97
N ARG A 1389 8.82 39.00 -20.87
CA ARG A 1389 9.14 40.42 -20.95
C ARG A 1389 10.59 40.75 -21.18
N ASP A 1390 11.52 39.83 -20.86
CA ASP A 1390 12.96 40.10 -20.99
C ASP A 1390 13.19 41.40 -20.25
N TRP A 1391 13.02 41.33 -18.94
CA TRP A 1391 13.07 42.52 -18.07
C TRP A 1391 14.24 43.46 -18.33
N SER A 1392 15.16 43.11 -19.25
CA SER A 1392 16.33 43.94 -19.50
C SER A 1392 15.95 45.30 -20.10
N ILE A 1393 15.26 45.29 -21.24
CA ILE A 1393 15.08 46.49 -22.04
C ILE A 1393 14.09 47.45 -21.39
N LEU A 1394 12.85 47.03 -21.23
CA LEU A 1394 11.80 47.93 -20.78
C LEU A 1394 10.60 47.11 -20.31
N GLY A 1395 9.81 47.69 -19.42
CA GLY A 1395 8.49 47.20 -19.12
C GLY A 1395 7.72 48.33 -18.50
N PRO A 1396 6.58 48.03 -17.88
CA PRO A 1396 5.97 49.05 -17.02
C PRO A 1396 6.63 49.11 -15.64
N HIS A 1397 7.65 48.30 -15.39
CA HIS A 1397 8.33 48.38 -14.10
C HIS A 1397 9.18 49.64 -14.01
N HIS A 1398 9.53 50.23 -15.15
CA HIS A 1398 10.09 51.57 -15.17
C HIS A 1398 8.98 52.59 -15.11
N LEU A 1399 7.86 52.28 -15.74
CA LEU A 1399 6.75 53.22 -15.82
C LEU A 1399 6.02 53.35 -14.48
N ASP A 1400 6.19 52.38 -13.60
CA ASP A 1400 5.67 52.49 -12.24
C ASP A 1400 6.50 53.46 -11.41
N GLU A 1401 7.83 53.35 -11.49
CA GLU A 1401 8.70 54.08 -10.57
C GLU A 1401 8.78 55.55 -10.95
N PHE A 1402 8.48 55.87 -12.22
CA PHE A 1402 8.28 57.25 -12.65
C PHE A 1402 7.22 57.95 -11.81
N LYS A 1403 6.06 57.32 -11.65
CA LYS A 1403 4.96 57.92 -10.93
C LYS A 1403 5.23 57.93 -9.43
N ALA A 1404 6.01 56.96 -8.95
CA ALA A 1404 6.31 56.91 -7.52
C ALA A 1404 7.36 57.94 -7.13
N ILE A 1405 8.07 58.49 -8.13
CA ILE A 1405 8.84 59.70 -7.90
C ILE A 1405 8.00 60.93 -8.18
N TRP A 1406 7.09 60.83 -9.15
CA TRP A 1406 6.11 61.90 -9.41
C TRP A 1406 5.14 62.08 -8.25
N ALA A 1407 4.98 61.05 -7.42
CA ALA A 1407 4.14 61.16 -6.24
C ALA A 1407 4.78 62.04 -5.17
N GLU A 1408 6.09 62.28 -5.27
CA GLU A 1408 6.75 63.18 -4.34
C GLU A 1408 6.64 64.61 -4.81
N TYR A 1409 6.11 64.81 -6.03
CA TYR A 1409 5.93 66.17 -6.54
C TYR A 1409 4.46 66.51 -6.68
N ASP A 1410 3.58 65.51 -6.52
CA ASP A 1410 2.13 65.66 -6.45
C ASP A 1410 1.60 65.12 -5.14
N PRO A 1411 1.04 65.94 -4.26
CA PRO A 1411 0.24 65.37 -3.18
C PRO A 1411 -1.01 64.67 -3.68
N GLU A 1412 -1.90 65.39 -4.33
CA GLU A 1412 -2.89 64.80 -5.21
C GLU A 1412 -2.57 65.30 -6.60
N ALA A 1413 -3.22 64.69 -7.60
CA ALA A 1413 -2.72 64.63 -8.97
C ALA A 1413 -2.57 65.98 -9.65
N LYS A 1414 -3.70 66.65 -9.89
CA LYS A 1414 -3.83 67.99 -10.49
C LYS A 1414 -3.34 68.08 -11.93
N GLY A 1415 -2.85 66.99 -12.50
CA GLY A 1415 -2.27 67.11 -13.81
C GLY A 1415 -0.79 67.45 -13.75
N ARG A 1416 -0.51 68.75 -13.75
CA ARG A 1416 0.80 69.32 -13.98
C ARG A 1416 1.52 69.64 -12.67
N ILE A 1417 2.83 69.86 -12.78
CA ILE A 1417 3.66 70.34 -11.67
C ILE A 1417 4.51 71.50 -12.16
N LYS A 1418 5.35 72.04 -11.27
CA LYS A 1418 6.21 73.15 -11.61
C LYS A 1418 7.34 72.68 -12.52
N HIS A 1419 7.96 73.62 -13.23
CA HIS A 1419 9.08 73.28 -14.11
C HIS A 1419 10.40 73.29 -13.33
N LEU A 1420 10.40 73.89 -12.14
CA LEU A 1420 11.59 73.89 -11.29
C LEU A 1420 11.89 72.49 -10.76
N ASP A 1421 10.86 71.65 -10.63
CA ASP A 1421 11.03 70.27 -10.18
C ASP A 1421 11.17 69.29 -11.33
N VAL A 1422 11.10 69.76 -12.57
CA VAL A 1422 11.21 68.84 -13.71
C VAL A 1422 12.63 68.32 -13.85
N VAL A 1423 13.62 69.20 -13.70
CA VAL A 1423 15.01 68.79 -13.81
C VAL A 1423 15.39 67.89 -12.63
N THR A 1424 14.75 68.09 -11.48
CA THR A 1424 15.01 67.22 -10.33
C THR A 1424 14.23 65.91 -10.43
N LEU A 1425 13.31 65.80 -11.39
CA LEU A 1425 12.68 64.52 -11.66
C LEU A 1425 13.61 63.61 -12.45
N LEU A 1426 14.37 64.17 -13.39
CA LEU A 1426 15.22 63.39 -14.27
C LEU A 1426 16.46 62.87 -13.55
N ARG A 1427 16.82 63.49 -12.42
CA ARG A 1427 17.92 62.98 -11.61
C ARG A 1427 17.53 61.69 -10.88
N ARG A 1428 16.24 61.47 -10.67
CA ARG A 1428 15.81 60.31 -9.89
C ARG A 1428 15.61 59.06 -10.74
N ILE A 1429 15.72 59.16 -12.05
CA ILE A 1429 15.26 58.11 -12.94
C ILE A 1429 16.41 57.13 -13.23
N GLN A 1430 16.06 55.86 -13.36
CA GLN A 1430 16.95 54.85 -13.90
C GLN A 1430 17.36 55.22 -15.33
N PRO A 1431 18.61 55.00 -15.71
CA PRO A 1431 19.11 55.46 -17.02
C PRO A 1431 18.53 54.75 -18.24
N PRO A 1432 18.04 53.49 -18.17
CA PRO A 1432 17.25 53.01 -19.32
C PRO A 1432 15.93 53.71 -19.54
N LEU A 1433 15.45 54.48 -18.59
CA LEU A 1433 14.30 55.33 -18.82
C LEU A 1433 14.63 56.81 -18.94
N GLY A 1434 15.61 57.29 -18.16
CA GLY A 1434 15.95 58.69 -18.18
C GLY A 1434 17.36 59.01 -18.60
N PHE A 1435 18.23 59.26 -17.62
CA PHE A 1435 19.60 59.72 -17.87
C PHE A 1435 20.57 58.99 -16.94
N GLY A 1436 21.85 59.04 -17.30
CA GLY A 1436 22.82 58.03 -16.92
C GLY A 1436 23.32 58.09 -15.49
N LYS A 1437 24.38 57.31 -15.27
CA LYS A 1437 25.32 57.48 -14.16
C LYS A 1437 26.34 58.58 -14.42
N PHE A 1438 26.21 59.31 -15.51
CA PHE A 1438 26.98 60.52 -15.72
C PHE A 1438 26.34 61.72 -15.01
N CYS A 1439 27.02 62.86 -15.13
CA CYS A 1439 26.53 64.13 -14.62
C CYS A 1439 25.56 64.76 -15.63
N PRO A 1440 24.44 65.33 -15.18
CA PRO A 1440 23.39 65.74 -16.13
C PRO A 1440 23.66 67.04 -16.91
N HIS A 1441 24.88 67.55 -16.90
CA HIS A 1441 25.14 68.92 -17.35
C HIS A 1441 25.09 69.05 -18.88
N ARG A 1442 25.41 67.97 -19.60
CA ARG A 1442 25.53 68.06 -21.05
C ARG A 1442 24.39 67.34 -21.76
N VAL A 1443 24.17 66.07 -21.44
CA VAL A 1443 23.18 65.28 -22.17
C VAL A 1443 21.78 65.62 -21.67
N ALA A 1444 21.63 65.66 -20.34
CA ALA A 1444 20.31 65.85 -19.74
C ALA A 1444 19.88 67.31 -19.76
N CYS A 1445 20.82 68.25 -19.87
CA CYS A 1445 20.41 69.62 -20.08
C CYS A 1445 19.96 69.89 -21.52
N LYS A 1446 20.68 69.36 -22.51
CA LYS A 1446 20.44 69.71 -23.91
C LYS A 1446 19.22 68.97 -24.47
N ARG A 1447 19.04 67.71 -24.09
CA ARG A 1447 18.00 66.88 -24.69
C ARG A 1447 16.61 67.29 -24.22
N LEU A 1448 16.47 67.78 -22.97
CA LEU A 1448 15.16 68.09 -22.42
C LEU A 1448 14.51 69.28 -23.11
N VAL A 1449 15.30 70.15 -23.73
CA VAL A 1449 14.75 71.29 -24.47
C VAL A 1449 14.58 70.88 -25.92
N GLY A 1450 15.54 70.10 -26.44
CA GLY A 1450 15.53 69.75 -27.85
C GLY A 1450 14.50 68.70 -28.24
N MET A 1451 14.36 67.65 -27.45
CA MET A 1451 13.23 66.75 -27.58
C MET A 1451 11.96 67.47 -27.17
N ASN A 1452 10.86 67.10 -27.84
CA ASN A 1452 9.64 67.89 -27.77
C ASN A 1452 8.99 67.76 -26.39
N MET A 1453 8.21 68.78 -26.02
CA MET A 1453 7.37 68.81 -24.84
C MET A 1453 6.34 69.90 -25.02
N PRO A 1454 5.14 69.75 -24.43
CA PRO A 1454 4.15 70.83 -24.51
C PRO A 1454 4.49 72.01 -23.61
N LEU A 1455 4.27 73.23 -24.07
CA LEU A 1455 4.61 74.44 -23.32
C LEU A 1455 3.33 75.17 -22.92
N ASN A 1456 2.87 74.88 -21.70
CA ASN A 1456 1.86 75.68 -21.04
C ASN A 1456 2.57 76.72 -20.17
N SER A 1457 1.85 77.37 -19.25
CA SER A 1457 2.41 78.39 -18.36
C SER A 1457 3.54 77.83 -17.49
N ASP A 1458 4.31 78.75 -16.88
CA ASP A 1458 5.71 78.61 -16.39
C ASP A 1458 5.87 77.32 -15.58
N GLY A 1459 5.21 77.19 -14.44
CA GLY A 1459 5.23 75.94 -13.72
C GLY A 1459 4.06 75.02 -14.00
N THR A 1460 3.73 74.80 -15.27
CA THR A 1460 2.67 73.87 -15.65
C THR A 1460 3.09 73.08 -16.88
N VAL A 1461 3.69 71.90 -16.65
CA VAL A 1461 3.81 70.87 -17.68
C VAL A 1461 3.21 69.59 -17.11
N THR A 1462 2.36 68.94 -17.92
CA THR A 1462 1.44 67.94 -17.38
C THR A 1462 2.10 66.60 -17.12
N PHE A 1463 1.47 65.80 -16.23
CA PHE A 1463 1.77 64.38 -16.11
C PHE A 1463 1.55 63.61 -17.40
N ASN A 1464 0.42 63.84 -18.05
CA ASN A 1464 -0.08 62.99 -19.10
C ASN A 1464 0.78 63.01 -20.35
N ALA A 1465 1.64 64.01 -20.54
CA ALA A 1465 2.41 64.14 -21.76
C ALA A 1465 3.90 64.31 -21.54
N THR A 1466 4.34 64.57 -20.32
CA THR A 1466 5.78 64.56 -20.05
C THR A 1466 6.32 63.15 -20.14
N LEU A 1467 5.55 62.21 -19.63
CA LEU A 1467 5.87 60.79 -19.68
C LEU A 1467 5.86 60.26 -21.11
N PHE A 1468 5.19 60.95 -22.03
CA PHE A 1468 5.20 60.49 -23.41
C PHE A 1468 6.57 60.67 -24.06
N ALA A 1469 7.03 61.92 -24.18
CA ALA A 1469 8.28 62.19 -24.88
C ALA A 1469 9.49 61.67 -24.11
N LEU A 1470 9.34 61.46 -22.81
CA LEU A 1470 10.34 60.76 -22.03
C LEU A 1470 10.43 59.29 -22.39
N VAL A 1471 9.33 58.67 -22.88
CA VAL A 1471 9.41 57.30 -23.37
C VAL A 1471 9.43 57.24 -24.89
N ARG A 1472 8.99 58.29 -25.58
CA ARG A 1472 9.21 58.39 -27.02
C ARG A 1472 10.70 58.56 -27.34
N THR A 1473 11.46 59.15 -26.43
CA THR A 1473 12.91 59.26 -26.61
C THR A 1473 13.58 57.91 -26.47
N ALA A 1474 13.29 57.18 -25.38
CA ALA A 1474 13.99 55.94 -25.03
C ALA A 1474 13.83 54.85 -26.07
N LEU A 1475 12.69 54.82 -26.77
CA LEU A 1475 12.48 54.03 -27.97
C LEU A 1475 11.29 54.62 -28.73
N LYS A 1476 11.19 54.24 -30.00
CA LYS A 1476 10.35 54.86 -31.03
C LYS A 1476 10.70 56.35 -31.15
N ILE A 1477 11.93 56.58 -31.59
CA ILE A 1477 12.50 57.93 -31.60
C ILE A 1477 12.57 58.46 -33.04
N LYS A 1478 12.10 59.69 -33.23
CA LYS A 1478 11.70 60.18 -34.55
C LYS A 1478 12.34 61.53 -34.85
N THR A 1479 12.34 61.88 -36.14
CA THR A 1479 12.81 63.16 -36.62
C THR A 1479 11.70 64.20 -36.60
N GLU A 1480 12.09 65.46 -36.78
CA GLU A 1480 11.14 66.57 -36.67
C GLU A 1480 10.31 66.72 -37.94
N GLY A 1481 9.18 67.42 -37.80
CA GLY A 1481 8.19 67.56 -38.85
C GLY A 1481 7.13 66.50 -38.77
N ASN A 1482 7.54 65.29 -38.37
CA ASN A 1482 6.64 64.16 -38.15
C ASN A 1482 6.32 63.96 -36.68
N PHE A 1483 6.21 65.05 -35.91
CA PHE A 1483 5.61 64.97 -34.58
C PHE A 1483 4.10 64.79 -34.65
N GLU A 1484 3.51 65.04 -35.80
CA GLU A 1484 2.13 64.66 -36.06
C GLU A 1484 2.00 63.20 -36.48
N GLN A 1485 3.09 62.57 -36.92
CA GLN A 1485 3.03 61.21 -37.40
C GLN A 1485 3.03 60.20 -36.26
N ALA A 1486 3.60 60.55 -35.11
CA ALA A 1486 3.42 59.75 -33.92
C ALA A 1486 1.99 59.86 -33.41
N ASN A 1487 1.44 61.08 -33.46
CA ASN A 1487 0.04 61.30 -33.17
C ASN A 1487 -0.89 60.77 -34.26
N GLU A 1488 -0.37 60.57 -35.47
CA GLU A 1488 -1.17 59.92 -36.51
C GLU A 1488 -1.37 58.44 -36.20
N GLU A 1489 -0.30 57.77 -35.78
CA GLU A 1489 -0.34 56.36 -35.42
C GLU A 1489 -1.13 56.10 -34.15
N LEU A 1490 -1.19 57.06 -33.24
CA LEU A 1490 -1.83 56.89 -31.93
C LEU A 1490 -3.34 56.99 -31.99
N ARG A 1491 -3.95 56.89 -33.18
CA ARG A 1491 -5.39 56.90 -33.34
C ARG A 1491 -5.90 55.71 -34.11
N ALA A 1492 -5.05 55.08 -34.94
CA ALA A 1492 -5.50 53.95 -35.75
C ALA A 1492 -5.39 52.62 -35.02
N ILE A 1493 -4.17 52.21 -34.69
CA ILE A 1493 -3.93 50.92 -34.04
C ILE A 1493 -4.21 50.96 -32.55
N ILE A 1494 -4.21 52.18 -32.01
CA ILE A 1494 -4.52 52.43 -30.61
C ILE A 1494 -6.03 52.52 -30.49
N LYS A 1495 -6.54 52.39 -29.28
CA LYS A 1495 -7.98 52.48 -29.02
C LYS A 1495 -8.34 53.96 -29.16
N LYS A 1496 -9.63 54.28 -29.19
CA LYS A 1496 -10.03 55.68 -29.36
C LYS A 1496 -9.33 56.47 -28.26
N ILE A 1497 -8.75 57.60 -28.65
CA ILE A 1497 -7.96 58.39 -27.72
C ILE A 1497 -8.76 58.82 -26.50
N TRP A 1498 -10.01 59.19 -26.70
CA TRP A 1498 -10.85 59.62 -25.59
C TRP A 1498 -10.66 61.12 -25.39
N LYS A 1499 -9.92 61.73 -26.31
CA LYS A 1499 -9.67 63.16 -26.27
C LYS A 1499 -8.51 63.58 -25.37
N ARG A 1500 -7.77 62.62 -24.82
CA ARG A 1500 -6.66 63.03 -23.96
C ARG A 1500 -5.36 63.26 -24.72
N THR A 1501 -5.25 62.80 -25.97
CA THR A 1501 -4.01 62.95 -26.70
C THR A 1501 -3.83 64.34 -27.30
N SER A 1502 -4.78 65.25 -27.11
CA SER A 1502 -4.64 66.59 -27.70
C SER A 1502 -3.56 67.41 -27.00
N MET A 1503 -3.18 67.02 -25.78
CA MET A 1503 -1.93 67.51 -25.22
C MET A 1503 -0.79 66.52 -25.42
N LYS A 1504 -1.09 65.25 -25.70
CA LYS A 1504 -0.07 64.27 -26.03
C LYS A 1504 0.29 64.24 -27.51
N LEU A 1505 -0.48 64.94 -28.36
CA LEU A 1505 -0.06 65.17 -29.73
C LEU A 1505 0.94 66.29 -29.79
N LEU A 1506 0.56 67.45 -29.25
CA LEU A 1506 1.44 68.60 -29.13
C LEU A 1506 2.47 68.39 -28.03
N MET B 1 -19.09 59.01 -5.32
CA MET B 1 -20.45 58.59 -5.66
C MET B 1 -20.39 57.20 -6.29
N SER B 2 -19.21 56.84 -6.82
CA SER B 2 -19.07 55.53 -7.45
C SER B 2 -18.96 54.33 -6.51
N PRO B 3 -18.38 54.41 -5.27
CA PRO B 3 -18.49 53.22 -4.41
C PRO B 3 -19.57 53.34 -3.37
N THR B 4 -20.21 54.50 -3.26
CA THR B 4 -21.21 54.71 -2.21
C THR B 4 -22.61 54.89 -2.74
N GLU B 5 -22.80 55.18 -4.02
CA GLU B 5 -24.13 55.35 -4.59
C GLU B 5 -24.39 54.37 -5.72
N ALA B 6 -23.48 53.43 -5.95
CA ALA B 6 -23.77 52.29 -6.79
C ALA B 6 -24.87 51.45 -6.13
N PRO B 7 -25.73 50.81 -6.94
CA PRO B 7 -26.77 49.97 -6.33
C PRO B 7 -26.21 48.69 -5.74
N LYS B 8 -25.11 48.18 -6.28
CA LYS B 8 -24.55 46.92 -5.81
C LYS B 8 -23.98 47.02 -4.40
N VAL B 9 -23.71 48.24 -3.93
CA VAL B 9 -23.25 48.47 -2.57
C VAL B 9 -24.41 48.82 -1.65
N ARG B 10 -25.58 49.11 -2.20
CA ARG B 10 -26.73 49.44 -1.38
C ARG B 10 -27.71 48.28 -1.23
N VAL B 11 -27.75 47.39 -2.23
CA VAL B 11 -28.39 46.08 -2.04
C VAL B 11 -27.73 45.32 -0.90
N THR B 12 -26.40 45.38 -0.83
CA THR B 12 -25.68 44.72 0.26
C THR B 12 -25.90 45.44 1.58
N LEU B 13 -25.92 46.76 1.56
CA LEU B 13 -26.04 47.50 2.81
C LEU B 13 -27.46 47.43 3.35
N PHE B 14 -28.45 47.25 2.48
CA PHE B 14 -29.81 46.98 2.95
C PHE B 14 -29.94 45.53 3.42
N CYS B 15 -29.15 44.63 2.86
CA CYS B 15 -29.16 43.26 3.35
C CYS B 15 -28.64 43.18 4.78
N ILE B 16 -27.58 43.93 5.11
CA ILE B 16 -27.10 44.04 6.50
C ILE B 16 -28.17 44.62 7.40
N LEU B 17 -29.07 45.47 6.87
CA LEU B 17 -30.17 45.97 7.67
C LEU B 17 -31.16 44.88 8.04
N VAL B 18 -31.20 43.78 7.29
CA VAL B 18 -31.97 42.61 7.71
C VAL B 18 -31.24 41.83 8.79
N GLY B 19 -29.96 41.56 8.57
CA GLY B 19 -29.17 40.83 9.55
C GLY B 19 -28.82 41.61 10.80
N ILE B 20 -29.01 42.93 10.80
CA ILE B 20 -28.78 43.67 12.03
C ILE B 20 -29.92 43.42 13.00
N VAL B 21 -31.10 43.03 12.50
CA VAL B 21 -32.27 42.81 13.34
C VAL B 21 -32.51 41.32 13.59
N LEU B 22 -32.15 40.45 12.64
CA LEU B 22 -32.28 39.02 12.91
C LEU B 22 -31.26 38.56 13.95
N ALA B 23 -30.07 39.14 13.97
CA ALA B 23 -29.17 38.86 15.08
C ALA B 23 -29.64 39.52 16.36
N MET B 24 -30.46 40.57 16.25
CA MET B 24 -31.16 41.10 17.41
C MET B 24 -32.39 40.30 17.77
N THR B 25 -33.01 39.59 16.82
CA THR B 25 -34.09 38.68 17.14
C THR B 25 -33.58 37.52 17.99
N ALA B 26 -32.41 37.00 17.66
CA ALA B 26 -31.82 35.91 18.41
C ALA B 26 -31.37 36.35 19.79
N VAL B 27 -30.77 37.54 19.92
CA VAL B 27 -30.11 37.90 21.17
C VAL B 27 -31.09 38.30 22.25
N VAL B 28 -32.38 38.37 21.95
CA VAL B 28 -33.40 38.53 22.98
C VAL B 28 -34.28 37.29 23.12
N SER B 29 -34.53 36.54 22.06
CA SER B 29 -35.41 35.38 22.16
C SER B 29 -34.63 34.19 22.65
N ASP B 30 -35.17 33.48 23.63
CA ASP B 30 -34.54 32.30 24.20
C ASP B 30 -35.36 31.08 23.81
N HIS B 31 -35.13 30.61 22.58
CA HIS B 31 -35.92 29.53 22.00
C HIS B 31 -35.07 28.56 21.19
N TRP B 32 -33.75 28.61 21.28
CA TRP B 32 -32.93 27.79 20.40
C TRP B 32 -32.54 26.47 21.00
N ALA B 33 -33.27 25.96 21.99
CA ALA B 33 -33.07 24.61 22.46
C ALA B 33 -34.35 24.13 23.09
N VAL B 34 -34.52 22.81 23.12
CA VAL B 34 -35.64 22.16 23.77
C VAL B 34 -35.08 21.05 24.65
N LEU B 35 -35.18 21.24 25.97
CA LEU B 35 -35.05 20.12 26.89
C LEU B 35 -36.32 19.28 26.81
N SER B 36 -36.15 17.97 26.69
CA SER B 36 -37.29 17.07 26.47
C SER B 36 -37.13 15.77 27.27
N PRO B 37 -37.27 15.84 28.63
CA PRO B 37 -37.17 14.60 29.42
C PRO B 37 -38.37 13.69 29.26
N HIS B 38 -39.54 14.24 29.56
CA HIS B 38 -40.83 13.51 29.70
C HIS B 38 -40.73 12.25 30.57
N CYS B 46 -44.30 17.99 33.64
CA CYS B 46 -43.37 18.11 32.51
C CYS B 46 -42.24 19.08 32.83
N GLU B 47 -41.05 18.77 32.34
CA GLU B 47 -39.88 19.60 32.59
C GLU B 47 -39.25 20.12 31.30
N ALA B 48 -40.07 20.58 30.35
CA ALA B 48 -39.57 21.00 29.05
C ALA B 48 -39.03 22.43 29.14
N ALA B 49 -37.72 22.59 28.94
CA ALA B 49 -37.05 23.87 29.11
C ALA B 49 -36.49 24.37 27.79
N HIS B 50 -36.52 25.69 27.62
CA HIS B 50 -36.11 26.37 26.39
C HIS B 50 -34.94 27.30 26.69
N PHE B 51 -33.78 26.98 26.15
CA PHE B 51 -32.58 27.69 26.56
C PHE B 51 -32.37 28.94 25.70
N GLY B 52 -31.41 29.75 26.11
CA GLY B 52 -31.10 31.00 25.44
C GLY B 52 -29.78 31.51 25.96
N LEU B 53 -29.64 32.83 25.98
CA LEU B 53 -28.46 33.42 26.62
C LEU B 53 -28.77 33.92 28.01
N TRP B 54 -29.91 34.58 28.17
CA TRP B 54 -30.17 35.38 29.35
C TRP B 54 -31.21 34.78 30.29
N ARG B 55 -32.18 34.06 29.74
CA ARG B 55 -33.23 33.45 30.53
C ARG B 55 -33.42 31.97 30.20
N ILE B 56 -33.71 31.20 31.24
CA ILE B 56 -33.94 29.76 31.11
C ILE B 56 -35.33 29.48 31.67
N CYS B 57 -36.23 29.01 30.82
CA CYS B 57 -37.62 28.93 31.17
C CYS B 57 -38.13 27.51 30.94
N THR B 58 -38.74 26.93 31.98
CA THR B 58 -39.26 25.56 31.96
C THR B 58 -40.78 25.61 31.94
N LYS B 59 -41.36 25.04 30.90
CA LYS B 59 -42.79 25.12 30.64
C LYS B 59 -43.38 23.72 30.71
N ARG B 60 -44.58 23.60 31.27
CA ARG B 60 -45.22 22.30 31.46
C ARG B 60 -45.75 21.78 30.15
N GLY B 76 -50.96 29.33 33.52
CA GLY B 76 -49.87 28.49 33.06
C GLY B 76 -48.65 28.63 33.94
N GLU B 77 -47.82 27.59 33.98
CA GLU B 77 -46.62 27.61 34.82
C GLU B 77 -45.41 27.96 33.96
N LYS B 78 -45.34 29.25 33.62
CA LYS B 78 -44.24 29.87 32.88
C LYS B 78 -43.24 30.46 33.89
N ASN B 79 -42.18 29.70 34.18
CA ASN B 79 -41.16 30.07 35.16
C ASN B 79 -39.87 30.40 34.41
N CYS B 80 -39.66 31.67 34.11
CA CYS B 80 -38.46 32.09 33.40
C CYS B 80 -37.46 32.72 34.37
N SER B 81 -36.22 32.25 34.33
CA SER B 81 -35.19 32.72 35.25
C SER B 81 -33.81 32.52 34.61
N TYR B 82 -32.76 32.89 35.33
CA TYR B 82 -31.39 32.74 34.85
C TYR B 82 -30.72 31.56 35.56
N PHE B 83 -29.44 31.32 35.27
CA PHE B 83 -28.75 30.22 35.92
C PHE B 83 -27.73 30.75 36.93
N SER B 104 -23.63 29.03 29.46
CA SER B 104 -24.55 30.11 29.13
C SER B 104 -23.89 31.48 29.29
N ILE B 105 -22.97 31.57 30.26
CA ILE B 105 -22.27 32.82 30.52
C ILE B 105 -21.32 33.16 29.38
N SER B 106 -20.65 32.16 28.85
CA SER B 106 -19.71 32.35 27.75
C SER B 106 -20.40 32.98 26.54
N ALA B 107 -21.51 32.37 26.12
CA ALA B 107 -22.26 32.87 24.98
C ALA B 107 -22.75 34.30 25.23
N ALA B 108 -23.28 34.53 26.42
CA ALA B 108 -23.79 35.85 26.79
C ALA B 108 -22.68 36.90 26.72
N ALA B 109 -21.52 36.58 27.28
CA ALA B 109 -20.39 37.50 27.28
C ALA B 109 -19.86 37.70 25.85
N ILE B 110 -19.89 36.64 25.06
CA ILE B 110 -19.42 36.70 23.68
C ILE B 110 -20.36 37.53 22.82
N SER B 111 -21.65 37.46 23.13
CA SER B 111 -22.65 38.20 22.38
C SER B 111 -22.89 39.60 22.90
N VAL B 112 -22.11 40.07 23.88
CA VAL B 112 -21.99 41.50 24.05
C VAL B 112 -21.14 42.08 22.94
N PHE B 113 -20.10 41.36 22.54
CA PHE B 113 -19.24 41.84 21.47
C PHE B 113 -19.89 41.74 20.11
N SER B 114 -20.69 40.71 19.87
CA SER B 114 -21.39 40.62 18.60
C SER B 114 -22.40 41.74 18.44
N LEU B 115 -23.00 42.18 19.53
CA LEU B 115 -23.80 43.39 19.51
C LEU B 115 -22.93 44.63 19.70
N GLY B 116 -21.68 44.46 20.09
CA GLY B 116 -20.81 45.61 20.27
C GLY B 116 -20.17 46.09 18.98
N PHE B 117 -19.72 45.14 18.16
CA PHE B 117 -19.13 45.46 16.87
C PHE B 117 -20.13 46.07 15.92
N LEU B 118 -21.38 45.61 16.05
CA LEU B 118 -22.49 46.05 15.19
C LEU B 118 -22.76 47.53 15.33
N ILE B 119 -22.82 48.01 16.57
CA ILE B 119 -22.99 49.44 16.76
C ILE B 119 -21.80 50.17 16.19
N MET B 120 -20.60 49.64 16.46
CA MET B 120 -19.37 50.30 16.07
C MET B 120 -19.16 50.25 14.56
N GLY B 121 -19.76 49.27 13.88
CA GLY B 121 -19.68 49.24 12.44
C GLY B 121 -20.65 50.17 11.75
N THR B 122 -21.82 50.38 12.34
CA THR B 122 -22.83 51.24 11.71
C THR B 122 -22.48 52.71 11.85
N ILE B 123 -21.86 53.11 12.96
CA ILE B 123 -21.40 54.48 13.14
C ILE B 123 -20.36 54.83 12.09
N CYS B 124 -19.56 53.85 11.69
CA CYS B 124 -18.72 54.05 10.51
C CYS B 124 -19.55 54.01 9.23
N ALA B 125 -20.58 53.18 9.16
CA ALA B 125 -21.35 53.06 7.92
C ALA B 125 -22.36 54.18 7.75
N LEU B 126 -22.97 54.65 8.83
CA LEU B 126 -23.93 55.74 8.72
C LEU B 126 -23.23 57.05 8.41
N MET B 127 -21.99 57.19 8.81
CA MET B 127 -21.28 58.45 8.56
C MET B 127 -20.54 58.45 7.23
N ALA B 128 -20.41 57.28 6.61
CA ALA B 128 -19.73 57.18 5.33
C ALA B 128 -20.64 57.40 4.14
N PHE B 129 -21.93 57.67 4.32
CA PHE B 129 -22.76 58.06 3.19
C PHE B 129 -22.88 59.55 3.05
N ARG B 130 -22.17 60.31 3.88
CA ARG B 130 -22.24 61.76 3.80
C ARG B 130 -20.88 62.42 3.84
N LYS B 131 -20.77 63.60 3.26
CA LYS B 131 -19.49 64.34 3.27
C LYS B 131 -18.45 63.83 2.29
N LYS B 132 -18.91 63.00 1.35
CA LYS B 132 -18.07 62.44 0.30
C LYS B 132 -16.88 61.58 0.73
N ARG B 133 -17.04 60.81 1.79
CA ARG B 133 -15.97 59.94 2.25
C ARG B 133 -16.44 58.50 2.08
N ASP B 134 -15.60 57.68 1.48
CA ASP B 134 -15.97 56.32 1.14
C ASP B 134 -14.96 55.32 1.63
N TYR B 135 -13.82 55.80 2.11
CA TYR B 135 -12.77 54.97 2.68
C TYR B 135 -13.35 54.32 3.92
N LEU B 136 -14.19 55.09 4.62
CA LEU B 136 -14.85 54.68 5.84
C LEU B 136 -15.78 53.49 5.62
N LEU B 137 -16.25 53.32 4.39
CA LEU B 137 -17.13 52.22 4.08
C LEU B 137 -16.41 50.89 4.34
N ARG B 138 -15.13 50.83 3.97
CA ARG B 138 -14.34 49.61 4.16
C ARG B 138 -14.18 49.21 5.63
N PRO B 139 -13.90 50.24 6.52
CA PRO B 139 -13.77 49.80 7.93
C PRO B 139 -15.07 49.23 8.47
N ALA B 140 -16.20 49.80 8.06
CA ALA B 140 -17.50 49.33 8.54
C ALA B 140 -17.65 47.86 8.15
N SER B 141 -17.24 47.50 6.93
CA SER B 141 -17.30 46.12 6.51
C SER B 141 -16.46 45.22 7.36
N MET B 142 -15.53 45.76 8.16
CA MET B 142 -14.75 44.90 9.03
C MET B 142 -15.59 44.46 10.19
N PHE B 143 -16.32 45.39 10.78
CA PHE B 143 -17.04 45.07 11.99
C PHE B 143 -18.26 44.21 11.73
N TYR B 144 -18.70 44.13 10.49
CA TYR B 144 -19.78 43.22 10.19
C TYR B 144 -19.29 41.81 9.95
N VAL B 145 -18.04 41.63 9.55
CA VAL B 145 -17.49 40.28 9.59
C VAL B 145 -17.27 39.89 11.04
N PHE B 146 -16.76 40.79 11.84
CA PHE B 146 -16.54 40.41 13.21
C PHE B 146 -17.87 40.18 13.89
N ALA B 147 -18.84 41.06 13.70
CA ALA B 147 -20.11 40.77 14.33
C ALA B 147 -20.72 39.51 13.78
N GLY B 148 -20.26 39.06 12.62
CA GLY B 148 -20.74 37.81 12.07
C GLY B 148 -20.10 36.67 12.83
N LEU B 149 -18.80 36.76 13.01
CA LEU B 149 -18.03 35.70 13.64
C LEU B 149 -18.14 35.69 15.15
N CYS B 150 -18.64 36.74 15.77
CA CYS B 150 -18.89 36.69 17.20
C CYS B 150 -20.29 36.21 17.53
N LEU B 151 -21.13 35.87 16.54
CA LEU B 151 -22.26 35.00 16.80
C LEU B 151 -21.90 33.55 16.62
N PHE B 152 -20.98 33.26 15.71
CA PHE B 152 -20.56 31.90 15.42
C PHE B 152 -19.78 31.29 16.58
N VAL B 153 -19.10 32.09 17.38
CA VAL B 153 -18.63 31.56 18.66
C VAL B 153 -19.81 31.32 19.58
N SER B 154 -20.74 32.28 19.60
CA SER B 154 -21.93 32.17 20.43
C SER B 154 -22.72 30.91 20.09
N LEU B 155 -22.84 30.64 18.80
CA LEU B 155 -23.56 29.46 18.33
C LEU B 155 -22.89 28.19 18.84
N GLU B 156 -21.57 28.17 18.78
CA GLU B 156 -20.80 27.01 19.23
C GLU B 156 -20.85 26.91 20.76
N VAL B 157 -20.91 28.05 21.42
CA VAL B 157 -20.96 28.10 22.87
C VAL B 157 -22.29 27.59 23.42
N MET B 158 -23.37 27.85 22.68
CA MET B 158 -24.70 27.42 23.09
C MET B 158 -24.92 25.93 22.84
N ARG B 159 -24.21 25.39 21.85
CA ARG B 159 -24.33 23.99 21.50
C ARG B 159 -23.77 23.09 22.60
N GLN B 160 -22.70 23.54 23.25
CA GLN B 160 -22.06 22.78 24.31
C GLN B 160 -22.96 22.65 25.52
N SER B 161 -23.73 23.70 25.80
CA SER B 161 -24.65 23.71 26.94
C SER B 161 -25.74 22.66 26.78
N VAL B 162 -26.24 22.51 25.56
CA VAL B 162 -27.30 21.54 25.27
C VAL B 162 -26.73 20.14 25.12
N LYS B 163 -25.44 20.06 24.81
CA LYS B 163 -24.78 18.78 24.63
C LYS B 163 -24.38 18.15 25.98
N ARG B 164 -24.10 19.00 26.96
CA ARG B 164 -23.71 18.54 28.28
C ARG B 164 -24.93 18.24 29.15
N MET B 165 -26.08 18.74 28.73
CA MET B 165 -27.33 18.52 29.47
C MET B 165 -28.30 17.68 28.66
N ILE B 174 -34.47 13.28 27.66
CA ILE B 174 -33.69 14.50 27.55
C ILE B 174 -33.06 14.55 26.15
N GLU B 175 -33.56 15.46 25.32
CA GLU B 175 -33.14 15.58 23.93
C GLU B 175 -32.77 17.01 23.55
N TYR B 176 -32.63 17.28 22.26
CA TYR B 176 -32.36 18.64 21.80
C TYR B 176 -33.04 18.91 20.46
N TYR B 177 -33.53 20.14 20.33
CA TYR B 177 -34.22 20.60 19.14
C TYR B 177 -34.23 22.11 19.15
N TYR B 178 -33.88 22.72 18.03
CA TYR B 178 -33.87 24.17 17.89
C TYR B 178 -34.81 24.58 16.76
N SER B 179 -35.63 25.60 17.02
CA SER B 179 -36.66 25.92 16.04
C SER B 179 -36.72 27.38 15.65
N TRP B 180 -36.53 28.29 16.60
CA TRP B 180 -36.97 29.67 16.46
C TRP B 180 -35.82 30.67 16.48
N SER B 181 -34.69 30.34 17.09
CA SER B 181 -33.63 31.30 17.29
C SER B 181 -32.22 30.74 17.17
N PHE B 182 -32.05 29.49 16.77
CA PHE B 182 -30.74 29.05 16.31
C PHE B 182 -30.66 29.26 14.82
N ALA B 183 -31.70 28.82 14.10
CA ALA B 183 -31.79 29.06 12.68
C ALA B 183 -32.11 30.51 12.35
N CYS B 184 -32.51 31.30 13.34
CA CYS B 184 -32.49 32.74 13.17
C CYS B 184 -31.06 33.26 13.14
N ALA B 185 -30.29 32.96 14.19
CA ALA B 185 -28.93 33.43 14.25
C ALA B 185 -28.03 32.71 13.25
N CYS B 186 -28.37 31.49 12.84
CA CYS B 186 -27.60 30.90 11.74
C CYS B 186 -28.06 31.43 10.39
N ALA B 187 -29.05 32.32 10.36
CA ALA B 187 -29.33 33.12 9.17
C ALA B 187 -28.86 34.56 9.33
N ALA B 188 -28.45 34.95 10.53
CA ALA B 188 -27.82 36.25 10.74
C ALA B 188 -26.31 36.16 10.83
N PHE B 189 -25.79 35.01 11.24
CA PHE B 189 -24.38 34.71 10.97
C PHE B 189 -24.11 34.78 9.48
N VAL B 190 -24.77 33.94 8.70
CA VAL B 190 -24.50 33.82 7.26
C VAL B 190 -24.84 35.10 6.52
N LEU B 191 -25.73 35.88 7.07
CA LEU B 191 -25.96 37.19 6.49
C LEU B 191 -24.79 38.14 6.82
N LEU B 192 -24.47 38.33 8.10
CA LEU B 192 -23.45 39.30 8.47
C LEU B 192 -22.05 38.85 8.10
N PHE B 193 -21.79 37.55 8.12
CA PHE B 193 -20.48 37.11 7.71
C PHE B 193 -20.28 37.25 6.21
N LEU B 194 -21.33 37.16 5.41
CA LEU B 194 -21.15 37.20 3.97
C LEU B 194 -21.66 38.50 3.37
N GLY B 195 -22.52 39.22 4.06
CA GLY B 195 -22.71 40.60 3.68
C GLY B 195 -21.63 41.53 4.16
N GLY B 196 -20.63 41.03 4.88
CA GLY B 196 -19.51 41.83 5.25
C GLY B 196 -18.36 41.64 4.29
N ILE B 197 -18.10 40.39 3.89
CA ILE B 197 -16.99 40.14 2.98
C ILE B 197 -17.33 40.65 1.60
N SER B 198 -18.60 40.59 1.21
CA SER B 198 -18.97 41.09 -0.09
C SER B 198 -18.98 42.62 -0.13
N LEU B 199 -19.42 43.26 0.95
CA LEU B 199 -19.29 44.71 1.05
C LEU B 199 -17.84 45.16 1.02
N LEU B 200 -16.96 44.32 1.57
CA LEU B 200 -15.54 44.62 1.52
C LEU B 200 -15.04 44.61 0.08
N LEU B 201 -15.34 43.56 -0.67
CA LEU B 201 -14.88 43.51 -2.04
C LEU B 201 -15.69 44.44 -2.94
N PHE B 202 -16.86 44.90 -2.51
CA PHE B 202 -17.59 45.91 -3.26
C PHE B 202 -17.21 47.31 -2.83
N SER B 203 -16.28 47.48 -1.90
CA SER B 203 -16.01 48.84 -1.42
C SER B 203 -14.60 49.32 -1.67
N LEU B 204 -13.71 48.39 -1.96
CA LEU B 204 -12.33 48.70 -2.25
C LEU B 204 -12.23 49.30 -3.63
N PRO B 205 -11.03 49.94 -3.93
CA PRO B 205 -10.98 50.53 -5.27
C PRO B 205 -11.19 49.52 -6.39
N ARG B 206 -10.65 48.31 -6.24
CA ARG B 206 -10.72 47.19 -7.20
C ARG B 206 -9.38 46.94 -7.89
N MET B 207 -9.21 45.74 -8.42
CA MET B 207 -7.98 45.39 -9.11
C MET B 207 -7.82 46.28 -10.32
N PRO B 208 -6.54 46.78 -10.55
CA PRO B 208 -6.44 47.67 -11.71
C PRO B 208 -6.79 47.04 -13.06
N GLN B 209 -6.30 45.83 -13.34
CA GLN B 209 -6.59 45.15 -14.61
C GLN B 209 -5.73 45.63 -15.78
N ASN B 210 -4.82 46.56 -15.52
CA ASN B 210 -3.93 47.10 -16.54
C ASN B 210 -2.70 47.61 -15.80
N PRO B 211 -1.57 47.82 -16.47
CA PRO B 211 -0.43 48.33 -15.68
C PRO B 211 -0.62 49.74 -15.13
N TRP B 212 -1.23 50.63 -15.91
CA TRP B 212 -1.43 52.02 -15.45
C TRP B 212 -2.33 52.12 -14.21
N GLU B 213 -3.38 51.31 -14.17
CA GLU B 213 -4.29 51.32 -13.04
C GLU B 213 -3.56 50.88 -11.77
N SER B 214 -3.91 51.49 -10.65
CA SER B 214 -3.29 51.15 -9.38
C SER B 214 -4.33 51.10 -8.28
N CYS B 215 -4.07 50.30 -7.25
CA CYS B 215 -5.02 50.21 -6.14
C CYS B 215 -4.73 51.43 -5.28
N MET B 216 -5.74 52.25 -5.08
CA MET B 216 -5.59 53.48 -4.31
C MET B 216 -4.79 54.50 -5.10
N ASP B 217 -5.43 55.26 -5.99
CA ASP B 217 -4.66 56.23 -6.76
C ASP B 217 -5.36 57.56 -7.02
N ALA B 218 -4.90 58.25 -8.04
CA ALA B 218 -5.44 59.56 -8.43
C ALA B 218 -6.91 59.49 -8.75
N GLU B 219 -7.73 59.96 -7.80
CA GLU B 219 -9.19 59.96 -7.92
C GLU B 219 -9.79 58.65 -7.44
N GLN C 1 -33.07 47.19 -100.20
CA GLN C 1 -34.50 47.02 -99.94
C GLN C 1 -34.96 45.60 -100.28
N GLY C 2 -36.11 45.48 -100.93
CA GLY C 2 -36.69 44.19 -101.20
C GLY C 2 -36.00 43.44 -102.32
N PRO C 3 -35.33 44.18 -103.20
CA PRO C 3 -34.55 43.51 -104.26
C PRO C 3 -33.12 43.23 -103.80
N HIS C 4 -32.71 43.89 -102.72
CA HIS C 4 -31.39 43.66 -102.15
C HIS C 4 -31.38 42.58 -101.08
N MET C 5 -32.55 42.22 -100.54
CA MET C 5 -32.64 41.20 -99.50
C MET C 5 -32.86 39.80 -100.07
N ALA C 6 -33.09 39.67 -101.37
CA ALA C 6 -33.30 38.34 -101.95
C ALA C 6 -31.99 37.57 -102.09
N LEU C 7 -30.88 38.27 -102.32
CA LEU C 7 -29.59 37.64 -102.49
C LEU C 7 -28.68 37.76 -101.28
N ARG C 8 -28.88 38.79 -100.44
CA ARG C 8 -28.01 38.98 -99.29
C ARG C 8 -28.35 38.06 -98.13
N LYS C 9 -29.63 37.73 -97.95
CA LYS C 9 -30.04 36.83 -96.88
C LYS C 9 -29.92 35.36 -97.26
N GLU C 10 -29.92 35.04 -98.55
CA GLU C 10 -29.67 33.68 -99.01
C GLU C 10 -28.19 33.35 -99.11
N ALA C 11 -27.31 34.34 -98.89
CA ALA C 11 -25.88 34.11 -98.76
C ALA C 11 -25.46 33.87 -97.33
N GLU C 12 -26.21 34.41 -96.36
CA GLU C 12 -25.88 34.23 -94.96
C GLU C 12 -26.19 32.80 -94.50
N ARG C 13 -27.31 32.24 -94.97
CA ARG C 13 -27.65 30.87 -94.61
C ARG C 13 -26.80 29.86 -95.37
N GLN C 14 -26.37 30.19 -96.60
CA GLN C 14 -25.51 29.29 -97.35
C GLN C 14 -24.09 29.26 -96.78
N ALA C 15 -23.62 30.39 -96.26
CA ALA C 15 -22.34 30.42 -95.55
C ALA C 15 -22.45 29.87 -94.14
N LEU C 16 -23.66 29.83 -93.57
CA LEU C 16 -23.86 29.18 -92.28
C LEU C 16 -23.87 27.66 -92.41
N ALA C 17 -24.40 27.15 -93.53
CA ALA C 17 -24.37 25.71 -93.77
C ALA C 17 -22.96 25.20 -94.05
N GLN C 18 -22.14 26.02 -94.72
CA GLN C 18 -20.73 25.70 -94.89
C GLN C 18 -19.99 25.76 -93.56
N LEU C 19 -20.43 26.65 -92.66
CA LEU C 19 -19.79 26.77 -91.36
C LEU C 19 -20.12 25.59 -90.46
N GLU C 20 -21.36 25.07 -90.57
CA GLU C 20 -21.74 23.90 -89.79
C GLU C 20 -21.12 22.62 -90.33
N LYS C 21 -20.83 22.59 -91.64
CA LYS C 21 -20.30 21.39 -92.29
C LYS C 21 -18.79 21.32 -92.28
N ALA C 22 -18.11 22.21 -91.54
CA ALA C 22 -16.66 22.19 -91.45
C ALA C 22 -16.14 21.89 -90.05
N LYS C 23 -17.02 21.79 -89.04
CA LYS C 23 -16.57 21.51 -87.68
C LYS C 23 -16.08 20.08 -87.55
N THR C 24 -16.70 19.15 -88.28
CA THR C 24 -16.29 17.75 -88.25
C THR C 24 -15.15 17.45 -89.22
N LYS C 25 -14.81 18.38 -90.11
CA LYS C 25 -13.69 18.20 -91.02
C LYS C 25 -12.37 18.22 -90.24
N PRO C 26 -11.39 17.40 -90.63
CA PRO C 26 -10.12 17.35 -89.89
C PRO C 26 -9.29 18.61 -90.09
N VAL C 27 -8.39 18.84 -89.14
CA VAL C 27 -7.60 20.07 -89.13
C VAL C 27 -6.55 19.99 -90.23
N ALA C 28 -6.57 20.98 -91.13
CA ALA C 28 -5.63 21.00 -92.24
C ALA C 28 -4.30 21.63 -91.83
N PHE C 29 -4.32 22.91 -91.45
CA PHE C 29 -3.10 23.61 -91.11
C PHE C 29 -3.41 24.68 -90.07
N ALA C 30 -2.47 24.85 -89.15
CA ALA C 30 -2.60 25.81 -88.06
C ALA C 30 -1.60 26.94 -88.25
N VAL C 31 -1.97 28.13 -87.78
CA VAL C 31 -1.18 29.33 -87.98
C VAL C 31 -0.82 29.95 -86.63
N ARG C 32 0.26 30.74 -86.64
CA ARG C 32 0.67 31.53 -85.49
C ARG C 32 0.42 33.00 -85.80
N THR C 33 -0.38 33.65 -84.95
CA THR C 33 -0.76 35.03 -85.19
C THR C 33 0.31 35.98 -84.64
N ASN C 34 0.38 37.18 -85.22
CA ASN C 34 1.33 38.19 -84.78
C ASN C 34 0.69 39.46 -84.23
N VAL C 35 -0.52 39.80 -84.68
CA VAL C 35 -1.21 41.01 -84.28
C VAL C 35 -2.55 40.63 -83.66
N GLY C 36 -3.32 41.64 -83.27
CA GLY C 36 -4.61 41.45 -82.64
C GLY C 36 -5.75 41.88 -83.54
N TYR C 37 -6.91 41.25 -83.35
CA TYR C 37 -8.07 41.50 -84.18
C TYR C 37 -9.34 41.04 -83.47
N ASN C 38 -10.40 41.83 -83.61
CA ASN C 38 -11.74 41.49 -83.15
C ASN C 38 -12.73 41.79 -84.26
N PRO C 39 -13.87 41.10 -84.28
CA PRO C 39 -14.82 41.28 -85.39
C PRO C 39 -15.59 42.59 -85.26
N SER C 40 -15.82 43.22 -86.41
CA SER C 40 -16.55 44.49 -86.43
C SER C 40 -17.82 44.36 -87.29
N PRO C 41 -18.67 45.38 -87.31
CA PRO C 41 -19.93 45.25 -88.05
C PRO C 41 -19.77 45.44 -89.54
N GLY C 42 -18.72 46.15 -89.98
CA GLY C 42 -18.50 46.42 -91.38
C GLY C 42 -17.42 45.60 -92.05
N ASP C 43 -17.04 44.44 -91.49
CA ASP C 43 -15.94 43.66 -92.03
C ASP C 43 -16.35 42.71 -93.14
N GLU C 44 -17.53 42.91 -93.76
CA GLU C 44 -18.09 42.05 -94.82
C GLU C 44 -18.19 40.59 -94.37
N VAL C 45 -18.59 40.40 -93.12
CA VAL C 45 -18.64 39.07 -92.51
C VAL C 45 -19.78 38.27 -93.15
N PRO C 46 -19.54 37.02 -93.55
CA PRO C 46 -20.59 36.28 -94.28
C PRO C 46 -21.78 35.90 -93.40
N VAL C 47 -21.53 35.43 -92.18
CA VAL C 47 -22.59 35.16 -91.22
C VAL C 47 -22.34 36.11 -90.06
N GLU C 48 -23.18 37.14 -89.94
CA GLU C 48 -22.97 38.19 -88.95
C GLU C 48 -23.25 37.65 -87.56
N GLY C 49 -22.18 37.40 -86.79
CA GLY C 49 -22.31 36.95 -85.42
C GLY C 49 -21.38 35.81 -85.04
N VAL C 50 -20.89 35.06 -86.02
CA VAL C 50 -20.14 33.84 -85.76
C VAL C 50 -18.65 34.01 -86.06
N ALA C 51 -18.14 35.23 -85.96
CA ALA C 51 -16.73 35.47 -86.19
C ALA C 51 -15.94 35.38 -84.89
N ILE C 52 -14.66 35.06 -85.01
CA ILE C 52 -13.80 34.86 -83.85
C ILE C 52 -12.75 35.97 -83.78
N THR C 53 -12.15 36.10 -82.60
CA THR C 53 -11.19 37.17 -82.30
C THR C 53 -9.89 36.56 -81.79
N PHE C 54 -8.79 37.19 -82.16
CA PHE C 54 -7.47 36.78 -81.72
C PHE C 54 -6.63 38.01 -81.37
N GLU C 55 -5.81 37.88 -80.33
CA GLU C 55 -4.84 38.89 -79.94
C GLU C 55 -3.48 38.52 -80.53
N PRO C 56 -2.43 39.29 -80.22
CA PRO C 56 -1.08 38.87 -80.62
C PRO C 56 -0.66 37.57 -79.96
N LYS C 57 0.00 36.72 -80.75
CA LYS C 57 0.48 35.39 -80.37
C LYS C 57 -0.67 34.49 -79.88
N ASP C 58 -1.54 34.16 -80.81
CA ASP C 58 -2.59 33.16 -80.62
C ASP C 58 -2.48 32.09 -81.70
N PHE C 59 -3.28 31.03 -81.54
CA PHE C 59 -3.26 29.87 -82.43
C PHE C 59 -4.64 29.65 -83.03
N LEU C 60 -4.67 29.26 -84.31
CA LEU C 60 -5.93 29.05 -85.03
C LEU C 60 -5.83 27.77 -85.87
N HIS C 61 -6.50 26.71 -85.42
CA HIS C 61 -6.60 25.46 -86.18
C HIS C 61 -7.60 25.66 -87.31
N ILE C 62 -7.10 26.05 -88.48
CA ILE C 62 -7.96 26.35 -89.62
C ILE C 62 -8.48 25.04 -90.21
N LYS C 63 -9.81 24.92 -90.32
CA LYS C 63 -10.40 23.73 -90.89
C LYS C 63 -10.40 23.79 -92.42
N GLU C 64 -11.10 24.76 -93.00
CA GLU C 64 -11.17 24.91 -94.45
C GLU C 64 -11.14 26.38 -94.82
N LYS C 65 -11.24 26.65 -96.11
CA LYS C 65 -11.19 27.99 -96.67
C LYS C 65 -12.55 28.31 -97.28
N TYR C 66 -13.26 29.26 -96.68
CA TYR C 66 -14.60 29.60 -97.15
C TYR C 66 -14.53 30.37 -98.47
N ASN C 67 -13.76 31.46 -98.49
CA ASN C 67 -13.58 32.25 -99.69
C ASN C 67 -12.17 32.85 -99.64
N ASN C 68 -11.94 33.87 -100.47
CA ASN C 68 -10.64 34.52 -100.48
C ASN C 68 -10.48 35.55 -99.38
N ASP C 69 -11.53 35.78 -98.58
CA ASP C 69 -11.49 36.79 -97.52
C ASP C 69 -11.78 36.23 -96.14
N TRP C 70 -12.23 34.97 -96.02
CA TRP C 70 -12.48 34.39 -94.71
C TRP C 70 -12.12 32.91 -94.74
N TRP C 71 -11.38 32.48 -93.72
CA TRP C 71 -11.11 31.08 -93.49
C TRP C 71 -12.05 30.54 -92.41
N ILE C 72 -12.11 29.22 -92.31
CA ILE C 72 -12.96 28.56 -91.31
C ILE C 72 -12.05 27.75 -90.41
N GLY C 73 -12.11 28.03 -89.11
CA GLY C 73 -11.27 27.33 -88.15
C GLY C 73 -11.62 27.71 -86.74
N ARG C 74 -10.95 27.05 -85.79
CA ARG C 74 -11.29 27.17 -84.38
C ARG C 74 -10.11 27.70 -83.59
N LEU C 75 -10.43 28.26 -82.42
CA LEU C 75 -9.42 28.79 -81.51
C LEU C 75 -8.94 27.69 -80.58
N VAL C 76 -7.63 27.67 -80.32
CA VAL C 76 -7.06 26.66 -79.44
C VAL C 76 -7.26 27.12 -78.01
N LYS C 77 -8.37 26.70 -77.42
CA LYS C 77 -8.86 27.17 -76.13
C LYS C 77 -10.00 26.24 -75.72
N GLU C 78 -10.20 26.12 -74.41
CA GLU C 78 -11.17 25.16 -73.88
C GLU C 78 -12.60 25.61 -74.19
N GLY C 79 -13.30 24.81 -74.97
CA GLY C 79 -14.70 25.03 -75.26
C GLY C 79 -14.98 25.83 -76.52
N CYS C 80 -13.97 26.40 -77.16
CA CYS C 80 -14.18 27.27 -78.29
C CYS C 80 -14.47 26.46 -79.56
N GLU C 81 -15.39 26.98 -80.36
CA GLU C 81 -15.90 26.33 -81.56
C GLU C 81 -15.21 26.92 -82.78
N VAL C 82 -15.72 26.58 -83.97
CA VAL C 82 -15.16 27.11 -85.22
C VAL C 82 -15.56 28.58 -85.39
N GLY C 83 -14.94 29.23 -86.37
CA GLY C 83 -15.25 30.61 -86.63
C GLY C 83 -14.61 31.11 -87.92
N PHE C 84 -14.89 32.38 -88.21
CA PHE C 84 -14.42 33.05 -89.43
C PHE C 84 -13.04 33.66 -89.18
N ILE C 85 -12.01 33.05 -89.74
CA ILE C 85 -10.65 33.55 -89.64
C ILE C 85 -10.41 34.50 -90.81
N PRO C 86 -10.01 35.74 -90.57
CA PRO C 86 -9.64 36.63 -91.69
C PRO C 86 -8.32 36.19 -92.32
N SER C 87 -8.32 36.11 -93.65
CA SER C 87 -7.13 35.71 -94.39
C SER C 87 -6.07 36.82 -94.32
N PRO C 88 -4.80 36.50 -94.61
CA PRO C 88 -3.80 37.58 -94.68
C PRO C 88 -4.04 38.62 -95.76
N VAL C 89 -4.76 38.27 -96.83
CA VAL C 89 -5.14 39.29 -97.80
C VAL C 89 -6.40 40.03 -97.34
N LYS C 90 -7.19 39.43 -96.44
CA LYS C 90 -8.23 40.17 -95.74
C LYS C 90 -7.63 41.09 -94.68
N LEU C 91 -6.58 40.63 -94.01
CA LEU C 91 -5.82 41.50 -93.11
C LEU C 91 -5.02 42.53 -93.89
N ASP C 92 -4.73 42.28 -95.17
CA ASP C 92 -4.18 43.31 -96.03
C ASP C 92 -5.26 44.27 -96.52
N SER C 93 -6.50 43.82 -96.63
CA SER C 93 -7.57 44.69 -97.09
C SER C 93 -8.08 45.62 -96.00
N LEU C 94 -8.04 45.19 -94.73
CA LEU C 94 -8.64 45.96 -93.65
C LEU C 94 -7.82 47.19 -93.28
N ARG C 95 -6.48 47.11 -93.42
CA ARG C 95 -5.64 48.24 -93.01
C ARG C 95 -5.63 49.35 -94.06
N LEU C 96 -5.69 48.99 -95.34
CA LEU C 96 -5.70 50.01 -96.40
C LEU C 96 -7.03 50.74 -96.49
N LEU C 97 -8.12 50.15 -95.99
CA LEU C 97 -9.38 50.88 -95.90
C LEU C 97 -9.39 51.86 -94.75
N GLN C 98 -8.47 51.70 -93.79
CA GLN C 98 -8.35 52.68 -92.70
C GLN C 98 -7.66 53.95 -93.18
N GLU C 99 -6.94 53.89 -94.31
CA GLU C 99 -6.31 55.06 -94.90
C GLU C 99 -7.19 55.73 -95.95
N GLN C 100 -7.84 54.95 -96.79
CA GLN C 100 -8.67 55.49 -97.87
C GLN C 100 -9.97 56.07 -97.33
N VAL D 265 6.34 41.91 -93.13
CA VAL D 265 6.00 41.11 -91.95
C VAL D 265 4.74 40.31 -92.20
N PRO D 266 4.87 38.99 -92.27
CA PRO D 266 3.68 38.13 -92.41
C PRO D 266 2.97 37.98 -91.07
N PRO D 267 1.64 38.11 -91.05
CA PRO D 267 0.91 37.94 -89.78
C PRO D 267 0.67 36.50 -89.38
N TYR D 268 0.63 35.56 -90.33
CA TYR D 268 0.37 34.15 -90.05
C TYR D 268 1.56 33.31 -90.47
N ASP D 269 1.91 32.32 -89.65
CA ASP D 269 3.07 31.47 -89.89
C ASP D 269 2.64 30.01 -89.78
N VAL D 270 3.06 29.19 -90.75
CA VAL D 270 2.58 27.82 -90.86
C VAL D 270 3.22 26.98 -89.76
N VAL D 271 2.46 26.70 -88.70
CA VAL D 271 2.95 25.93 -87.56
C VAL D 271 2.22 24.58 -87.59
N PRO D 272 2.71 23.54 -86.93
CA PRO D 272 1.96 22.28 -86.87
C PRO D 272 0.67 22.42 -86.07
N SER D 273 -0.28 21.53 -86.38
CA SER D 273 -1.59 21.57 -85.74
C SER D 273 -1.56 21.05 -84.31
N MET D 274 -0.57 20.24 -83.95
CA MET D 274 -0.37 19.78 -82.58
C MET D 274 1.09 20.02 -82.22
N ARG D 275 1.33 20.85 -81.21
CA ARG D 275 2.68 21.34 -80.93
C ARG D 275 3.53 20.22 -80.33
N PRO D 276 4.79 20.10 -80.75
CA PRO D 276 5.65 19.06 -80.17
C PRO D 276 6.09 19.41 -78.76
N ILE D 277 5.99 18.44 -77.88
CA ILE D 277 6.35 18.62 -76.48
C ILE D 277 7.87 18.48 -76.34
N ILE D 278 8.50 19.48 -75.72
CA ILE D 278 9.94 19.46 -75.48
C ILE D 278 10.36 20.19 -74.21
N LEU D 279 11.30 19.61 -73.47
CA LEU D 279 11.80 20.20 -72.23
C LEU D 279 13.31 20.36 -72.38
N VAL D 280 13.82 21.55 -72.06
CA VAL D 280 15.26 21.80 -72.15
C VAL D 280 15.74 22.92 -71.22
N GLY D 281 17.05 22.94 -70.96
CA GLY D 281 17.67 23.94 -70.13
C GLY D 281 17.77 23.79 -68.61
N PRO D 282 17.30 22.61 -68.04
CA PRO D 282 17.46 22.56 -66.57
C PRO D 282 18.95 22.61 -66.20
N SER D 283 19.73 21.86 -66.96
CA SER D 283 21.18 21.77 -66.82
C SER D 283 21.60 21.66 -68.26
N LEU D 284 22.82 22.03 -68.64
CA LEU D 284 23.08 21.90 -70.07
C LEU D 284 23.02 20.42 -70.44
N LYS D 285 22.36 20.11 -71.56
CA LYS D 285 22.23 18.72 -71.97
C LYS D 285 23.57 18.21 -72.47
N GLY D 286 23.61 16.93 -72.81
CA GLY D 286 24.87 16.30 -73.16
C GLY D 286 25.70 15.95 -71.95
N TYR D 287 25.05 15.65 -70.84
CA TYR D 287 25.74 15.26 -69.61
C TYR D 287 24.93 14.16 -68.93
N GLU D 288 25.55 13.53 -67.93
CA GLU D 288 24.85 12.53 -67.13
C GLU D 288 23.86 13.16 -66.16
N VAL D 289 24.04 14.43 -65.85
CA VAL D 289 23.19 15.11 -64.88
C VAL D 289 21.84 15.43 -65.52
N THR D 290 21.84 16.25 -66.57
CA THR D 290 20.61 16.82 -67.12
C THR D 290 19.81 15.79 -67.88
N ASP D 291 20.47 14.89 -68.60
CA ASP D 291 19.77 13.93 -69.45
C ASP D 291 19.07 12.86 -68.62
N MET D 292 19.72 12.37 -67.57
CA MET D 292 19.10 11.32 -66.75
C MET D 292 17.98 11.86 -65.87
N MET D 293 17.97 13.18 -65.69
CA MET D 293 16.90 13.91 -65.05
C MET D 293 15.66 13.93 -65.97
N GLN D 294 15.90 14.06 -67.29
CA GLN D 294 14.82 14.15 -68.28
C GLN D 294 14.35 12.77 -68.71
N LYS D 295 15.24 11.77 -68.66
CA LYS D 295 14.90 10.40 -69.07
C LYS D 295 13.84 9.81 -68.15
N ALA D 296 13.80 10.22 -66.88
CA ALA D 296 12.70 9.84 -66.00
C ALA D 296 11.39 10.48 -66.43
N LEU D 297 11.43 11.68 -67.02
CA LEU D 297 10.20 12.36 -67.42
C LEU D 297 9.65 11.81 -68.73
N PHE D 298 10.50 11.30 -69.62
CA PHE D 298 10.00 10.67 -70.84
C PHE D 298 9.31 9.34 -70.56
N ASP D 299 9.64 8.70 -69.44
CA ASP D 299 9.03 7.43 -69.10
C ASP D 299 7.61 7.62 -68.59
N PHE D 300 7.35 8.74 -67.91
CA PHE D 300 6.01 8.97 -67.37
C PHE D 300 5.00 9.25 -68.47
N LEU D 301 5.37 10.08 -69.44
CA LEU D 301 4.47 10.45 -70.52
C LEU D 301 4.35 9.38 -71.60
N LYS D 302 5.12 8.30 -71.51
CA LYS D 302 5.02 7.24 -72.50
C LYS D 302 3.82 6.33 -72.24
N HIS D 303 3.60 5.94 -71.00
CA HIS D 303 2.52 5.02 -70.66
C HIS D 303 1.28 5.70 -70.12
N LEU D 304 1.39 6.96 -69.64
CA LEU D 304 0.21 7.67 -69.18
C LEU D 304 -0.68 8.09 -70.34
N PHE D 305 -0.07 8.53 -71.43
CA PHE D 305 -0.78 8.94 -72.64
C PHE D 305 -0.48 7.99 -73.80
N ASP D 306 -0.41 6.70 -73.48
CA ASP D 306 -0.13 5.67 -74.48
C ASP D 306 -1.30 5.52 -75.45
N GLY D 307 -0.98 5.54 -76.74
CA GLY D 307 -1.98 5.51 -77.79
C GLY D 307 -2.39 6.86 -78.31
N ARG D 308 -2.07 7.95 -77.60
CA ARG D 308 -2.38 9.30 -78.03
C ARG D 308 -1.14 10.21 -77.92
N ILE D 309 0.04 9.67 -78.21
CA ILE D 309 1.28 10.43 -78.20
C ILE D 309 2.19 9.84 -79.27
N SER D 310 3.13 10.67 -79.77
CA SER D 310 4.19 10.23 -80.66
C SER D 310 5.50 10.75 -80.10
N ILE D 311 6.28 9.86 -79.47
CA ILE D 311 7.54 10.21 -78.83
C ILE D 311 8.68 9.79 -79.74
N THR D 312 9.56 10.72 -80.05
CA THR D 312 10.68 10.45 -80.95
C THR D 312 12.00 10.84 -80.30
N ARG D 313 13.09 10.45 -80.95
CA ARG D 313 14.45 10.76 -80.54
C ARG D 313 15.09 11.63 -81.61
N VAL D 314 15.43 12.87 -81.24
CA VAL D 314 15.90 13.88 -82.20
C VAL D 314 17.42 13.84 -82.25
N THR D 315 17.98 13.87 -83.46
CA THR D 315 19.41 13.80 -83.68
C THR D 315 20.00 15.10 -84.23
N ALA D 316 19.43 15.63 -85.30
CA ALA D 316 20.00 16.79 -85.99
C ALA D 316 19.50 18.10 -85.37
N ASP D 317 20.37 19.10 -85.40
CA ASP D 317 20.08 20.40 -84.77
C ASP D 317 19.03 21.13 -85.59
N ILE D 318 17.83 21.30 -85.02
CA ILE D 318 16.72 21.93 -85.72
C ILE D 318 16.68 23.44 -85.51
N SER D 319 17.70 24.01 -84.87
CA SER D 319 17.80 25.46 -84.69
C SER D 319 18.59 26.14 -85.80
N LEU D 320 18.63 25.54 -86.99
CA LEU D 320 19.50 25.99 -88.07
C LEU D 320 18.75 26.62 -89.23
N ALA D 321 17.46 26.36 -89.37
CA ALA D 321 16.68 26.92 -90.47
C ALA D 321 16.09 28.27 -90.06
N ARG D 341 28.18 21.18 -89.05
CA ARG D 341 26.88 20.73 -88.58
C ARG D 341 26.04 20.14 -89.71
N SER D 342 24.75 19.96 -89.44
CA SER D 342 23.85 19.38 -90.43
C SER D 342 23.53 20.39 -91.54
N SER D 343 23.17 19.86 -92.71
CA SER D 343 22.75 20.68 -93.82
C SER D 343 21.28 21.06 -93.67
N LEU D 344 20.75 21.74 -94.68
CA LEU D 344 19.34 22.13 -94.65
C LEU D 344 18.41 20.96 -94.91
N ALA D 345 18.82 20.01 -95.75
CA ALA D 345 17.94 18.91 -96.15
C ALA D 345 17.74 17.89 -95.03
N GLU D 346 18.79 17.59 -94.27
CA GLU D 346 18.66 16.61 -93.20
C GLU D 346 17.86 17.16 -92.02
N VAL D 347 17.80 18.48 -91.88
CA VAL D 347 17.00 19.06 -90.80
C VAL D 347 15.55 19.22 -91.22
N GLN D 348 15.31 19.72 -92.44
CA GLN D 348 13.96 20.02 -92.90
C GLN D 348 13.17 18.74 -93.15
N SER D 349 13.82 17.65 -93.54
CA SER D 349 13.16 16.36 -93.65
C SER D 349 12.79 15.78 -92.29
N GLU D 350 13.44 16.24 -91.22
CA GLU D 350 13.00 15.91 -89.88
C GLU D 350 11.96 16.88 -89.36
N ILE D 351 11.99 18.14 -89.81
CA ILE D 351 10.93 19.10 -89.47
C ILE D 351 9.62 18.69 -90.14
N GLU D 352 9.69 18.24 -91.39
CA GLU D 352 8.48 17.78 -92.06
C GLU D 352 7.99 16.44 -91.54
N ARG D 353 8.84 15.70 -90.80
CA ARG D 353 8.35 14.52 -90.07
C ARG D 353 7.53 14.93 -88.86
N ILE D 354 7.87 16.06 -88.23
CA ILE D 354 7.02 16.64 -87.20
C ILE D 354 5.73 17.15 -87.83
N PHE D 355 5.80 17.62 -89.08
CA PHE D 355 4.62 18.07 -89.79
C PHE D 355 3.69 16.91 -90.12
N GLU D 356 4.25 15.71 -90.29
CA GLU D 356 3.44 14.51 -90.49
C GLU D 356 2.79 14.04 -89.19
N LEU D 357 3.47 14.21 -88.06
CA LEU D 357 2.96 13.79 -86.76
C LEU D 357 1.92 14.75 -86.18
N ALA D 358 1.61 15.85 -86.86
CA ALA D 358 0.50 16.71 -86.49
C ALA D 358 -0.75 16.46 -87.32
N ARG D 359 -0.69 15.56 -88.30
CA ARG D 359 -1.81 15.36 -89.21
C ARG D 359 -2.90 14.49 -88.60
N THR D 360 -2.53 13.48 -87.83
CA THR D 360 -3.50 12.57 -87.22
C THR D 360 -4.04 13.09 -85.90
N LEU D 361 -3.69 14.33 -85.52
CA LEU D 361 -4.19 15.03 -84.34
C LEU D 361 -3.88 14.26 -83.05
N GLN D 362 -2.59 14.05 -82.81
CA GLN D 362 -2.11 13.40 -81.60
C GLN D 362 -0.93 14.19 -81.06
N LEU D 363 -0.53 13.86 -79.84
CA LEU D 363 0.57 14.56 -79.19
C LEU D 363 1.92 14.17 -79.80
N VAL D 364 2.82 15.15 -79.88
CA VAL D 364 4.16 14.96 -80.41
C VAL D 364 5.14 15.28 -79.28
N ALA D 365 6.15 14.44 -79.10
CA ALA D 365 7.16 14.65 -78.07
C ALA D 365 8.54 14.50 -78.68
N LEU D 366 9.46 15.38 -78.27
CA LEU D 366 10.79 15.43 -78.86
C LEU D 366 11.85 15.18 -77.80
N ASP D 367 12.78 14.28 -78.09
CA ASP D 367 13.98 14.10 -77.28
C ASP D 367 15.11 14.80 -78.02
N ALA D 368 15.17 16.12 -77.88
CA ALA D 368 16.18 16.95 -78.50
C ALA D 368 17.32 17.14 -77.53
N ASP D 369 18.55 16.95 -78.02
CA ASP D 369 19.70 16.81 -77.14
C ASP D 369 20.60 18.04 -77.09
N THR D 370 20.34 19.05 -77.91
CA THR D 370 21.15 20.26 -77.94
C THR D 370 20.35 21.53 -77.61
N ILE D 371 19.08 21.42 -77.26
CA ILE D 371 18.24 22.59 -77.01
C ILE D 371 18.45 23.05 -75.58
N ASN D 372 18.97 24.27 -75.41
CA ASN D 372 19.33 24.78 -74.09
C ASN D 372 18.98 26.26 -73.92
N HIS D 373 17.96 26.76 -74.62
CA HIS D 373 17.64 28.18 -74.62
C HIS D 373 16.21 28.34 -75.12
N PRO D 374 15.48 29.36 -74.64
CA PRO D 374 14.12 29.61 -75.20
C PRO D 374 14.13 30.09 -76.64
N ALA D 375 14.96 31.09 -76.96
CA ALA D 375 15.07 31.64 -78.31
C ALA D 375 15.90 30.78 -79.24
N GLN D 376 16.42 29.64 -78.77
CA GLN D 376 17.04 28.67 -79.66
C GLN D 376 16.04 28.08 -80.64
N LEU D 377 14.77 27.96 -80.22
CA LEU D 377 13.72 27.46 -81.10
C LEU D 377 12.65 28.53 -81.32
N SER D 378 13.08 29.74 -81.66
CA SER D 378 12.17 30.85 -81.93
C SER D 378 12.13 31.29 -83.38
N LYS D 379 12.97 30.72 -84.24
CA LYS D 379 13.10 31.19 -85.61
C LYS D 379 12.50 30.26 -86.65
N THR D 380 12.20 29.01 -86.28
CA THR D 380 11.58 28.08 -87.20
C THR D 380 10.07 28.22 -87.17
N SER D 381 9.40 27.29 -87.84
CA SER D 381 7.94 27.30 -87.97
C SER D 381 7.33 26.09 -87.25
N LEU D 382 7.84 25.78 -86.05
CA LEU D 382 7.33 24.71 -85.23
C LEU D 382 6.58 25.20 -84.01
N ALA D 383 7.18 26.13 -83.25
CA ALA D 383 6.75 26.61 -81.93
C ALA D 383 6.47 25.46 -80.97
N PRO D 384 7.48 24.77 -80.47
CA PRO D 384 7.23 23.63 -79.57
C PRO D 384 6.86 24.07 -78.15
N ILE D 385 6.41 23.09 -77.37
CA ILE D 385 6.00 23.32 -75.99
C ILE D 385 7.24 23.35 -75.10
N ILE D 386 7.48 24.49 -74.45
CA ILE D 386 8.69 24.69 -73.66
C ILE D 386 8.37 24.30 -72.23
N VAL D 387 8.51 23.02 -71.91
CA VAL D 387 8.45 22.56 -70.54
C VAL D 387 9.81 22.84 -69.91
N TYR D 388 9.83 23.73 -68.92
CA TYR D 388 11.06 24.15 -68.27
C TYR D 388 11.17 23.44 -66.92
N ILE D 389 12.08 22.48 -66.83
CA ILE D 389 12.41 21.88 -65.55
C ILE D 389 13.18 22.91 -64.73
N LYS D 390 12.65 23.24 -63.57
CA LYS D 390 13.23 24.27 -62.70
C LYS D 390 13.88 23.61 -61.50
N ILE D 391 15.20 23.71 -61.41
CA ILE D 391 15.92 23.37 -60.20
C ILE D 391 15.83 24.60 -59.31
N THR D 392 15.14 24.47 -58.17
CA THR D 392 14.84 25.63 -57.36
C THR D 392 16.06 26.16 -56.60
N SER D 393 17.11 25.37 -56.45
CA SER D 393 18.30 25.77 -55.70
C SER D 393 19.54 25.48 -56.53
N PRO D 394 20.37 26.49 -56.83
CA PRO D 394 21.58 26.23 -57.62
C PRO D 394 22.65 25.44 -56.89
N LYS D 395 22.66 25.45 -55.56
CA LYS D 395 23.70 24.70 -54.84
C LYS D 395 23.46 23.19 -54.90
N VAL D 396 22.22 22.76 -55.11
CA VAL D 396 21.91 21.34 -55.14
C VAL D 396 22.45 20.70 -56.42
N LEU D 397 22.57 21.49 -57.49
CA LEU D 397 23.05 20.97 -58.77
C LEU D 397 24.48 20.48 -58.68
N GLN D 398 25.37 21.26 -58.07
CA GLN D 398 26.74 20.82 -57.89
C GLN D 398 26.89 19.76 -56.80
N ARG D 399 25.84 19.48 -56.03
CA ARG D 399 25.85 18.30 -55.17
C ARG D 399 25.37 17.08 -55.93
N LEU D 400 24.49 17.27 -56.92
CA LEU D 400 24.18 16.22 -57.88
C LEU D 400 25.38 15.94 -58.78
N ILE D 401 26.21 16.95 -59.05
CA ILE D 401 27.40 16.77 -59.87
C ILE D 401 28.42 15.87 -59.18
N LYS D 402 28.63 16.07 -57.87
CA LYS D 402 29.52 15.19 -57.14
C LYS D 402 28.91 13.83 -56.82
N SER D 403 27.63 13.63 -57.12
CA SER D 403 27.04 12.30 -56.98
C SER D 403 27.23 11.45 -58.23
N ARG D 404 27.62 12.06 -59.34
CA ARG D 404 27.82 11.34 -60.59
C ARG D 404 29.24 10.80 -60.76
N GLY D 405 30.02 10.74 -59.68
CA GLY D 405 31.41 10.32 -59.77
C GLY D 405 32.32 11.48 -60.10
N LYS D 406 33.52 11.11 -60.57
CA LYS D 406 34.50 12.09 -61.00
C LYS D 406 34.46 12.35 -62.50
N SER D 407 33.56 11.69 -63.24
CA SER D 407 33.40 11.99 -64.65
C SER D 407 32.76 13.36 -64.84
N GLN D 408 31.70 13.64 -64.10
CA GLN D 408 31.02 14.93 -64.15
C GLN D 408 31.66 15.96 -63.21
N SER D 409 32.56 15.53 -62.33
CA SER D 409 33.29 16.46 -61.47
C SER D 409 34.35 17.25 -62.21
N LYS D 410 34.65 16.88 -63.46
CA LYS D 410 35.49 17.69 -64.32
C LYS D 410 34.71 18.77 -65.06
N HIS D 411 33.39 18.78 -64.92
CA HIS D 411 32.49 19.68 -65.66
C HIS D 411 31.60 20.44 -64.69
N LEU D 412 32.23 21.06 -63.69
CA LEU D 412 31.52 21.72 -62.60
C LEU D 412 30.84 23.02 -63.04
N ASN D 413 31.64 24.01 -63.43
CA ASN D 413 31.12 25.35 -63.67
C ASN D 413 30.53 25.51 -65.06
N VAL D 414 30.81 24.57 -65.96
CA VAL D 414 30.31 24.72 -67.32
C VAL D 414 28.82 24.40 -67.39
N GLN D 415 28.32 23.54 -66.49
CA GLN D 415 26.89 23.27 -66.45
C GLN D 415 26.13 24.43 -65.82
N ILE D 416 26.74 25.10 -64.84
CA ILE D 416 26.08 26.20 -64.14
C ILE D 416 25.98 27.46 -64.98
N ALA D 417 26.57 27.50 -66.17
CA ALA D 417 26.46 28.66 -67.03
C ALA D 417 25.06 28.79 -67.61
N ALA D 418 24.64 27.80 -68.40
CA ALA D 418 23.27 27.83 -68.93
C ALA D 418 22.25 27.41 -67.90
N SER D 419 22.65 26.79 -66.80
CA SER D 419 21.77 26.67 -65.65
C SER D 419 21.44 28.06 -65.09
N GLU D 420 22.42 28.97 -65.12
CA GLU D 420 22.14 30.35 -64.75
C GLU D 420 21.40 31.09 -65.87
N LYS D 421 21.79 30.87 -67.12
CA LYS D 421 21.21 31.63 -68.24
C LYS D 421 19.74 31.29 -68.45
N LEU D 422 19.38 30.01 -68.28
CA LEU D 422 17.96 29.66 -68.29
C LEU D 422 17.24 30.19 -67.06
N ALA D 423 17.94 30.26 -65.91
CA ALA D 423 17.39 30.95 -64.76
C ALA D 423 17.38 32.47 -64.94
N GLN D 424 18.21 32.99 -65.83
CA GLN D 424 18.12 34.40 -66.21
C GLN D 424 16.97 34.68 -67.17
N CYS D 425 16.55 33.69 -67.95
CA CYS D 425 15.42 33.88 -68.85
C CYS D 425 14.13 34.01 -68.03
N PRO D 426 13.17 34.82 -68.49
CA PRO D 426 11.93 35.00 -67.73
C PRO D 426 11.05 33.76 -67.80
N PRO D 427 10.42 33.37 -66.68
CA PRO D 427 9.61 32.15 -66.67
C PRO D 427 8.31 32.26 -67.46
N GLU D 428 7.81 33.47 -67.74
CA GLU D 428 6.61 33.61 -68.54
C GLU D 428 6.85 33.39 -70.03
N MET D 429 8.11 33.45 -70.47
CA MET D 429 8.42 33.12 -71.86
C MET D 429 8.32 31.63 -72.12
N PHE D 430 8.44 30.81 -71.08
CA PHE D 430 8.33 29.37 -71.17
C PHE D 430 6.86 28.96 -71.22
N ASP D 431 6.62 27.65 -71.16
CA ASP D 431 5.26 27.13 -71.14
C ASP D 431 4.91 26.38 -69.86
N ILE D 432 5.73 25.43 -69.43
CA ILE D 432 5.42 24.59 -68.28
C ILE D 432 6.62 24.53 -67.36
N ILE D 433 6.40 24.85 -66.09
CA ILE D 433 7.48 24.99 -65.11
C ILE D 433 7.33 23.85 -64.10
N LEU D 434 8.44 23.18 -63.80
CA LEU D 434 8.46 22.06 -62.86
C LEU D 434 9.50 22.36 -61.79
N ASP D 435 9.04 22.78 -60.61
CA ASP D 435 9.93 23.05 -59.48
C ASP D 435 9.78 22.01 -58.37
N GLU D 436 9.28 20.82 -58.69
CA GLU D 436 8.87 19.85 -57.69
C GLU D 436 9.94 18.76 -57.57
N ASN D 437 10.34 18.50 -56.32
CA ASN D 437 11.40 17.52 -56.08
C ASN D 437 10.92 16.09 -56.26
N GLN D 438 9.70 15.79 -55.82
CA GLN D 438 9.24 14.43 -55.91
C GLN D 438 8.76 14.12 -57.33
N LEU D 439 8.59 12.83 -57.61
CA LEU D 439 8.12 12.40 -58.92
C LEU D 439 6.67 12.83 -59.15
N GLU D 440 5.79 12.55 -58.18
CA GLU D 440 4.36 12.73 -58.40
C GLU D 440 3.98 14.20 -58.51
N ASP D 441 4.72 15.10 -57.88
CA ASP D 441 4.33 16.50 -57.89
C ASP D 441 4.83 17.24 -59.14
N ALA D 442 5.93 16.78 -59.73
CA ALA D 442 6.29 17.27 -61.05
C ALA D 442 5.41 16.64 -62.13
N CYS D 443 4.92 15.43 -61.88
CA CYS D 443 4.06 14.72 -62.82
C CYS D 443 2.58 15.05 -62.65
N GLU D 444 2.18 15.67 -61.53
CA GLU D 444 0.82 16.16 -61.44
C GLU D 444 0.63 17.39 -62.33
N HIS D 445 1.70 18.17 -62.52
CA HIS D 445 1.65 19.26 -63.49
C HIS D 445 1.87 18.75 -64.91
N LEU D 446 2.73 17.73 -65.08
CA LEU D 446 3.11 17.30 -66.42
C LEU D 446 1.99 16.54 -67.13
N ALA D 447 1.06 15.95 -66.38
CA ALA D 447 -0.09 15.31 -66.99
C ALA D 447 -1.29 16.26 -67.14
N GLU D 448 -1.56 17.08 -66.12
CA GLU D 448 -2.77 17.88 -66.09
C GLU D 448 -2.71 19.09 -67.02
N TYR D 449 -1.51 19.62 -67.27
CA TYR D 449 -1.39 20.80 -68.12
C TYR D 449 -1.66 20.46 -69.57
N LEU D 450 -1.12 19.32 -70.05
CA LEU D 450 -1.37 18.91 -71.41
C LEU D 450 -2.76 18.33 -71.59
N GLU D 451 -3.34 17.79 -70.51
CA GLU D 451 -4.74 17.38 -70.53
C GLU D 451 -5.67 18.58 -70.61
N ALA D 452 -5.27 19.70 -70.01
CA ALA D 452 -5.96 20.96 -70.26
C ALA D 452 -5.64 21.50 -71.65
N TYR D 453 -4.49 21.14 -72.19
CA TYR D 453 -4.13 21.57 -73.54
C TYR D 453 -4.77 20.69 -74.61
N TRP D 454 -5.00 19.40 -74.31
CA TRP D 454 -5.65 18.52 -75.29
C TRP D 454 -7.12 18.90 -75.47
N LYS D 455 -7.81 19.23 -74.38
CA LYS D 455 -9.21 19.66 -74.49
C LYS D 455 -9.31 21.05 -75.11
N ALA D 456 -8.25 21.85 -75.08
CA ALA D 456 -8.24 23.12 -75.79
C ALA D 456 -8.17 22.89 -77.30
N THR D 457 -7.35 21.93 -77.75
CA THR D 457 -7.23 21.66 -79.17
C THR D 457 -8.44 20.90 -79.71
N HIS D 458 -9.00 20.00 -78.91
CA HIS D 458 -10.05 19.12 -79.39
C HIS D 458 -11.40 19.51 -78.80
N PRO D 459 -12.37 19.92 -79.62
CA PRO D 459 -13.68 20.30 -79.12
C PRO D 459 -14.57 19.07 -78.98
N PRO D 460 -15.62 19.14 -78.15
CA PRO D 460 -16.58 18.03 -78.09
C PRO D 460 -17.50 18.03 -79.30
N SER D 461 -18.07 16.86 -79.56
CA SER D 461 -19.02 16.69 -80.66
C SER D 461 -20.35 17.36 -80.32
N PHE E 1 10.46 -17.32 86.21
CA PHE E 1 10.32 -18.43 85.28
C PHE E 1 10.44 -19.74 86.04
N PRO E 2 9.46 -20.64 85.87
CA PRO E 2 9.45 -21.86 86.66
C PRO E 2 10.56 -22.80 86.27
N SER E 3 10.97 -23.62 87.23
CA SER E 3 12.09 -24.52 87.04
C SER E 3 11.72 -25.66 86.12
N ALA E 4 12.75 -26.39 85.67
CA ALA E 4 12.55 -27.46 84.72
C ALA E 4 11.79 -28.64 85.30
N VAL E 5 11.82 -28.82 86.62
CA VAL E 5 11.03 -29.87 87.25
C VAL E 5 9.58 -29.46 87.40
N THR E 6 9.29 -28.16 87.52
CA THR E 6 7.90 -27.73 87.63
C THR E 6 7.18 -27.87 86.29
N ILE E 7 7.84 -27.52 85.18
CA ILE E 7 7.27 -27.81 83.86
C ILE E 7 7.18 -29.31 83.63
N LYS E 8 8.15 -30.07 84.13
CA LYS E 8 8.12 -31.53 84.01
C LYS E 8 6.93 -32.14 84.73
N SER E 9 6.66 -31.69 85.95
CA SER E 9 5.55 -32.23 86.71
C SER E 9 4.21 -31.72 86.22
N TRP E 10 4.16 -30.60 85.52
CA TRP E 10 2.90 -30.02 85.11
C TRP E 10 2.50 -30.45 83.72
N VAL E 11 3.46 -30.85 82.89
CA VAL E 11 3.14 -31.54 81.66
C VAL E 11 2.58 -32.92 81.95
N ASP E 12 3.18 -33.63 82.91
CA ASP E 12 2.76 -34.99 83.21
C ASP E 12 1.37 -35.07 83.83
N LYS E 13 0.77 -33.97 84.23
CA LYS E 13 -0.62 -34.02 84.63
C LYS E 13 -1.54 -33.48 83.56
N MET E 14 -1.03 -33.07 82.41
CA MET E 14 -1.92 -32.74 81.31
C MET E 14 -1.52 -33.42 80.02
N GLN E 15 -0.59 -34.37 80.05
CA GLN E 15 -0.61 -35.42 79.05
C GLN E 15 -1.27 -36.67 79.58
N GLU E 16 -1.28 -36.84 80.90
CA GLU E 16 -2.07 -37.90 81.51
C GLU E 16 -3.55 -37.59 81.41
N ASP E 17 -3.90 -36.33 81.21
CA ASP E 17 -5.30 -35.94 81.20
C ASP E 17 -5.89 -36.09 79.81
N LEU E 18 -5.14 -35.69 78.78
CA LEU E 18 -5.60 -35.89 77.41
C LEU E 18 -5.66 -37.36 77.03
N VAL E 19 -4.71 -38.14 77.48
CA VAL E 19 -4.65 -39.52 77.02
C VAL E 19 -5.70 -40.37 77.72
N THR E 20 -5.93 -40.12 79.00
CA THR E 20 -7.03 -40.79 79.71
C THR E 20 -8.37 -40.39 79.10
N LEU E 21 -8.51 -39.15 78.69
CA LEU E 21 -9.72 -38.73 77.99
C LEU E 21 -9.86 -39.43 76.67
N ALA E 22 -8.75 -39.73 76.00
CA ALA E 22 -8.84 -40.37 74.70
C ALA E 22 -8.81 -41.88 74.78
N LYS E 23 -8.13 -42.45 75.76
CA LYS E 23 -8.16 -43.90 75.89
C LYS E 23 -9.53 -44.36 76.34
N THR E 24 -10.22 -43.56 77.14
CA THR E 24 -11.50 -43.97 77.69
C THR E 24 -12.65 -43.66 76.74
N ALA E 25 -12.74 -42.44 76.24
CA ALA E 25 -13.92 -42.09 75.48
C ALA E 25 -13.97 -42.74 74.11
N SER E 26 -12.83 -42.91 73.44
CA SER E 26 -12.84 -43.50 72.11
C SER E 26 -13.10 -45.00 72.15
N GLY E 27 -12.45 -45.72 73.05
CA GLY E 27 -12.65 -47.14 73.14
C GLY E 27 -11.63 -47.93 72.37
N VAL E 28 -10.36 -47.65 72.63
CA VAL E 28 -9.30 -48.39 71.95
C VAL E 28 -9.29 -49.82 72.44
N HIS E 29 -9.22 -50.01 73.75
CA HIS E 29 -9.17 -51.36 74.30
C HIS E 29 -10.47 -52.14 74.14
N GLN E 30 -11.59 -51.48 73.89
CA GLN E 30 -12.82 -52.21 73.66
C GLN E 30 -12.88 -52.76 72.24
N LEU E 31 -12.44 -51.97 71.26
CA LEU E 31 -12.47 -52.46 69.89
C LEU E 31 -11.40 -53.49 69.66
N VAL E 32 -10.28 -53.41 70.38
CA VAL E 32 -9.32 -54.50 70.41
C VAL E 32 -9.96 -55.73 70.97
N ASP E 33 -10.84 -55.57 71.94
CA ASP E 33 -11.38 -56.71 72.65
C ASP E 33 -12.38 -57.46 71.79
N ILE E 34 -13.12 -56.78 70.93
CA ILE E 34 -14.18 -57.48 70.20
C ILE E 34 -13.68 -58.07 68.87
N TYR E 35 -12.65 -57.49 68.25
CA TYR E 35 -11.89 -58.21 67.23
C TYR E 35 -11.30 -59.49 67.77
N GLU E 36 -10.90 -59.50 69.04
CA GLU E 36 -10.33 -60.72 69.56
C GLU E 36 -11.35 -61.63 70.20
N LYS E 37 -12.54 -61.13 70.50
CA LYS E 37 -13.56 -61.92 71.14
C LYS E 37 -14.17 -62.94 70.19
N TYR E 38 -14.09 -62.68 68.90
CA TYR E 38 -14.79 -63.46 67.91
C TYR E 38 -13.92 -64.51 67.21
N GLN E 39 -12.79 -64.11 66.63
CA GLN E 39 -11.73 -64.99 66.14
C GLN E 39 -12.12 -65.89 64.97
N ASP E 40 -13.41 -65.96 64.65
CA ASP E 40 -13.97 -67.06 63.88
C ASP E 40 -14.99 -66.59 62.88
N LEU E 41 -15.45 -65.36 63.00
CA LEU E 41 -16.08 -64.69 61.88
C LEU E 41 -15.07 -64.36 60.79
N TYR E 42 -13.78 -64.40 61.09
CA TYR E 42 -12.78 -64.11 60.09
C TYR E 42 -11.60 -65.05 60.26
N THR E 43 -10.76 -65.10 59.23
CA THR E 43 -9.47 -65.74 59.30
C THR E 43 -8.40 -64.73 58.90
N VAL E 44 -7.15 -65.05 59.24
CA VAL E 44 -6.03 -64.14 59.07
C VAL E 44 -5.09 -64.76 58.06
N GLU E 45 -5.05 -64.20 56.86
CA GLU E 45 -4.24 -64.71 55.79
C GLU E 45 -3.03 -63.81 55.55
N PRO E 46 -1.96 -64.31 54.94
CA PRO E 46 -0.81 -63.45 54.67
C PRO E 46 -0.80 -62.79 53.31
N ASN E 47 -0.22 -61.59 53.26
CA ASN E 47 0.18 -60.97 52.01
C ASN E 47 1.57 -61.47 51.68
N ASN E 48 1.65 -62.40 50.75
CA ASN E 48 2.96 -62.84 50.31
C ASN E 48 3.40 -61.87 49.22
N ALA E 49 4.13 -60.85 49.61
CA ALA E 49 4.53 -59.81 48.67
C ALA E 49 5.61 -60.24 47.73
N ARG E 50 6.08 -61.46 47.79
CA ARG E 50 6.80 -61.98 46.65
C ARG E 50 5.81 -62.41 45.61
N GLN E 51 4.82 -63.16 46.08
CA GLN E 51 3.76 -63.75 45.28
C GLN E 51 2.80 -62.75 44.67
N LEU E 52 2.42 -61.74 45.42
CA LEU E 52 1.49 -60.75 44.91
C LEU E 52 2.09 -60.00 43.74
N VAL E 53 3.36 -59.62 43.87
CA VAL E 53 4.02 -58.89 42.80
C VAL E 53 4.12 -59.75 41.57
N GLU E 54 4.45 -61.03 41.75
CA GLU E 54 4.57 -61.92 40.61
C GLU E 54 3.22 -62.07 39.92
N ILE E 55 2.16 -62.18 40.70
CA ILE E 55 0.84 -62.30 40.09
C ILE E 55 0.48 -61.04 39.31
N ALA E 56 0.75 -59.87 39.88
CA ALA E 56 0.44 -58.62 39.20
C ALA E 56 1.24 -58.40 37.92
N ALA E 57 2.54 -58.69 38.00
CA ALA E 57 3.47 -58.56 36.89
C ALA E 57 3.00 -59.33 35.68
N ARG E 58 2.13 -60.31 35.89
CA ARG E 58 1.65 -61.16 34.83
CA ARG E 58 1.64 -61.16 34.84
C ARG E 58 0.30 -60.74 34.29
N ASP E 59 -0.52 -60.04 35.06
CA ASP E 59 -1.71 -59.50 34.45
C ASP E 59 -1.37 -58.29 33.60
N ILE E 60 -0.33 -57.55 33.92
CA ILE E 60 0.07 -56.49 33.04
C ILE E 60 0.84 -57.04 31.88
N GLU E 61 1.47 -58.19 32.03
CA GLU E 61 2.06 -58.84 30.87
C GLU E 61 0.98 -59.29 29.91
N LYS E 62 -0.05 -59.95 30.42
CA LYS E 62 -1.07 -60.49 29.55
C LYS E 62 -1.95 -59.41 28.98
N LEU E 63 -2.21 -58.35 29.73
CA LEU E 63 -2.96 -57.21 29.22
C LEU E 63 -2.25 -56.57 28.06
N LEU E 64 -0.98 -56.34 28.22
CA LEU E 64 -0.19 -55.66 27.22
C LEU E 64 0.32 -56.60 26.14
N SER E 65 0.13 -57.90 26.28
CA SER E 65 0.30 -58.81 25.16
C SER E 65 -0.96 -59.00 24.38
N ASN E 66 -2.09 -59.05 25.06
CA ASN E 66 -3.38 -59.04 24.38
C ASN E 66 -3.60 -57.79 23.55
N ARG E 67 -3.07 -56.66 23.98
CA ARG E 67 -3.23 -55.44 23.19
C ARG E 67 -2.40 -55.54 21.92
N SER E 68 -1.22 -56.13 22.12
CA SER E 68 -0.23 -56.33 21.09
C SER E 68 -0.69 -57.23 19.95
N LYS E 69 -1.40 -58.29 20.25
CA LYS E 69 -1.88 -59.20 19.21
C LYS E 69 -2.83 -58.46 18.29
N ALA E 70 -3.69 -57.65 18.90
CA ALA E 70 -4.65 -56.87 18.15
C ALA E 70 -3.89 -55.92 17.26
N LEU E 71 -2.86 -55.29 17.81
CA LEU E 71 -2.07 -54.37 17.00
C LEU E 71 -1.44 -55.06 15.80
N VAL E 72 -0.91 -56.26 15.99
CA VAL E 72 -0.27 -56.96 14.88
C VAL E 72 -1.20 -57.29 13.71
N ARG E 73 -2.40 -57.77 14.01
CA ARG E 73 -3.34 -58.09 12.94
C ARG E 73 -3.79 -56.88 12.14
N LEU E 74 -4.02 -55.77 12.83
CA LEU E 74 -4.44 -54.55 12.15
C LEU E 74 -3.35 -54.14 11.20
N ALA E 75 -2.10 -54.22 11.66
CA ALA E 75 -0.98 -53.84 10.81
C ALA E 75 -0.90 -54.74 9.59
N LEU E 76 -1.08 -56.03 9.79
CA LEU E 76 -1.00 -56.93 8.64
C LEU E 76 -2.07 -56.57 7.63
N GLU E 77 -3.28 -56.34 8.11
CA GLU E 77 -4.35 -56.01 7.17
C GLU E 77 -4.04 -54.73 6.42
N ALA E 78 -3.56 -53.73 7.14
CA ALA E 78 -3.28 -52.46 6.50
C ALA E 78 -2.23 -52.65 5.42
N GLU E 79 -1.19 -53.42 5.72
CA GLU E 79 -0.14 -53.61 4.71
C GLU E 79 -0.65 -54.34 3.49
N LYS E 80 -1.43 -55.39 3.73
CA LYS E 80 -1.98 -56.19 2.64
C LYS E 80 -3.01 -55.49 1.78
N VAL E 81 -3.80 -54.67 2.45
CA VAL E 81 -4.97 -53.98 1.93
C VAL E 81 -4.56 -52.85 0.98
N GLN E 82 -3.56 -52.08 1.38
CA GLN E 82 -3.09 -50.98 0.58
C GLN E 82 -2.19 -51.45 -0.55
N ALA E 83 -1.58 -52.62 -0.45
CA ALA E 83 -0.89 -53.18 -1.59
C ALA E 83 -1.84 -53.57 -2.70
N ALA E 84 -3.12 -53.74 -2.40
CA ALA E 84 -4.13 -53.94 -3.42
C ALA E 84 -5.02 -52.72 -3.62
N HIS E 85 -4.45 -51.54 -3.66
CA HIS E 85 -5.24 -50.36 -3.94
C HIS E 85 -4.79 -49.74 -5.24
N GLN E 86 -5.75 -49.20 -5.98
CA GLN E 86 -5.60 -48.95 -7.40
C GLN E 86 -5.28 -47.51 -7.76
N TRP E 87 -5.35 -46.57 -6.83
CA TRP E 87 -5.11 -45.14 -7.03
C TRP E 87 -6.07 -44.56 -8.07
N ARG E 88 -7.33 -44.51 -7.70
CA ARG E 88 -8.27 -43.88 -8.60
C ARG E 88 -8.32 -42.39 -8.39
N GLU E 89 -8.77 -41.67 -9.41
CA GLU E 89 -8.95 -40.22 -9.36
C GLU E 89 -10.34 -39.78 -9.77
N ASP E 90 -11.22 -40.71 -10.08
CA ASP E 90 -12.63 -40.41 -10.30
C ASP E 90 -13.39 -40.61 -9.00
N PHE E 91 -13.51 -39.58 -8.19
CA PHE E 91 -14.23 -39.77 -6.95
C PHE E 91 -15.59 -39.13 -6.91
N ALA E 92 -15.89 -38.18 -7.78
CA ALA E 92 -17.27 -37.73 -7.89
C ALA E 92 -18.14 -38.79 -8.55
N SER E 93 -17.52 -39.74 -9.25
CA SER E 93 -18.27 -40.83 -9.87
C SER E 93 -18.60 -41.91 -8.85
N ASN E 94 -17.62 -42.30 -8.03
CA ASN E 94 -17.80 -43.29 -6.97
C ASN E 94 -17.47 -42.61 -5.65
N GLU E 95 -18.50 -42.33 -4.88
CA GLU E 95 -18.34 -41.64 -3.64
C GLU E 95 -17.62 -42.49 -2.62
N VAL E 96 -16.90 -41.82 -1.73
CA VAL E 96 -16.21 -42.48 -0.67
C VAL E 96 -17.15 -42.16 0.47
N VAL E 97 -17.65 -43.19 1.14
CA VAL E 97 -18.58 -42.96 2.23
C VAL E 97 -17.86 -43.19 3.54
N TYR E 98 -17.85 -42.16 4.37
CA TYR E 98 -17.20 -42.23 5.66
C TYR E 98 -17.81 -41.22 6.59
N TYR E 99 -17.63 -41.43 7.89
CA TYR E 99 -18.17 -40.50 8.86
C TYR E 99 -17.01 -39.60 9.26
N ASN E 100 -17.23 -38.30 9.14
CA ASN E 100 -16.20 -37.33 9.44
C ASN E 100 -16.42 -36.67 10.78
N ALA E 101 -15.45 -36.82 11.66
CA ALA E 101 -15.52 -36.23 12.98
C ALA E 101 -15.38 -34.74 12.80
N LYS E 102 -15.75 -33.99 13.82
CA LYS E 102 -15.69 -32.54 13.77
C LYS E 102 -16.49 -31.90 12.65
N ASP E 103 -17.70 -32.42 12.44
CA ASP E 103 -18.63 -31.88 11.45
C ASP E 103 -19.99 -31.83 12.12
N ASP E 104 -20.86 -30.92 11.70
CA ASP E 104 -22.18 -30.84 12.32
C ASP E 104 -22.94 -32.12 11.96
N LEU E 105 -23.55 -32.72 12.96
CA LEU E 105 -24.30 -33.96 12.77
C LEU E 105 -25.78 -33.73 12.51
N ASP E 106 -26.16 -32.46 12.47
CA ASP E 106 -27.54 -32.05 12.27
C ASP E 106 -27.93 -32.57 10.90
N PRO E 107 -29.12 -33.27 10.87
CA PRO E 107 -29.47 -33.81 9.54
C PRO E 107 -29.72 -32.77 8.46
N GLU E 108 -30.30 -31.64 8.84
CA GLU E 108 -30.69 -30.66 7.84
C GLU E 108 -29.52 -29.90 7.21
N LYS E 109 -28.27 -30.22 7.54
CA LYS E 109 -27.16 -29.45 6.99
C LYS E 109 -26.91 -29.78 5.51
N ASN E 110 -26.49 -31.03 5.22
CA ASN E 110 -26.27 -31.56 3.88
C ASN E 110 -25.27 -30.74 3.07
N ASP E 111 -24.01 -30.73 3.47
CA ASP E 111 -23.00 -29.97 2.71
C ASP E 111 -22.60 -30.72 1.45
N SER E 112 -22.24 -32.01 1.58
CA SER E 112 -21.99 -32.94 0.48
C SER E 112 -20.87 -32.45 -0.44
N GLU E 113 -19.66 -32.45 0.09
CA GLU E 113 -18.49 -32.08 -0.68
C GLU E 113 -18.26 -33.10 -1.80
N PRO E 114 -17.65 -32.71 -2.92
CA PRO E 114 -17.43 -33.66 -4.02
C PRO E 114 -16.39 -34.71 -3.68
N GLY E 115 -16.64 -35.92 -4.11
CA GLY E 115 -15.84 -37.07 -3.78
C GLY E 115 -16.31 -37.81 -2.54
N SER E 116 -16.89 -37.11 -1.58
CA SER E 116 -17.18 -37.69 -0.28
C SER E 116 -18.66 -37.66 0.03
N GLN E 117 -19.04 -38.56 0.93
CA GLN E 117 -20.42 -38.71 1.39
C GLN E 117 -20.35 -38.98 2.87
N ARG E 118 -21.10 -38.26 3.69
CA ARG E 118 -20.94 -38.51 5.10
C ARG E 118 -21.90 -39.57 5.61
N ILE E 119 -21.79 -39.81 6.91
CA ILE E 119 -22.61 -40.73 7.67
C ILE E 119 -23.19 -39.94 8.82
N LYS E 120 -24.48 -40.13 9.08
CA LYS E 120 -25.05 -39.76 10.35
C LYS E 120 -25.11 -41.00 11.22
N PRO E 121 -24.32 -41.11 12.26
CA PRO E 121 -24.36 -42.30 13.10
C PRO E 121 -25.29 -42.09 14.28
N VAL E 122 -25.46 -43.09 15.14
CA VAL E 122 -26.58 -43.08 16.08
C VAL E 122 -26.17 -42.83 17.53
N PHE E 123 -24.94 -43.13 17.94
CA PHE E 123 -24.33 -42.59 19.15
C PHE E 123 -25.03 -42.99 20.45
N ILE E 124 -24.84 -44.25 20.82
CA ILE E 124 -25.19 -44.66 22.17
C ILE E 124 -24.25 -44.01 23.17
N ASP E 125 -24.68 -43.90 24.42
CA ASP E 125 -23.78 -43.40 25.44
C ASP E 125 -23.12 -44.61 26.07
N ASP E 126 -21.98 -44.42 26.72
CA ASP E 126 -21.17 -45.59 27.03
C ASP E 126 -20.46 -45.41 28.36
N ALA E 127 -20.03 -46.53 28.93
CA ALA E 127 -18.99 -46.56 29.94
C ALA E 127 -17.80 -47.33 29.38
N ASN E 128 -16.62 -47.01 29.93
CA ASN E 128 -15.23 -47.19 29.47
C ASN E 128 -14.85 -46.13 28.46
N PHE E 129 -15.82 -45.43 27.94
CA PHE E 129 -15.62 -44.20 27.21
C PHE E 129 -16.55 -43.29 27.96
N ARG E 130 -16.10 -42.12 28.38
CA ARG E 130 -17.08 -41.27 29.04
C ARG E 130 -17.63 -40.27 28.03
N ARG E 131 -18.03 -40.82 26.88
CA ARG E 131 -18.65 -40.04 25.81
C ARG E 131 -19.56 -40.91 24.93
N GLN E 132 -20.47 -40.29 24.19
CA GLN E 132 -21.35 -41.04 23.31
C GLN E 132 -20.53 -41.64 22.18
N VAL E 133 -20.80 -42.89 21.83
CA VAL E 133 -20.02 -43.55 20.78
C VAL E 133 -20.82 -44.50 19.89
N SER E 134 -20.30 -44.74 18.70
CA SER E 134 -20.92 -45.65 17.73
C SER E 134 -19.97 -46.81 17.47
N TYR E 135 -20.48 -48.04 17.58
CA TYR E 135 -19.68 -49.24 17.37
C TYR E 135 -19.81 -49.84 15.98
N GLN E 136 -20.44 -49.11 15.07
CA GLN E 136 -20.68 -49.65 13.74
C GLN E 136 -19.64 -49.21 12.73
N HIS E 137 -18.87 -48.17 13.02
CA HIS E 137 -17.83 -47.74 12.11
C HIS E 137 -16.84 -46.88 12.85
N ALA E 138 -15.80 -46.49 12.13
CA ALA E 138 -14.72 -45.69 12.62
C ALA E 138 -14.88 -44.28 12.11
N ALA E 139 -14.53 -43.33 12.95
CA ALA E 139 -14.56 -41.93 12.62
C ALA E 139 -13.31 -41.60 11.90
N VAL E 140 -13.23 -40.42 11.34
CA VAL E 140 -12.04 -40.02 10.62
C VAL E 140 -11.72 -38.61 11.07
N HIS E 141 -10.49 -38.37 11.51
CA HIS E 141 -10.03 -37.02 11.83
C HIS E 141 -9.18 -36.51 10.69
N ILE E 142 -9.59 -35.43 10.05
CA ILE E 142 -8.74 -34.74 9.09
C ILE E 142 -8.26 -33.48 9.81
N PRO E 143 -6.97 -33.14 9.77
CA PRO E 143 -6.57 -31.87 10.38
C PRO E 143 -7.09 -30.69 9.60
N THR E 144 -6.99 -29.52 10.19
CA THR E 144 -7.86 -28.44 9.75
C THR E 144 -7.33 -27.77 8.50
N ASP E 145 -6.03 -27.52 8.44
CA ASP E 145 -5.47 -26.89 7.27
C ASP E 145 -5.32 -27.86 6.11
N ILE E 146 -5.49 -29.15 6.37
CA ILE E 146 -5.56 -30.13 5.31
C ILE E 146 -6.97 -30.21 4.74
N TYR E 147 -7.06 -30.04 3.43
CA TYR E 147 -8.31 -30.15 2.71
C TYR E 147 -8.65 -31.61 2.52
N GLU E 148 -9.92 -31.95 2.72
CA GLU E 148 -10.34 -33.30 2.43
C GLU E 148 -11.13 -33.30 1.14
N GLY E 149 -10.92 -34.31 0.33
CA GLY E 149 -11.30 -34.19 -1.04
C GLY E 149 -10.13 -34.01 -1.98
N SER E 150 -8.95 -33.79 -1.45
CA SER E 150 -7.74 -33.88 -2.21
C SER E 150 -7.54 -35.32 -2.58
N THR E 151 -7.04 -35.54 -3.80
CA THR E 151 -6.79 -36.89 -4.28
C THR E 151 -5.90 -37.68 -3.32
N ILE E 152 -4.98 -36.98 -2.67
CA ILE E 152 -4.07 -37.62 -1.72
C ILE E 152 -4.80 -38.05 -0.46
N VAL E 153 -5.83 -37.29 -0.09
CA VAL E 153 -6.62 -37.60 1.10
C VAL E 153 -7.80 -38.50 0.76
N LEU E 154 -8.39 -38.27 -0.42
CA LEU E 154 -9.55 -39.05 -0.87
C LEU E 154 -9.17 -40.52 -1.05
N ASN E 155 -7.92 -40.75 -1.45
CA ASN E 155 -7.43 -42.10 -1.67
C ASN E 155 -7.05 -42.81 -0.38
N GLU E 156 -6.81 -42.10 0.72
CA GLU E 156 -6.71 -42.80 2.00
C GLU E 156 -8.05 -43.29 2.46
N LEU E 157 -9.08 -42.44 2.40
CA LEU E 157 -10.39 -42.81 2.89
C LEU E 157 -11.01 -43.93 2.09
N ASN E 158 -10.51 -44.14 0.89
CA ASN E 158 -10.84 -45.33 0.14
C ASN E 158 -10.12 -46.53 0.74
N TRP E 159 -8.77 -46.56 0.73
CA TRP E 159 -8.18 -47.84 1.10
C TRP E 159 -8.25 -48.10 2.58
N THR E 160 -8.38 -47.08 3.41
CA THR E 160 -8.30 -47.28 4.84
C THR E 160 -9.63 -47.77 5.35
N SER E 161 -10.64 -47.81 4.50
CA SER E 161 -11.98 -48.20 4.88
C SER E 161 -12.11 -49.68 5.12
N ALA E 162 -11.11 -50.47 4.82
CA ALA E 162 -11.11 -51.88 5.13
C ALA E 162 -10.63 -52.15 6.53
N LEU E 163 -10.27 -51.13 7.28
CA LEU E 163 -9.91 -51.36 8.66
C LEU E 163 -11.11 -51.52 9.56
N ASP E 164 -12.29 -51.03 9.17
CA ASP E 164 -13.44 -51.10 10.05
C ASP E 164 -13.88 -52.53 10.32
N ASP E 165 -13.49 -53.46 9.49
CA ASP E 165 -13.80 -54.85 9.74
C ASP E 165 -12.81 -55.45 10.72
N VAL E 166 -11.59 -54.93 10.79
CA VAL E 166 -10.61 -55.49 11.70
C VAL E 166 -10.68 -54.79 13.03
N PHE E 167 -10.95 -53.49 13.01
CA PHE E 167 -11.40 -52.76 14.18
C PHE E 167 -12.50 -53.51 14.91
N LYS E 168 -13.51 -53.97 14.20
CA LYS E 168 -14.63 -54.62 14.85
C LYS E 168 -14.28 -55.97 15.43
N LYS E 169 -13.33 -56.65 14.80
CA LYS E 169 -12.90 -57.96 15.22
C LYS E 169 -12.03 -57.97 16.47
N ASN E 170 -11.55 -56.79 16.85
CA ASN E 170 -10.73 -56.63 18.04
C ASN E 170 -11.58 -56.42 19.28
N ARG E 171 -12.67 -55.67 19.12
CA ARG E 171 -13.58 -55.37 20.20
C ARG E 171 -14.55 -56.51 20.41
N GLU E 172 -14.83 -57.28 19.38
CA GLU E 172 -15.74 -58.40 19.56
C GLU E 172 -15.02 -59.37 20.48
N GLU E 173 -13.76 -59.64 20.17
CA GLU E 173 -12.92 -60.53 20.95
C GLU E 173 -12.66 -60.00 22.36
N ASP E 174 -12.38 -58.70 22.46
CA ASP E 174 -12.12 -58.09 23.77
C ASP E 174 -13.04 -56.88 23.97
N PRO E 175 -14.05 -57.06 24.91
CA PRO E 175 -14.92 -55.87 25.10
C PRO E 175 -14.23 -54.65 25.69
N SER E 176 -13.29 -54.87 26.60
CA SER E 176 -12.58 -53.80 27.32
C SER E 176 -11.68 -52.87 26.51
N LEU E 177 -11.36 -53.23 25.27
CA LEU E 177 -10.46 -52.43 24.45
C LEU E 177 -10.92 -50.98 24.26
N LEU E 178 -9.95 -50.06 24.35
CA LEU E 178 -10.15 -48.61 24.18
C LEU E 178 -9.91 -48.16 22.75
N TRP E 179 -9.69 -46.87 22.52
CA TRP E 179 -9.50 -46.41 21.15
C TRP E 179 -8.54 -47.25 20.34
N GLN E 180 -8.91 -47.48 19.09
CA GLN E 180 -8.09 -48.19 18.13
C GLN E 180 -7.95 -47.15 17.04
N VAL E 181 -6.73 -46.82 16.64
CA VAL E 181 -6.57 -45.81 15.62
C VAL E 181 -5.42 -46.04 14.65
N PHE E 182 -5.59 -45.59 13.42
CA PHE E 182 -4.54 -45.68 12.43
C PHE E 182 -4.22 -44.23 12.14
N GLY E 183 -2.99 -43.83 12.36
CA GLY E 183 -2.59 -42.47 12.04
C GLY E 183 -1.90 -42.56 10.71
N SER E 184 -2.46 -41.90 9.70
CA SER E 184 -1.93 -41.91 8.35
C SER E 184 -0.70 -41.05 8.09
N ALA E 185 0.11 -41.44 7.12
CA ALA E 185 1.28 -40.67 6.73
C ALA E 185 0.77 -39.36 6.14
N THR E 186 -0.39 -39.46 5.51
CA THR E 186 -1.10 -38.37 4.85
C THR E 186 -1.66 -37.34 5.83
N GLY E 187 -1.69 -37.68 7.12
CA GLY E 187 -2.22 -36.79 8.13
C GLY E 187 -3.67 -37.03 8.47
N LEU E 188 -4.23 -38.11 7.92
CA LEU E 188 -5.61 -38.48 8.16
C LEU E 188 -5.62 -39.62 9.18
N ALA E 189 -6.42 -39.50 10.24
CA ALA E 189 -6.52 -40.55 11.28
C ALA E 189 -7.93 -41.11 11.39
N ARG E 190 -8.03 -42.44 11.50
CA ARG E 190 -9.29 -43.17 11.68
C ARG E 190 -9.25 -43.97 12.98
N TYR E 191 -10.27 -43.81 13.81
CA TYR E 191 -10.33 -44.51 15.07
C TYR E 191 -11.68 -45.16 15.26
N TYR E 192 -11.71 -46.20 16.08
CA TYR E 192 -12.93 -46.92 16.38
C TYR E 192 -12.97 -47.06 17.89
N PRO E 193 -14.18 -46.94 18.58
CA PRO E 193 -15.39 -46.65 17.79
C PRO E 193 -15.59 -45.16 17.52
N ALA E 194 -16.44 -44.82 16.57
CA ALA E 194 -16.71 -43.43 16.21
C ALA E 194 -17.43 -42.59 17.27
N SER E 195 -16.99 -41.34 17.42
CA SER E 195 -17.58 -40.39 18.36
C SER E 195 -17.27 -39.01 17.82
N PRO E 196 -18.03 -37.98 18.16
CA PRO E 196 -17.64 -36.67 17.62
C PRO E 196 -16.39 -36.17 18.34
N TRP E 197 -15.51 -35.52 17.58
CA TRP E 197 -14.26 -34.97 18.08
C TRP E 197 -14.60 -33.89 19.10
N VAL E 198 -13.63 -33.54 19.95
CA VAL E 198 -13.98 -32.67 21.06
C VAL E 198 -14.04 -31.20 20.66
N ASP E 199 -13.23 -30.80 19.71
CA ASP E 199 -13.28 -29.46 19.14
C ASP E 199 -13.79 -29.60 17.73
N ASN E 200 -14.98 -29.09 17.46
CA ASN E 200 -15.33 -28.95 16.06
C ASN E 200 -14.56 -27.76 15.51
N SER E 201 -14.49 -27.67 14.18
CA SER E 201 -13.64 -26.67 13.55
C SER E 201 -14.23 -25.27 13.76
N ARG E 202 -15.42 -25.02 13.24
CA ARG E 202 -16.00 -23.68 13.34
C ARG E 202 -17.36 -23.57 14.04
N THR E 203 -17.88 -24.66 14.59
CA THR E 203 -19.17 -24.57 15.25
C THR E 203 -19.00 -23.95 16.66
N PRO E 204 -17.95 -24.27 17.47
CA PRO E 204 -17.54 -23.31 18.49
C PRO E 204 -16.55 -22.28 17.95
N ASN E 205 -15.95 -21.50 18.84
CA ASN E 205 -14.95 -20.52 18.45
C ASN E 205 -13.54 -20.94 18.86
N LYS E 206 -13.39 -22.09 19.54
CA LYS E 206 -12.08 -22.69 19.66
C LYS E 206 -11.87 -23.67 18.51
N ILE E 207 -10.69 -23.61 17.90
CA ILE E 207 -10.44 -24.46 16.75
C ILE E 207 -9.25 -25.36 16.97
N ASP E 208 -9.46 -26.66 16.73
CA ASP E 208 -8.41 -27.62 16.92
C ASP E 208 -7.32 -27.54 15.86
N LEU E 209 -6.09 -27.70 16.31
CA LEU E 209 -4.95 -27.70 15.44
C LEU E 209 -4.21 -28.94 15.89
N TYR E 210 -4.84 -30.08 15.63
CA TYR E 210 -4.33 -31.38 16.00
C TYR E 210 -3.90 -32.11 14.76
N ASP E 211 -2.67 -32.60 14.76
CA ASP E 211 -2.14 -33.34 13.63
C ASP E 211 -1.66 -34.68 14.13
N VAL E 212 -2.02 -35.75 13.43
CA VAL E 212 -1.63 -37.09 13.83
C VAL E 212 -0.12 -37.30 13.80
N ARG E 213 0.54 -36.73 12.80
CA ARG E 213 1.98 -36.87 12.64
C ARG E 213 2.74 -36.27 13.80
N ARG E 214 2.23 -35.17 14.29
CA ARG E 214 2.78 -34.44 15.41
C ARG E 214 2.76 -35.23 16.71
N ARG E 215 1.74 -36.07 16.87
CA ARG E 215 1.53 -36.82 18.11
C ARG E 215 2.70 -37.67 18.61
N PRO E 216 2.87 -37.67 19.98
CA PRO E 216 4.00 -38.48 20.47
C PRO E 216 3.89 -39.97 20.17
N TRP E 217 2.71 -40.57 20.27
CA TRP E 217 2.58 -41.98 19.99
C TRP E 217 2.95 -42.26 18.56
N TYR E 218 2.54 -41.38 17.65
CA TYR E 218 2.85 -41.55 16.25
C TYR E 218 4.35 -41.49 16.01
N ILE E 219 5.00 -40.53 16.66
CA ILE E 219 6.45 -40.34 16.54
C ILE E 219 7.34 -41.46 17.05
N GLN E 220 6.98 -42.12 18.17
CA GLN E 220 7.88 -43.14 18.67
C GLN E 220 7.90 -44.38 17.79
N GLY E 221 6.96 -44.52 16.86
CA GLY E 221 6.83 -45.77 16.15
C GLY E 221 7.06 -45.43 14.71
N ALA E 222 7.19 -44.15 14.48
CA ALA E 222 7.63 -43.65 13.20
C ALA E 222 9.07 -43.97 12.90
N ALA E 223 9.90 -44.08 13.93
CA ALA E 223 11.33 -43.89 13.79
C ALA E 223 11.97 -44.26 15.11
N SER E 224 13.25 -44.27 15.13
CA SER E 224 14.12 -44.68 16.23
C SER E 224 14.59 -43.47 17.00
N PRO E 225 15.05 -43.59 18.25
CA PRO E 225 15.37 -42.40 19.06
C PRO E 225 16.53 -41.63 18.48
N LYS E 226 16.71 -40.36 18.81
CA LYS E 226 17.80 -39.69 18.13
C LYS E 226 18.52 -38.55 18.81
N ASP E 227 19.83 -38.49 18.64
CA ASP E 227 20.63 -37.42 19.21
C ASP E 227 20.72 -36.32 18.20
N MET E 228 19.86 -35.32 18.28
CA MET E 228 19.94 -34.26 17.32
C MET E 228 20.73 -33.09 17.86
N LEU E 229 20.86 -32.03 17.08
CA LEU E 229 21.69 -30.93 17.50
C LEU E 229 21.28 -29.81 16.57
N ILE E 230 20.60 -28.80 17.06
CA ILE E 230 20.03 -27.78 16.20
C ILE E 230 21.10 -26.73 16.02
N LEU E 231 21.50 -26.51 14.76
CA LEU E 231 22.53 -25.54 14.37
C LEU E 231 21.89 -24.36 13.65
N VAL E 232 22.03 -23.18 14.20
CA VAL E 232 21.41 -21.99 13.64
C VAL E 232 22.32 -20.89 13.15
N ASP E 233 22.01 -20.34 11.98
CA ASP E 233 22.77 -19.25 11.43
C ASP E 233 22.32 -17.96 12.10
N VAL E 234 23.24 -17.26 12.76
CA VAL E 234 22.87 -16.01 13.43
C VAL E 234 23.64 -14.82 12.87
N SER E 235 24.02 -14.90 11.61
CA SER E 235 24.74 -13.81 10.97
C SER E 235 23.78 -12.65 10.73
N GLY E 236 24.33 -11.46 10.52
CA GLY E 236 23.53 -10.26 10.32
C GLY E 236 22.40 -10.28 9.32
N SER E 237 22.54 -11.06 8.27
CA SER E 237 21.54 -11.14 7.22
C SER E 237 20.21 -11.72 7.69
N VAL E 238 20.27 -12.66 8.63
CA VAL E 238 19.08 -13.29 9.18
C VAL E 238 18.17 -12.32 9.92
N SER E 239 18.74 -11.31 10.57
CA SER E 239 17.92 -10.38 11.33
C SER E 239 16.87 -9.81 10.42
N GLY E 240 15.63 -9.80 10.91
CA GLY E 240 14.52 -9.30 10.13
C GLY E 240 13.39 -10.29 10.30
N LEU E 241 12.59 -10.45 9.25
CA LEU E 241 11.48 -11.39 9.27
C LEU E 241 12.00 -12.82 9.42
N THR E 242 13.11 -13.11 8.79
CA THR E 242 13.72 -14.45 8.84
C THR E 242 14.16 -14.88 10.25
N LEU E 243 14.75 -13.96 11.01
CA LEU E 243 15.19 -14.28 12.37
C LEU E 243 13.98 -14.63 13.22
N LYS E 244 12.89 -13.92 12.99
CA LYS E 244 11.65 -14.13 13.71
C LYS E 244 11.12 -15.54 13.48
N LEU E 245 11.22 -15.99 12.24
CA LEU E 245 10.77 -17.33 11.86
C LEU E 245 11.56 -18.48 12.47
N ILE E 246 12.88 -18.32 12.61
CA ILE E 246 13.75 -19.35 13.17
C ILE E 246 13.47 -19.73 14.63
N ARG E 247 13.20 -18.73 15.46
CA ARG E 247 12.89 -18.92 16.88
C ARG E 247 11.64 -19.73 17.08
N THR E 248 10.77 -19.80 16.09
CA THR E 248 9.48 -20.47 16.16
C THR E 248 9.55 -21.84 15.52
N SER E 249 10.48 -22.02 14.59
CA SER E 249 10.78 -23.33 14.06
C SER E 249 11.49 -24.20 15.09
N VAL E 250 12.51 -23.67 15.77
CA VAL E 250 13.27 -24.47 16.74
C VAL E 250 12.40 -24.89 17.91
N SER E 251 11.54 -23.98 18.36
CA SER E 251 10.61 -24.32 19.42
C SER E 251 9.72 -25.42 18.86
N GLU E 252 9.29 -25.28 17.61
CA GLU E 252 8.45 -26.25 16.93
C GLU E 252 9.15 -27.59 16.70
N MET E 253 10.43 -27.53 16.35
CA MET E 253 11.23 -28.71 16.09
C MET E 253 11.36 -29.56 17.36
N LEU E 254 11.49 -28.89 18.49
CA LEU E 254 11.60 -29.54 19.79
C LEU E 254 10.37 -30.34 20.21
N GLU E 255 9.18 -29.81 19.93
CA GLU E 255 7.91 -30.41 20.28
C GLU E 255 8.01 -31.85 19.85
N THR E 256 8.66 -32.04 18.70
CA THR E 256 8.90 -33.33 18.07
C THR E 256 9.74 -34.27 18.93
N LEU E 257 10.70 -33.71 19.66
CA LEU E 257 11.60 -34.51 20.49
C LEU E 257 10.93 -35.20 21.68
N SER E 258 11.52 -36.31 22.11
CA SER E 258 11.02 -37.14 23.20
C SER E 258 12.10 -37.38 24.24
N ASP E 259 11.72 -37.98 25.38
CA ASP E 259 12.66 -38.26 26.46
C ASP E 259 13.81 -39.16 26.04
N ASP E 260 13.53 -40.14 25.18
CA ASP E 260 14.54 -41.04 24.68
C ASP E 260 15.49 -40.35 23.71
N ASP E 261 15.09 -39.16 23.25
CA ASP E 261 15.84 -38.41 22.28
C ASP E 261 16.71 -37.42 23.01
N PHE E 262 17.97 -37.29 22.63
CA PHE E 262 18.83 -36.30 23.28
C PHE E 262 18.98 -35.13 22.35
N VAL E 263 19.19 -33.94 22.88
CA VAL E 263 19.25 -32.79 22.03
C VAL E 263 19.89 -31.61 22.67
N ASN E 264 20.73 -30.90 21.93
CA ASN E 264 21.33 -29.66 22.39
C ASN E 264 21.07 -28.60 21.33
N VAL E 265 21.38 -27.34 21.59
CA VAL E 265 21.10 -26.35 20.56
C VAL E 265 22.28 -25.39 20.51
N ALA E 266 22.93 -25.26 19.36
CA ALA E 266 24.07 -24.39 19.18
C ALA E 266 23.65 -23.25 18.28
N SER E 267 24.57 -22.31 18.06
CA SER E 267 24.29 -21.13 17.25
C SER E 267 25.60 -20.54 16.80
N PHE E 268 25.72 -20.13 15.55
CA PHE E 268 26.99 -19.62 15.03
C PHE E 268 26.84 -18.27 14.34
N ASN E 269 27.82 -17.39 14.55
CA ASN E 269 28.12 -16.21 13.73
C ASN E 269 29.61 -15.91 13.85
N SER E 270 30.42 -16.49 12.98
CA SER E 270 31.88 -16.46 13.00
C SER E 270 32.54 -17.06 14.24
N ASN E 271 31.76 -17.49 15.21
CA ASN E 271 32.13 -18.39 16.30
C ASN E 271 30.87 -19.14 16.63
N ALA E 272 31.01 -20.39 17.03
CA ALA E 272 29.87 -21.14 17.51
C ALA E 272 29.91 -21.20 19.02
N GLN E 273 29.02 -20.47 19.64
CA GLN E 273 28.61 -20.63 21.01
C GLN E 273 27.49 -21.64 21.06
N ASP E 274 27.09 -22.01 22.28
CA ASP E 274 25.96 -22.90 22.48
C ASP E 274 24.91 -22.06 23.18
N VAL E 275 23.70 -22.09 22.66
CA VAL E 275 22.59 -21.27 23.15
C VAL E 275 22.27 -21.17 24.65
N SER E 276 22.59 -22.17 25.46
CA SER E 276 22.22 -22.08 26.86
C SER E 276 23.32 -22.44 27.82
N CYS E 277 22.93 -23.14 28.90
CA CYS E 277 23.91 -23.54 29.89
C CYS E 277 24.44 -24.96 29.73
N PHE E 278 24.18 -25.66 28.63
CA PHE E 278 24.26 -27.12 28.73
C PHE E 278 25.60 -27.69 28.30
N GLN E 279 25.99 -27.45 27.05
CA GLN E 279 27.25 -27.82 26.41
C GLN E 279 27.36 -29.28 26.01
N HIS E 280 26.45 -30.14 26.39
CA HIS E 280 26.41 -31.47 25.81
C HIS E 280 24.97 -31.80 25.50
N LEU E 281 24.76 -32.94 24.87
CA LEU E 281 23.43 -33.33 24.50
C LEU E 281 22.72 -33.80 25.75
N VAL E 282 21.55 -33.23 26.03
CA VAL E 282 20.84 -33.47 27.26
C VAL E 282 19.53 -34.16 26.90
N GLN E 283 18.81 -34.65 27.92
CA GLN E 283 17.81 -35.69 27.70
C GLN E 283 16.56 -35.20 26.98
N ALA E 284 16.35 -33.92 26.82
CA ALA E 284 15.19 -33.38 26.08
C ALA E 284 13.89 -33.85 26.67
N ASN E 285 13.86 -33.91 27.98
CA ASN E 285 12.66 -34.13 28.78
C ASN E 285 11.93 -32.80 28.84
N VAL E 286 10.86 -32.72 29.63
CA VAL E 286 10.01 -31.53 29.66
C VAL E 286 10.78 -30.31 30.14
N ARG E 287 11.66 -30.55 31.11
CA ARG E 287 12.44 -29.48 31.68
C ARG E 287 13.56 -29.02 30.78
N ASN E 288 14.43 -29.94 30.38
CA ASN E 288 15.54 -29.52 29.56
C ASN E 288 15.04 -28.75 28.34
N LYS E 289 14.01 -29.26 27.67
CA LYS E 289 13.46 -28.59 26.49
C LYS E 289 12.96 -27.21 26.78
N LYS E 290 12.53 -27.02 28.02
CA LYS E 290 12.00 -25.74 28.49
C LYS E 290 13.10 -24.72 28.65
N VAL E 291 14.30 -25.19 28.95
CA VAL E 291 15.46 -24.32 29.05
C VAL E 291 15.90 -23.87 27.68
N LEU E 292 15.99 -24.82 26.75
CA LEU E 292 16.38 -24.56 25.38
C LEU E 292 15.36 -23.71 24.67
N LYS E 293 14.07 -23.93 24.89
CA LYS E 293 13.05 -23.07 24.29
C LYS E 293 12.97 -21.71 24.90
N ASP E 294 13.69 -21.46 25.97
CA ASP E 294 13.74 -20.18 26.61
C ASP E 294 15.03 -19.43 26.29
N ALA E 295 16.04 -20.13 25.81
CA ALA E 295 17.24 -19.50 25.30
C ALA E 295 17.21 -19.33 23.81
N VAL E 296 16.42 -20.08 23.08
CA VAL E 296 16.31 -19.85 21.64
C VAL E 296 15.70 -18.47 21.38
N ASN E 297 14.74 -18.09 22.22
CA ASN E 297 13.99 -16.84 22.11
C ASN E 297 14.71 -15.48 22.23
N ASN E 298 15.76 -15.41 23.05
CA ASN E 298 16.49 -14.18 23.30
C ASN E 298 17.61 -13.85 22.33
N ILE E 299 17.77 -14.66 21.30
CA ILE E 299 18.84 -14.49 20.33
C ILE E 299 18.73 -13.21 19.50
N THR E 300 19.89 -12.61 19.26
CA THR E 300 20.09 -11.39 18.48
C THR E 300 21.06 -11.69 17.35
N ALA E 301 20.75 -11.26 16.14
CA ALA E 301 21.63 -11.58 15.00
C ALA E 301 22.51 -10.46 14.47
N LYS E 302 23.81 -10.74 14.40
CA LYS E 302 24.80 -9.79 13.89
C LYS E 302 26.07 -10.50 13.42
N GLY E 303 26.88 -9.84 12.59
CA GLY E 303 28.14 -10.40 12.10
C GLY E 303 28.13 -11.16 10.79
N ILE E 304 29.26 -11.78 10.46
CA ILE E 304 29.42 -12.53 9.21
C ILE E 304 28.87 -13.96 9.30
N THR E 305 29.18 -14.79 8.31
CA THR E 305 28.70 -16.17 8.27
C THR E 305 29.78 -17.18 7.93
N ASP E 306 30.17 -18.00 8.90
CA ASP E 306 31.18 -19.01 8.66
C ASP E 306 30.63 -20.41 8.84
N TYR E 307 30.34 -21.08 7.73
CA TYR E 307 29.80 -22.43 7.77
C TYR E 307 30.89 -23.42 8.14
N LYS E 308 32.03 -22.97 8.62
CA LYS E 308 33.06 -23.91 8.98
C LYS E 308 33.19 -24.04 10.48
N LYS E 309 33.07 -22.97 11.22
CA LYS E 309 33.08 -23.06 12.68
C LYS E 309 31.76 -23.53 13.21
N GLY E 310 30.70 -23.44 12.41
CA GLY E 310 29.40 -23.95 12.81
C GLY E 310 29.28 -25.44 12.69
N PHE E 311 29.94 -26.04 11.72
CA PHE E 311 29.94 -27.48 11.64
C PHE E 311 31.13 -28.11 12.32
N SER E 312 32.11 -27.35 12.74
CA SER E 312 33.09 -28.00 13.59
C SER E 312 32.53 -28.15 14.98
N PHE E 313 31.88 -27.11 15.47
CA PHE E 313 31.30 -27.12 16.77
C PHE E 313 30.22 -28.18 16.80
N ALA E 314 29.46 -28.35 15.73
CA ALA E 314 28.43 -29.40 15.74
C ALA E 314 28.96 -30.85 15.86
N PHE E 315 29.98 -31.19 15.09
CA PHE E 315 30.56 -32.53 15.12
C PHE E 315 31.20 -32.91 16.46
N GLU E 316 31.87 -31.93 17.05
CA GLU E 316 32.51 -32.11 18.34
C GLU E 316 31.43 -32.41 19.38
N GLN E 317 30.30 -31.72 19.27
CA GLN E 317 29.18 -31.91 20.17
C GLN E 317 28.66 -33.33 20.01
N LEU E 318 28.60 -33.76 18.76
CA LEU E 318 28.15 -35.10 18.41
C LEU E 318 29.06 -36.24 18.92
N LEU E 319 30.34 -35.94 19.15
CA LEU E 319 31.28 -36.97 19.63
C LEU E 319 31.65 -37.06 21.15
N ASN E 320 30.84 -36.51 22.05
CA ASN E 320 31.15 -36.46 23.48
C ASN E 320 31.32 -37.83 24.16
N TYR E 321 30.45 -38.78 23.88
CA TYR E 321 30.61 -40.15 24.39
C TYR E 321 30.97 -40.28 25.87
N ASN E 322 31.21 -39.19 26.58
CA ASN E 322 31.29 -39.27 28.02
C ASN E 322 29.93 -39.14 28.67
N VAL E 323 29.10 -38.29 28.09
CA VAL E 323 27.80 -38.06 28.62
C VAL E 323 26.90 -39.26 28.34
N SER E 324 25.71 -39.23 28.95
CA SER E 324 24.70 -40.25 28.67
C SER E 324 24.19 -39.88 27.28
N ARG E 325 24.00 -40.84 26.39
CA ARG E 325 23.51 -40.52 25.05
C ARG E 325 22.56 -41.54 24.45
N ALA E 326 21.81 -41.08 23.46
CA ALA E 326 20.90 -41.95 22.72
C ALA E 326 21.72 -42.90 21.86
N ASN E 327 22.78 -42.37 21.24
CA ASN E 327 23.65 -43.14 20.37
C ASN E 327 22.97 -43.79 19.17
N CYS E 328 21.86 -43.24 18.72
CA CYS E 328 21.17 -43.84 17.59
C CYS E 328 21.34 -43.00 16.33
N ASN E 329 20.26 -42.39 15.86
CA ASN E 329 20.37 -41.58 14.67
C ASN E 329 21.14 -40.36 15.10
N LYS E 330 22.22 -40.04 14.41
CA LYS E 330 22.96 -38.84 14.74
C LYS E 330 22.67 -37.90 13.60
N ILE E 331 22.06 -36.76 13.90
CA ILE E 331 21.71 -35.81 12.85
C ILE E 331 21.88 -34.37 13.28
N ILE E 332 22.25 -33.51 12.35
CA ILE E 332 22.41 -32.10 12.66
C ILE E 332 21.60 -31.29 11.68
N MET E 333 20.77 -30.38 12.18
CA MET E 333 19.93 -29.57 11.29
C MET E 333 20.22 -28.10 11.44
N LEU E 334 20.50 -27.44 10.33
CA LEU E 334 20.79 -26.02 10.40
C LEU E 334 19.71 -25.14 9.82
N PHE E 335 19.32 -24.11 10.57
CA PHE E 335 18.34 -23.16 10.09
C PHE E 335 19.12 -21.95 9.61
N THR E 336 18.95 -21.59 8.33
CA THR E 336 19.70 -20.50 7.71
C THR E 336 18.98 -19.97 6.48
N ASP E 337 19.35 -18.79 5.99
CA ASP E 337 18.63 -18.30 4.81
C ASP E 337 19.31 -18.55 3.48
N GLY E 338 20.57 -18.15 3.35
CA GLY E 338 21.29 -18.37 2.11
C GLY E 338 22.76 -18.62 2.37
N GLY E 339 23.37 -19.50 1.59
CA GLY E 339 24.77 -19.79 1.77
C GLY E 339 25.61 -19.70 0.51
N GLU E 340 26.72 -18.98 0.60
CA GLU E 340 27.63 -18.85 -0.54
C GLU E 340 28.75 -19.88 -0.49
N GLU E 341 28.90 -20.54 0.66
CA GLU E 341 29.95 -21.53 0.86
C GLU E 341 29.39 -22.90 1.22
N ARG E 342 29.83 -23.94 0.52
CA ARG E 342 29.34 -25.29 0.80
C ARG E 342 30.10 -26.04 1.90
N ALA E 343 31.21 -25.47 2.36
CA ALA E 343 31.98 -26.11 3.44
C ALA E 343 32.32 -27.55 3.12
N GLN E 344 32.84 -27.81 1.94
CA GLN E 344 33.17 -29.16 1.51
C GLN E 344 34.20 -29.84 2.39
N GLU E 345 35.17 -29.09 2.88
CA GLU E 345 36.22 -29.66 3.74
C GLU E 345 35.78 -30.23 5.10
N ILE E 346 34.82 -29.59 5.77
CA ILE E 346 34.40 -30.05 7.09
C ILE E 346 33.72 -31.41 6.99
N PHE E 347 32.92 -31.60 5.96
CA PHE E 347 32.22 -32.87 5.79
C PHE E 347 33.14 -33.98 5.34
N ALA E 348 34.28 -33.69 4.74
CA ALA E 348 35.07 -34.81 4.28
C ALA E 348 35.55 -35.70 5.43
N LYS E 349 36.12 -35.06 6.45
CA LYS E 349 36.63 -35.82 7.56
C LYS E 349 35.64 -36.14 8.66
N TYR E 350 34.94 -35.11 9.14
CA TYR E 350 34.05 -35.29 10.26
C TYR E 350 33.06 -36.37 9.91
N ASN E 351 32.57 -36.36 8.69
CA ASN E 351 31.70 -37.44 8.28
C ASN E 351 32.08 -37.96 6.91
N LYS E 352 33.25 -38.56 6.81
CA LYS E 352 33.66 -39.15 5.54
C LYS E 352 32.74 -40.30 5.07
N ASP E 353 32.24 -41.13 5.99
CA ASP E 353 31.38 -42.28 5.69
C ASP E 353 29.90 -41.94 5.83
N LYS E 354 29.61 -40.68 6.03
CA LYS E 354 28.23 -40.21 6.18
C LYS E 354 27.45 -40.77 7.37
N LYS E 355 28.11 -40.96 8.51
CA LYS E 355 27.40 -41.46 9.68
C LYS E 355 26.33 -40.46 10.11
N VAL E 356 26.68 -39.18 10.07
CA VAL E 356 25.76 -38.10 10.44
C VAL E 356 24.84 -37.72 9.27
N ARG E 357 23.66 -37.20 9.58
CA ARG E 357 22.69 -36.80 8.57
C ARG E 357 22.53 -35.30 8.69
N VAL E 358 22.57 -34.59 7.58
CA VAL E 358 22.42 -33.15 7.64
C VAL E 358 21.15 -32.66 6.96
N PHE E 359 20.38 -31.86 7.69
CA PHE E 359 19.15 -31.29 7.18
C PHE E 359 19.36 -29.79 7.19
N THR E 360 19.12 -29.13 6.06
CA THR E 360 19.32 -27.68 5.94
C THR E 360 17.94 -27.06 5.75
N PHE E 361 17.65 -25.99 6.48
CA PHE E 361 16.36 -25.32 6.33
C PHE E 361 16.60 -23.91 5.86
N SER E 362 15.90 -23.50 4.81
CA SER E 362 16.03 -22.15 4.30
C SER E 362 14.75 -21.49 4.75
N VAL E 363 14.86 -20.38 5.48
CA VAL E 363 13.67 -19.72 6.00
C VAL E 363 13.49 -18.26 5.63
N GLY E 364 12.23 -17.87 5.54
CA GLY E 364 11.83 -16.51 5.21
C GLY E 364 11.81 -16.23 3.73
N GLN E 365 11.42 -15.01 3.37
CA GLN E 365 11.38 -14.62 1.97
C GLN E 365 12.65 -13.84 1.80
N HIS E 366 13.54 -14.35 0.97
CA HIS E 366 14.82 -13.69 0.78
C HIS E 366 15.42 -14.07 -0.54
N ASN E 367 16.47 -13.35 -0.91
CA ASN E 367 17.18 -13.59 -2.15
C ASN E 367 18.51 -14.29 -1.94
N TYR E 368 18.81 -14.87 -0.77
CA TYR E 368 20.14 -15.44 -0.73
C TYR E 368 20.14 -16.79 -1.42
N ASP E 369 21.31 -17.15 -1.95
CA ASP E 369 21.46 -18.38 -2.72
C ASP E 369 21.22 -19.64 -1.92
N ARG E 370 20.39 -20.52 -2.47
CA ARG E 370 20.07 -21.76 -1.79
C ARG E 370 20.77 -22.98 -2.39
N GLY E 371 21.55 -22.81 -3.44
CA GLY E 371 22.21 -23.96 -4.02
C GLY E 371 23.20 -24.66 -3.10
N PRO E 372 24.04 -23.83 -2.36
CA PRO E 372 24.99 -24.56 -1.49
C PRO E 372 24.33 -25.38 -0.38
N ILE E 373 23.26 -24.84 0.22
CA ILE E 373 22.56 -25.52 1.29
C ILE E 373 21.91 -26.81 0.80
N GLN E 374 21.34 -26.76 -0.40
CA GLN E 374 20.72 -27.93 -0.99
C GLN E 374 21.81 -28.95 -1.23
N TRP E 375 22.96 -28.50 -1.68
CA TRP E 375 24.06 -29.41 -1.91
C TRP E 375 24.46 -30.10 -0.62
N MET E 376 24.54 -29.35 0.46
CA MET E 376 24.93 -29.97 1.73
C MET E 376 23.93 -31.04 2.08
N ALA E 377 22.65 -30.73 1.95
CA ALA E 377 21.64 -31.72 2.30
C ALA E 377 21.77 -32.97 1.45
N CYS E 378 21.97 -32.80 0.16
CA CYS E 378 22.10 -33.92 -0.76
C CYS E 378 23.32 -34.79 -0.47
N GLU E 379 24.42 -34.15 -0.15
CA GLU E 379 25.68 -34.84 0.12
C GLU E 379 25.61 -35.76 1.33
N ASN E 380 24.92 -35.30 2.36
CA ASN E 380 24.80 -36.00 3.62
C ASN E 380 23.57 -36.90 3.84
N LYS E 381 22.77 -37.15 2.80
CA LYS E 381 21.63 -38.05 3.00
C LYS E 381 20.60 -37.54 4.01
N GLY E 382 20.36 -36.24 3.95
CA GLY E 382 19.44 -35.50 4.79
C GLY E 382 18.29 -35.10 3.92
N TYR E 383 17.80 -33.88 4.08
CA TYR E 383 16.73 -33.42 3.26
C TYR E 383 16.75 -31.91 3.26
N TYR E 384 16.00 -31.30 2.37
CA TYR E 384 15.91 -29.86 2.37
C TYR E 384 14.48 -29.41 2.58
N TYR E 385 14.30 -28.37 3.36
CA TYR E 385 12.98 -27.84 3.69
C TYR E 385 13.00 -26.34 3.69
N GLU E 386 12.12 -25.73 2.94
CA GLU E 386 11.93 -24.30 3.05
C GLU E 386 10.84 -23.99 4.02
N ILE E 387 10.93 -22.84 4.67
CA ILE E 387 9.87 -22.32 5.50
C ILE E 387 9.75 -20.84 5.19
N PRO E 388 8.76 -20.37 4.44
CA PRO E 388 8.60 -18.93 4.31
C PRO E 388 7.70 -18.25 5.30
N SER E 389 6.92 -18.97 6.08
CA SER E 389 5.71 -18.42 6.66
C SER E 389 5.48 -19.12 7.98
N ILE E 390 4.54 -18.61 8.78
CA ILE E 390 4.33 -19.25 10.07
C ILE E 390 3.51 -20.50 9.87
N GLY E 391 2.57 -20.49 8.93
CA GLY E 391 1.79 -21.66 8.67
C GLY E 391 2.51 -22.77 7.97
N ALA E 392 3.74 -22.54 7.56
CA ALA E 392 4.57 -23.53 6.94
C ALA E 392 5.50 -24.20 7.92
N ILE E 393 5.53 -23.72 9.17
CA ILE E 393 6.45 -24.25 10.17
C ILE E 393 6.00 -25.61 10.64
N ARG E 394 4.70 -25.75 10.84
CA ARG E 394 4.14 -26.97 11.41
C ARG E 394 4.23 -28.28 10.67
N ILE E 395 4.45 -28.25 9.37
CA ILE E 395 4.52 -29.48 8.56
C ILE E 395 5.89 -29.73 8.04
N ASN E 396 6.85 -28.88 8.31
CA ASN E 396 8.20 -29.08 7.86
C ASN E 396 9.13 -29.38 9.00
N THR E 397 8.76 -29.00 10.20
CA THR E 397 9.49 -29.36 11.38
C THR E 397 8.95 -30.63 11.98
N GLN E 398 8.06 -31.32 11.30
CA GLN E 398 7.69 -32.63 11.71
C GLN E 398 8.01 -33.66 10.68
N GLU E 399 8.39 -33.25 9.49
CA GLU E 399 8.49 -34.03 8.28
C GLU E 399 9.80 -34.78 8.17
N TYR E 400 10.76 -34.50 9.03
CA TYR E 400 12.05 -35.17 8.95
C TYR E 400 11.97 -36.61 9.37
N LEU E 401 10.91 -37.03 10.04
CA LEU E 401 10.72 -38.41 10.44
C LEU E 401 10.34 -39.30 9.28
N ASP E 402 10.00 -38.74 8.14
CA ASP E 402 9.91 -39.55 6.94
C ASP E 402 11.28 -39.99 6.47
N VAL E 403 12.32 -39.22 6.75
CA VAL E 403 13.65 -39.60 6.33
C VAL E 403 14.23 -40.61 7.30
N LEU E 404 14.08 -40.35 8.59
CA LEU E 404 14.62 -41.19 9.66
C LEU E 404 13.91 -42.50 9.79
N GLY E 405 12.77 -42.65 9.17
CA GLY E 405 12.11 -43.91 9.23
C GLY E 405 12.55 -44.86 8.20
N ARG E 406 13.32 -44.38 7.22
CA ARG E 406 13.70 -45.21 6.09
C ARG E 406 14.48 -46.45 6.47
N PRO E 407 15.47 -46.44 7.36
CA PRO E 407 16.20 -47.69 7.54
C PRO E 407 15.52 -48.63 8.50
N MET E 408 14.36 -48.21 8.99
CA MET E 408 13.46 -49.06 9.71
C MET E 408 12.57 -49.82 8.74
N VAL E 409 12.11 -49.18 7.66
CA VAL E 409 11.26 -49.88 6.72
C VAL E 409 12.06 -50.81 5.84
N LEU E 410 13.38 -50.70 5.86
CA LEU E 410 14.23 -51.68 5.21
C LEU E 410 14.66 -52.78 6.14
N ALA E 411 14.31 -52.70 7.41
CA ALA E 411 14.63 -53.74 8.33
C ALA E 411 13.61 -54.86 8.28
N GLY E 412 12.46 -54.64 7.68
CA GLY E 412 11.53 -55.72 7.49
C GLY E 412 10.69 -56.00 8.71
N ASP E 413 10.50 -57.28 9.01
CA ASP E 413 9.70 -57.69 10.16
C ASP E 413 10.41 -57.39 11.47
N LYS E 414 11.73 -57.34 11.44
CA LYS E 414 12.48 -57.05 12.65
C LYS E 414 12.10 -55.69 13.24
N ALA E 415 11.62 -54.79 12.41
CA ALA E 415 11.23 -53.47 12.85
C ALA E 415 9.83 -53.39 13.38
N LYS E 416 9.08 -54.48 13.37
CA LYS E 416 7.70 -54.44 13.83
C LYS E 416 7.70 -54.96 15.25
N GLN E 417 7.99 -54.04 16.15
CA GLN E 417 7.99 -54.27 17.57
C GLN E 417 7.05 -53.28 18.19
N VAL E 418 6.20 -53.75 19.08
CA VAL E 418 5.33 -52.88 19.82
C VAL E 418 6.15 -52.09 20.82
N GLN E 419 5.88 -50.80 20.93
CA GLN E 419 6.48 -49.94 21.92
C GLN E 419 5.36 -49.24 22.66
N TRP E 420 5.51 -49.00 23.95
CA TRP E 420 4.47 -48.38 24.75
C TRP E 420 4.93 -46.99 25.16
N THR E 421 4.05 -46.01 25.03
CA THR E 421 4.33 -44.61 25.31
C THR E 421 4.30 -44.20 26.77
N ASN E 422 4.83 -43.01 27.06
CA ASN E 422 4.82 -42.45 28.39
C ASN E 422 3.37 -42.11 28.67
N VAL E 423 2.97 -42.09 29.94
CA VAL E 423 1.58 -41.76 30.24
C VAL E 423 1.32 -40.32 29.81
N TYR E 424 0.14 -40.09 29.24
CA TYR E 424 -0.23 -38.77 28.78
C TYR E 424 -1.74 -38.67 28.76
N LEU E 425 -2.25 -37.45 28.77
CA LEU E 425 -3.70 -37.26 28.73
C LEU E 425 -4.20 -37.55 27.31
N ASP E 426 -5.29 -38.33 27.22
CA ASP E 426 -5.87 -38.71 25.94
C ASP E 426 -6.47 -37.53 25.18
N ALA E 427 -6.39 -37.58 23.85
CA ALA E 427 -6.93 -36.51 23.02
C ALA E 427 -8.42 -36.35 23.25
N LEU E 428 -9.09 -37.47 23.46
CA LEU E 428 -10.54 -37.50 23.65
C LEU E 428 -11.06 -37.38 25.08
N GLU E 429 -10.18 -37.02 26.01
CA GLU E 429 -10.58 -36.82 27.42
C GLU E 429 -10.80 -38.07 28.26
N LEU E 430 -10.23 -39.18 27.81
CA LEU E 430 -10.36 -40.45 28.52
C LEU E 430 -9.71 -40.44 29.90
N GLY E 431 -8.55 -39.80 30.00
CA GLY E 431 -7.83 -39.73 31.26
C GLY E 431 -6.39 -40.08 30.97
N LEU E 432 -5.61 -40.42 31.99
CA LEU E 432 -4.21 -40.81 31.75
C LEU E 432 -4.21 -42.12 30.98
N VAL E 433 -3.35 -42.22 29.98
CA VAL E 433 -3.25 -43.44 29.18
C VAL E 433 -1.91 -43.62 28.50
N ILE E 434 -1.64 -44.83 28.04
CA ILE E 434 -0.43 -45.16 27.33
C ILE E 434 -0.90 -45.85 26.07
N THR E 435 -0.17 -45.68 24.97
CA THR E 435 -0.53 -46.26 23.68
C THR E 435 0.55 -47.19 23.19
N GLY E 436 0.18 -48.33 22.60
CA GLY E 436 1.18 -49.25 22.10
C GLY E 436 1.16 -49.05 20.60
N THR E 437 2.31 -48.76 20.01
CA THR E 437 2.36 -48.49 18.58
C THR E 437 3.11 -49.51 17.75
N LEU E 438 2.77 -49.56 16.47
CA LEU E 438 3.37 -50.43 15.52
C LEU E 438 3.36 -49.66 14.21
N PRO E 439 4.39 -49.75 13.40
CA PRO E 439 4.35 -49.03 12.13
C PRO E 439 3.89 -49.91 11.00
N VAL E 440 3.16 -49.34 10.09
CA VAL E 440 2.68 -50.03 8.92
C VAL E 440 3.59 -49.64 7.78
N PHE E 441 3.98 -50.58 6.93
CA PHE E 441 4.86 -50.22 5.83
C PHE E 441 4.13 -50.34 4.50
N ASN E 442 4.61 -49.59 3.53
CA ASN E 442 3.98 -49.53 2.23
C ASN E 442 4.58 -50.61 1.38
N ILE E 443 3.91 -51.73 1.25
CA ILE E 443 4.45 -52.77 0.39
C ILE E 443 3.56 -52.93 -0.81
N THR E 444 4.06 -52.56 -1.97
CA THR E 444 3.30 -52.73 -3.19
C THR E 444 4.18 -53.50 -4.13
N GLY E 445 3.63 -54.54 -4.72
CA GLY E 445 4.38 -55.37 -5.64
C GLY E 445 5.58 -56.04 -5.01
N GLN E 446 5.44 -56.49 -3.76
CA GLN E 446 6.53 -57.16 -3.10
C GLN E 446 6.81 -58.47 -3.83
N PHE E 447 5.75 -59.20 -4.17
CA PHE E 447 5.91 -60.47 -4.86
C PHE E 447 7.14 -60.37 -5.77
N GLU E 448 7.11 -59.40 -6.67
CA GLU E 448 8.18 -59.23 -7.68
C GLU E 448 9.24 -58.13 -7.56
N ASN E 449 9.20 -57.36 -6.47
CA ASN E 449 10.15 -56.26 -6.26
C ASN E 449 10.12 -55.24 -7.40
N LYS E 450 8.93 -54.94 -7.89
CA LYS E 450 8.73 -54.00 -9.01
C LYS E 450 9.07 -52.51 -8.89
N THR E 451 8.77 -51.86 -7.77
CA THR E 451 9.05 -50.41 -7.67
C THR E 451 10.08 -49.91 -6.64
N ASN E 452 9.60 -49.60 -5.43
CA ASN E 452 10.45 -49.10 -4.36
C ASN E 452 10.77 -47.60 -4.40
N LEU E 453 10.10 -46.84 -5.26
CA LEU E 453 10.35 -45.41 -5.37
C LEU E 453 9.84 -44.70 -4.13
N LYS E 454 8.64 -45.08 -3.69
CA LYS E 454 8.03 -44.49 -2.49
C LYS E 454 7.76 -45.59 -1.48
N ASN E 455 8.26 -46.77 -1.75
CA ASN E 455 8.22 -47.89 -0.83
C ASN E 455 9.21 -47.79 0.29
N GLN E 456 9.91 -46.67 0.48
CA GLN E 456 10.71 -46.51 1.68
C GLN E 456 10.09 -45.57 2.69
N LEU E 457 8.78 -45.42 2.70
CA LEU E 457 8.14 -44.66 3.76
C LEU E 457 7.11 -45.55 4.44
N ILE E 458 6.77 -45.20 5.63
CA ILE E 458 5.71 -45.89 6.34
C ILE E 458 4.37 -45.39 5.86
N LEU E 459 3.38 -46.26 5.86
CA LEU E 459 2.05 -45.87 5.47
C LEU E 459 1.54 -44.96 6.57
N GLY E 460 1.88 -45.34 7.80
CA GLY E 460 1.48 -44.62 8.99
C GLY E 460 1.78 -45.48 10.18
N VAL E 461 1.23 -45.13 11.34
CA VAL E 461 1.44 -45.87 12.57
C VAL E 461 0.10 -46.26 13.17
N MET E 462 0.04 -47.42 13.80
CA MET E 462 -1.19 -47.89 14.44
C MET E 462 -1.06 -47.99 15.95
N GLY E 463 -2.03 -47.44 16.67
CA GLY E 463 -2.02 -47.43 18.12
C GLY E 463 -3.29 -47.91 18.78
N VAL E 464 -3.18 -48.30 20.05
CA VAL E 464 -4.31 -48.75 20.83
C VAL E 464 -4.07 -48.32 22.25
N ASP E 465 -5.05 -47.68 22.87
CA ASP E 465 -4.78 -47.18 24.20
C ASP E 465 -4.95 -48.27 25.24
N VAL E 466 -4.13 -48.20 26.28
CA VAL E 466 -4.49 -48.73 27.58
C VAL E 466 -4.70 -47.55 28.50
N SER E 467 -5.85 -47.49 29.15
CA SER E 467 -6.09 -46.51 30.19
C SER E 467 -5.47 -46.97 31.50
N LEU E 468 -4.95 -46.03 32.29
CA LEU E 468 -4.28 -46.42 33.51
C LEU E 468 -5.23 -46.95 34.55
N GLU E 469 -6.50 -46.60 34.45
CA GLU E 469 -7.56 -47.24 35.21
C GLU E 469 -7.79 -48.69 34.84
N ASP E 470 -7.26 -49.16 33.72
CA ASP E 470 -7.35 -50.57 33.39
C ASP E 470 -6.24 -51.37 34.05
N ILE E 471 -5.08 -50.73 34.25
CA ILE E 471 -3.94 -51.38 34.87
C ILE E 471 -4.11 -51.41 36.36
N LYS E 472 -4.76 -50.41 36.93
CA LYS E 472 -5.05 -50.36 38.33
C LYS E 472 -6.10 -51.38 38.77
N ARG E 473 -6.63 -52.17 37.84
CA ARG E 473 -7.59 -53.20 38.16
C ARG E 473 -6.90 -54.55 38.18
N LEU E 474 -5.61 -54.54 37.89
CA LEU E 474 -4.76 -55.72 37.90
C LEU E 474 -3.84 -55.67 39.08
N THR E 475 -3.89 -54.55 39.82
CA THR E 475 -3.08 -54.30 41.00
C THR E 475 -4.05 -53.96 42.11
N PRO E 476 -4.67 -54.96 42.74
CA PRO E 476 -5.66 -54.71 43.80
C PRO E 476 -5.05 -54.42 45.16
N ARG E 477 -5.42 -53.28 45.77
CA ARG E 477 -4.89 -52.87 47.06
C ARG E 477 -5.75 -53.06 48.31
N PHE E 478 -6.95 -53.60 48.16
CA PHE E 478 -7.82 -53.77 49.33
C PHE E 478 -7.37 -54.72 50.45
N THR E 479 -6.74 -55.85 50.11
CA THR E 479 -6.28 -56.75 51.15
C THR E 479 -5.21 -56.03 51.96
N LEU E 480 -4.33 -55.32 51.30
CA LEU E 480 -3.28 -54.56 51.96
C LEU E 480 -3.86 -53.31 52.62
N CYS E 481 -3.17 -52.79 53.61
CA CYS E 481 -3.65 -51.63 54.36
C CYS E 481 -3.50 -50.33 53.61
N PRO E 482 -4.05 -49.22 54.24
CA PRO E 482 -3.92 -47.97 53.47
C PRO E 482 -2.47 -47.65 53.13
N ASN E 483 -1.54 -48.01 54.00
CA ASN E 483 -0.12 -47.75 53.75
C ASN E 483 0.49 -48.45 52.52
N GLY E 484 0.11 -49.69 52.27
CA GLY E 484 0.63 -50.44 51.12
C GLY E 484 0.17 -50.01 49.75
N TYR E 485 1.04 -50.10 48.74
CA TYR E 485 0.73 -49.71 47.35
C TYR E 485 1.66 -50.37 46.30
N TYR E 486 1.35 -50.28 44.99
CA TYR E 486 2.15 -50.85 43.87
C TYR E 486 2.71 -49.66 43.04
N PHE E 487 4.00 -49.62 42.70
CA PHE E 487 4.53 -48.53 41.85
C PHE E 487 5.09 -49.20 40.54
N ALA E 488 4.80 -48.63 39.36
CA ALA E 488 5.24 -49.13 38.03
C ALA E 488 6.31 -48.15 37.50
N ILE E 489 7.27 -48.59 36.67
CA ILE E 489 8.40 -47.76 36.31
C ILE E 489 8.92 -48.14 34.93
N ASP E 490 9.26 -47.11 34.12
CA ASP E 490 9.89 -47.22 32.79
C ASP E 490 11.31 -47.74 32.89
N PRO E 491 12.04 -47.92 31.82
CA PRO E 491 13.50 -47.89 31.98
C PRO E 491 14.02 -46.49 31.80
N ASN E 492 13.36 -45.54 32.38
CA ASN E 492 13.70 -44.15 32.22
C ASN E 492 13.50 -43.48 33.55
N GLY E 493 13.00 -44.25 34.51
CA GLY E 493 12.75 -43.80 35.87
C GLY E 493 11.38 -43.21 36.08
N TYR E 494 10.62 -43.00 35.01
CA TYR E 494 9.29 -42.43 35.14
C TYR E 494 8.35 -43.47 35.73
N VAL E 495 7.36 -43.02 36.50
CA VAL E 495 6.46 -43.95 37.13
C VAL E 495 5.16 -44.17 36.36
N LEU E 496 5.00 -45.38 35.84
CA LEU E 496 3.80 -45.75 35.09
C LEU E 496 2.56 -45.76 35.97
N LEU E 497 2.72 -46.33 37.17
CA LEU E 497 1.63 -46.44 38.13
C LEU E 497 2.07 -45.95 39.51
N HIS E 498 1.40 -44.96 40.08
CA HIS E 498 1.76 -44.51 41.42
C HIS E 498 0.60 -43.84 42.15
N PRO E 499 0.60 -43.95 43.53
CA PRO E 499 -0.53 -43.26 44.20
C PRO E 499 -0.45 -41.76 43.95
N ASN E 500 0.76 -41.23 44.03
CA ASN E 500 1.05 -39.82 43.84
C ASN E 500 0.78 -39.24 42.45
N LEU E 501 0.91 -40.04 41.40
CA LEU E 501 0.69 -39.56 40.05
C LEU E 501 -0.72 -39.02 39.88
N GLN E 502 -0.85 -37.88 39.19
CA GLN E 502 -2.13 -37.22 38.99
C GLN E 502 -2.46 -36.83 37.55
N PRO E 503 -3.81 -36.64 37.28
CA PRO E 503 -4.14 -36.27 35.89
C PRO E 503 -3.56 -34.95 35.36
N LYS E 504 -3.43 -33.93 36.18
CA LYS E 504 -2.91 -32.62 35.74
C LYS E 504 -1.52 -32.76 35.15
N PRO E 505 -1.20 -32.01 34.09
CA PRO E 505 0.13 -32.17 33.47
C PRO E 505 1.28 -31.72 34.37
N ILE E 506 2.48 -32.29 34.21
CA ILE E 506 3.57 -31.89 35.08
C ILE E 506 4.06 -30.53 34.60
N GLY E 507 4.28 -29.62 35.51
CA GLY E 507 4.49 -28.24 35.21
C GLY E 507 5.93 -27.84 35.39
N VAL E 508 6.34 -26.86 34.61
CA VAL E 508 7.69 -26.35 34.62
C VAL E 508 7.65 -24.85 34.79
N GLY E 509 8.52 -24.33 35.64
CA GLY E 509 8.63 -22.90 35.83
C GLY E 509 7.45 -22.28 36.56
N ILE E 510 7.56 -20.99 36.80
CA ILE E 510 6.48 -20.19 37.35
C ILE E 510 5.73 -19.59 36.18
N PRO E 511 4.42 -19.79 36.08
CA PRO E 511 3.69 -19.38 34.89
C PRO E 511 3.52 -17.87 34.85
N THR E 512 3.90 -17.26 33.74
CA THR E 512 3.75 -15.83 33.52
C THR E 512 3.06 -15.63 32.19
N ILE E 513 1.85 -15.11 32.23
CA ILE E 513 1.13 -14.73 31.02
C ILE E 513 0.87 -13.22 31.08
N ASN E 514 0.97 -12.57 29.94
CA ASN E 514 0.81 -11.13 29.87
C ASN E 514 -0.63 -10.85 29.46
N LEU E 515 -1.40 -10.24 30.36
CA LEU E 515 -2.79 -9.93 30.05
C LEU E 515 -2.91 -8.78 29.08
N ARG E 516 -1.88 -7.97 28.94
CA ARG E 516 -1.91 -6.82 28.06
C ARG E 516 -1.70 -7.20 26.60
N LYS E 517 -1.49 -8.49 26.29
CA LYS E 517 -1.22 -8.87 24.91
C LYS E 517 -1.95 -10.14 24.50
N ARG E 518 -3.05 -10.48 25.15
CA ARG E 518 -3.93 -11.56 24.73
C ARG E 518 -5.19 -10.92 24.17
N ARG E 519 -5.30 -10.85 22.85
CA ARG E 519 -6.56 -10.44 22.27
C ARG E 519 -7.61 -11.52 22.50
N PRO E 520 -8.87 -11.15 22.71
CA PRO E 520 -9.76 -12.00 23.52
C PRO E 520 -10.25 -13.28 22.86
N ASN E 521 -10.16 -13.44 21.55
CA ASN E 521 -10.90 -14.51 20.86
C ASN E 521 -10.09 -15.19 19.76
N VAL E 522 -8.91 -15.71 20.08
CA VAL E 522 -8.05 -16.32 19.08
C VAL E 522 -7.66 -17.79 19.37
N GLN E 523 -7.68 -18.24 20.63
CA GLN E 523 -7.47 -19.63 21.03
C GLN E 523 -6.13 -20.22 20.61
N ASN E 524 -5.08 -19.83 21.33
CA ASN E 524 -3.77 -20.46 21.46
C ASN E 524 -3.77 -21.97 21.77
N PRO E 525 -2.66 -22.67 21.52
CA PRO E 525 -2.57 -24.08 21.94
C PRO E 525 -2.63 -24.29 23.45
N LYS E 526 -3.30 -25.38 23.85
CA LYS E 526 -3.50 -25.69 25.27
C LYS E 526 -2.32 -26.44 25.88
N SER E 527 -2.08 -27.68 25.44
CA SER E 527 -1.02 -28.55 25.98
C SER E 527 -0.89 -29.81 25.12
N GLN E 528 0.32 -30.38 25.11
CA GLN E 528 0.53 -31.69 24.53
C GLN E 528 1.57 -32.52 25.25
N GLU E 529 2.13 -32.06 26.34
CA GLU E 529 3.28 -32.70 26.94
C GLU E 529 2.86 -33.99 27.63
N PRO E 530 3.75 -34.97 27.74
CA PRO E 530 3.42 -36.15 28.51
C PRO E 530 3.62 -35.91 29.99
N VAL E 531 2.98 -36.75 30.77
CA VAL E 531 2.95 -36.58 32.20
C VAL E 531 4.07 -37.45 32.73
N THR E 532 5.29 -36.92 32.70
CA THR E 532 6.48 -37.66 33.10
C THR E 532 6.93 -37.23 34.49
N LEU E 533 6.29 -37.79 35.49
CA LEU E 533 6.77 -37.70 36.85
C LEU E 533 7.73 -38.86 37.07
N ASP E 534 8.76 -38.65 37.86
CA ASP E 534 9.79 -39.63 38.10
C ASP E 534 9.59 -40.27 39.46
N PHE E 535 10.16 -41.45 39.65
CA PHE E 535 9.99 -42.12 40.93
C PHE E 535 10.66 -41.38 42.05
N LEU E 536 11.78 -40.76 41.80
CA LEU E 536 12.39 -39.96 42.83
C LEU E 536 11.74 -38.61 42.97
N ASP E 537 10.69 -38.32 42.21
CA ASP E 537 9.89 -37.12 42.41
C ASP E 537 8.47 -37.41 42.84
N ALA E 538 8.02 -38.65 42.77
CA ALA E 538 6.71 -38.99 43.32
C ALA E 538 6.78 -39.25 44.80
N GLU E 539 7.97 -39.54 45.30
CA GLU E 539 8.20 -39.89 46.71
C GLU E 539 9.39 -39.16 47.26
N LEU E 540 9.54 -39.11 48.58
CA LEU E 540 10.66 -38.40 49.14
C LEU E 540 11.92 -39.20 48.85
N GLU E 541 12.94 -38.52 48.37
CA GLU E 541 14.14 -39.15 47.88
C GLU E 541 15.05 -39.56 49.04
N ASN E 542 15.62 -40.74 48.93
CA ASN E 542 16.65 -41.18 49.83
C ASN E 542 17.89 -41.46 49.02
N ASP E 543 18.87 -42.06 49.66
CA ASP E 543 19.93 -42.73 48.95
C ASP E 543 19.69 -44.22 48.86
N ILE E 544 18.84 -44.74 49.75
CA ILE E 544 18.50 -46.15 49.78
C ILE E 544 17.30 -46.42 48.91
N LYS E 545 16.73 -45.37 48.30
CA LYS E 545 15.75 -45.48 47.22
C LYS E 545 16.31 -45.25 45.84
N VAL E 546 17.40 -44.49 45.69
CA VAL E 546 18.04 -44.44 44.40
C VAL E 546 18.73 -45.76 44.12
N GLU E 547 19.09 -46.50 45.16
CA GLU E 547 19.58 -47.85 44.96
C GLU E 547 18.47 -48.76 44.47
N ILE E 548 17.29 -48.68 45.08
CA ILE E 548 16.14 -49.48 44.67
C ILE E 548 15.68 -49.08 43.28
N ARG E 549 15.70 -47.78 42.98
CA ARG E 549 15.24 -47.31 41.69
C ARG E 549 16.17 -47.70 40.56
N ASN E 550 17.48 -47.65 40.77
CA ASN E 550 18.37 -48.09 39.71
C ASN E 550 18.33 -49.59 39.54
N LYS E 551 18.11 -50.30 40.61
CA LYS E 551 18.19 -51.74 40.59
C LYS E 551 17.03 -52.36 39.87
N MET E 552 15.91 -51.65 39.75
CA MET E 552 14.76 -52.11 38.97
C MET E 552 14.53 -51.31 37.70
N ILE E 553 15.44 -50.43 37.33
CA ILE E 553 15.52 -50.05 35.92
C ILE E 553 16.27 -51.09 35.13
N ASP E 554 17.35 -51.64 35.67
CA ASP E 554 18.01 -52.70 34.93
C ASP E 554 17.46 -54.07 35.27
N GLY E 555 16.15 -54.20 35.27
CA GLY E 555 15.43 -55.45 35.17
C GLY E 555 15.80 -56.53 36.14
N GLU E 556 15.96 -56.20 37.41
CA GLU E 556 16.32 -57.19 38.41
C GLU E 556 15.15 -57.41 39.33
N SER E 557 15.25 -58.44 40.14
CA SER E 557 14.24 -58.77 41.12
C SER E 557 14.86 -58.64 42.50
N GLY E 558 14.02 -58.44 43.50
CA GLY E 558 14.57 -58.28 44.83
C GLY E 558 13.55 -57.81 45.83
N GLU E 559 14.02 -57.69 47.05
CA GLU E 559 13.29 -57.13 48.17
C GLU E 559 14.23 -56.22 48.92
N LYS E 560 13.67 -55.38 49.77
CA LYS E 560 14.46 -54.43 50.55
C LYS E 560 13.59 -53.97 51.68
N THR E 561 14.18 -53.83 52.87
CA THR E 561 13.52 -53.39 54.09
C THR E 561 14.38 -52.31 54.73
N PHE E 562 13.80 -51.19 55.06
CA PHE E 562 14.57 -50.10 55.66
C PHE E 562 13.66 -49.11 56.35
N ARG E 563 14.25 -48.17 57.08
CA ARG E 563 13.46 -47.15 57.75
C ARG E 563 13.58 -45.87 56.95
N THR E 564 12.42 -45.37 56.53
CA THR E 564 12.37 -44.14 55.74
C THR E 564 11.17 -43.34 56.18
N LEU E 565 11.14 -42.06 55.84
CA LEU E 565 10.01 -41.25 56.24
C LEU E 565 9.02 -40.94 55.11
N VAL E 566 7.77 -41.34 55.35
CA VAL E 566 6.63 -41.13 54.48
C VAL E 566 6.09 -39.73 54.61
N LYS E 567 5.84 -39.08 53.48
CA LYS E 567 5.18 -37.80 53.51
C LYS E 567 3.70 -38.14 53.73
N SER E 568 2.99 -37.26 54.41
CA SER E 568 1.60 -37.54 54.74
C SER E 568 0.71 -37.25 53.54
N GLN E 569 -0.56 -37.65 53.66
CA GLN E 569 -1.51 -37.47 52.56
C GLN E 569 -1.78 -36.01 52.29
N ASP E 570 -2.28 -35.29 53.27
CA ASP E 570 -2.15 -33.85 53.24
C ASP E 570 -0.69 -33.47 53.48
N GLU E 571 -0.30 -32.31 53.00
CA GLU E 571 1.13 -32.09 52.87
C GLU E 571 1.70 -31.41 54.10
N ARG E 572 1.45 -31.94 55.29
CA ARG E 572 1.79 -31.20 56.50
C ARG E 572 2.68 -31.95 57.45
N TYR E 573 2.80 -33.24 57.36
CA TYR E 573 3.45 -34.08 58.33
C TYR E 573 4.47 -34.91 57.59
N ILE E 574 5.46 -35.44 58.31
CA ILE E 574 6.35 -36.48 57.83
C ILE E 574 6.54 -37.49 58.93
N ASP E 575 6.29 -38.76 58.63
CA ASP E 575 6.28 -39.81 59.63
C ASP E 575 7.26 -40.89 59.24
N LYS E 576 8.15 -41.24 60.14
CA LYS E 576 9.13 -42.27 59.87
C LYS E 576 8.47 -43.62 59.82
N GLY E 577 8.42 -44.19 58.63
CA GLY E 577 7.72 -45.43 58.46
C GLY E 577 8.66 -46.52 58.04
N ASN E 578 8.65 -47.61 58.76
CA ASN E 578 9.50 -48.74 58.45
C ASN E 578 8.77 -49.54 57.38
N ARG E 579 9.32 -49.50 56.17
CA ARG E 579 8.73 -50.10 54.97
C ARG E 579 9.52 -51.30 54.49
N THR E 580 8.91 -52.05 53.61
CA THR E 580 9.64 -53.05 52.83
C THR E 580 9.26 -52.90 51.38
N TYR E 581 10.24 -52.87 50.49
CA TYR E 581 9.92 -52.78 49.08
C TYR E 581 10.19 -54.13 48.46
N THR E 582 9.54 -54.39 47.35
CA THR E 582 9.76 -55.64 46.61
C THR E 582 9.40 -55.44 45.15
N TRP E 583 10.35 -55.67 44.27
CA TRP E 583 10.19 -55.37 42.85
C TRP E 583 10.47 -56.60 42.00
N THR E 584 9.90 -56.60 40.79
CA THR E 584 10.15 -57.64 39.81
C THR E 584 9.87 -57.07 38.44
N PRO E 585 10.42 -57.63 37.37
CA PRO E 585 10.06 -57.15 36.05
C PRO E 585 8.82 -57.79 35.45
N VAL E 586 8.05 -56.96 34.79
CA VAL E 586 7.02 -57.38 33.85
C VAL E 586 7.74 -57.93 32.62
N ASN E 587 7.71 -59.26 32.42
CA ASN E 587 8.63 -59.91 31.48
C ASN E 587 8.38 -59.58 30.02
N GLY E 588 7.16 -59.20 29.66
CA GLY E 588 6.96 -58.87 28.26
C GLY E 588 7.45 -57.50 27.87
N THR E 589 7.64 -56.61 28.83
CA THR E 589 7.80 -55.23 28.44
C THR E 589 9.07 -54.75 29.12
N ASP E 590 9.30 -53.46 29.15
CA ASP E 590 10.38 -52.86 29.89
C ASP E 590 9.94 -52.24 31.20
N TYR E 591 8.70 -52.43 31.59
CA TYR E 591 8.25 -51.98 32.88
C TYR E 591 8.70 -52.95 33.96
N SER E 592 9.04 -52.41 35.13
CA SER E 592 9.27 -53.24 36.30
C SER E 592 8.34 -52.75 37.40
N LEU E 593 7.76 -53.68 38.12
CA LEU E 593 6.70 -53.38 39.04
C LEU E 593 7.10 -53.65 40.48
N ALA E 594 6.74 -52.75 41.38
CA ALA E 594 7.11 -52.91 42.78
C ALA E 594 5.91 -52.79 43.68
N LEU E 595 6.17 -52.95 44.97
CA LEU E 595 5.11 -53.01 45.98
C LEU E 595 5.72 -52.63 47.30
N VAL E 596 5.11 -51.67 47.96
CA VAL E 596 5.52 -51.17 49.25
C VAL E 596 4.59 -51.79 50.26
N LEU E 597 5.13 -52.31 51.34
CA LEU E 597 4.31 -52.70 52.45
C LEU E 597 4.98 -52.19 53.71
N PRO E 598 4.19 -52.03 54.76
CA PRO E 598 4.71 -51.62 56.05
C PRO E 598 4.68 -52.87 56.88
N THR E 599 5.75 -53.19 57.61
CA THR E 599 5.73 -54.42 58.41
C THR E 599 4.57 -54.27 59.35
N TYR E 600 3.76 -55.32 59.48
CA TYR E 600 2.50 -55.40 60.24
C TYR E 600 1.32 -55.50 59.28
N SER E 601 1.57 -55.23 58.00
CA SER E 601 0.53 -55.34 56.98
C SER E 601 0.67 -56.66 56.24
N PHE E 602 1.62 -57.47 56.70
CA PHE E 602 1.93 -58.78 56.14
C PHE E 602 0.82 -59.76 56.40
N TYR E 603 -0.23 -59.35 57.10
CA TYR E 603 -1.36 -60.20 57.35
C TYR E 603 -2.60 -59.37 57.15
N TYR E 604 -3.61 -59.96 56.53
CA TYR E 604 -4.88 -59.28 56.33
C TYR E 604 -5.99 -60.15 56.92
N ILE E 605 -7.16 -59.56 57.07
CA ILE E 605 -8.36 -60.26 57.48
C ILE E 605 -9.19 -60.59 56.24
N LYS E 606 -9.53 -61.85 56.07
CA LYS E 606 -10.53 -62.25 55.10
C LYS E 606 -11.80 -62.57 55.88
N ALA E 607 -12.93 -62.13 55.38
CA ALA E 607 -14.18 -62.40 56.07
C ALA E 607 -14.61 -63.83 55.82
N LYS E 608 -14.90 -64.55 56.90
CA LYS E 608 -15.33 -65.93 56.80
C LYS E 608 -16.72 -66.00 57.41
N ILE E 609 -17.62 -65.12 56.98
CA ILE E 609 -19.00 -65.17 57.43
C ILE E 609 -19.89 -65.61 56.27
N GLU E 610 -20.74 -66.58 56.55
CA GLU E 610 -21.58 -67.13 55.50
C GLU E 610 -22.99 -67.46 55.98
N GLU E 611 -23.28 -67.34 57.27
CA GLU E 611 -24.59 -67.69 57.80
C GLU E 611 -25.65 -66.75 57.30
N THR E 612 -26.88 -67.27 57.25
CA THR E 612 -28.01 -66.52 56.73
C THR E 612 -28.34 -65.35 57.63
N ILE E 613 -28.45 -65.59 58.93
CA ILE E 613 -28.87 -64.54 59.84
C ILE E 613 -27.74 -63.57 60.14
N THR E 614 -26.48 -64.01 60.09
CA THR E 614 -25.38 -63.16 60.54
C THR E 614 -25.03 -62.12 59.48
N GLN E 615 -25.02 -62.49 58.20
CA GLN E 615 -24.90 -61.48 57.16
C GLN E 615 -26.14 -60.61 57.09
N ALA E 616 -27.29 -61.15 57.49
CA ALA E 616 -28.51 -60.35 57.50
C ALA E 616 -28.47 -59.32 58.61
N ARG E 617 -28.09 -59.75 59.82
CA ARG E 617 -28.19 -58.90 61.01
C ARG E 617 -27.22 -57.73 60.95
N TYR E 618 -26.05 -57.94 60.36
CA TYR E 618 -25.06 -56.88 60.23
C TYR E 618 -25.39 -55.88 59.15
N SER E 619 -26.37 -56.17 58.30
CA SER E 619 -26.61 -55.34 57.13
C SER E 619 -27.62 -54.23 57.38
N GLU E 620 -28.50 -54.34 58.37
CA GLU E 620 -29.36 -53.21 58.69
C GLU E 620 -28.70 -52.25 59.64
N THR E 621 -27.46 -52.55 60.03
CA THR E 621 -26.70 -51.65 60.86
C THR E 621 -26.39 -50.36 60.13
N LEU E 622 -26.20 -50.45 58.82
CA LEU E 622 -25.96 -49.30 57.97
C LEU E 622 -27.24 -48.91 57.21
N LYS E 623 -28.25 -48.50 57.95
CA LYS E 623 -29.53 -47.96 57.48
C LYS E 623 -29.67 -46.51 57.94
N PRO E 624 -29.88 -45.57 57.02
CA PRO E 624 -29.86 -44.15 57.40
C PRO E 624 -31.00 -43.69 58.28
N ASP E 625 -32.07 -44.47 58.38
CA ASP E 625 -33.07 -44.18 59.37
C ASP E 625 -32.68 -44.70 60.75
N ASN E 626 -31.65 -45.55 60.81
CA ASN E 626 -31.25 -46.18 62.06
C ASN E 626 -29.93 -45.59 62.56
N PHE E 627 -29.78 -44.29 62.36
CA PHE E 627 -28.57 -43.59 62.79
C PHE E 627 -28.80 -42.84 64.10
N GLU E 628 -29.95 -43.07 64.72
CA GLU E 628 -30.28 -42.43 65.98
C GLU E 628 -29.73 -43.21 67.17
N GLU E 629 -29.24 -44.41 66.87
CA GLU E 629 -28.68 -45.29 67.88
C GLU E 629 -27.45 -45.99 67.36
N SER E 630 -26.96 -45.55 66.20
CA SER E 630 -25.79 -46.16 65.59
C SER E 630 -24.68 -45.16 65.35
N GLY E 631 -25.04 -44.01 64.81
CA GLY E 631 -24.07 -42.97 64.51
C GLY E 631 -24.08 -42.75 63.03
N TYR E 632 -23.92 -41.50 62.60
CA TYR E 632 -23.93 -41.16 61.19
C TYR E 632 -22.91 -41.99 60.45
N THR E 633 -23.38 -43.10 59.88
CA THR E 633 -22.51 -44.03 59.18
C THR E 633 -22.18 -43.61 57.76
N PHE E 634 -20.93 -43.84 57.39
CA PHE E 634 -20.47 -43.60 56.05
C PHE E 634 -20.03 -44.89 55.39
N LEU E 635 -19.71 -44.81 54.10
CA LEU E 635 -19.35 -46.00 53.34
C LEU E 635 -18.55 -45.61 52.11
N ALA E 636 -17.51 -46.33 51.86
CA ALA E 636 -16.49 -45.94 50.90
C ALA E 636 -16.85 -46.38 49.51
N PRO E 637 -16.67 -45.61 48.59
CA PRO E 637 -17.11 -45.97 47.25
C PRO E 637 -16.20 -46.98 46.54
N ARG E 638 -16.16 -48.19 47.06
CA ARG E 638 -15.42 -49.18 46.30
C ARG E 638 -16.31 -49.70 45.17
N ASP E 639 -15.71 -50.47 44.27
CA ASP E 639 -16.48 -51.11 43.21
C ASP E 639 -16.94 -52.45 43.75
N TYR E 640 -17.93 -52.38 44.64
CA TYR E 640 -18.43 -53.55 45.34
C TYR E 640 -18.99 -54.57 44.38
N CYS E 641 -20.02 -54.20 43.64
CA CYS E 641 -20.47 -54.97 42.50
C CYS E 641 -20.35 -54.08 41.28
N SER E 642 -20.46 -54.67 40.09
CA SER E 642 -20.35 -53.90 38.85
C SER E 642 -21.52 -52.94 38.65
N ASP E 643 -22.62 -53.15 39.36
CA ASP E 643 -23.87 -52.48 39.03
C ASP E 643 -24.05 -51.19 39.78
N LEU E 644 -23.73 -51.16 41.07
CA LEU E 644 -23.89 -49.98 41.89
C LEU E 644 -22.63 -49.12 41.79
N LYS E 645 -22.83 -47.84 41.49
CA LYS E 645 -21.68 -47.08 41.06
C LYS E 645 -21.24 -46.09 42.14
N PRO E 646 -19.95 -45.82 42.25
CA PRO E 646 -19.49 -44.74 43.14
C PRO E 646 -20.01 -43.38 42.69
N SER E 647 -20.57 -42.65 43.64
CA SER E 647 -21.45 -41.55 43.30
C SER E 647 -21.01 -40.19 43.78
N ASP E 648 -20.11 -40.11 44.77
CA ASP E 648 -19.52 -38.89 45.36
C ASP E 648 -20.54 -38.12 46.22
N ASN E 649 -21.79 -38.53 46.18
CA ASN E 649 -22.80 -38.08 47.12
C ASN E 649 -23.07 -39.32 47.94
N ASN E 650 -22.71 -39.27 49.21
CA ASN E 650 -22.53 -40.52 49.91
C ASN E 650 -23.86 -41.08 50.41
N THR E 651 -24.81 -40.20 50.71
CA THR E 651 -26.14 -40.66 51.08
C THR E 651 -26.83 -41.28 49.89
N GLU E 652 -26.53 -40.78 48.70
CA GLU E 652 -26.96 -41.44 47.47
C GLU E 652 -26.40 -42.84 47.39
N PHE E 653 -25.10 -42.98 47.63
CA PHE E 653 -24.42 -44.26 47.45
C PHE E 653 -24.85 -45.29 48.48
N LEU E 654 -24.94 -44.90 49.74
CA LEU E 654 -25.27 -45.86 50.79
C LEU E 654 -26.70 -46.37 50.65
N LEU E 655 -27.60 -45.58 50.06
CA LEU E 655 -28.92 -46.13 49.74
C LEU E 655 -28.82 -47.15 48.61
N ASN E 656 -28.17 -46.80 47.50
CA ASN E 656 -27.96 -47.75 46.42
C ASN E 656 -27.08 -48.93 46.83
N PHE E 657 -26.25 -48.77 47.86
CA PHE E 657 -25.56 -49.95 48.39
C PHE E 657 -26.51 -50.82 49.18
N ASN E 658 -27.37 -50.21 49.99
CA ASN E 658 -28.07 -51.00 50.98
C ASN E 658 -29.42 -51.45 50.45
N GLU E 659 -29.91 -50.79 49.40
CA GLU E 659 -30.96 -51.37 48.57
C GLU E 659 -30.51 -52.68 47.97
N PHE E 660 -29.25 -52.75 47.56
CA PHE E 660 -28.72 -53.86 46.80
C PHE E 660 -28.71 -55.15 47.60
N ILE E 661 -28.44 -55.07 48.91
CA ILE E 661 -28.40 -56.30 49.70
C ILE E 661 -29.79 -56.76 50.09
N ASP E 662 -30.76 -55.85 50.20
CA ASP E 662 -32.13 -56.29 50.43
C ASP E 662 -32.71 -56.93 49.18
N ARG E 663 -32.59 -56.26 48.03
CA ARG E 663 -33.18 -56.76 46.79
C ARG E 663 -32.48 -58.01 46.30
N LYS E 664 -31.26 -58.26 46.74
CA LYS E 664 -30.59 -59.51 46.39
C LYS E 664 -29.59 -59.87 47.49
N THR E 665 -29.64 -61.14 47.90
CA THR E 665 -28.68 -61.88 48.73
C THR E 665 -27.24 -61.51 48.33
N PRO E 666 -26.30 -61.40 49.29
CA PRO E 666 -24.93 -61.01 48.95
C PRO E 666 -24.11 -62.05 48.18
N ASN E 667 -24.70 -63.15 47.71
CA ASN E 667 -23.96 -64.11 46.92
C ASN E 667 -23.59 -63.57 45.54
N ASN E 668 -24.57 -62.96 44.83
CA ASN E 668 -24.39 -62.02 43.72
C ASN E 668 -23.47 -62.49 42.60
N PRO E 669 -23.94 -63.35 41.69
CA PRO E 669 -23.02 -64.14 40.86
C PRO E 669 -22.10 -63.36 39.89
N SER E 670 -22.17 -62.03 39.84
CA SER E 670 -21.22 -61.23 39.08
C SER E 670 -20.63 -60.13 39.96
N CYS E 671 -20.17 -60.52 41.14
CA CYS E 671 -19.78 -59.56 42.17
C CYS E 671 -18.90 -60.25 43.20
N ASN E 672 -17.80 -59.59 43.58
CA ASN E 672 -16.83 -60.25 44.46
C ASN E 672 -17.35 -60.35 45.88
N THR E 673 -17.36 -61.58 46.39
CA THR E 673 -17.89 -61.88 47.71
C THR E 673 -17.13 -61.32 48.91
N ASP E 674 -15.80 -61.38 48.85
CA ASP E 674 -14.97 -60.93 49.96
C ASP E 674 -15.03 -59.44 50.29
N LEU E 675 -15.04 -58.58 49.28
CA LEU E 675 -15.07 -57.15 49.54
C LEU E 675 -16.35 -56.69 50.24
N ILE E 676 -17.51 -57.15 49.76
CA ILE E 676 -18.77 -56.78 50.40
C ILE E 676 -18.88 -57.40 51.77
N ASN E 677 -18.45 -58.65 51.86
CA ASN E 677 -18.53 -59.43 53.09
C ASN E 677 -17.71 -58.84 54.23
N ARG E 678 -16.51 -58.38 53.90
CA ARG E 678 -15.64 -57.79 54.90
C ARG E 678 -16.33 -56.57 55.45
N VAL E 679 -16.98 -55.81 54.58
CA VAL E 679 -17.68 -54.61 55.01
C VAL E 679 -18.77 -54.97 56.00
N LEU E 680 -19.51 -56.04 55.71
CA LEU E 680 -20.58 -56.47 56.59
C LEU E 680 -20.03 -56.88 57.95
N LEU E 681 -18.90 -57.60 57.94
CA LEU E 681 -18.31 -58.04 59.20
C LEU E 681 -17.89 -56.82 60.00
N ASP E 682 -17.32 -55.84 59.30
CA ASP E 682 -16.83 -54.61 59.91
C ASP E 682 -17.95 -53.81 60.55
N ALA E 683 -19.10 -53.75 59.88
CA ALA E 683 -20.22 -53.01 60.42
C ALA E 683 -20.85 -53.69 61.61
N GLY E 684 -20.58 -54.96 61.81
CA GLY E 684 -20.98 -55.57 63.05
C GLY E 684 -19.93 -55.46 64.10
N PHE E 685 -18.78 -54.90 63.76
CA PHE E 685 -17.74 -54.62 64.73
C PHE E 685 -17.71 -53.16 65.11
N THR E 686 -18.02 -52.25 64.20
CA THR E 686 -18.24 -50.88 64.61
C THR E 686 -19.66 -50.66 65.07
N ASN E 687 -20.43 -51.73 65.29
CA ASN E 687 -21.74 -51.62 65.90
C ASN E 687 -21.67 -51.95 67.36
N GLU E 688 -21.00 -53.07 67.68
CA GLU E 688 -20.93 -53.53 69.05
C GLU E 688 -20.14 -52.57 69.92
N LEU E 689 -19.29 -51.76 69.30
CA LEU E 689 -18.68 -50.65 69.99
C LEU E 689 -19.71 -49.56 70.28
N VAL E 690 -20.43 -49.13 69.24
CA VAL E 690 -21.37 -48.02 69.36
C VAL E 690 -22.60 -48.41 70.13
N GLN E 691 -22.97 -49.69 70.16
CA GLN E 691 -24.03 -50.13 71.07
C GLN E 691 -23.53 -50.27 72.49
N ASN E 692 -22.60 -51.20 72.71
CA ASN E 692 -22.23 -51.59 74.05
C ASN E 692 -21.17 -50.70 74.68
N TYR E 693 -20.61 -49.71 73.99
CA TYR E 693 -19.67 -48.86 74.71
C TYR E 693 -19.96 -47.37 74.59
N TRP E 694 -20.15 -46.85 73.38
CA TRP E 694 -20.26 -45.41 73.26
C TRP E 694 -21.60 -44.89 73.72
N SER E 695 -22.67 -45.66 73.52
CA SER E 695 -24.00 -45.29 73.94
C SER E 695 -24.24 -45.49 75.42
N LYS E 696 -23.24 -45.93 76.16
CA LYS E 696 -23.32 -45.93 77.61
C LYS E 696 -22.89 -44.59 78.18
N GLN E 697 -21.85 -43.99 77.59
CA GLN E 697 -21.25 -42.76 78.09
C GLN E 697 -21.67 -41.55 77.28
N LYS E 698 -22.95 -41.48 76.92
CA LYS E 698 -23.57 -40.62 75.90
C LYS E 698 -23.04 -39.19 75.80
N ASN E 699 -22.69 -38.56 76.93
CA ASN E 699 -21.93 -37.33 76.90
C ASN E 699 -20.75 -37.42 77.85
N ILE E 700 -19.54 -37.46 77.30
CA ILE E 700 -18.33 -37.15 78.04
C ILE E 700 -18.20 -35.64 77.94
N LYS E 701 -17.55 -35.00 78.92
CA LYS E 701 -17.62 -33.55 79.03
C LYS E 701 -16.84 -32.88 77.90
N GLY E 702 -15.54 -33.12 77.82
CA GLY E 702 -14.77 -32.49 76.78
C GLY E 702 -14.87 -33.11 75.41
N VAL E 703 -15.59 -34.21 75.26
CA VAL E 703 -15.62 -34.96 74.02
C VAL E 703 -16.75 -34.44 73.14
N LYS E 704 -16.41 -34.09 71.91
CA LYS E 704 -17.39 -33.59 70.96
C LYS E 704 -17.99 -34.70 70.11
N ALA E 705 -17.15 -35.41 69.36
CA ALA E 705 -17.57 -36.42 68.40
C ALA E 705 -16.62 -37.59 68.50
N ARG E 706 -17.09 -38.77 68.12
CA ARG E 706 -16.28 -39.97 68.28
C ARG E 706 -16.42 -40.82 67.04
N PHE E 707 -15.33 -41.21 66.42
CA PHE E 707 -15.39 -41.89 65.14
C PHE E 707 -14.63 -43.19 65.21
N VAL E 708 -14.95 -44.12 64.30
CA VAL E 708 -14.16 -45.32 64.05
C VAL E 708 -14.01 -45.41 62.56
N VAL E 709 -12.93 -44.90 62.02
CA VAL E 709 -12.67 -45.05 60.61
C VAL E 709 -11.97 -46.37 60.45
N THR E 710 -12.51 -47.24 59.64
CA THR E 710 -12.12 -48.62 59.68
C THR E 710 -11.90 -49.11 58.27
N ASP E 711 -11.64 -50.39 58.15
CA ASP E 711 -11.13 -50.96 56.92
C ASP E 711 -12.25 -51.78 56.28
N GLY E 712 -12.91 -51.22 55.30
CA GLY E 712 -14.25 -51.64 54.98
C GLY E 712 -15.05 -50.37 54.84
N GLY E 713 -14.35 -49.26 54.84
CA GLY E 713 -14.95 -48.00 54.53
C GLY E 713 -15.89 -47.31 55.45
N ILE E 714 -16.46 -48.11 56.34
CA ILE E 714 -17.47 -47.69 57.29
C ILE E 714 -17.00 -46.79 58.40
N THR E 715 -17.12 -45.50 58.20
CA THR E 715 -16.72 -44.56 59.24
C THR E 715 -17.99 -44.26 60.03
N ARG E 716 -17.91 -44.21 61.36
CA ARG E 716 -19.11 -43.93 62.14
C ARG E 716 -18.94 -42.78 63.10
N VAL E 717 -19.36 -41.61 62.72
CA VAL E 717 -19.37 -40.48 63.63
C VAL E 717 -20.56 -40.63 64.55
N TYR E 718 -20.40 -40.38 65.85
CA TYR E 718 -21.43 -40.86 66.76
C TYR E 718 -22.71 -40.02 66.93
N PRO E 719 -22.72 -38.69 67.11
CA PRO E 719 -24.01 -38.03 66.95
C PRO E 719 -24.20 -37.52 65.53
N LYS E 720 -25.44 -37.59 65.06
CA LYS E 720 -25.77 -37.09 63.73
C LYS E 720 -25.54 -35.60 63.59
N GLU E 721 -25.60 -34.85 64.69
CA GLU E 721 -25.22 -33.45 64.64
C GLU E 721 -23.74 -33.32 64.35
N ALA E 722 -22.94 -34.23 64.90
CA ALA E 722 -21.51 -34.20 64.69
C ALA E 722 -21.15 -34.63 63.28
N GLY E 723 -21.87 -35.61 62.74
CA GLY E 723 -21.64 -36.11 61.40
C GLY E 723 -21.92 -35.13 60.29
N GLU E 724 -22.59 -34.02 60.57
CA GLU E 724 -22.66 -32.97 59.58
C GLU E 724 -21.31 -32.28 59.42
N ASN E 725 -20.56 -32.18 60.49
CA ASN E 725 -19.26 -31.52 60.45
C ASN E 725 -18.13 -32.43 59.99
N TRP E 726 -18.41 -33.71 59.74
CA TRP E 726 -17.36 -34.65 59.35
C TRP E 726 -16.96 -34.37 57.92
N GLN E 727 -15.86 -33.66 57.73
CA GLN E 727 -15.46 -33.19 56.42
C GLN E 727 -14.37 -34.05 55.80
N GLU E 728 -14.37 -35.35 56.08
CA GLU E 728 -13.32 -36.21 55.56
C GLU E 728 -13.75 -36.86 54.26
N ASN E 729 -12.80 -37.47 53.59
CA ASN E 729 -13.14 -38.33 52.46
C ASN E 729 -13.72 -39.62 53.05
N PRO E 730 -14.87 -40.07 52.58
CA PRO E 730 -15.45 -41.29 53.12
C PRO E 730 -14.78 -42.55 52.67
N GLU E 731 -13.84 -42.46 51.75
CA GLU E 731 -13.01 -43.59 51.39
C GLU E 731 -11.87 -43.70 52.39
N THR E 732 -11.82 -44.81 53.11
CA THR E 732 -10.91 -44.96 54.21
C THR E 732 -9.47 -45.08 53.75
N TYR E 733 -9.21 -45.37 52.49
CA TYR E 733 -7.86 -45.40 51.98
C TYR E 733 -7.47 -44.11 51.32
N GLU E 734 -8.05 -43.02 51.76
CA GLU E 734 -7.66 -41.74 51.29
C GLU E 734 -7.58 -40.76 52.44
N ASP E 735 -7.99 -41.18 53.62
CA ASP E 735 -7.91 -40.35 54.81
C ASP E 735 -6.50 -40.22 55.28
N SER E 736 -6.10 -39.00 55.55
CA SER E 736 -4.76 -38.72 55.98
C SER E 736 -4.49 -39.25 57.36
N PHE E 737 -5.38 -38.99 58.30
CA PHE E 737 -5.17 -39.33 59.69
C PHE E 737 -5.22 -40.82 59.92
N TYR E 738 -5.95 -41.54 59.06
CA TYR E 738 -5.99 -42.99 59.13
C TYR E 738 -4.60 -43.54 58.93
N LYS E 739 -3.86 -42.94 58.03
CA LYS E 739 -2.57 -43.43 57.64
C LYS E 739 -1.48 -42.99 58.60
N ARG E 740 -1.69 -41.88 59.30
CA ARG E 740 -0.71 -41.48 60.29
C ARG E 740 -0.92 -42.17 61.59
N SER E 741 -2.09 -42.72 61.81
CA SER E 741 -2.37 -43.42 63.02
C SER E 741 -1.77 -44.80 63.00
N LEU E 742 -1.55 -45.36 61.82
CA LEU E 742 -1.03 -46.71 61.68
C LEU E 742 0.49 -46.74 61.85
N ASP E 743 1.17 -45.69 61.42
CA ASP E 743 2.62 -45.63 61.59
C ASP E 743 3.05 -45.52 63.05
N ASN E 744 2.35 -44.68 63.80
CA ASN E 744 2.64 -44.42 65.21
C ASN E 744 2.09 -45.44 66.21
N ASP E 745 2.76 -45.57 67.34
CA ASP E 745 2.34 -46.48 68.41
C ASP E 745 1.75 -45.70 69.58
N ASN E 746 1.50 -44.41 69.36
CA ASN E 746 0.95 -43.53 70.37
C ASN E 746 -0.22 -42.72 69.86
N TYR E 747 -0.97 -42.11 70.77
CA TYR E 747 -2.12 -41.30 70.36
C TYR E 747 -1.62 -40.18 69.47
N VAL E 748 -2.38 -39.89 68.43
CA VAL E 748 -2.01 -38.85 67.47
C VAL E 748 -3.02 -37.71 67.45
N PHE E 749 -2.52 -36.48 67.46
CA PHE E 749 -3.36 -35.29 67.44
C PHE E 749 -3.27 -34.62 66.09
N THR E 750 -4.43 -34.30 65.52
CA THR E 750 -4.45 -33.64 64.21
C THR E 750 -4.90 -32.20 64.39
N ALA E 751 -4.09 -31.27 63.92
CA ALA E 751 -4.41 -29.84 64.02
C ALA E 751 -5.45 -29.36 63.02
N PRO E 752 -6.40 -28.48 63.53
CA PRO E 752 -7.38 -28.01 62.55
C PRO E 752 -6.77 -26.99 61.59
N TYR E 753 -7.38 -26.81 60.42
CA TYR E 753 -6.89 -25.87 59.42
C TYR E 753 -7.10 -24.41 59.82
N PHE E 754 -6.30 -23.52 59.25
CA PHE E 754 -6.41 -22.09 59.52
C PHE E 754 -7.10 -21.39 58.37
N ASN E 755 -8.12 -20.61 58.70
CA ASN E 755 -8.97 -19.90 57.76
C ASN E 755 -9.88 -20.85 57.01
N LYS E 756 -9.84 -20.80 55.68
CA LYS E 756 -10.65 -21.70 54.88
C LYS E 756 -12.13 -21.37 54.99
N SER E 757 -12.96 -22.34 54.62
CA SER E 757 -14.41 -22.21 54.68
C SER E 757 -14.98 -23.46 55.31
N GLY E 758 -16.17 -23.35 55.89
CA GLY E 758 -16.79 -24.48 56.56
C GLY E 758 -16.42 -24.43 58.03
N PRO E 759 -17.14 -25.16 58.88
CA PRO E 759 -16.79 -25.05 60.30
C PRO E 759 -15.76 -26.07 60.73
N GLY E 760 -14.52 -25.63 60.90
CA GLY E 760 -13.47 -26.52 61.33
C GLY E 760 -12.59 -25.93 62.41
N ALA E 761 -13.14 -25.72 63.60
CA ALA E 761 -12.37 -25.19 64.71
C ALA E 761 -13.10 -25.51 66.00
N TYR E 762 -13.79 -24.49 66.49
CA TYR E 762 -14.59 -24.60 67.70
C TYR E 762 -15.74 -25.58 67.50
N GLU E 763 -16.33 -25.54 66.31
CA GLU E 763 -17.46 -26.40 65.98
C GLU E 763 -17.19 -27.90 65.98
N SER E 764 -16.07 -28.34 65.41
CA SER E 764 -15.78 -29.77 65.40
C SER E 764 -14.72 -30.09 66.44
N GLY E 765 -13.60 -29.40 66.32
CA GLY E 765 -12.51 -29.49 67.28
C GLY E 765 -11.30 -30.22 66.73
N ILE E 766 -10.24 -30.17 67.51
CA ILE E 766 -8.98 -30.82 67.21
C ILE E 766 -9.18 -32.31 67.41
N MET E 767 -8.61 -33.16 66.57
CA MET E 767 -8.88 -34.58 66.75
C MET E 767 -7.66 -35.41 67.05
N VAL E 768 -7.90 -36.38 67.88
CA VAL E 768 -6.98 -37.40 68.30
C VAL E 768 -7.38 -38.66 67.57
N SER E 769 -6.41 -39.45 67.15
CA SER E 769 -6.74 -40.75 66.57
C SER E 769 -5.73 -41.74 67.07
N LYS E 770 -6.02 -43.01 66.87
CA LYS E 770 -5.15 -44.07 67.36
C LYS E 770 -5.55 -45.36 66.67
N ALA E 771 -4.58 -46.07 66.10
CA ALA E 771 -4.90 -47.31 65.43
C ALA E 771 -5.15 -48.41 66.44
N VAL E 772 -6.15 -49.24 66.17
CA VAL E 772 -6.41 -50.45 66.91
C VAL E 772 -5.35 -51.46 66.54
N GLU E 773 -4.93 -52.27 67.51
CA GLU E 773 -3.76 -53.13 67.35
C GLU E 773 -4.00 -54.47 68.01
N ILE E 774 -4.32 -55.50 67.22
CA ILE E 774 -4.70 -56.79 67.78
C ILE E 774 -3.68 -57.85 67.40
N TYR E 775 -3.64 -58.91 68.21
CA TYR E 775 -2.80 -60.07 68.01
C TYR E 775 -3.68 -61.30 68.03
N ILE E 776 -3.57 -62.13 67.00
CA ILE E 776 -4.51 -63.24 66.86
C ILE E 776 -3.88 -64.54 67.34
N GLN E 777 -2.86 -64.98 66.63
CA GLN E 777 -2.07 -66.14 67.04
C GLN E 777 -0.62 -65.71 67.07
N GLY E 778 -0.37 -64.58 67.73
CA GLY E 778 0.93 -63.96 67.69
C GLY E 778 1.22 -63.30 66.37
N LYS E 779 0.20 -62.78 65.70
CA LYS E 779 0.35 -62.13 64.42
C LYS E 779 -0.27 -60.75 64.49
N LEU E 780 0.53 -59.72 64.23
CA LEU E 780 0.10 -58.34 64.38
C LEU E 780 -0.84 -57.91 63.27
N LEU E 781 -1.93 -57.26 63.64
CA LEU E 781 -2.91 -56.68 62.72
C LEU E 781 -3.28 -55.30 63.22
N LYS E 782 -3.52 -54.37 62.31
CA LYS E 782 -4.14 -53.09 62.67
C LYS E 782 -5.40 -52.85 61.87
N PRO E 783 -6.55 -53.27 62.36
CA PRO E 783 -7.75 -53.19 61.55
C PRO E 783 -8.39 -51.82 61.44
N ALA E 784 -8.36 -51.00 62.49
CA ALA E 784 -9.21 -49.82 62.52
C ALA E 784 -8.53 -48.70 63.28
N VAL E 785 -9.06 -47.48 63.13
CA VAL E 785 -8.56 -46.26 63.74
C VAL E 785 -9.71 -45.56 64.47
N VAL E 786 -9.70 -45.62 65.80
CA VAL E 786 -10.67 -44.93 66.64
C VAL E 786 -10.25 -43.48 66.83
N GLY E 787 -11.05 -42.68 67.49
CA GLY E 787 -10.77 -41.26 67.54
C GLY E 787 -11.79 -40.49 68.33
N ILE E 788 -11.59 -39.18 68.40
CA ILE E 788 -12.34 -38.18 69.15
C ILE E 788 -12.08 -36.81 68.55
N LYS E 789 -13.11 -36.05 68.24
CA LYS E 789 -12.93 -34.61 68.05
C LYS E 789 -12.99 -33.97 69.43
N ILE E 790 -12.02 -33.13 69.76
CA ILE E 790 -11.93 -32.60 71.12
C ILE E 790 -12.75 -31.32 71.18
N ASP E 791 -13.13 -30.89 72.38
CA ASP E 791 -13.75 -29.57 72.53
C ASP E 791 -12.65 -28.60 72.92
N VAL E 792 -12.45 -27.57 72.11
CA VAL E 792 -11.32 -26.70 72.36
C VAL E 792 -11.58 -25.81 73.57
N ASN E 793 -12.82 -25.42 73.82
CA ASN E 793 -13.09 -24.58 75.00
C ASN E 793 -12.80 -25.21 76.38
N SER E 794 -13.24 -26.45 76.56
CA SER E 794 -13.03 -27.15 77.83
C SER E 794 -11.55 -27.40 78.09
N TRP E 795 -10.85 -27.82 77.04
CA TRP E 795 -9.43 -28.10 77.17
C TRP E 795 -8.69 -26.89 77.74
N ILE E 796 -9.13 -25.70 77.35
CA ILE E 796 -8.53 -24.46 77.81
C ILE E 796 -8.68 -24.27 79.32
N GLU E 797 -9.84 -24.59 79.85
CA GLU E 797 -10.08 -24.43 81.29
C GLU E 797 -9.14 -25.30 82.11
N ASN E 798 -8.94 -26.54 81.70
CA ASN E 798 -8.04 -27.43 82.41
C ASN E 798 -6.61 -26.89 82.33
N PHE E 799 -6.25 -26.39 81.16
CA PHE E 799 -4.94 -25.83 80.89
C PHE E 799 -4.64 -24.60 81.75
N THR E 800 -5.62 -23.72 81.87
CA THR E 800 -5.46 -22.49 82.66
C THR E 800 -5.25 -22.79 84.14
N LYS E 801 -6.00 -23.76 84.66
CA LYS E 801 -5.91 -24.12 86.06
C LYS E 801 -5.15 -25.44 86.22
N ASP E 814 2.06 -21.54 85.55
CA ASP E 814 2.30 -20.11 85.74
C ASP E 814 1.78 -19.31 84.56
N CYS E 815 0.83 -19.88 83.82
CA CYS E 815 0.25 -19.21 82.66
C CYS E 815 -1.20 -18.86 82.94
N LYS E 816 -1.52 -17.59 82.76
CA LYS E 816 -2.86 -17.05 82.96
C LYS E 816 -3.55 -16.94 81.61
N ARG E 817 -4.86 -16.75 81.62
CA ARG E 817 -5.60 -16.63 80.38
C ARG E 817 -5.08 -15.41 79.64
N ASN E 818 -4.79 -14.36 80.41
CA ASN E 818 -4.26 -13.13 79.86
C ASN E 818 -2.97 -12.77 80.58
N SER E 819 -1.87 -13.39 80.15
CA SER E 819 -0.57 -13.17 80.78
C SER E 819 0.41 -12.38 79.91
N ASP E 820 1.01 -11.36 80.52
CA ASP E 820 1.98 -10.49 79.86
C ASP E 820 3.40 -10.86 80.27
N VAL E 821 3.53 -11.62 81.34
CA VAL E 821 4.83 -12.05 81.84
C VAL E 821 5.45 -13.12 80.94
N MET E 822 4.66 -14.14 80.63
CA MET E 822 5.12 -15.22 79.77
C MET E 822 3.95 -15.99 79.16
N ASP E 823 4.17 -16.55 77.98
CA ASP E 823 3.14 -17.31 77.29
C ASP E 823 3.61 -18.74 77.01
N CYS E 824 2.66 -19.67 77.02
CA CYS E 824 2.95 -21.08 76.82
C CYS E 824 1.98 -21.68 75.83
N VAL E 825 2.48 -22.60 75.01
CA VAL E 825 1.65 -23.23 74.00
C VAL E 825 1.94 -24.71 73.86
N ILE E 826 1.00 -25.43 73.27
CA ILE E 826 1.16 -26.86 73.02
C ILE E 826 1.19 -27.03 71.51
N LEU E 827 2.21 -27.74 71.04
CA LEU E 827 2.38 -27.96 69.62
C LEU E 827 2.59 -29.43 69.32
N ASP E 828 1.84 -29.93 68.34
CA ASP E 828 1.95 -31.31 67.90
C ASP E 828 3.16 -31.34 66.98
N ASP E 829 3.67 -32.53 66.66
CA ASP E 829 4.81 -32.59 65.76
C ASP E 829 4.38 -31.95 64.47
N GLY E 830 5.29 -31.28 63.79
CA GLY E 830 4.98 -30.57 62.57
C GLY E 830 4.87 -29.09 62.87
N GLY E 831 4.89 -28.74 64.16
CA GLY E 831 4.87 -27.37 64.61
C GLY E 831 3.58 -26.58 64.55
N PHE E 832 2.47 -27.23 64.26
CA PHE E 832 1.18 -26.54 64.18
C PHE E 832 0.69 -26.15 65.54
N LEU E 833 -0.03 -25.04 65.62
CA LEU E 833 -0.53 -24.58 66.91
C LEU E 833 -1.92 -25.12 67.20
N LEU E 834 -1.98 -25.87 68.30
CA LEU E 834 -3.23 -26.46 68.77
C LEU E 834 -3.84 -25.67 69.91
N MET E 835 -3.12 -25.55 71.02
CA MET E 835 -3.64 -24.81 72.17
C MET E 835 -2.78 -23.61 72.51
N ALA E 836 -3.42 -22.44 72.67
CA ALA E 836 -2.67 -21.23 73.01
C ALA E 836 -3.19 -20.46 74.23
N ASN E 837 -2.26 -20.07 75.08
CA ASN E 837 -2.53 -19.30 76.30
C ASN E 837 -3.10 -17.89 76.16
N HIS E 838 -2.56 -17.13 75.22
CA HIS E 838 -2.93 -15.72 75.02
C HIS E 838 -4.34 -15.29 74.61
N ASP E 839 -4.96 -16.02 73.70
CA ASP E 839 -6.31 -15.69 73.19
C ASP E 839 -6.26 -14.80 71.94
N ASP E 840 -5.10 -14.31 71.59
CA ASP E 840 -4.87 -13.77 70.27
C ASP E 840 -4.21 -14.81 69.40
N TYR E 841 -3.66 -15.85 70.02
CA TYR E 841 -3.11 -16.98 69.31
C TYR E 841 -4.14 -18.09 69.15
N THR E 842 -4.98 -18.33 70.15
CA THR E 842 -5.94 -19.43 70.01
C THR E 842 -7.10 -19.08 69.09
N ASN E 843 -7.21 -17.83 68.65
CA ASN E 843 -8.09 -17.54 67.54
C ASN E 843 -7.52 -18.10 66.25
N GLN E 844 -6.21 -18.02 66.11
CA GLN E 844 -5.53 -18.53 64.93
C GLN E 844 -4.93 -19.89 65.26
N ILE E 845 -5.83 -20.82 65.35
CA ILE E 845 -5.59 -22.19 65.78
C ILE E 845 -5.42 -23.08 64.57
N GLY E 846 -4.60 -24.12 64.69
CA GLY E 846 -4.34 -24.94 63.53
C GLY E 846 -3.45 -24.29 62.52
N ARG E 847 -2.78 -23.22 62.91
CA ARG E 847 -1.91 -22.45 62.06
C ARG E 847 -0.49 -22.85 62.37
N PHE E 848 0.34 -22.72 61.36
CA PHE E 848 1.75 -23.01 61.53
C PHE E 848 2.38 -22.00 62.46
N PHE E 849 3.04 -22.49 63.50
CA PHE E 849 3.49 -21.67 64.62
C PHE E 849 4.59 -20.72 64.23
N GLY E 850 5.21 -20.91 63.09
CA GLY E 850 6.22 -19.99 62.64
C GLY E 850 5.61 -18.82 61.93
N GLU E 851 4.30 -18.71 61.89
CA GLU E 851 3.67 -17.54 61.35
C GLU E 851 3.10 -16.62 62.40
N ILE E 852 3.10 -17.03 63.66
CA ILE E 852 2.57 -16.19 64.72
C ILE E 852 3.66 -15.71 65.67
N ASP E 853 4.76 -16.43 65.80
CA ASP E 853 5.99 -15.90 66.39
C ASP E 853 7.19 -16.54 65.74
N PRO E 854 7.63 -16.01 64.61
CA PRO E 854 8.66 -16.67 63.82
C PRO E 854 10.02 -16.67 64.46
N SER E 855 10.25 -15.84 65.47
CA SER E 855 11.56 -15.80 66.09
C SER E 855 11.83 -17.04 66.91
N LEU E 856 10.84 -17.51 67.66
CA LEU E 856 11.04 -18.68 68.50
C LEU E 856 11.16 -19.92 67.66
N MET E 857 10.30 -20.07 66.66
CA MET E 857 10.31 -21.26 65.83
C MET E 857 11.66 -21.43 65.13
N ARG E 858 12.24 -20.33 64.69
CA ARG E 858 13.52 -20.38 63.99
C ARG E 858 14.59 -20.97 64.91
N HIS E 859 14.58 -20.53 66.16
CA HIS E 859 15.54 -21.02 67.16
C HIS E 859 15.35 -22.48 67.50
N LEU E 860 14.11 -22.92 67.54
CA LEU E 860 13.78 -24.30 67.90
C LEU E 860 14.39 -25.29 66.92
N VAL E 861 14.38 -24.96 65.63
CA VAL E 861 14.97 -25.84 64.64
C VAL E 861 16.47 -25.96 64.90
N ASN E 862 17.09 -24.84 65.26
CA ASN E 862 18.51 -24.78 65.55
C ASN E 862 18.93 -25.64 66.72
N ILE E 863 18.07 -25.68 67.75
CA ILE E 863 18.33 -26.48 68.94
C ILE E 863 18.26 -27.97 68.64
N SER E 864 17.75 -28.30 67.45
CA SER E 864 17.58 -29.68 66.99
C SER E 864 16.26 -30.31 67.41
N VAL E 865 15.41 -29.51 68.02
CA VAL E 865 14.09 -29.96 68.44
C VAL E 865 13.23 -30.34 67.24
N TYR E 866 13.35 -29.59 66.15
CA TYR E 866 12.58 -29.83 64.93
C TYR E 866 13.45 -30.03 63.69
N ALA E 867 12.94 -30.82 62.75
CA ALA E 867 13.63 -31.12 61.50
C ALA E 867 12.64 -30.96 60.35
N PHE E 868 13.12 -30.75 59.13
CA PHE E 868 12.22 -30.57 57.98
C PHE E 868 12.81 -31.00 56.64
N ASN E 869 11.95 -31.17 55.64
CA ASN E 869 12.38 -31.52 54.29
C ASN E 869 11.51 -30.91 53.22
N LYS E 870 12.13 -30.08 52.40
CA LYS E 870 11.47 -29.42 51.33
C LYS E 870 11.52 -30.32 50.12
N SER E 871 10.42 -30.39 49.41
CA SER E 871 10.20 -31.31 48.32
C SER E 871 9.58 -30.54 47.19
N TYR E 872 9.48 -31.13 46.02
CA TYR E 872 8.86 -30.45 44.90
C TYR E 872 7.65 -31.22 44.44
N ASP E 873 6.55 -30.54 44.28
CA ASP E 873 5.31 -31.08 43.77
C ASP E 873 5.19 -30.58 42.34
N TYR E 874 5.46 -31.44 41.38
CA TYR E 874 5.51 -31.04 39.97
C TYR E 874 4.16 -30.99 39.32
N GLN E 875 3.10 -31.33 40.04
CA GLN E 875 1.73 -31.29 39.54
C GLN E 875 0.91 -30.47 40.51
N SER E 876 0.89 -29.16 40.32
CA SER E 876 0.07 -28.27 41.11
C SER E 876 -0.23 -27.02 40.29
N VAL E 877 -1.27 -26.28 40.71
CA VAL E 877 -1.71 -25.09 40.01
C VAL E 877 -1.43 -23.85 40.84
N CYS E 878 -1.24 -22.74 40.13
CA CYS E 878 -1.02 -21.46 40.78
C CYS E 878 -1.42 -20.34 39.83
N GLU E 879 -1.72 -19.18 40.41
CA GLU E 879 -2.03 -17.99 39.65
C GLU E 879 -0.79 -17.47 38.95
N PRO E 880 -0.95 -16.81 37.81
CA PRO E 880 0.22 -16.34 37.08
C PRO E 880 0.83 -15.09 37.71
N GLY E 881 2.06 -14.82 37.32
CA GLY E 881 2.73 -13.59 37.68
C GLY E 881 2.87 -12.70 36.45
N ALA E 882 2.72 -11.40 36.66
CA ALA E 882 2.70 -10.46 35.55
C ALA E 882 4.14 -10.23 35.08
N ALA E 883 4.45 -10.76 33.90
CA ALA E 883 5.75 -10.52 33.26
C ALA E 883 5.59 -10.65 31.75
N SER E 944 -7.05 -19.36 33.73
CA SER E 944 -7.36 -19.05 35.12
C SER E 944 -6.29 -19.61 36.03
N LYS E 945 -5.73 -20.74 35.63
CA LYS E 945 -4.63 -21.41 36.31
C LYS E 945 -3.75 -22.06 35.26
N GLN E 946 -2.44 -22.05 35.50
CA GLN E 946 -1.57 -22.96 34.80
C GLN E 946 -0.99 -23.95 35.79
N SER E 947 -0.31 -24.95 35.26
CA SER E 947 0.46 -25.84 36.10
C SER E 947 1.80 -25.24 36.42
N CYS E 948 2.30 -25.53 37.61
CA CYS E 948 3.54 -24.97 38.07
C CYS E 948 4.15 -25.92 39.09
N ILE E 949 5.31 -25.59 39.51
CA ILE E 949 6.00 -26.33 40.55
C ILE E 949 5.70 -25.61 41.84
N THR E 950 5.49 -26.34 42.90
CA THR E 950 5.48 -25.74 44.21
C THR E 950 6.52 -26.43 45.05
N GLU E 951 7.15 -25.69 45.93
CA GLU E 951 7.95 -26.30 46.95
C GLU E 951 7.13 -26.40 48.20
N GLN E 952 7.29 -27.50 48.92
CA GLN E 952 6.45 -27.86 50.03
C GLN E 952 7.34 -28.19 51.18
N THR E 953 7.07 -27.64 52.35
CA THR E 953 7.86 -27.96 53.52
C THR E 953 7.02 -28.78 54.46
N GLN E 954 7.61 -29.79 55.07
CA GLN E 954 6.98 -30.44 56.17
C GLN E 954 7.97 -30.49 57.31
N TYR E 955 7.47 -30.52 58.53
CA TYR E 955 8.27 -30.45 59.73
C TYR E 955 8.00 -31.68 60.57
N PHE E 956 9.00 -32.15 61.27
CA PHE E 956 8.85 -33.40 61.98
C PHE E 956 9.89 -33.54 63.06
N PHE E 957 9.57 -34.19 64.17
CA PHE E 957 10.55 -34.34 65.24
C PHE E 957 11.65 -35.28 64.81
N ASP E 958 12.90 -34.83 64.93
CA ASP E 958 14.03 -35.66 64.56
C ASP E 958 14.82 -36.05 65.80
N ASN E 959 14.53 -35.39 66.92
CA ASN E 959 15.25 -35.69 68.13
C ASN E 959 14.30 -36.28 69.16
N ASP E 960 14.66 -37.47 69.60
CA ASP E 960 13.91 -38.22 70.60
C ASP E 960 13.93 -37.60 72.00
N SER E 961 14.92 -36.78 72.30
CA SER E 961 15.03 -36.21 73.64
C SER E 961 13.79 -35.45 74.08
N LYS E 962 13.36 -35.75 75.30
CA LYS E 962 12.16 -35.20 75.93
C LYS E 962 12.09 -33.71 76.26
N SER E 963 13.18 -33.13 76.74
CA SER E 963 13.16 -31.72 77.13
C SER E 963 14.27 -30.89 76.51
N PHE E 964 14.02 -29.59 76.38
CA PHE E 964 14.98 -28.69 75.76
C PHE E 964 14.92 -27.32 76.41
N SER E 965 15.93 -26.98 77.19
CA SER E 965 16.00 -25.70 77.86
C SER E 965 16.95 -24.78 77.11
N GLY E 966 16.82 -23.49 77.34
CA GLY E 966 17.73 -22.57 76.72
C GLY E 966 17.24 -21.14 76.83
N VAL E 967 17.81 -20.31 75.97
CA VAL E 967 17.45 -18.91 75.82
C VAL E 967 17.71 -18.51 74.37
N LEU E 968 16.83 -17.71 73.80
CA LEU E 968 17.08 -17.13 72.50
C LEU E 968 17.26 -15.64 72.65
N ASP E 969 18.12 -15.07 71.84
CA ASP E 969 18.38 -13.64 71.87
C ASP E 969 18.24 -13.05 70.47
N CYS E 970 17.59 -11.90 70.39
CA CYS E 970 17.36 -11.24 69.11
C CYS E 970 18.39 -10.14 68.85
N GLY E 971 19.12 -9.74 69.87
CA GLY E 971 19.88 -8.51 69.84
C GLY E 971 19.33 -7.61 70.92
N ASN E 972 20.07 -7.44 72.00
CA ASN E 972 19.66 -6.54 73.08
C ASN E 972 18.55 -7.07 73.99
N CYS E 973 18.20 -8.35 73.87
CA CYS E 973 17.18 -8.91 74.72
C CYS E 973 17.41 -10.40 74.84
N SER E 974 16.94 -11.00 75.93
CA SER E 974 16.92 -12.44 76.05
C SER E 974 15.51 -12.85 76.40
N ARG E 975 15.16 -14.08 76.01
CA ARG E 975 13.90 -14.67 76.30
C ARG E 975 14.30 -16.06 76.73
N ILE E 976 13.76 -16.52 77.85
CA ILE E 976 14.09 -17.85 78.29
C ILE E 976 12.90 -18.77 78.10
N PHE E 977 13.01 -19.62 77.09
CA PHE E 977 11.99 -20.60 76.75
C PHE E 977 12.33 -21.98 77.31
N HIS E 978 11.33 -22.70 77.79
CA HIS E 978 11.52 -24.06 78.29
C HIS E 978 10.61 -24.99 77.50
N VAL E 979 11.16 -26.06 76.93
CA VAL E 979 10.34 -26.98 76.15
C VAL E 979 10.32 -28.41 76.72
N GLU E 980 9.12 -28.94 76.89
CA GLU E 980 8.91 -30.29 77.41
C GLU E 980 8.00 -31.04 76.46
N LYS E 981 8.30 -32.31 76.23
CA LYS E 981 7.48 -33.12 75.33
C LYS E 981 6.63 -34.12 76.10
N LEU E 982 5.32 -34.08 75.89
CA LEU E 982 4.42 -34.99 76.58
C LEU E 982 4.67 -36.41 76.11
N MET E 983 4.83 -37.30 77.07
CA MET E 983 5.08 -38.70 76.78
C MET E 983 3.84 -39.44 76.28
N ASN E 984 4.03 -40.36 75.35
CA ASN E 984 2.94 -41.16 74.84
C ASN E 984 2.10 -40.49 73.75
N THR E 985 2.55 -39.34 73.28
CA THR E 985 1.85 -38.61 72.24
C THR E 985 2.81 -37.69 71.48
N ASN E 986 2.41 -37.27 70.29
CA ASN E 986 3.22 -36.37 69.47
C ASN E 986 3.29 -34.93 69.99
N LEU E 987 2.43 -34.58 70.94
CA LEU E 987 2.38 -33.23 71.49
C LEU E 987 3.63 -32.78 72.26
N ILE E 988 3.92 -31.49 72.16
CA ILE E 988 5.06 -30.87 72.86
C ILE E 988 4.60 -29.62 73.62
N PHE E 989 5.07 -29.43 74.84
CA PHE E 989 4.69 -28.27 75.64
C PHE E 989 5.86 -27.33 75.84
N ILE E 990 5.69 -26.07 75.46
CA ILE E 990 6.76 -25.07 75.60
C ILE E 990 6.36 -23.82 76.39
N MET E 991 7.21 -23.42 77.33
CA MET E 991 6.97 -22.25 78.17
C MET E 991 8.02 -21.19 77.84
N VAL E 992 7.58 -19.99 77.50
CA VAL E 992 8.52 -18.91 77.16
C VAL E 992 8.03 -17.53 77.59
N GLU E 993 8.95 -16.60 77.78
CA GLU E 993 8.59 -15.25 78.19
C GLU E 993 7.90 -14.45 77.09
N SER E 994 6.92 -13.64 77.47
CA SER E 994 6.04 -12.91 76.53
C SER E 994 6.76 -12.21 75.41
N LYS E 995 6.18 -12.29 74.22
CA LYS E 995 6.84 -11.79 73.01
C LYS E 995 6.99 -10.28 73.07
N GLY E 996 6.11 -9.61 73.80
CA GLY E 996 6.10 -8.16 73.79
C GLY E 996 7.26 -7.54 74.55
N THR E 997 7.93 -8.32 75.39
CA THR E 997 9.01 -7.77 76.20
C THR E 997 10.26 -7.52 75.36
N CYS E 998 10.48 -8.34 74.35
CA CYS E 998 11.52 -8.09 73.36
C CYS E 998 10.89 -7.87 72.00
N PRO E 999 10.86 -6.64 71.48
CA PRO E 999 10.29 -6.45 70.14
C PRO E 999 11.22 -7.00 69.08
N CYS E 1000 10.88 -8.18 68.57
CA CYS E 1000 11.73 -8.87 67.62
C CYS E 1000 10.91 -9.42 66.48
N ASP E 1001 11.44 -9.28 65.28
CA ASP E 1001 11.08 -10.11 64.13
C ASP E 1001 12.38 -10.64 63.56
N THR E 1002 12.31 -11.74 62.84
CA THR E 1002 13.43 -12.11 61.98
C THR E 1002 13.00 -12.03 60.52
N ARG E 1003 12.06 -12.90 60.16
CA ARG E 1003 11.22 -12.97 58.98
C ARG E 1003 10.25 -14.10 59.29
N LEU E 1004 9.14 -14.15 58.59
CA LEU E 1004 8.03 -15.00 58.94
C LEU E 1004 8.24 -16.37 58.30
N LEU E 1005 8.65 -17.36 59.11
CA LEU E 1005 8.95 -18.70 58.60
C LEU E 1005 7.64 -19.44 58.32
N ILE E 1006 7.30 -19.58 57.03
CA ILE E 1006 5.98 -20.07 56.66
C ILE E 1006 6.10 -21.45 56.02
N GLN E 1007 5.06 -22.25 56.18
CA GLN E 1007 5.00 -23.64 55.72
C GLN E 1007 3.76 -23.75 54.87
N ALA E 1008 3.93 -23.71 53.57
CA ALA E 1008 2.81 -23.77 52.66
C ALA E 1008 3.36 -24.25 51.34
N GLU E 1009 2.48 -24.67 50.45
CA GLU E 1009 2.90 -24.83 49.07
C GLU E 1009 3.28 -23.47 48.57
N GLN E 1010 4.55 -23.29 48.28
CA GLN E 1010 5.12 -22.00 47.93
C GLN E 1010 5.61 -22.08 46.52
N THR E 1011 5.06 -21.27 45.63
CA THR E 1011 5.44 -21.32 44.23
C THR E 1011 6.93 -21.06 44.10
N SER E 1012 7.59 -21.88 43.29
CA SER E 1012 9.02 -21.75 43.09
C SER E 1012 9.43 -22.39 41.78
N ASP E 1013 10.63 -22.09 41.29
CA ASP E 1013 11.06 -22.69 40.04
C ASP E 1013 12.42 -23.38 40.20
N GLY E 1014 12.39 -24.53 40.85
CA GLY E 1014 13.57 -25.33 41.11
C GLY E 1014 13.17 -26.79 41.00
N PRO E 1015 14.14 -27.79 40.93
CA PRO E 1015 15.55 -27.35 41.00
C PRO E 1015 16.07 -26.81 39.68
N ASP E 1016 17.13 -26.00 39.72
CA ASP E 1016 17.68 -25.45 38.50
C ASP E 1016 18.15 -26.62 37.66
N PRO E 1017 17.82 -26.62 36.37
CA PRO E 1017 18.22 -27.73 35.50
C PRO E 1017 19.68 -27.87 35.14
N CYS E 1018 20.36 -26.75 34.97
CA CYS E 1018 21.74 -26.76 34.49
C CYS E 1018 22.68 -27.49 35.42
N ASP E 1019 22.27 -27.71 36.66
CA ASP E 1019 23.05 -28.43 37.64
C ASP E 1019 22.60 -29.86 37.84
N MET E 1020 21.35 -30.19 37.49
CA MET E 1020 20.95 -31.58 37.49
C MET E 1020 21.66 -32.36 36.41
N VAL E 1021 21.85 -31.74 35.25
CA VAL E 1021 22.25 -32.50 34.08
C VAL E 1021 23.75 -32.74 34.04
N LYS E 1022 24.50 -32.11 34.94
CA LYS E 1022 25.90 -32.46 35.04
C LYS E 1022 26.11 -33.80 35.70
N GLN E 1023 25.12 -34.28 36.44
CA GLN E 1023 25.16 -35.59 37.07
C GLN E 1023 23.76 -36.22 37.01
N PRO E 1024 23.36 -36.66 35.82
CA PRO E 1024 21.97 -37.04 35.63
C PRO E 1024 21.66 -38.36 36.31
N ARG E 1025 20.38 -38.60 36.50
CA ARG E 1025 19.90 -39.85 37.04
C ARG E 1025 20.16 -40.98 36.08
N TYR E 1026 20.38 -42.17 36.61
CA TYR E 1026 20.62 -43.36 35.81
C TYR E 1026 19.42 -43.69 34.93
N ARG E 1027 19.69 -44.36 33.81
CA ARG E 1027 18.73 -44.47 32.75
C ARG E 1027 19.17 -45.62 31.87
N LYS E 1028 18.24 -46.21 31.14
CA LYS E 1028 18.57 -47.30 30.22
C LYS E 1028 17.82 -47.13 28.92
N GLY E 1029 18.52 -47.05 27.81
CA GLY E 1029 17.90 -46.77 26.54
C GLY E 1029 17.37 -47.99 25.82
N PRO E 1030 16.80 -47.76 24.64
CA PRO E 1030 16.25 -48.86 23.85
C PRO E 1030 17.34 -49.74 23.26
N ASP E 1031 17.16 -51.06 23.36
CA ASP E 1031 18.14 -52.00 22.82
C ASP E 1031 18.29 -51.96 21.31
N VAL E 1032 17.18 -51.81 20.59
CA VAL E 1032 17.24 -51.80 19.14
C VAL E 1032 17.12 -50.42 18.51
N CYS E 1033 18.15 -50.06 17.75
CA CYS E 1033 18.18 -48.79 17.06
C CYS E 1033 18.32 -49.11 15.59
N PHE E 1034 17.44 -48.53 14.77
CA PHE E 1034 17.50 -48.76 13.35
C PHE E 1034 17.94 -47.50 12.65
N ASP E 1035 19.09 -47.59 12.00
CA ASP E 1035 19.61 -46.47 11.27
C ASP E 1035 20.73 -46.95 10.38
N ASN E 1036 21.00 -46.17 9.35
CA ASN E 1036 22.08 -46.50 8.41
C ASN E 1036 21.94 -47.90 7.85
N ASN E 1037 20.96 -48.14 6.99
CA ASN E 1037 20.99 -49.31 6.13
C ASN E 1037 21.76 -48.93 4.88
N VAL E 1038 22.59 -49.85 4.39
CA VAL E 1038 23.51 -49.58 3.29
C VAL E 1038 22.80 -49.36 1.97
N LEU E 1039 21.62 -49.96 1.85
CA LEU E 1039 20.85 -49.91 0.61
C LEU E 1039 19.72 -48.91 0.61
N GLU E 1040 19.83 -47.91 1.48
CA GLU E 1040 18.85 -46.84 1.59
C GLU E 1040 18.96 -45.99 0.32
N ASP E 1041 17.86 -45.40 -0.10
CA ASP E 1041 17.94 -44.70 -1.35
C ASP E 1041 18.94 -43.55 -1.35
N TYR E 1042 18.91 -42.76 -0.28
CA TYR E 1042 19.73 -41.57 -0.04
C TYR E 1042 19.89 -40.65 -1.24
N THR E 1043 18.89 -40.66 -2.11
CA THR E 1043 18.90 -39.84 -3.33
C THR E 1043 17.77 -38.82 -3.51
N ASP E 1044 16.91 -38.65 -2.51
CA ASP E 1044 15.79 -37.72 -2.65
C ASP E 1044 15.78 -36.57 -1.64
N CYS E 1045 15.94 -35.36 -2.15
CA CYS E 1045 15.93 -34.16 -1.32
C CYS E 1045 15.18 -33.06 -2.06
#